data_2LRH
#
_entry.id   2LRH
#
_entity_poly.entity_id   1
_entity_poly.type   'polypeptide(L)'
_entity_poly.pdbx_seq_one_letter_code
;MKELILINTNNDELIKKIKKEVENQGYQVRDVNDSDELKKEMKKLAEEKNFEKILIISNDKQLLKEMLELISKLGYKVFL
LLQDQDENELEEFKRKIESQGYEVRKVTDDEEALKIVREFMQKAGSLEHHHHHH
;
_entity_poly.pdbx_strand_id   A
#
# COMPACT_ATOMS: atom_id res chain seq x y z
N MET A 1 8.01 -14.88 4.20
CA MET A 1 6.83 -13.97 4.13
C MET A 1 7.25 -12.58 3.62
N LYS A 2 6.36 -11.95 2.83
CA LYS A 2 6.57 -10.60 2.27
C LYS A 2 5.26 -9.82 2.34
N GLU A 3 5.34 -8.55 2.73
CA GLU A 3 4.16 -7.68 2.91
C GLU A 3 4.17 -6.60 1.82
N LEU A 4 2.96 -6.23 1.36
CA LEU A 4 2.75 -5.23 0.30
C LEU A 4 1.77 -4.15 0.82
N ILE A 5 2.27 -2.91 0.96
CA ILE A 5 1.45 -1.75 1.33
C ILE A 5 1.30 -0.81 0.12
N LEU A 6 0.05 -0.53 -0.25
CA LEU A 6 -0.30 0.31 -1.40
C LEU A 6 -0.74 1.69 -0.87
N ILE A 7 -0.02 2.73 -1.29
CA ILE A 7 -0.36 4.13 -0.95
C ILE A 7 -1.07 4.76 -2.16
N ASN A 8 -2.17 5.48 -1.90
CA ASN A 8 -2.88 6.27 -2.91
C ASN A 8 -2.78 7.73 -2.53
N THR A 9 -2.00 8.52 -3.28
CA THR A 9 -1.94 9.97 -3.12
C THR A 9 -1.68 10.63 -4.48
N ASN A 10 -2.40 11.72 -4.76
CA ASN A 10 -2.17 12.57 -5.94
C ASN A 10 -1.21 13.73 -5.62
N ASN A 11 -0.86 13.88 -4.32
CA ASN A 11 0.03 14.94 -3.84
C ASN A 11 1.50 14.54 -4.12
N ASP A 12 2.04 15.05 -5.25
CA ASP A 12 3.44 14.84 -5.72
C ASP A 12 4.47 15.00 -4.59
N GLU A 13 4.33 16.09 -3.83
CA GLU A 13 5.27 16.45 -2.78
C GLU A 13 5.26 15.41 -1.64
N LEU A 14 4.06 14.86 -1.34
CA LEU A 14 3.91 13.80 -0.32
C LEU A 14 4.59 12.51 -0.80
N ILE A 15 4.40 12.16 -2.10
CA ILE A 15 4.96 10.92 -2.70
C ILE A 15 6.47 10.82 -2.42
N LYS A 16 7.18 11.96 -2.61
CA LYS A 16 8.63 12.07 -2.34
C LYS A 16 8.95 11.99 -0.83
N LYS A 17 8.08 12.59 0.02
CA LYS A 17 8.24 12.54 1.50
C LYS A 17 8.12 11.09 2.03
N ILE A 18 7.19 10.33 1.40
CA ILE A 18 6.97 8.92 1.72
C ILE A 18 8.25 8.14 1.37
N LYS A 19 8.77 8.35 0.14
CA LYS A 19 9.99 7.68 -0.35
C LYS A 19 11.15 7.84 0.63
N LYS A 20 11.31 9.07 1.17
CA LYS A 20 12.33 9.38 2.20
C LYS A 20 12.15 8.48 3.43
N GLU A 21 10.89 8.43 3.95
CA GLU A 21 10.53 7.58 5.11
C GLU A 21 10.84 6.11 4.85
N VAL A 22 10.51 5.63 3.64
CA VAL A 22 10.64 4.22 3.25
C VAL A 22 12.13 3.83 3.11
N GLU A 23 12.96 4.79 2.68
CA GLU A 23 14.43 4.63 2.60
C GLU A 23 15.05 4.66 4.02
N ASN A 24 14.41 5.39 4.95
CA ASN A 24 14.84 5.46 6.37
C ASN A 24 14.60 4.12 7.07
N GLN A 25 13.49 3.45 6.67
CA GLN A 25 13.08 2.15 7.26
C GLN A 25 13.79 0.99 6.55
N GLY A 26 14.17 1.21 5.29
CA GLY A 26 14.89 0.21 4.48
C GLY A 26 13.98 -0.59 3.55
N TYR A 27 12.70 -0.19 3.43
CA TYR A 27 11.74 -0.85 2.53
C TYR A 27 11.99 -0.44 1.06
N GLN A 28 11.45 -1.23 0.13
CA GLN A 28 11.71 -1.05 -1.31
C GLN A 28 10.60 -0.18 -1.95
N VAL A 29 10.96 1.04 -2.40
CA VAL A 29 10.00 1.95 -3.11
C VAL A 29 9.86 1.51 -4.58
N ARG A 30 8.61 1.24 -5.03
CA ARG A 30 8.28 1.07 -6.46
C ARG A 30 7.05 1.93 -6.79
N ASP A 31 7.16 2.75 -7.84
CA ASP A 31 6.08 3.62 -8.33
C ASP A 31 5.29 2.91 -9.43
N VAL A 32 3.96 2.99 -9.36
CA VAL A 32 3.04 2.52 -10.41
C VAL A 32 2.11 3.69 -10.78
N ASN A 33 2.17 4.11 -12.05
CA ASN A 33 1.33 5.21 -12.59
C ASN A 33 0.76 4.79 -13.96
N ASP A 34 0.81 3.48 -14.24
CA ASP A 34 0.45 2.89 -15.55
C ASP A 34 -0.02 1.44 -15.31
N SER A 35 -1.00 1.01 -16.14
CA SER A 35 -1.70 -0.29 -15.96
C SER A 35 -0.79 -1.49 -16.32
N ASP A 36 0.20 -1.27 -17.19
CA ASP A 36 1.13 -2.32 -17.63
C ASP A 36 2.27 -2.48 -16.61
N GLU A 37 2.64 -1.38 -15.94
CA GLU A 37 3.71 -1.37 -14.93
C GLU A 37 3.39 -2.27 -13.72
N LEU A 38 2.11 -2.27 -13.28
CA LEU A 38 1.68 -3.02 -12.07
C LEU A 38 1.82 -4.54 -12.26
N LYS A 39 1.47 -5.04 -13.46
CA LYS A 39 1.48 -6.50 -13.77
C LYS A 39 2.92 -7.02 -13.95
N LYS A 40 3.83 -6.10 -14.32
CA LYS A 40 5.29 -6.34 -14.31
C LYS A 40 5.74 -6.55 -12.86
N GLU A 41 5.39 -5.56 -11.99
CA GLU A 41 5.79 -5.55 -10.58
C GLU A 41 5.34 -6.81 -9.83
N MET A 42 4.08 -7.24 -10.06
CA MET A 42 3.48 -8.42 -9.39
C MET A 42 4.35 -9.69 -9.59
N LYS A 43 4.96 -9.79 -10.79
CA LYS A 43 5.83 -10.93 -11.16
C LYS A 43 7.18 -10.81 -10.47
N LYS A 44 7.75 -9.58 -10.44
CA LYS A 44 9.06 -9.29 -9.79
C LYS A 44 9.01 -9.69 -8.29
N LEU A 45 7.87 -9.38 -7.65
CA LEU A 45 7.59 -9.69 -6.23
C LEU A 45 7.52 -11.20 -6.00
N ALA A 46 6.89 -11.91 -6.95
CA ALA A 46 6.71 -13.37 -6.89
C ALA A 46 8.04 -14.11 -7.11
N GLU A 47 8.85 -13.60 -8.05
CA GLU A 47 10.13 -14.21 -8.46
C GLU A 47 11.20 -14.05 -7.37
N GLU A 48 11.18 -12.90 -6.69
CA GLU A 48 12.15 -12.58 -5.62
C GLU A 48 11.47 -12.70 -4.24
N LYS A 49 11.88 -13.71 -3.44
CA LYS A 49 11.23 -14.05 -2.15
C LYS A 49 11.99 -13.40 -0.99
N ASN A 50 13.24 -13.89 -0.78
CA ASN A 50 14.06 -13.55 0.39
C ASN A 50 14.77 -12.19 0.18
N PHE A 51 14.03 -11.13 0.47
CA PHE A 51 14.53 -9.77 0.63
C PHE A 51 13.41 -8.93 1.27
N GLU A 52 13.69 -7.64 1.47
CA GLU A 52 12.79 -6.70 2.15
C GLU A 52 11.38 -6.65 1.52
N LYS A 53 10.36 -6.33 2.36
CA LYS A 53 8.98 -6.13 1.92
C LYS A 53 8.82 -4.78 1.20
N ILE A 54 7.91 -4.75 0.22
CA ILE A 54 7.82 -3.66 -0.79
C ILE A 54 6.66 -2.70 -0.45
N LEU A 55 6.90 -1.42 -0.73
CA LEU A 55 5.92 -0.35 -0.62
C LEU A 55 5.64 0.18 -2.04
N ILE A 56 4.39 0.03 -2.50
CA ILE A 56 3.92 0.50 -3.82
C ILE A 56 3.20 1.84 -3.62
N ILE A 57 3.57 2.87 -4.41
CA ILE A 57 2.82 4.14 -4.47
C ILE A 57 2.11 4.23 -5.84
N SER A 58 0.85 4.72 -5.82
CA SER A 58 0.07 4.99 -7.04
C SER A 58 -0.89 6.16 -6.78
N ASN A 59 -1.41 6.73 -7.87
CA ASN A 59 -2.34 7.88 -7.85
C ASN A 59 -3.73 7.46 -8.36
N ASP A 60 -3.81 6.28 -8.99
CA ASP A 60 -5.02 5.79 -9.68
C ASP A 60 -5.58 4.56 -8.94
N LYS A 61 -6.90 4.57 -8.72
CA LYS A 61 -7.62 3.55 -7.93
C LYS A 61 -7.80 2.23 -8.70
N GLN A 62 -7.96 2.34 -10.04
CA GLN A 62 -8.23 1.17 -10.91
C GLN A 62 -7.01 0.23 -10.89
N LEU A 63 -5.81 0.83 -10.77
CA LEU A 63 -4.53 0.09 -10.66
C LEU A 63 -4.51 -0.70 -9.34
N LEU A 64 -4.69 0.05 -8.23
CA LEU A 64 -4.65 -0.46 -6.85
C LEU A 64 -5.62 -1.64 -6.67
N LYS A 65 -6.83 -1.46 -7.21
CA LYS A 65 -7.95 -2.41 -7.08
C LYS A 65 -7.60 -3.77 -7.72
N GLU A 66 -6.83 -3.72 -8.84
CA GLU A 66 -6.22 -4.93 -9.44
C GLU A 66 -5.24 -5.59 -8.45
N MET A 67 -4.26 -4.79 -7.97
CA MET A 67 -3.16 -5.31 -7.12
C MET A 67 -3.65 -5.90 -5.77
N LEU A 68 -4.73 -5.34 -5.19
CA LEU A 68 -5.35 -5.88 -3.95
C LEU A 68 -5.75 -7.37 -4.13
N GLU A 69 -6.23 -7.68 -5.34
CA GLU A 69 -6.65 -9.05 -5.74
C GLU A 69 -5.44 -9.90 -6.19
N LEU A 70 -4.50 -9.29 -6.92
CA LEU A 70 -3.33 -9.98 -7.52
C LEU A 70 -2.36 -10.48 -6.42
N ILE A 71 -2.01 -9.57 -5.50
CA ILE A 71 -1.15 -9.84 -4.33
C ILE A 71 -1.83 -10.87 -3.38
N SER A 72 -3.17 -10.84 -3.34
CA SER A 72 -3.99 -11.79 -2.57
C SER A 72 -3.90 -13.22 -3.18
N LYS A 73 -3.68 -13.31 -4.51
CA LYS A 73 -3.41 -14.58 -5.22
C LYS A 73 -1.96 -15.04 -5.00
N LEU A 74 -1.04 -14.05 -5.03
CA LEU A 74 0.42 -14.26 -4.85
C LEU A 74 0.74 -14.81 -3.45
N GLY A 75 -0.14 -14.50 -2.48
CA GLY A 75 -0.06 -15.03 -1.13
C GLY A 75 0.83 -14.19 -0.22
N TYR A 76 0.51 -12.89 -0.17
CA TYR A 76 1.23 -11.91 0.66
C TYR A 76 0.25 -11.14 1.53
N LYS A 77 0.79 -10.39 2.50
CA LYS A 77 0.00 -9.46 3.33
C LYS A 77 -0.37 -8.25 2.48
N VAL A 78 -1.66 -8.06 2.24
CA VAL A 78 -2.17 -6.88 1.55
C VAL A 78 -2.47 -5.79 2.61
N PHE A 79 -2.10 -4.56 2.29
CA PHE A 79 -2.43 -3.39 3.11
C PHE A 79 -2.71 -2.23 2.14
N LEU A 80 -3.70 -1.39 2.46
CA LEU A 80 -4.05 -0.22 1.64
C LEU A 80 -4.13 1.01 2.57
N LEU A 81 -3.61 2.13 2.08
CA LEU A 81 -3.58 3.43 2.75
C LEU A 81 -3.82 4.47 1.67
N LEU A 82 -4.81 5.36 1.87
CA LEU A 82 -5.19 6.35 0.87
C LEU A 82 -5.45 7.72 1.52
N GLN A 83 -5.08 8.78 0.76
CA GLN A 83 -5.24 10.18 1.15
C GLN A 83 -5.27 11.00 -0.15
N ASP A 84 -6.12 12.03 -0.15
CA ASP A 84 -6.29 12.91 -1.32
C ASP A 84 -7.03 14.19 -0.88
N GLN A 85 -7.02 15.18 -1.77
CA GLN A 85 -7.69 16.48 -1.60
C GLN A 85 -9.23 16.29 -1.59
N ASP A 86 -9.69 15.25 -2.30
CA ASP A 86 -11.12 14.87 -2.38
C ASP A 86 -11.43 13.77 -1.35
N GLU A 87 -12.01 14.19 -0.18
CA GLU A 87 -12.42 13.26 0.89
C GLU A 87 -13.54 12.31 0.40
N ASN A 88 -14.44 12.86 -0.43
CA ASN A 88 -15.59 12.12 -1.02
C ASN A 88 -15.09 10.94 -1.86
N GLU A 89 -13.98 11.16 -2.59
CA GLU A 89 -13.37 10.14 -3.46
C GLU A 89 -12.65 9.05 -2.64
N LEU A 90 -12.14 9.42 -1.46
CA LEU A 90 -11.46 8.50 -0.55
C LEU A 90 -12.46 7.48 0.05
N GLU A 91 -13.56 8.01 0.62
CA GLU A 91 -14.56 7.22 1.35
C GLU A 91 -15.35 6.27 0.43
N GLU A 92 -15.64 6.70 -0.83
CA GLU A 92 -16.43 5.89 -1.79
C GLU A 92 -15.63 4.69 -2.30
N PHE A 93 -14.30 4.87 -2.46
CA PHE A 93 -13.39 3.77 -2.83
C PHE A 93 -13.21 2.81 -1.63
N LYS A 94 -12.94 3.40 -0.44
CA LYS A 94 -12.62 2.65 0.79
C LYS A 94 -13.75 1.69 1.20
N ARG A 95 -15.01 2.16 1.19
CA ARG A 95 -16.18 1.35 1.60
C ARG A 95 -16.33 0.06 0.74
N LYS A 96 -15.91 0.15 -0.53
CA LYS A 96 -15.94 -0.99 -1.48
C LYS A 96 -14.85 -1.99 -1.10
N ILE A 97 -13.67 -1.47 -0.71
CA ILE A 97 -12.50 -2.28 -0.31
C ILE A 97 -12.77 -2.99 1.04
N GLU A 98 -13.53 -2.33 1.93
CA GLU A 98 -14.02 -2.94 3.19
C GLU A 98 -15.05 -4.04 2.91
N SER A 99 -15.84 -3.86 1.82
CA SER A 99 -16.80 -4.88 1.34
C SER A 99 -16.06 -6.06 0.69
N GLN A 100 -14.82 -5.81 0.21
CA GLN A 100 -13.90 -6.86 -0.27
C GLN A 100 -13.20 -7.55 0.94
N GLY A 101 -13.18 -6.85 2.11
CA GLY A 101 -12.65 -7.38 3.37
C GLY A 101 -11.15 -7.16 3.52
N TYR A 102 -10.66 -5.99 3.07
CA TYR A 102 -9.23 -5.63 3.15
C TYR A 102 -9.00 -4.51 4.17
N GLU A 103 -7.83 -4.57 4.84
CA GLU A 103 -7.35 -3.51 5.73
C GLU A 103 -6.98 -2.28 4.89
N VAL A 104 -7.87 -1.29 4.90
CA VAL A 104 -7.73 -0.02 4.19
C VAL A 104 -7.86 1.15 5.17
N ARG A 105 -6.91 2.10 5.10
CA ARG A 105 -6.88 3.30 5.95
C ARG A 105 -7.21 4.52 5.10
N LYS A 106 -7.84 5.53 5.73
CA LYS A 106 -8.23 6.78 5.06
C LYS A 106 -7.83 7.96 5.94
N VAL A 107 -7.13 8.94 5.35
CA VAL A 107 -6.71 10.16 6.05
C VAL A 107 -6.85 11.39 5.11
N THR A 108 -6.86 12.58 5.71
CA THR A 108 -7.06 13.85 4.99
C THR A 108 -5.70 14.56 4.84
N ASP A 109 -5.01 14.72 5.97
CA ASP A 109 -3.67 15.32 6.05
C ASP A 109 -2.61 14.29 5.60
N ASP A 110 -1.57 14.81 4.93
CA ASP A 110 -0.43 14.02 4.47
C ASP A 110 0.38 13.46 5.66
N GLU A 111 0.37 14.20 6.80
CA GLU A 111 1.10 13.82 8.03
C GLU A 111 0.58 12.50 8.61
N GLU A 112 -0.75 12.30 8.54
CA GLU A 112 -1.43 11.11 9.06
C GLU A 112 -1.03 9.86 8.26
N ALA A 113 -0.89 10.06 6.93
CA ALA A 113 -0.43 9.01 6.01
C ALA A 113 1.00 8.57 6.38
N LEU A 114 1.87 9.56 6.69
CA LEU A 114 3.28 9.31 7.07
C LEU A 114 3.38 8.55 8.40
N LYS A 115 2.42 8.83 9.33
CA LYS A 115 2.31 8.12 10.60
C LYS A 115 2.04 6.63 10.34
N ILE A 116 1.04 6.36 9.48
CA ILE A 116 0.57 4.98 9.19
C ILE A 116 1.62 4.19 8.35
N VAL A 117 2.40 4.91 7.52
CA VAL A 117 3.56 4.33 6.81
C VAL A 117 4.58 3.78 7.85
N ARG A 118 4.88 4.59 8.89
CA ARG A 118 5.80 4.20 9.98
C ARG A 118 5.18 3.10 10.88
N GLU A 119 3.85 3.21 11.15
CA GLU A 119 3.09 2.20 11.93
C GLU A 119 3.14 0.82 11.27
N PHE A 120 3.03 0.81 9.93
CA PHE A 120 3.08 -0.44 9.14
C PHE A 120 4.40 -1.16 9.34
N MET A 121 5.49 -0.38 9.48
CA MET A 121 6.87 -0.92 9.60
C MET A 121 7.02 -1.90 10.79
N GLN A 122 6.23 -1.72 11.86
CA GLN A 122 6.19 -2.66 13.02
C GLN A 122 4.97 -3.60 12.95
N LYS A 123 3.82 -3.08 12.45
CA LYS A 123 2.54 -3.83 12.34
C LYS A 123 2.60 -4.93 11.27
N ALA A 124 3.53 -4.80 10.33
CA ALA A 124 3.73 -5.76 9.24
C ALA A 124 4.35 -7.05 9.79
N GLY A 125 5.16 -6.90 10.86
CA GLY A 125 5.75 -8.03 11.58
C GLY A 125 4.77 -8.67 12.54
N SER A 126 3.62 -9.12 12.01
CA SER A 126 2.57 -9.81 12.76
C SER A 126 2.90 -11.30 12.87
N LEU A 127 2.31 -11.95 13.89
CA LEU A 127 2.37 -13.41 14.05
C LEU A 127 1.46 -14.01 12.96
N GLU A 128 2.03 -14.23 11.77
CA GLU A 128 1.33 -14.84 10.63
C GLU A 128 1.11 -16.32 10.89
N HIS A 129 -0.04 -16.62 11.49
CA HIS A 129 -0.51 -17.99 11.69
C HIS A 129 -0.86 -18.55 10.30
N HIS A 130 0.12 -19.26 9.70
CA HIS A 130 0.14 -19.66 8.29
C HIS A 130 -1.09 -20.52 7.91
N HIS A 131 -1.47 -21.42 8.84
CA HIS A 131 -2.75 -22.16 8.77
C HIS A 131 -3.89 -21.18 9.16
N HIS A 132 -4.15 -20.22 8.24
CA HIS A 132 -4.77 -18.93 8.57
C HIS A 132 -6.26 -19.02 8.88
N HIS A 133 -6.90 -20.12 8.46
CA HIS A 133 -8.31 -20.42 8.81
C HIS A 133 -8.32 -21.28 10.09
N HIS A 134 -7.90 -20.64 11.21
CA HIS A 134 -7.85 -21.23 12.57
C HIS A 134 -6.97 -22.51 12.60
N MET A 1 5.76 -14.09 5.16
CA MET A 1 5.13 -12.78 5.46
C MET A 1 5.72 -11.66 4.60
N LYS A 2 4.96 -11.23 3.58
CA LYS A 2 5.16 -9.95 2.90
C LYS A 2 3.90 -9.11 3.05
N GLU A 3 4.05 -7.95 3.67
CA GLU A 3 3.00 -6.95 3.76
C GLU A 3 3.19 -5.93 2.62
N LEU A 4 2.31 -5.98 1.62
CA LEU A 4 2.38 -5.09 0.46
C LEU A 4 1.49 -3.89 0.76
N ILE A 5 2.13 -2.74 0.99
CA ILE A 5 1.43 -1.49 1.31
C ILE A 5 1.37 -0.62 0.06
N LEU A 6 0.16 -0.32 -0.38
CA LEU A 6 -0.08 0.58 -1.50
C LEU A 6 -0.55 1.91 -0.95
N ILE A 7 0.16 2.99 -1.27
CA ILE A 7 -0.25 4.35 -0.91
C ILE A 7 -0.93 4.95 -2.14
N ASN A 8 -2.06 5.62 -1.92
CA ASN A 8 -2.71 6.44 -2.93
C ASN A 8 -2.66 7.88 -2.44
N THR A 9 -2.11 8.76 -3.26
CA THR A 9 -2.00 10.18 -2.92
C THR A 9 -2.14 11.04 -4.17
N ASN A 10 -2.87 12.16 -4.02
CA ASN A 10 -3.07 13.15 -5.09
C ASN A 10 -1.90 14.16 -5.09
N ASN A 11 -1.18 14.23 -3.95
CA ASN A 11 -0.09 15.19 -3.75
C ASN A 11 1.26 14.58 -4.21
N ASP A 12 1.80 15.15 -5.31
CA ASP A 12 3.07 14.71 -5.94
C ASP A 12 4.25 14.78 -4.96
N GLU A 13 4.33 15.90 -4.25
CA GLU A 13 5.43 16.18 -3.33
C GLU A 13 5.34 15.26 -2.10
N LEU A 14 4.09 14.93 -1.69
CA LEU A 14 3.85 14.01 -0.58
C LEU A 14 4.36 12.61 -0.92
N ILE A 15 4.18 12.18 -2.21
CA ILE A 15 4.74 10.90 -2.71
C ILE A 15 6.24 10.82 -2.37
N LYS A 16 6.95 11.89 -2.71
CA LYS A 16 8.41 12.00 -2.56
C LYS A 16 8.84 12.03 -1.08
N LYS A 17 8.03 12.68 -0.22
CA LYS A 17 8.26 12.75 1.24
C LYS A 17 8.11 11.33 1.85
N ILE A 18 7.09 10.60 1.36
CA ILE A 18 6.83 9.19 1.75
C ILE A 18 8.03 8.33 1.33
N LYS A 19 8.53 8.57 0.10
CA LYS A 19 9.70 7.84 -0.44
C LYS A 19 10.88 7.96 0.53
N LYS A 20 11.20 9.21 0.94
CA LYS A 20 12.35 9.50 1.80
C LYS A 20 12.23 8.83 3.17
N GLU A 21 11.00 8.82 3.75
CA GLU A 21 10.70 8.07 5.00
C GLU A 21 11.16 6.62 4.87
N VAL A 22 10.68 5.99 3.79
CA VAL A 22 10.80 4.55 3.54
C VAL A 22 12.23 4.17 3.05
N GLU A 23 12.95 5.16 2.50
CA GLU A 23 14.39 5.02 2.14
C GLU A 23 15.20 4.76 3.41
N ASN A 24 14.93 5.55 4.46
CA ASN A 24 15.60 5.42 5.76
C ASN A 24 15.12 4.18 6.53
N GLN A 25 13.91 3.66 6.18
CA GLN A 25 13.40 2.41 6.74
C GLN A 25 14.03 1.19 6.03
N GLY A 26 14.62 1.43 4.85
CA GLY A 26 15.35 0.41 4.09
C GLY A 26 14.44 -0.56 3.34
N TYR A 27 13.24 -0.08 2.97
CA TYR A 27 12.28 -0.85 2.14
C TYR A 27 12.44 -0.46 0.66
N GLN A 28 11.85 -1.28 -0.22
CA GLN A 28 11.89 -1.08 -1.68
C GLN A 28 10.72 -0.15 -2.06
N VAL A 29 11.01 1.06 -2.57
CA VAL A 29 9.97 2.05 -2.91
C VAL A 29 9.79 2.13 -4.44
N ARG A 30 8.61 1.72 -4.93
CA ARG A 30 8.20 1.94 -6.34
C ARG A 30 6.85 2.66 -6.35
N ASP A 31 6.70 3.67 -7.21
CA ASP A 31 5.41 4.34 -7.43
C ASP A 31 4.96 4.05 -8.87
N VAL A 32 3.83 3.34 -8.98
CA VAL A 32 3.23 2.96 -10.25
C VAL A 32 2.30 4.09 -10.73
N ASN A 33 2.59 4.61 -11.94
CA ASN A 33 1.79 5.69 -12.57
C ASN A 33 1.08 5.19 -13.83
N ASP A 34 1.22 3.87 -14.13
CA ASP A 34 0.61 3.22 -15.31
C ASP A 34 0.56 1.69 -15.11
N SER A 35 -0.42 1.02 -15.75
CA SER A 35 -0.68 -0.43 -15.59
C SER A 35 0.50 -1.31 -16.05
N ASP A 36 1.36 -0.75 -16.92
CA ASP A 36 2.50 -1.48 -17.51
C ASP A 36 3.60 -1.65 -16.44
N GLU A 37 3.64 -0.73 -15.48
CA GLU A 37 4.63 -0.73 -14.38
C GLU A 37 4.31 -1.81 -13.33
N LEU A 38 3.01 -1.87 -12.90
CA LEU A 38 2.60 -2.78 -11.81
C LEU A 38 2.76 -4.25 -12.20
N LYS A 39 2.42 -4.59 -13.45
CA LYS A 39 2.40 -5.98 -13.94
C LYS A 39 3.81 -6.62 -13.91
N LYS A 40 4.86 -5.77 -14.09
CA LYS A 40 6.27 -6.20 -14.01
C LYS A 40 6.56 -6.88 -12.66
N GLU A 41 6.29 -6.11 -11.60
CA GLU A 41 6.69 -6.46 -10.24
C GLU A 41 5.70 -7.42 -9.56
N MET A 42 4.41 -7.39 -9.96
CA MET A 42 3.40 -8.36 -9.48
C MET A 42 3.82 -9.80 -9.83
N LYS A 43 4.38 -9.94 -11.06
CA LYS A 43 4.99 -11.20 -11.52
C LYS A 43 6.24 -11.55 -10.66
N LYS A 44 7.09 -10.53 -10.44
CA LYS A 44 8.34 -10.68 -9.66
C LYS A 44 8.09 -11.10 -8.19
N LEU A 45 6.91 -10.78 -7.64
CA LEU A 45 6.52 -11.21 -6.28
C LEU A 45 6.27 -12.73 -6.24
N ALA A 46 5.72 -13.26 -7.35
CA ALA A 46 5.41 -14.70 -7.51
C ALA A 46 6.70 -15.56 -7.57
N GLU A 47 7.81 -14.92 -7.98
CA GLU A 47 9.11 -15.60 -8.16
C GLU A 47 10.03 -15.36 -6.94
N GLU A 48 10.25 -14.07 -6.63
CA GLU A 48 11.16 -13.66 -5.55
C GLU A 48 10.46 -13.83 -4.19
N LYS A 49 10.90 -14.83 -3.43
CA LYS A 49 10.39 -15.11 -2.08
C LYS A 49 11.40 -14.70 -1.00
N ASN A 50 12.71 -14.81 -1.29
CA ASN A 50 13.77 -14.51 -0.31
C ASN A 50 14.18 -13.02 -0.38
N PHE A 51 13.29 -12.18 0.18
CA PHE A 51 13.53 -10.74 0.45
C PHE A 51 12.32 -10.20 1.22
N GLU A 52 12.49 -9.06 1.91
CA GLU A 52 11.40 -8.48 2.72
C GLU A 52 10.33 -7.82 1.84
N LYS A 53 9.23 -7.42 2.50
CA LYS A 53 8.08 -6.77 1.87
C LYS A 53 8.43 -5.40 1.25
N ILE A 54 7.62 -5.04 0.24
CA ILE A 54 7.83 -3.88 -0.63
C ILE A 54 6.77 -2.80 -0.34
N LEU A 55 7.18 -1.51 -0.47
CA LEU A 55 6.27 -0.36 -0.36
C LEU A 55 6.00 0.24 -1.76
N ILE A 56 4.72 0.25 -2.13
CA ILE A 56 4.24 0.80 -3.42
C ILE A 56 3.40 2.05 -3.19
N ILE A 57 3.48 3.01 -4.13
CA ILE A 57 2.64 4.22 -4.17
C ILE A 57 1.94 4.28 -5.56
N SER A 58 0.82 5.00 -5.66
CA SER A 58 0.08 5.21 -6.91
C SER A 58 -0.70 6.52 -6.83
N ASN A 59 -1.00 7.09 -8.00
CA ASN A 59 -1.80 8.33 -8.13
C ASN A 59 -3.20 8.02 -8.67
N ASP A 60 -3.53 6.73 -8.81
CA ASP A 60 -4.79 6.28 -9.42
C ASP A 60 -5.40 5.08 -8.65
N LYS A 61 -6.75 5.05 -8.61
CA LYS A 61 -7.55 4.03 -7.92
C LYS A 61 -7.55 2.69 -8.69
N GLN A 62 -7.63 2.78 -10.04
CA GLN A 62 -7.79 1.60 -10.93
C GLN A 62 -6.53 0.71 -10.86
N LEU A 63 -5.35 1.35 -10.70
CA LEU A 63 -4.06 0.66 -10.58
C LEU A 63 -4.03 -0.19 -9.31
N LEU A 64 -4.50 0.43 -8.19
CA LEU A 64 -4.58 -0.22 -6.87
C LEU A 64 -5.41 -1.49 -6.97
N LYS A 65 -6.61 -1.35 -7.58
CA LYS A 65 -7.62 -2.41 -7.70
C LYS A 65 -7.01 -3.68 -8.36
N GLU A 66 -6.26 -3.47 -9.47
CA GLU A 66 -5.52 -4.56 -10.15
C GLU A 66 -4.57 -5.27 -9.18
N MET A 67 -3.66 -4.47 -8.56
CA MET A 67 -2.58 -4.99 -7.70
C MET A 67 -3.14 -5.80 -6.52
N LEU A 68 -4.16 -5.25 -5.81
CA LEU A 68 -4.76 -5.87 -4.60
C LEU A 68 -5.25 -7.30 -4.88
N GLU A 69 -5.91 -7.48 -6.03
CA GLU A 69 -6.47 -8.78 -6.47
C GLU A 69 -5.34 -9.76 -6.87
N LEU A 70 -4.25 -9.21 -7.45
CA LEU A 70 -3.07 -10.01 -7.84
C LEU A 70 -2.28 -10.49 -6.60
N ILE A 71 -2.00 -9.57 -5.68
CA ILE A 71 -1.28 -9.84 -4.40
C ILE A 71 -2.11 -10.84 -3.53
N SER A 72 -3.44 -10.78 -3.69
CA SER A 72 -4.38 -11.70 -3.04
C SER A 72 -4.21 -13.14 -3.56
N LYS A 73 -4.06 -13.31 -4.90
CA LYS A 73 -3.90 -14.65 -5.52
C LYS A 73 -2.45 -15.16 -5.37
N LEU A 74 -1.51 -14.23 -5.13
CA LEU A 74 -0.12 -14.57 -4.73
C LEU A 74 -0.13 -15.08 -3.27
N GLY A 75 -1.04 -14.50 -2.46
CA GLY A 75 -1.21 -14.89 -1.07
C GLY A 75 -0.26 -14.14 -0.15
N TYR A 76 -0.51 -12.84 0.03
CA TYR A 76 0.28 -11.96 0.92
C TYR A 76 -0.65 -11.10 1.78
N LYS A 77 -0.07 -10.40 2.76
CA LYS A 77 -0.79 -9.41 3.58
C LYS A 77 -0.99 -8.13 2.77
N VAL A 78 -2.24 -7.86 2.38
CA VAL A 78 -2.61 -6.74 1.52
C VAL A 78 -3.00 -5.52 2.41
N PHE A 79 -2.15 -4.48 2.37
CA PHE A 79 -2.38 -3.20 3.07
C PHE A 79 -2.59 -2.10 2.00
N LEU A 80 -3.48 -1.12 2.30
CA LEU A 80 -3.77 0.00 1.39
C LEU A 80 -4.01 1.29 2.21
N LEU A 81 -3.07 2.22 2.15
CA LEU A 81 -3.20 3.56 2.77
C LEU A 81 -3.53 4.58 1.68
N LEU A 82 -4.74 5.18 1.72
CA LEU A 82 -5.19 6.12 0.67
C LEU A 82 -5.44 7.53 1.23
N GLN A 83 -5.15 8.55 0.39
CA GLN A 83 -5.30 9.97 0.75
C GLN A 83 -5.71 10.77 -0.50
N ASP A 84 -6.52 11.79 -0.28
CA ASP A 84 -7.02 12.70 -1.30
C ASP A 84 -7.52 13.99 -0.61
N GLN A 85 -7.81 15.02 -1.41
CA GLN A 85 -8.27 16.33 -0.90
C GLN A 85 -9.80 16.35 -0.70
N ASP A 86 -10.47 15.22 -0.97
CA ASP A 86 -11.93 15.03 -0.76
C ASP A 86 -12.16 13.79 0.11
N GLU A 87 -13.25 13.80 0.90
CA GLU A 87 -13.60 12.73 1.85
C GLU A 87 -14.31 11.57 1.13
N ASN A 88 -15.31 11.92 0.32
CA ASN A 88 -16.23 10.96 -0.33
C ASN A 88 -15.48 10.00 -1.27
N GLU A 89 -14.51 10.55 -2.06
CA GLU A 89 -13.68 9.77 -3.00
C GLU A 89 -12.83 8.72 -2.28
N LEU A 90 -12.47 9.00 -1.02
CA LEU A 90 -11.68 8.10 -0.17
C LEU A 90 -12.53 7.00 0.45
N GLU A 91 -13.62 7.41 1.15
CA GLU A 91 -14.42 6.49 1.98
C GLU A 91 -15.22 5.49 1.12
N GLU A 92 -15.54 5.88 -0.14
CA GLU A 92 -16.24 5.01 -1.09
C GLU A 92 -15.32 3.86 -1.54
N PHE A 93 -14.04 4.19 -1.84
CA PHE A 93 -13.04 3.21 -2.30
C PHE A 93 -12.67 2.30 -1.11
N LYS A 94 -12.42 2.94 0.05
CA LYS A 94 -12.09 2.26 1.32
C LYS A 94 -13.12 1.18 1.68
N ARG A 95 -14.43 1.53 1.71
CA ARG A 95 -15.51 0.59 2.09
C ARG A 95 -15.57 -0.60 1.11
N LYS A 96 -15.29 -0.35 -0.19
CA LYS A 96 -15.21 -1.40 -1.22
C LYS A 96 -14.07 -2.39 -0.91
N ILE A 97 -12.92 -1.84 -0.52
CA ILE A 97 -11.70 -2.63 -0.23
C ILE A 97 -11.84 -3.42 1.10
N GLU A 98 -12.57 -2.83 2.09
CA GLU A 98 -12.98 -3.54 3.33
C GLU A 98 -13.96 -4.66 3.00
N SER A 99 -14.80 -4.46 1.98
CA SER A 99 -15.74 -5.47 1.47
C SER A 99 -14.98 -6.58 0.71
N GLN A 100 -13.81 -6.24 0.13
CA GLN A 100 -12.90 -7.23 -0.47
C GLN A 100 -12.14 -7.99 0.64
N GLY A 101 -12.04 -7.35 1.83
CA GLY A 101 -11.48 -7.97 3.04
C GLY A 101 -10.07 -7.49 3.38
N TYR A 102 -9.55 -6.54 2.59
CA TYR A 102 -8.16 -6.05 2.74
C TYR A 102 -8.04 -4.99 3.84
N GLU A 103 -6.85 -4.91 4.45
CA GLU A 103 -6.51 -3.95 5.50
C GLU A 103 -6.26 -2.57 4.87
N VAL A 104 -7.31 -1.75 4.79
CA VAL A 104 -7.25 -0.39 4.20
C VAL A 104 -7.49 0.68 5.26
N ARG A 105 -6.60 1.68 5.30
CA ARG A 105 -6.70 2.85 6.16
C ARG A 105 -6.76 4.11 5.30
N LYS A 106 -7.49 5.13 5.78
CA LYS A 106 -7.62 6.41 5.06
C LYS A 106 -7.04 7.55 5.90
N VAL A 107 -6.59 8.58 5.18
CA VAL A 107 -6.11 9.86 5.74
C VAL A 107 -6.50 10.96 4.76
N THR A 108 -7.05 12.06 5.25
CA THR A 108 -7.39 13.23 4.41
C THR A 108 -6.35 14.37 4.62
N ASP A 109 -5.22 14.00 5.28
CA ASP A 109 -4.12 14.92 5.61
C ASP A 109 -2.77 14.31 5.20
N ASP A 110 -1.82 15.20 4.88
CA ASP A 110 -0.46 14.85 4.44
C ASP A 110 0.40 14.23 5.58
N GLU A 111 0.39 14.88 6.76
CA GLU A 111 1.21 14.46 7.92
C GLU A 111 0.76 13.10 8.45
N GLU A 112 -0.55 12.86 8.39
CA GLU A 112 -1.17 11.60 8.83
C GLU A 112 -0.75 10.44 7.91
N ALA A 113 -0.51 10.76 6.62
CA ALA A 113 -0.03 9.79 5.62
C ALA A 113 1.37 9.29 5.98
N LEU A 114 2.31 10.23 6.24
CA LEU A 114 3.72 9.92 6.58
C LEU A 114 3.78 9.05 7.85
N LYS A 115 2.88 9.38 8.78
CA LYS A 115 2.80 8.75 10.09
C LYS A 115 2.38 7.26 9.98
N ILE A 116 1.30 6.98 9.24
CA ILE A 116 0.77 5.59 9.09
C ILE A 116 1.73 4.73 8.21
N VAL A 117 2.46 5.38 7.29
CA VAL A 117 3.52 4.71 6.48
C VAL A 117 4.60 4.09 7.41
N ARG A 118 5.12 4.89 8.35
CA ARG A 118 6.17 4.44 9.28
C ARG A 118 5.59 3.58 10.43
N GLU A 119 4.28 3.75 10.71
CA GLU A 119 3.52 2.84 11.61
C GLU A 119 3.40 1.44 10.97
N PHE A 120 3.18 1.38 9.63
CA PHE A 120 2.99 0.12 8.87
C PHE A 120 4.09 -0.89 9.18
N MET A 121 5.32 -0.37 9.34
CA MET A 121 6.54 -1.17 9.56
C MET A 121 6.37 -2.15 10.76
N GLN A 122 5.59 -1.72 11.77
CA GLN A 122 5.19 -2.58 12.91
C GLN A 122 3.69 -3.04 12.79
N LYS A 123 2.86 -2.26 12.07
CA LYS A 123 1.37 -2.38 12.14
C LYS A 123 0.78 -3.46 11.21
N ALA A 124 1.46 -3.84 10.13
CA ALA A 124 0.86 -4.72 9.12
C ALA A 124 1.12 -6.22 9.40
N GLY A 125 2.28 -6.53 9.99
CA GLY A 125 2.77 -7.91 10.14
C GLY A 125 1.88 -8.80 11.00
N SER A 126 1.95 -8.63 12.34
CA SER A 126 1.20 -9.45 13.29
C SER A 126 0.94 -8.68 14.60
N LEU A 127 -0.33 -8.30 14.79
CA LEU A 127 -0.88 -7.72 16.02
C LEU A 127 -2.40 -7.56 15.84
N GLU A 128 -3.09 -7.17 16.92
CA GLU A 128 -4.54 -6.97 16.90
C GLU A 128 -4.90 -5.69 16.13
N HIS A 129 -5.06 -5.85 14.81
CA HIS A 129 -5.55 -4.82 13.89
C HIS A 129 -6.39 -5.53 12.80
N HIS A 130 -7.69 -5.23 12.76
CA HIS A 130 -8.62 -5.86 11.82
C HIS A 130 -9.95 -5.12 11.88
N HIS A 131 -10.47 -4.73 10.71
CA HIS A 131 -11.72 -3.98 10.58
C HIS A 131 -12.56 -4.60 9.44
N HIS A 132 -13.49 -5.48 9.82
CA HIS A 132 -14.42 -6.12 8.87
C HIS A 132 -15.68 -5.23 8.77
N HIS A 133 -15.49 -4.02 8.24
CA HIS A 133 -16.56 -3.04 8.02
C HIS A 133 -17.42 -3.49 6.83
N HIS A 134 -18.75 -3.30 6.97
CA HIS A 134 -19.75 -3.62 5.94
C HIS A 134 -19.38 -2.97 4.58
N MET A 1 6.99 -14.73 4.21
CA MET A 1 5.76 -13.91 4.14
C MET A 1 6.10 -12.48 3.68
N LYS A 2 5.17 -11.85 2.93
CA LYS A 2 5.32 -10.47 2.43
C LYS A 2 4.04 -9.66 2.72
N GLU A 3 4.23 -8.54 3.42
CA GLU A 3 3.15 -7.58 3.73
C GLU A 3 3.21 -6.45 2.68
N LEU A 4 2.15 -6.29 1.89
CA LEU A 4 2.13 -5.35 0.74
C LEU A 4 1.26 -4.15 1.07
N ILE A 5 1.89 -2.98 1.19
CA ILE A 5 1.19 -1.71 1.44
C ILE A 5 1.15 -0.88 0.14
N LEU A 6 -0.07 -0.54 -0.32
CA LEU A 6 -0.29 0.29 -1.51
C LEU A 6 -0.65 1.71 -1.07
N ILE A 7 0.18 2.70 -1.45
CA ILE A 7 -0.01 4.11 -1.09
C ILE A 7 -0.63 4.83 -2.29
N ASN A 8 -1.84 5.32 -2.10
CA ASN A 8 -2.49 6.20 -3.06
C ASN A 8 -2.34 7.61 -2.52
N THR A 9 -1.78 8.50 -3.34
CA THR A 9 -1.51 9.89 -2.95
C THR A 9 -1.74 10.83 -4.14
N ASN A 10 -2.52 11.89 -3.89
CA ASN A 10 -2.84 12.91 -4.91
C ASN A 10 -1.71 13.95 -4.94
N ASN A 11 -0.98 14.09 -3.82
CA ASN A 11 0.06 15.12 -3.65
C ASN A 11 1.45 14.57 -4.06
N ASP A 12 1.98 15.16 -5.13
CA ASP A 12 3.24 14.72 -5.77
C ASP A 12 4.46 15.00 -4.88
N GLU A 13 4.48 16.16 -4.21
CA GLU A 13 5.60 16.51 -3.31
C GLU A 13 5.59 15.58 -2.08
N LEU A 14 4.39 15.05 -1.73
CA LEU A 14 4.22 14.10 -0.63
C LEU A 14 4.89 12.76 -0.99
N ILE A 15 4.72 12.30 -2.27
CA ILE A 15 5.34 11.04 -2.77
C ILE A 15 6.84 10.96 -2.41
N LYS A 16 7.54 12.11 -2.57
CA LYS A 16 8.98 12.26 -2.24
C LYS A 16 9.23 11.93 -0.76
N LYS A 17 8.41 12.56 0.10
CA LYS A 17 8.51 12.47 1.56
C LYS A 17 8.15 11.06 2.08
N ILE A 18 7.25 10.37 1.35
CA ILE A 18 6.90 8.96 1.60
C ILE A 18 8.14 8.11 1.36
N LYS A 19 8.75 8.27 0.16
CA LYS A 19 9.97 7.54 -0.25
C LYS A 19 11.07 7.70 0.82
N LYS A 20 11.28 8.96 1.27
CA LYS A 20 12.33 9.31 2.26
C LYS A 20 12.09 8.62 3.62
N GLU A 21 10.81 8.49 4.03
CA GLU A 21 10.42 7.74 5.24
C GLU A 21 10.78 6.26 5.10
N VAL A 22 10.52 5.72 3.91
CA VAL A 22 10.74 4.30 3.59
C VAL A 22 12.25 4.00 3.45
N GLU A 23 13.04 5.02 3.07
CA GLU A 23 14.51 4.93 3.00
C GLU A 23 15.13 4.89 4.42
N ASN A 24 14.47 5.56 5.38
CA ASN A 24 14.89 5.56 6.80
C ASN A 24 14.58 4.19 7.45
N GLN A 25 13.53 3.53 6.94
CA GLN A 25 13.07 2.23 7.44
C GLN A 25 13.80 1.08 6.71
N GLY A 26 14.24 1.36 5.47
CA GLY A 26 14.97 0.38 4.66
C GLY A 26 14.07 -0.66 4.02
N TYR A 27 12.97 -0.21 3.41
CA TYR A 27 12.03 -1.08 2.62
C TYR A 27 12.17 -0.76 1.11
N GLN A 28 11.53 -1.59 0.26
CA GLN A 28 11.63 -1.48 -1.21
C GLN A 28 10.50 -0.58 -1.75
N VAL A 29 10.88 0.57 -2.35
CA VAL A 29 9.93 1.51 -2.98
C VAL A 29 9.82 1.22 -4.48
N ARG A 30 8.61 0.85 -4.94
CA ARG A 30 8.29 0.83 -6.37
C ARG A 30 7.00 1.65 -6.57
N ASP A 31 7.14 2.83 -7.18
CA ASP A 31 5.99 3.69 -7.51
C ASP A 31 5.43 3.27 -8.89
N VAL A 32 4.18 2.79 -8.88
CA VAL A 32 3.40 2.46 -10.08
C VAL A 32 2.63 3.70 -10.55
N ASN A 33 2.86 4.08 -11.83
CA ASN A 33 2.21 5.23 -12.48
C ASN A 33 1.43 4.77 -13.73
N ASP A 34 1.38 3.45 -13.98
CA ASP A 34 0.84 2.88 -15.23
C ASP A 34 0.33 1.43 -15.01
N SER A 35 -0.66 1.01 -15.82
CA SER A 35 -1.31 -0.32 -15.70
C SER A 35 -0.35 -1.49 -15.96
N ASP A 36 0.63 -1.27 -16.85
CA ASP A 36 1.61 -2.30 -17.22
C ASP A 36 2.71 -2.39 -16.14
N GLU A 37 2.88 -1.30 -15.37
CA GLU A 37 3.84 -1.26 -14.25
C GLU A 37 3.38 -2.18 -13.11
N LEU A 38 2.07 -2.16 -12.76
CA LEU A 38 1.56 -2.94 -11.62
C LEU A 38 1.66 -4.45 -11.89
N LYS A 39 1.32 -4.86 -13.13
CA LYS A 39 1.30 -6.29 -13.50
C LYS A 39 2.72 -6.85 -13.59
N LYS A 40 3.69 -5.99 -14.01
CA LYS A 40 5.11 -6.36 -14.08
C LYS A 40 5.68 -6.44 -12.66
N GLU A 41 5.16 -5.59 -11.75
CA GLU A 41 5.56 -5.60 -10.33
C GLU A 41 5.01 -6.83 -9.62
N MET A 42 3.84 -7.32 -10.05
CA MET A 42 3.28 -8.59 -9.55
C MET A 42 4.17 -9.78 -9.96
N LYS A 43 4.81 -9.63 -11.14
CA LYS A 43 5.80 -10.61 -11.66
C LYS A 43 7.13 -10.46 -10.89
N LYS A 44 7.48 -9.21 -10.53
CA LYS A 44 8.69 -8.88 -9.75
C LYS A 44 8.65 -9.57 -8.40
N LEU A 45 7.63 -9.25 -7.60
CA LEU A 45 7.50 -9.72 -6.20
C LEU A 45 7.42 -11.26 -6.14
N ALA A 46 6.89 -11.85 -7.23
CA ALA A 46 6.75 -13.30 -7.39
C ALA A 46 8.13 -13.97 -7.64
N GLU A 47 8.90 -13.40 -8.58
CA GLU A 47 10.19 -13.99 -9.03
C GLU A 47 11.34 -13.66 -8.05
N GLU A 48 11.30 -12.45 -7.46
CA GLU A 48 12.20 -12.03 -6.37
C GLU A 48 11.78 -12.78 -5.09
N LYS A 49 12.45 -13.90 -4.80
CA LYS A 49 11.99 -14.88 -3.80
C LYS A 49 12.22 -14.38 -2.35
N ASN A 50 13.48 -14.22 -1.97
CA ASN A 50 13.87 -13.88 -0.58
C ASN A 50 14.31 -12.41 -0.47
N PHE A 51 13.35 -11.55 -0.09
CA PHE A 51 13.62 -10.17 0.36
C PHE A 51 12.41 -9.68 1.17
N GLU A 52 12.63 -8.62 1.96
CA GLU A 52 11.63 -8.08 2.89
C GLU A 52 10.42 -7.47 2.12
N LYS A 53 9.31 -7.33 2.86
CA LYS A 53 8.04 -6.77 2.39
C LYS A 53 8.21 -5.42 1.65
N ILE A 54 7.33 -5.18 0.69
CA ILE A 54 7.50 -4.13 -0.33
C ILE A 54 6.43 -3.05 -0.15
N LEU A 55 6.84 -1.80 -0.38
CA LEU A 55 5.97 -0.64 -0.36
C LEU A 55 5.76 -0.16 -1.82
N ILE A 56 4.54 -0.34 -2.31
CA ILE A 56 4.14 0.09 -3.66
C ILE A 56 3.38 1.44 -3.55
N ILE A 57 3.79 2.46 -4.31
CA ILE A 57 3.06 3.74 -4.39
C ILE A 57 2.29 3.80 -5.73
N SER A 58 0.96 3.72 -5.67
CA SER A 58 0.11 3.70 -6.87
C SER A 58 -0.72 4.99 -6.90
N ASN A 59 -0.35 5.89 -7.83
CA ASN A 59 -0.89 7.28 -7.90
C ASN A 59 -2.22 7.35 -8.68
N ASP A 60 -2.84 6.18 -8.92
CA ASP A 60 -4.19 6.08 -9.51
C ASP A 60 -4.96 4.96 -8.81
N LYS A 61 -6.27 5.17 -8.66
CA LYS A 61 -7.16 4.29 -7.89
C LYS A 61 -7.68 3.10 -8.72
N GLN A 62 -7.70 3.25 -10.06
CA GLN A 62 -8.07 2.14 -10.97
C GLN A 62 -6.91 1.10 -10.97
N LEU A 63 -5.66 1.60 -10.80
CA LEU A 63 -4.47 0.76 -10.67
C LEU A 63 -4.51 -0.06 -9.37
N LEU A 64 -4.97 0.60 -8.28
CA LEU A 64 -5.10 -0.01 -6.95
C LEU A 64 -5.91 -1.30 -7.02
N LYS A 65 -7.18 -1.19 -7.50
CA LYS A 65 -8.17 -2.28 -7.45
C LYS A 65 -7.65 -3.57 -8.11
N GLU A 66 -7.11 -3.42 -9.33
CA GLU A 66 -6.50 -4.55 -10.07
C GLU A 66 -5.36 -5.19 -9.26
N MET A 67 -4.47 -4.32 -8.74
CA MET A 67 -3.25 -4.74 -8.05
C MET A 67 -3.56 -5.48 -6.73
N LEU A 68 -4.60 -5.00 -5.99
CA LEU A 68 -5.06 -5.60 -4.72
C LEU A 68 -5.41 -7.09 -4.91
N GLU A 69 -6.14 -7.36 -6.01
CA GLU A 69 -6.63 -8.70 -6.36
C GLU A 69 -5.51 -9.60 -6.88
N LEU A 70 -4.53 -8.99 -7.57
CA LEU A 70 -3.33 -9.71 -8.05
C LEU A 70 -2.45 -10.15 -6.86
N ILE A 71 -2.25 -9.25 -5.87
CA ILE A 71 -1.52 -9.56 -4.62
C ILE A 71 -2.24 -10.67 -3.81
N SER A 72 -3.59 -10.65 -3.90
CA SER A 72 -4.46 -11.66 -3.26
C SER A 72 -4.15 -13.07 -3.83
N LYS A 73 -4.04 -13.17 -5.17
CA LYS A 73 -3.77 -14.47 -5.85
C LYS A 73 -2.26 -14.80 -5.84
N LEU A 74 -1.40 -13.81 -5.52
CA LEU A 74 0.04 -14.04 -5.25
C LEU A 74 0.19 -14.71 -3.87
N GLY A 75 -0.74 -14.39 -2.95
CA GLY A 75 -0.78 -15.00 -1.61
C GLY A 75 -0.19 -14.11 -0.53
N TYR A 76 0.12 -12.85 -0.88
CA TYR A 76 0.68 -11.87 0.07
C TYR A 76 -0.46 -11.11 0.76
N LYS A 77 -0.14 -10.47 1.91
CA LYS A 77 -1.13 -9.65 2.62
C LYS A 77 -1.42 -8.37 1.83
N VAL A 78 -2.70 -8.10 1.61
CA VAL A 78 -3.16 -6.89 0.94
C VAL A 78 -3.48 -5.84 2.01
N PHE A 79 -2.61 -4.84 2.11
CA PHE A 79 -2.78 -3.66 2.95
C PHE A 79 -2.86 -2.45 2.00
N LEU A 80 -3.74 -1.51 2.33
CA LEU A 80 -3.98 -0.33 1.51
C LEU A 80 -3.95 0.91 2.42
N LEU A 81 -3.43 1.99 1.88
CA LEU A 81 -3.37 3.30 2.53
C LEU A 81 -3.65 4.32 1.44
N LEU A 82 -4.77 5.03 1.54
CA LEU A 82 -5.19 5.99 0.54
C LEU A 82 -5.37 7.38 1.16
N GLN A 83 -4.81 8.39 0.48
CA GLN A 83 -4.92 9.79 0.86
C GLN A 83 -5.24 10.61 -0.39
N ASP A 84 -5.98 11.69 -0.20
CA ASP A 84 -6.44 12.55 -1.28
C ASP A 84 -6.92 13.88 -0.67
N GLN A 85 -6.92 14.93 -1.49
CA GLN A 85 -7.37 16.28 -1.06
C GLN A 85 -8.91 16.33 -0.93
N ASP A 86 -9.58 15.31 -1.46
CA ASP A 86 -11.03 15.10 -1.35
C ASP A 86 -11.28 13.64 -0.90
N GLU A 87 -11.78 13.48 0.34
CA GLU A 87 -11.93 12.15 0.98
C GLU A 87 -13.17 11.38 0.48
N ASN A 88 -14.00 12.00 -0.40
CA ASN A 88 -15.18 11.33 -0.97
C ASN A 88 -14.73 10.15 -1.86
N GLU A 89 -13.62 10.38 -2.59
CA GLU A 89 -12.90 9.34 -3.34
C GLU A 89 -12.48 8.18 -2.42
N LEU A 90 -11.90 8.55 -1.27
CA LEU A 90 -11.25 7.62 -0.33
C LEU A 90 -12.26 6.74 0.41
N GLU A 91 -13.41 7.32 0.78
CA GLU A 91 -14.42 6.63 1.61
C GLU A 91 -15.30 5.72 0.76
N GLU A 92 -15.54 6.11 -0.51
CA GLU A 92 -16.21 5.29 -1.50
C GLU A 92 -15.38 4.03 -1.78
N PHE A 93 -14.08 4.26 -1.98
CA PHE A 93 -13.11 3.21 -2.24
C PHE A 93 -13.01 2.27 -1.02
N LYS A 94 -12.78 2.87 0.16
CA LYS A 94 -12.54 2.14 1.41
C LYS A 94 -13.74 1.25 1.80
N ARG A 95 -14.97 1.81 1.73
CA ARG A 95 -16.20 1.11 2.18
C ARG A 95 -16.44 -0.19 1.39
N LYS A 96 -15.95 -0.20 0.13
CA LYS A 96 -15.96 -1.40 -0.71
C LYS A 96 -14.90 -2.41 -0.21
N ILE A 97 -13.71 -1.89 0.13
CA ILE A 97 -12.55 -2.69 0.56
C ILE A 97 -12.79 -3.34 1.96
N GLU A 98 -13.60 -2.67 2.82
CA GLU A 98 -14.11 -3.25 4.09
C GLU A 98 -14.83 -4.61 3.82
N SER A 99 -15.72 -4.58 2.83
CA SER A 99 -16.53 -5.74 2.41
C SER A 99 -15.65 -6.78 1.67
N GLN A 100 -14.61 -6.29 0.97
CA GLN A 100 -13.64 -7.14 0.24
C GLN A 100 -12.62 -7.78 1.22
N GLY A 101 -12.56 -7.23 2.45
CA GLY A 101 -11.77 -7.82 3.53
C GLY A 101 -10.27 -7.60 3.40
N TYR A 102 -9.88 -6.36 3.01
CA TYR A 102 -8.45 -5.95 2.98
C TYR A 102 -8.26 -4.79 3.96
N GLU A 103 -7.17 -4.85 4.74
CA GLU A 103 -6.85 -3.84 5.76
C GLU A 103 -6.48 -2.50 5.09
N VAL A 104 -7.35 -1.48 5.21
CA VAL A 104 -7.18 -0.18 4.53
C VAL A 104 -7.31 1.00 5.52
N ARG A 105 -6.39 1.96 5.39
CA ARG A 105 -6.34 3.18 6.21
C ARG A 105 -6.73 4.38 5.35
N LYS A 106 -7.47 5.33 5.93
CA LYS A 106 -8.04 6.48 5.21
C LYS A 106 -7.69 7.80 5.92
N VAL A 107 -7.17 8.78 5.15
CA VAL A 107 -6.79 10.11 5.65
C VAL A 107 -6.92 11.16 4.51
N THR A 108 -7.63 12.27 4.78
CA THR A 108 -7.62 13.45 3.90
C THR A 108 -6.24 14.12 3.98
N ASP A 109 -5.72 14.17 5.21
CA ASP A 109 -4.52 14.93 5.55
C ASP A 109 -3.26 14.18 5.11
N ASP A 110 -2.38 14.93 4.44
CA ASP A 110 -1.14 14.42 3.82
C ASP A 110 -0.11 13.89 4.84
N GLU A 111 0.09 14.61 5.97
CA GLU A 111 1.11 14.21 6.97
C GLU A 111 0.59 13.04 7.81
N GLU A 112 -0.74 12.92 7.93
CA GLU A 112 -1.38 11.78 8.60
C GLU A 112 -1.23 10.49 7.77
N ALA A 113 -1.04 10.65 6.44
CA ALA A 113 -0.68 9.54 5.56
C ALA A 113 0.75 9.07 5.84
N LEU A 114 1.66 10.03 6.09
CA LEU A 114 3.06 9.75 6.45
C LEU A 114 3.14 9.01 7.79
N LYS A 115 2.23 9.39 8.73
CA LYS A 115 2.12 8.76 10.05
C LYS A 115 1.84 7.26 9.92
N ILE A 116 0.98 6.89 8.97
CA ILE A 116 0.57 5.49 8.74
C ILE A 116 1.64 4.73 7.90
N VAL A 117 2.38 5.45 7.04
CA VAL A 117 3.54 4.88 6.30
C VAL A 117 4.60 4.36 7.30
N ARG A 118 5.01 5.25 8.25
CA ARG A 118 6.01 4.89 9.28
C ARG A 118 5.41 3.89 10.30
N GLU A 119 4.10 4.05 10.64
CA GLU A 119 3.38 3.07 11.51
C GLU A 119 3.51 1.65 10.95
N PHE A 120 3.13 1.45 9.67
CA PHE A 120 3.09 0.11 9.03
C PHE A 120 4.41 -0.68 9.24
N MET A 121 5.51 0.04 9.26
CA MET A 121 6.87 -0.53 9.39
C MET A 121 7.07 -1.29 10.73
N GLN A 122 6.49 -0.74 11.81
CA GLN A 122 6.56 -1.36 13.16
C GLN A 122 5.25 -2.10 13.52
N LYS A 123 4.13 -1.69 12.91
CA LYS A 123 2.78 -2.17 13.27
C LYS A 123 2.40 -3.41 12.47
N ALA A 124 3.02 -3.62 11.28
CA ALA A 124 2.82 -4.84 10.48
C ALA A 124 3.33 -6.07 11.26
N GLY A 125 4.32 -5.83 12.14
CA GLY A 125 4.69 -6.79 13.17
C GLY A 125 3.60 -6.91 14.22
N SER A 126 2.89 -8.05 14.21
CA SER A 126 1.71 -8.32 15.05
C SER A 126 0.53 -7.41 14.66
N LEU A 127 0.42 -7.15 13.34
CA LEU A 127 -0.70 -6.38 12.74
C LEU A 127 -2.03 -7.10 12.96
N GLU A 128 -3.13 -6.31 13.10
CA GLU A 128 -4.52 -6.79 13.23
C GLU A 128 -4.81 -7.40 14.62
N HIS A 129 -3.75 -7.81 15.35
CA HIS A 129 -3.83 -8.15 16.78
C HIS A 129 -4.13 -6.85 17.56
N HIS A 130 -3.41 -5.79 17.17
CA HIS A 130 -3.64 -4.41 17.64
C HIS A 130 -4.37 -3.63 16.54
N HIS A 131 -5.71 -3.70 16.57
CA HIS A 131 -6.60 -3.03 15.60
C HIS A 131 -8.00 -2.89 16.25
N HIS A 132 -8.88 -2.09 15.62
CA HIS A 132 -10.25 -1.87 16.11
C HIS A 132 -11.23 -1.87 14.93
N HIS A 133 -12.44 -2.39 15.18
CA HIS A 133 -13.47 -2.59 14.14
C HIS A 133 -14.86 -2.64 14.82
N HIS A 134 -15.88 -3.14 14.08
CA HIS A 134 -17.22 -3.38 14.62
C HIS A 134 -17.64 -4.83 14.27
N MET A 1 7.76 -13.16 6.14
CA MET A 1 6.48 -12.77 5.51
C MET A 1 6.65 -11.43 4.77
N LYS A 2 6.29 -11.41 3.47
CA LYS A 2 6.29 -10.18 2.67
C LYS A 2 5.07 -9.32 2.99
N GLU A 3 5.27 -8.00 2.94
CA GLU A 3 4.27 -6.99 3.28
C GLU A 3 4.18 -5.99 2.12
N LEU A 4 3.00 -5.90 1.50
CA LEU A 4 2.75 -5.01 0.36
C LEU A 4 1.82 -3.87 0.81
N ILE A 5 2.36 -2.64 0.84
CA ILE A 5 1.64 -1.42 1.23
C ILE A 5 1.47 -0.52 0.00
N LEU A 6 0.22 -0.28 -0.39
CA LEU A 6 -0.10 0.56 -1.55
C LEU A 6 -0.61 1.92 -1.04
N ILE A 7 0.04 3.01 -1.46
CA ILE A 7 -0.35 4.38 -1.11
C ILE A 7 -1.09 5.00 -2.31
N ASN A 8 -2.15 5.76 -2.02
CA ASN A 8 -2.87 6.56 -3.01
C ASN A 8 -2.74 8.03 -2.61
N THR A 9 -1.95 8.79 -3.35
CA THR A 9 -1.82 10.23 -3.14
C THR A 9 -1.59 10.93 -4.49
N ASN A 10 -2.33 12.03 -4.68
CA ASN A 10 -2.18 12.92 -5.85
C ASN A 10 -1.34 14.15 -5.48
N ASN A 11 -0.85 14.17 -4.22
CA ASN A 11 0.05 15.22 -3.70
C ASN A 11 1.50 14.74 -3.89
N ASP A 12 2.17 15.28 -4.92
CA ASP A 12 3.55 14.93 -5.29
C ASP A 12 4.55 15.25 -4.17
N GLU A 13 4.28 16.35 -3.44
CA GLU A 13 5.09 16.81 -2.31
C GLU A 13 5.09 15.74 -1.20
N LEU A 14 3.93 15.10 -0.98
CA LEU A 14 3.78 14.00 -0.03
C LEU A 14 4.56 12.75 -0.49
N ILE A 15 4.45 12.41 -1.81
CA ILE A 15 5.14 11.23 -2.37
C ILE A 15 6.66 11.30 -2.07
N LYS A 16 7.24 12.51 -2.26
CA LYS A 16 8.66 12.80 -1.95
C LYS A 16 9.01 12.43 -0.49
N LYS A 17 8.16 12.91 0.45
CA LYS A 17 8.35 12.75 1.90
C LYS A 17 8.20 11.28 2.34
N ILE A 18 7.23 10.57 1.74
CA ILE A 18 6.99 9.13 1.98
C ILE A 18 8.24 8.35 1.56
N LYS A 19 8.71 8.61 0.32
CA LYS A 19 9.90 7.95 -0.26
C LYS A 19 11.08 8.03 0.70
N LYS A 20 11.37 9.26 1.18
CA LYS A 20 12.49 9.53 2.12
C LYS A 20 12.41 8.65 3.37
N GLU A 21 11.23 8.71 4.06
CA GLU A 21 10.97 7.93 5.30
C GLU A 21 11.24 6.42 5.08
N VAL A 22 10.65 5.92 4.00
CA VAL A 22 10.60 4.50 3.63
C VAL A 22 11.99 3.94 3.21
N GLU A 23 12.80 4.82 2.60
CA GLU A 23 14.19 4.51 2.20
C GLU A 23 15.10 4.32 3.43
N ASN A 24 14.80 5.06 4.53
CA ASN A 24 15.50 4.88 5.84
C ASN A 24 14.97 3.64 6.58
N GLN A 25 13.76 3.16 6.19
CA GLN A 25 13.16 1.92 6.75
C GLN A 25 13.54 0.69 5.90
N GLY A 26 14.20 0.94 4.75
CA GLY A 26 14.77 -0.14 3.92
C GLY A 26 13.81 -0.73 2.89
N TYR A 27 12.54 -0.29 2.88
CA TYR A 27 11.52 -0.86 1.97
C TYR A 27 11.78 -0.39 0.53
N GLN A 28 11.46 -1.26 -0.44
CA GLN A 28 11.67 -0.97 -1.87
C GLN A 28 10.55 -0.05 -2.34
N VAL A 29 10.89 1.21 -2.64
CA VAL A 29 9.91 2.21 -3.07
C VAL A 29 9.66 2.08 -4.59
N ARG A 30 8.40 1.86 -4.96
CA ARG A 30 7.91 1.95 -6.34
C ARG A 30 6.88 3.09 -6.44
N ASP A 31 6.80 3.71 -7.62
CA ASP A 31 5.65 4.54 -8.02
C ASP A 31 5.16 4.03 -9.38
N VAL A 32 3.94 3.47 -9.38
CA VAL A 32 3.25 3.03 -10.59
C VAL A 32 2.28 4.13 -11.04
N ASN A 33 2.49 4.61 -12.25
CA ASN A 33 1.66 5.66 -12.87
C ASN A 33 0.89 5.09 -14.08
N ASP A 34 1.34 3.93 -14.60
CA ASP A 34 0.74 3.25 -15.77
C ASP A 34 0.59 1.75 -15.50
N SER A 35 -0.39 1.11 -16.19
CA SER A 35 -0.80 -0.28 -15.95
C SER A 35 0.30 -1.30 -16.31
N ASP A 36 1.28 -0.89 -17.14
CA ASP A 36 2.40 -1.77 -17.54
C ASP A 36 3.29 -2.10 -16.34
N GLU A 37 3.59 -1.06 -15.54
CA GLU A 37 4.57 -1.12 -14.44
C GLU A 37 4.16 -2.14 -13.35
N LEU A 38 2.87 -2.10 -12.96
CA LEU A 38 2.35 -2.92 -11.85
C LEU A 38 2.38 -4.42 -12.19
N LYS A 39 1.96 -4.77 -13.42
CA LYS A 39 1.76 -6.18 -13.82
C LYS A 39 3.13 -6.87 -14.04
N LYS A 40 4.12 -6.08 -14.49
CA LYS A 40 5.50 -6.54 -14.65
C LYS A 40 6.09 -7.00 -13.31
N GLU A 41 5.96 -6.13 -12.29
CA GLU A 41 6.58 -6.36 -10.98
C GLU A 41 5.77 -7.37 -10.14
N MET A 42 4.43 -7.44 -10.36
CA MET A 42 3.56 -8.42 -9.66
C MET A 42 3.86 -9.86 -10.09
N LYS A 43 4.28 -10.03 -11.37
CA LYS A 43 4.84 -11.30 -11.86
C LYS A 43 6.12 -11.63 -11.09
N LYS A 44 6.99 -10.61 -10.95
CA LYS A 44 8.30 -10.75 -10.28
C LYS A 44 8.18 -10.95 -8.76
N LEU A 45 7.04 -10.53 -8.16
CA LEU A 45 6.73 -10.78 -6.74
C LEU A 45 6.29 -12.24 -6.57
N ALA A 46 5.47 -12.71 -7.53
CA ALA A 46 4.93 -14.08 -7.56
C ALA A 46 6.07 -15.12 -7.74
N GLU A 47 7.03 -14.76 -8.60
CA GLU A 47 8.22 -15.60 -8.88
C GLU A 47 9.22 -15.49 -7.73
N GLU A 48 9.62 -14.25 -7.42
CA GLU A 48 10.67 -13.96 -6.45
C GLU A 48 10.05 -13.45 -5.14
N LYS A 49 9.83 -14.37 -4.21
CA LYS A 49 9.47 -14.04 -2.84
C LYS A 49 10.71 -13.51 -2.13
N ASN A 50 11.73 -14.39 -2.01
CA ASN A 50 13.14 -14.11 -1.59
C ASN A 50 13.34 -12.86 -0.68
N PHE A 51 13.36 -11.68 -1.32
CA PHE A 51 13.66 -10.38 -0.69
C PHE A 51 12.56 -9.94 0.29
N GLU A 52 12.86 -8.85 1.01
CA GLU A 52 12.02 -8.28 2.09
C GLU A 52 10.70 -7.66 1.55
N LYS A 53 10.05 -6.85 2.40
CA LYS A 53 8.77 -6.19 2.09
C LYS A 53 8.96 -4.93 1.22
N ILE A 54 7.90 -4.61 0.43
CA ILE A 54 7.95 -3.60 -0.65
C ILE A 54 6.88 -2.50 -0.38
N LEU A 55 7.25 -1.26 -0.73
CA LEU A 55 6.33 -0.12 -0.75
C LEU A 55 5.91 0.16 -2.21
N ILE A 56 4.61 0.32 -2.43
CA ILE A 56 4.03 0.70 -3.73
C ILE A 56 3.29 2.05 -3.53
N ILE A 57 3.49 3.00 -4.46
CA ILE A 57 2.71 4.26 -4.49
C ILE A 57 2.03 4.39 -5.87
N SER A 58 0.84 4.99 -5.90
CA SER A 58 0.11 5.29 -7.14
C SER A 58 -0.82 6.49 -6.90
N ASN A 59 -1.14 7.19 -7.99
CA ASN A 59 -2.09 8.32 -7.99
C ASN A 59 -3.50 7.85 -8.39
N ASP A 60 -3.57 6.64 -8.98
CA ASP A 60 -4.80 6.11 -9.59
C ASP A 60 -5.31 4.88 -8.82
N LYS A 61 -6.63 4.84 -8.56
CA LYS A 61 -7.27 3.77 -7.76
C LYS A 61 -7.46 2.47 -8.57
N GLN A 62 -7.61 2.58 -9.90
CA GLN A 62 -7.86 1.39 -10.77
C GLN A 62 -6.59 0.51 -10.84
N LEU A 63 -5.41 1.16 -10.71
CA LEU A 63 -4.10 0.47 -10.64
C LEU A 63 -4.01 -0.32 -9.32
N LEU A 64 -4.39 0.37 -8.22
CA LEU A 64 -4.40 -0.19 -6.86
C LEU A 64 -5.29 -1.44 -6.81
N LYS A 65 -6.53 -1.29 -7.34
CA LYS A 65 -7.56 -2.34 -7.34
C LYS A 65 -7.01 -3.65 -7.91
N GLU A 66 -6.40 -3.57 -9.11
CA GLU A 66 -5.81 -4.74 -9.79
C GLU A 66 -4.72 -5.41 -8.92
N MET A 67 -3.80 -4.59 -8.38
CA MET A 67 -2.69 -5.07 -7.55
C MET A 67 -3.21 -5.77 -6.27
N LEU A 68 -4.14 -5.11 -5.55
CA LEU A 68 -4.75 -5.61 -4.29
C LEU A 68 -5.33 -7.02 -4.46
N GLU A 69 -6.04 -7.22 -5.59
CA GLU A 69 -6.67 -8.51 -5.92
C GLU A 69 -5.61 -9.60 -6.18
N LEU A 70 -4.53 -9.22 -6.90
CA LEU A 70 -3.39 -10.13 -7.21
C LEU A 70 -2.71 -10.62 -5.91
N ILE A 71 -2.34 -9.66 -5.03
CA ILE A 71 -1.59 -9.91 -3.77
C ILE A 71 -2.37 -10.87 -2.83
N SER A 72 -3.71 -10.84 -2.95
CA SER A 72 -4.62 -11.69 -2.16
C SER A 72 -4.35 -13.19 -2.43
N LYS A 73 -4.28 -13.60 -3.72
CA LYS A 73 -4.00 -15.02 -4.08
C LYS A 73 -2.48 -15.28 -4.17
N LEU A 74 -1.66 -14.21 -4.04
CA LEU A 74 -0.20 -14.35 -3.84
C LEU A 74 0.09 -14.68 -2.36
N GLY A 75 -0.90 -14.37 -1.50
CA GLY A 75 -0.87 -14.75 -0.08
C GLY A 75 0.08 -13.90 0.75
N TYR A 76 0.40 -12.71 0.22
CA TYR A 76 1.22 -11.72 0.94
C TYR A 76 0.30 -10.77 1.71
N LYS A 77 0.89 -10.07 2.69
CA LYS A 77 0.16 -9.14 3.56
C LYS A 77 -0.32 -7.92 2.75
N VAL A 78 -1.64 -7.82 2.57
CA VAL A 78 -2.25 -6.74 1.79
C VAL A 78 -2.59 -5.55 2.70
N PHE A 79 -2.05 -4.38 2.35
CA PHE A 79 -2.34 -3.13 3.05
C PHE A 79 -2.55 -2.04 2.00
N LEU A 80 -3.50 -1.15 2.26
CA LEU A 80 -3.78 0.01 1.41
C LEU A 80 -3.85 1.26 2.30
N LEU A 81 -3.45 2.38 1.73
CA LEU A 81 -3.50 3.71 2.34
C LEU A 81 -3.96 4.65 1.23
N LEU A 82 -4.89 5.54 1.54
CA LEU A 82 -5.39 6.52 0.58
C LEU A 82 -5.61 7.88 1.25
N GLN A 83 -5.18 8.94 0.55
CA GLN A 83 -5.28 10.33 0.99
C GLN A 83 -5.54 11.23 -0.21
N ASP A 84 -6.38 12.24 0.01
CA ASP A 84 -6.71 13.26 -0.99
C ASP A 84 -7.40 14.44 -0.30
N GLN A 85 -7.40 15.58 -0.98
CA GLN A 85 -8.13 16.79 -0.54
C GLN A 85 -9.65 16.52 -0.51
N ASP A 86 -10.13 15.66 -1.43
CA ASP A 86 -11.51 15.14 -1.44
C ASP A 86 -11.52 13.72 -0.85
N GLU A 87 -12.14 13.57 0.34
CA GLU A 87 -12.20 12.28 1.05
C GLU A 87 -13.40 11.43 0.56
N ASN A 88 -14.22 11.99 -0.35
CA ASN A 88 -15.36 11.27 -0.96
C ASN A 88 -14.87 10.26 -2.01
N GLU A 89 -13.70 10.54 -2.62
CA GLU A 89 -12.96 9.56 -3.46
C GLU A 89 -12.51 8.36 -2.62
N LEU A 90 -12.01 8.69 -1.43
CA LEU A 90 -11.33 7.75 -0.53
C LEU A 90 -12.31 6.73 0.10
N GLU A 91 -13.51 7.23 0.47
CA GLU A 91 -14.53 6.41 1.18
C GLU A 91 -15.19 5.38 0.24
N GLU A 92 -15.49 5.79 -1.02
CA GLU A 92 -16.12 4.93 -2.03
C GLU A 92 -15.24 3.72 -2.38
N PHE A 93 -13.94 3.99 -2.52
CA PHE A 93 -12.94 2.95 -2.79
C PHE A 93 -12.80 2.05 -1.53
N LYS A 94 -12.57 2.69 -0.35
CA LYS A 94 -12.23 1.97 0.91
C LYS A 94 -13.29 0.95 1.33
N ARG A 95 -14.59 1.36 1.36
CA ARG A 95 -15.70 0.47 1.80
C ARG A 95 -15.80 -0.81 0.94
N LYS A 96 -15.34 -0.72 -0.30
CA LYS A 96 -15.31 -1.85 -1.23
C LYS A 96 -14.03 -2.71 -1.00
N ILE A 97 -12.92 -2.05 -0.65
CA ILE A 97 -11.63 -2.74 -0.38
C ILE A 97 -11.70 -3.56 0.95
N GLU A 98 -12.40 -3.01 1.96
CA GLU A 98 -12.73 -3.70 3.24
C GLU A 98 -13.68 -4.89 3.00
N SER A 99 -14.50 -4.81 1.94
CA SER A 99 -15.41 -5.88 1.54
C SER A 99 -14.62 -7.11 1.05
N GLN A 100 -13.49 -6.88 0.34
CA GLN A 100 -12.53 -7.96 0.00
C GLN A 100 -11.76 -8.39 1.27
N GLY A 101 -11.64 -7.48 2.25
CA GLY A 101 -11.03 -7.76 3.55
C GLY A 101 -9.57 -7.38 3.61
N TYR A 102 -9.24 -6.18 3.10
CA TYR A 102 -7.87 -5.65 3.14
C TYR A 102 -7.78 -4.57 4.22
N GLU A 103 -6.61 -4.47 4.89
CA GLU A 103 -6.36 -3.44 5.91
C GLU A 103 -6.04 -2.11 5.22
N VAL A 104 -7.07 -1.27 5.08
CA VAL A 104 -7.00 0.01 4.36
C VAL A 104 -7.33 1.18 5.30
N ARG A 105 -6.47 2.21 5.29
CA ARG A 105 -6.63 3.40 6.14
C ARG A 105 -6.99 4.62 5.30
N LYS A 106 -7.84 5.50 5.86
CA LYS A 106 -8.35 6.71 5.21
C LYS A 106 -7.90 7.94 5.98
N VAL A 107 -7.25 8.87 5.29
CA VAL A 107 -6.77 10.16 5.86
C VAL A 107 -6.94 11.26 4.79
N THR A 108 -7.29 12.48 5.22
CA THR A 108 -7.27 13.67 4.34
C THR A 108 -5.87 14.32 4.36
N ASP A 109 -5.15 14.11 5.47
CA ASP A 109 -3.93 14.87 5.81
C ASP A 109 -2.67 14.23 5.20
N ASP A 110 -1.73 15.11 4.81
CA ASP A 110 -0.35 14.76 4.43
C ASP A 110 0.36 14.03 5.59
N GLU A 111 0.38 14.72 6.75
CA GLU A 111 1.13 14.29 7.95
C GLU A 111 0.59 12.97 8.53
N GLU A 112 -0.72 12.75 8.42
CA GLU A 112 -1.37 11.52 8.91
C GLU A 112 -1.10 10.36 7.95
N ALA A 113 -0.94 10.66 6.65
CA ALA A 113 -0.56 9.65 5.64
C ALA A 113 0.87 9.15 5.90
N LEU A 114 1.78 10.09 6.28
CA LEU A 114 3.16 9.78 6.71
C LEU A 114 3.14 8.87 7.94
N LYS A 115 2.23 9.19 8.88
CA LYS A 115 2.04 8.42 10.12
C LYS A 115 1.65 6.97 9.78
N ILE A 116 0.63 6.80 8.90
CA ILE A 116 0.08 5.46 8.56
C ILE A 116 1.16 4.54 7.95
N VAL A 117 2.04 5.10 7.11
CA VAL A 117 3.16 4.37 6.49
C VAL A 117 4.07 3.75 7.59
N ARG A 118 4.32 4.55 8.64
CA ARG A 118 5.15 4.14 9.80
C ARG A 118 4.40 3.11 10.68
N GLU A 119 3.12 3.41 10.99
CA GLU A 119 2.22 2.54 11.79
C GLU A 119 2.14 1.13 11.19
N PHE A 120 2.07 1.08 9.85
CA PHE A 120 2.04 -0.18 9.08
C PHE A 120 3.23 -1.08 9.45
N MET A 121 4.44 -0.52 9.36
CA MET A 121 5.70 -1.29 9.43
C MET A 121 5.86 -2.01 10.79
N GLN A 122 5.23 -1.49 11.85
CA GLN A 122 5.25 -2.11 13.19
C GLN A 122 4.02 -3.00 13.43
N LYS A 123 2.84 -2.56 12.95
CA LYS A 123 1.55 -3.28 13.14
C LYS A 123 1.49 -4.53 12.24
N ALA A 124 2.38 -4.56 11.24
CA ALA A 124 2.56 -5.70 10.33
C ALA A 124 3.29 -6.87 11.02
N GLY A 125 3.69 -6.66 12.29
CA GLY A 125 4.18 -7.75 13.15
C GLY A 125 3.03 -8.52 13.80
N SER A 126 2.06 -8.90 12.98
CA SER A 126 0.82 -9.56 13.39
C SER A 126 0.13 -10.17 12.15
N LEU A 127 -0.98 -10.87 12.35
CA LEU A 127 -1.79 -11.47 11.28
C LEU A 127 -3.08 -10.66 11.10
N GLU A 128 -3.52 -10.51 9.84
CA GLU A 128 -4.80 -9.89 9.49
C GLU A 128 -5.92 -10.94 9.68
N HIS A 129 -6.26 -11.22 10.94
CA HIS A 129 -7.25 -12.24 11.31
C HIS A 129 -8.66 -11.60 11.50
N HIS A 130 -8.83 -10.37 10.99
CA HIS A 130 -10.14 -9.69 10.98
C HIS A 130 -11.02 -10.26 9.85
N HIS A 131 -11.57 -11.45 10.10
CA HIS A 131 -12.56 -12.10 9.22
C HIS A 131 -13.95 -11.89 9.83
N HIS A 132 -14.08 -12.25 11.12
CA HIS A 132 -15.31 -12.08 11.90
C HIS A 132 -14.97 -12.06 13.40
N HIS A 133 -15.08 -10.88 14.01
CA HIS A 133 -15.01 -10.69 15.48
C HIS A 133 -16.29 -9.96 15.93
N HIS A 134 -16.68 -8.97 15.11
CA HIS A 134 -18.00 -8.34 15.15
C HIS A 134 -18.90 -9.04 14.10
N MET A 1 5.11 -15.02 4.60
CA MET A 1 4.60 -14.13 3.53
C MET A 1 5.52 -12.91 3.36
N LYS A 2 5.09 -11.97 2.51
CA LYS A 2 5.64 -10.60 2.47
C LYS A 2 4.44 -9.64 2.39
N GLU A 3 4.44 -8.59 3.20
CA GLU A 3 3.32 -7.64 3.26
C GLU A 3 3.46 -6.59 2.16
N LEU A 4 2.34 -6.31 1.48
CA LEU A 4 2.27 -5.33 0.38
C LEU A 4 1.44 -4.15 0.86
N ILE A 5 2.09 -2.99 1.01
CA ILE A 5 1.42 -1.74 1.39
C ILE A 5 1.35 -0.83 0.16
N LEU A 6 0.13 -0.43 -0.20
CA LEU A 6 -0.14 0.42 -1.37
C LEU A 6 -0.57 1.79 -0.88
N ILE A 7 0.15 2.84 -1.30
CA ILE A 7 -0.20 4.23 -0.94
C ILE A 7 -0.84 4.90 -2.17
N ASN A 8 -2.06 5.44 -1.98
CA ASN A 8 -2.68 6.37 -2.93
C ASN A 8 -2.40 7.77 -2.41
N THR A 9 -1.69 8.57 -3.20
CA THR A 9 -1.34 9.94 -2.82
C THR A 9 -1.40 10.84 -4.05
N ASN A 10 -2.30 11.84 -3.99
CA ASN A 10 -2.52 12.80 -5.07
C ASN A 10 -1.96 14.18 -4.72
N ASN A 11 -1.26 14.25 -3.58
CA ASN A 11 -0.41 15.39 -3.22
C ASN A 11 1.01 15.07 -3.71
N ASP A 12 1.45 15.79 -4.78
CA ASP A 12 2.73 15.56 -5.47
C ASP A 12 3.92 15.66 -4.50
N GLU A 13 3.91 16.73 -3.69
CA GLU A 13 4.97 17.01 -2.72
C GLU A 13 5.03 15.91 -1.65
N LEU A 14 3.85 15.39 -1.24
CA LEU A 14 3.75 14.32 -0.24
C LEU A 14 4.33 12.98 -0.77
N ILE A 15 4.13 12.67 -2.09
CA ILE A 15 4.67 11.42 -2.70
C ILE A 15 6.20 11.32 -2.47
N LYS A 16 6.86 12.46 -2.67
CA LYS A 16 8.32 12.62 -2.52
C LYS A 16 8.76 12.36 -1.06
N LYS A 17 7.95 12.88 -0.11
CA LYS A 17 8.23 12.78 1.33
C LYS A 17 8.03 11.34 1.84
N ILE A 18 7.00 10.66 1.30
CA ILE A 18 6.70 9.25 1.63
C ILE A 18 7.91 8.39 1.28
N LYS A 19 8.40 8.56 0.03
CA LYS A 19 9.59 7.86 -0.47
C LYS A 19 10.77 7.95 0.51
N LYS A 20 11.00 9.17 1.06
CA LYS A 20 12.11 9.46 1.99
C LYS A 20 11.92 8.79 3.36
N GLU A 21 10.67 8.74 3.84
CA GLU A 21 10.33 8.03 5.09
C GLU A 21 10.61 6.53 4.94
N VAL A 22 10.30 5.99 3.76
CA VAL A 22 10.48 4.57 3.40
C VAL A 22 11.97 4.23 3.19
N GLU A 23 12.75 5.24 2.74
CA GLU A 23 14.23 5.13 2.60
C GLU A 23 14.90 5.10 3.99
N ASN A 24 14.23 5.70 5.00
CA ASN A 24 14.66 5.62 6.42
C ASN A 24 14.41 4.20 6.97
N GLN A 25 13.31 3.58 6.51
CA GLN A 25 12.88 2.23 6.94
C GLN A 25 13.64 1.14 6.16
N GLY A 26 14.11 1.50 4.95
CA GLY A 26 14.85 0.59 4.08
C GLY A 26 13.97 -0.34 3.24
N TYR A 27 12.70 0.06 3.03
CA TYR A 27 11.75 -0.70 2.17
C TYR A 27 11.86 -0.17 0.71
N GLN A 28 11.37 -0.98 -0.24
CA GLN A 28 11.48 -0.68 -1.68
C GLN A 28 10.24 0.09 -2.17
N VAL A 29 10.43 1.30 -2.73
CA VAL A 29 9.33 2.12 -3.32
C VAL A 29 9.20 1.82 -4.82
N ARG A 30 8.00 1.37 -5.25
CA ARG A 30 7.62 1.31 -6.68
C ARG A 30 6.43 2.24 -6.90
N ASP A 31 6.68 3.40 -7.55
CA ASP A 31 5.61 4.33 -7.92
C ASP A 31 5.03 3.91 -9.28
N VAL A 32 3.75 3.56 -9.27
CA VAL A 32 3.04 3.03 -10.44
C VAL A 32 2.17 4.13 -11.06
N ASN A 33 2.47 4.42 -12.33
CA ASN A 33 1.75 5.42 -13.14
C ASN A 33 1.03 4.72 -14.30
N ASP A 34 1.50 3.51 -14.64
CA ASP A 34 1.01 2.70 -15.78
C ASP A 34 0.45 1.36 -15.29
N SER A 35 -0.60 0.88 -15.98
CA SER A 35 -1.32 -0.35 -15.62
C SER A 35 -0.50 -1.63 -15.87
N ASP A 36 0.53 -1.55 -16.74
CA ASP A 36 1.41 -2.69 -17.04
C ASP A 36 2.63 -2.72 -16.11
N GLU A 37 3.06 -1.53 -15.62
CA GLU A 37 4.21 -1.44 -14.67
C GLU A 37 3.89 -2.16 -13.35
N LEU A 38 2.61 -2.12 -12.92
CA LEU A 38 2.19 -2.82 -11.70
C LEU A 38 2.34 -4.34 -11.86
N LYS A 39 1.84 -4.91 -12.98
CA LYS A 39 1.77 -6.39 -13.16
C LYS A 39 3.18 -7.00 -13.35
N LYS A 40 4.10 -6.20 -13.89
CA LYS A 40 5.52 -6.57 -14.01
C LYS A 40 6.16 -6.71 -12.61
N GLU A 41 5.82 -5.78 -11.70
CA GLU A 41 6.31 -5.79 -10.31
C GLU A 41 5.58 -6.84 -9.45
N MET A 42 4.34 -7.20 -9.82
CA MET A 42 3.60 -8.29 -9.15
C MET A 42 4.29 -9.65 -9.41
N LYS A 43 4.92 -9.77 -10.60
CA LYS A 43 5.76 -10.93 -10.95
C LYS A 43 7.03 -10.97 -10.09
N LYS A 44 7.64 -9.78 -9.89
CA LYS A 44 8.87 -9.60 -9.08
C LYS A 44 8.67 -10.08 -7.63
N LEU A 45 7.43 -9.86 -7.12
CA LEU A 45 7.03 -10.29 -5.76
C LEU A 45 7.10 -11.82 -5.63
N ALA A 46 6.52 -12.51 -6.63
CA ALA A 46 6.42 -13.98 -6.64
C ALA A 46 7.80 -14.64 -6.85
N GLU A 47 8.47 -14.26 -7.95
CA GLU A 47 9.74 -14.86 -8.42
C GLU A 47 10.86 -14.69 -7.37
N GLU A 48 11.04 -13.46 -6.90
CA GLU A 48 11.96 -13.16 -5.80
C GLU A 48 11.22 -13.44 -4.47
N LYS A 49 11.48 -14.60 -3.87
CA LYS A 49 10.78 -15.03 -2.65
C LYS A 49 11.36 -14.32 -1.41
N ASN A 50 12.68 -14.48 -1.20
CA ASN A 50 13.38 -13.91 -0.02
C ASN A 50 13.95 -12.53 -0.34
N PHE A 51 13.15 -11.48 -0.08
CA PHE A 51 13.63 -10.08 0.00
C PHE A 51 12.62 -9.23 0.77
N GLU A 52 13.09 -8.07 1.26
CA GLU A 52 12.30 -7.18 2.14
C GLU A 52 10.96 -6.78 1.47
N LYS A 53 9.88 -6.87 2.25
CA LYS A 53 8.50 -6.61 1.78
C LYS A 53 8.37 -5.19 1.16
N ILE A 54 7.70 -5.14 0.01
CA ILE A 54 7.80 -4.02 -0.93
C ILE A 54 6.66 -3.03 -0.71
N LEU A 55 7.02 -1.75 -0.61
CA LEU A 55 6.08 -0.65 -0.51
C LEU A 55 5.75 -0.12 -1.92
N ILE A 56 4.49 -0.32 -2.33
CA ILE A 56 4.00 0.18 -3.62
C ILE A 56 3.28 1.52 -3.40
N ILE A 57 3.55 2.49 -4.27
CA ILE A 57 2.76 3.73 -4.38
C ILE A 57 2.06 3.71 -5.76
N SER A 58 0.88 4.33 -5.85
CA SER A 58 0.19 4.54 -7.12
C SER A 58 -0.68 5.79 -7.03
N ASN A 59 -0.93 6.39 -8.19
CA ASN A 59 -1.63 7.69 -8.30
C ASN A 59 -3.15 7.49 -8.45
N ASP A 60 -3.54 6.28 -8.86
CA ASP A 60 -4.92 6.02 -9.33
C ASP A 60 -5.48 4.72 -8.71
N LYS A 61 -6.81 4.74 -8.45
CA LYS A 61 -7.53 3.68 -7.73
C LYS A 61 -7.66 2.40 -8.57
N GLN A 62 -7.82 2.56 -9.90
CA GLN A 62 -7.96 1.42 -10.83
C GLN A 62 -6.69 0.55 -10.84
N LEU A 63 -5.52 1.22 -10.71
CA LEU A 63 -4.21 0.54 -10.67
C LEU A 63 -4.09 -0.28 -9.38
N LEU A 64 -4.36 0.41 -8.24
CA LEU A 64 -4.37 -0.19 -6.88
C LEU A 64 -5.23 -1.46 -6.84
N LYS A 65 -6.43 -1.33 -7.43
CA LYS A 65 -7.49 -2.35 -7.35
C LYS A 65 -7.02 -3.67 -7.97
N GLU A 66 -6.44 -3.59 -9.19
CA GLU A 66 -5.90 -4.76 -9.90
C GLU A 66 -4.78 -5.44 -9.10
N MET A 67 -3.91 -4.60 -8.48
CA MET A 67 -2.84 -5.11 -7.61
C MET A 67 -3.42 -5.95 -6.47
N LEU A 68 -4.48 -5.44 -5.78
CA LEU A 68 -5.11 -6.11 -4.61
C LEU A 68 -5.57 -7.54 -4.95
N GLU A 69 -6.15 -7.69 -6.16
CA GLU A 69 -6.63 -8.99 -6.68
C GLU A 69 -5.43 -9.94 -6.89
N LEU A 70 -4.33 -9.38 -7.44
CA LEU A 70 -3.10 -10.12 -7.72
C LEU A 70 -2.36 -10.54 -6.41
N ILE A 71 -2.30 -9.65 -5.38
CA ILE A 71 -1.65 -9.93 -4.07
C ILE A 71 -2.40 -11.09 -3.38
N SER A 72 -3.74 -11.08 -3.54
CA SER A 72 -4.64 -12.10 -3.00
C SER A 72 -4.30 -13.50 -3.58
N LYS A 73 -4.13 -13.58 -4.92
CA LYS A 73 -3.81 -14.85 -5.59
C LYS A 73 -2.31 -15.21 -5.48
N LEU A 74 -1.47 -14.22 -5.12
CA LEU A 74 -0.04 -14.45 -4.80
C LEU A 74 0.07 -15.03 -3.37
N GLY A 75 -0.96 -14.78 -2.54
CA GLY A 75 -1.05 -15.32 -1.19
C GLY A 75 -0.40 -14.45 -0.13
N TYR A 76 0.00 -13.23 -0.54
CA TYR A 76 0.63 -12.25 0.37
C TYR A 76 -0.45 -11.44 1.10
N LYS A 77 -0.01 -10.62 2.08
CA LYS A 77 -0.93 -9.75 2.83
C LYS A 77 -1.18 -8.45 2.06
N VAL A 78 -2.47 -8.08 1.94
CA VAL A 78 -2.89 -6.79 1.39
C VAL A 78 -2.99 -5.77 2.54
N PHE A 79 -2.36 -4.62 2.34
CA PHE A 79 -2.51 -3.44 3.18
C PHE A 79 -2.63 -2.24 2.23
N LEU A 80 -3.67 -1.44 2.38
CA LEU A 80 -3.90 -0.25 1.56
C LEU A 80 -3.93 0.99 2.48
N LEU A 81 -3.47 2.11 1.95
CA LEU A 81 -3.44 3.40 2.64
C LEU A 81 -3.70 4.46 1.57
N LEU A 82 -4.77 5.24 1.72
CA LEU A 82 -5.18 6.20 0.69
C LEU A 82 -5.35 7.61 1.29
N GLN A 83 -4.92 8.62 0.50
CA GLN A 83 -5.04 10.04 0.84
C GLN A 83 -5.36 10.82 -0.44
N ASP A 84 -6.12 11.91 -0.25
CA ASP A 84 -6.45 12.86 -1.30
C ASP A 84 -6.98 14.13 -0.65
N GLN A 85 -6.91 15.25 -1.38
CA GLN A 85 -7.38 16.56 -0.91
C GLN A 85 -8.94 16.59 -0.83
N ASP A 86 -9.59 15.60 -1.49
CA ASP A 86 -11.04 15.33 -1.35
C ASP A 86 -11.22 13.92 -0.77
N GLU A 87 -11.42 13.85 0.55
CA GLU A 87 -11.53 12.56 1.29
C GLU A 87 -12.85 11.82 0.96
N ASN A 88 -13.83 12.54 0.38
CA ASN A 88 -15.13 11.95 -0.01
C ASN A 88 -14.94 10.93 -1.16
N GLU A 89 -13.86 11.12 -1.94
CA GLU A 89 -13.46 10.20 -3.02
C GLU A 89 -12.85 8.90 -2.44
N LEU A 90 -12.18 9.06 -1.30
CA LEU A 90 -11.44 7.99 -0.62
C LEU A 90 -12.38 6.99 0.07
N GLU A 91 -13.36 7.53 0.82
CA GLU A 91 -14.27 6.71 1.65
C GLU A 91 -15.16 5.78 0.79
N GLU A 92 -15.54 6.26 -0.41
CA GLU A 92 -16.36 5.47 -1.35
C GLU A 92 -15.56 4.30 -1.92
N PHE A 93 -14.30 4.56 -2.34
CA PHE A 93 -13.38 3.50 -2.79
C PHE A 93 -13.13 2.51 -1.64
N LYS A 94 -12.96 3.06 -0.42
CA LYS A 94 -12.56 2.30 0.76
C LYS A 94 -13.64 1.29 1.20
N ARG A 95 -14.93 1.72 1.18
CA ARG A 95 -16.06 0.86 1.63
C ARG A 95 -16.21 -0.39 0.73
N LYS A 96 -15.76 -0.28 -0.53
CA LYS A 96 -15.62 -1.43 -1.45
C LYS A 96 -14.50 -2.37 -0.97
N ILE A 97 -13.34 -1.77 -0.66
CA ILE A 97 -12.11 -2.51 -0.28
C ILE A 97 -12.33 -3.32 1.03
N GLU A 98 -12.98 -2.66 2.02
CA GLU A 98 -13.37 -3.27 3.31
C GLU A 98 -14.37 -4.43 3.12
N SER A 99 -15.30 -4.26 2.15
CA SER A 99 -16.35 -5.26 1.86
C SER A 99 -15.74 -6.55 1.28
N GLN A 100 -14.63 -6.36 0.53
CA GLN A 100 -13.90 -7.46 -0.12
C GLN A 100 -12.83 -8.06 0.80
N GLY A 101 -12.81 -7.62 2.08
CA GLY A 101 -11.93 -8.16 3.10
C GLY A 101 -10.47 -7.79 2.93
N TYR A 102 -10.23 -6.65 2.27
CA TYR A 102 -8.88 -6.08 2.11
C TYR A 102 -8.65 -5.01 3.19
N GLU A 103 -7.52 -5.11 3.93
CA GLU A 103 -7.11 -4.13 4.94
C GLU A 103 -6.78 -2.79 4.28
N VAL A 104 -7.47 -1.72 4.73
CA VAL A 104 -7.29 -0.36 4.21
C VAL A 104 -7.37 0.69 5.35
N ARG A 105 -6.52 1.73 5.26
CA ARG A 105 -6.54 2.88 6.18
C ARG A 105 -6.76 4.18 5.36
N LYS A 106 -7.53 5.12 5.92
CA LYS A 106 -7.87 6.40 5.25
C LYS A 106 -7.27 7.60 5.99
N VAL A 107 -6.72 8.55 5.24
CA VAL A 107 -6.22 9.85 5.76
C VAL A 107 -6.50 10.95 4.73
N THR A 108 -6.08 12.17 5.06
CA THR A 108 -6.21 13.35 4.19
C THR A 108 -4.93 14.18 4.31
N ASP A 109 -4.48 14.32 5.56
CA ASP A 109 -3.32 15.13 5.92
C ASP A 109 -2.01 14.47 5.45
N ASP A 110 -1.04 15.34 5.10
CA ASP A 110 0.35 14.97 4.80
C ASP A 110 0.96 14.20 5.99
N GLU A 111 0.80 14.79 7.20
CA GLU A 111 1.37 14.28 8.44
C GLU A 111 0.78 12.92 8.84
N GLU A 112 -0.54 12.74 8.62
CA GLU A 112 -1.25 11.49 8.96
C GLU A 112 -0.94 10.37 7.95
N ALA A 113 -0.56 10.76 6.71
CA ALA A 113 -0.15 9.81 5.67
C ALA A 113 1.24 9.23 5.99
N LEU A 114 2.21 10.14 6.28
CA LEU A 114 3.60 9.77 6.66
C LEU A 114 3.58 8.93 7.95
N LYS A 115 2.63 9.28 8.83
CA LYS A 115 2.37 8.59 10.10
C LYS A 115 2.12 7.10 9.87
N ILE A 116 1.09 6.75 9.06
CA ILE A 116 0.65 5.35 8.85
C ILE A 116 1.67 4.57 7.96
N VAL A 117 2.43 5.29 7.10
CA VAL A 117 3.59 4.69 6.39
C VAL A 117 4.61 4.12 7.41
N ARG A 118 4.97 4.94 8.42
CA ARG A 118 5.90 4.55 9.50
C ARG A 118 5.27 3.50 10.44
N GLU A 119 3.96 3.68 10.73
CA GLU A 119 3.19 2.76 11.58
C GLU A 119 3.11 1.36 10.97
N PHE A 120 2.97 1.26 9.63
CA PHE A 120 2.91 -0.03 8.92
C PHE A 120 4.11 -0.90 9.30
N MET A 121 5.28 -0.26 9.38
CA MET A 121 6.55 -0.94 9.62
C MET A 121 6.54 -1.71 10.96
N GLN A 122 5.88 -1.10 11.98
CA GLN A 122 5.78 -1.70 13.33
C GLN A 122 4.49 -2.55 13.49
N LYS A 123 3.44 -2.23 12.71
CA LYS A 123 2.13 -2.95 12.78
C LYS A 123 2.16 -4.23 11.94
N ALA A 124 3.11 -4.30 10.99
CA ALA A 124 3.36 -5.51 10.19
C ALA A 124 4.37 -6.44 10.89
N GLY A 125 4.58 -6.18 12.19
CA GLY A 125 5.45 -6.97 13.03
C GLY A 125 6.91 -6.68 12.77
N SER A 126 7.39 -5.54 13.28
CA SER A 126 8.82 -5.24 13.31
C SER A 126 9.49 -6.08 14.41
N LEU A 127 9.57 -7.39 14.14
CA LEU A 127 9.98 -8.40 15.11
C LEU A 127 11.48 -8.30 15.33
N GLU A 128 11.87 -7.92 16.55
CA GLU A 128 13.27 -7.87 16.97
C GLU A 128 13.76 -9.30 17.27
N HIS A 129 14.00 -10.05 16.18
CA HIS A 129 14.70 -11.34 16.22
C HIS A 129 16.19 -11.04 16.40
N HIS A 130 16.57 -9.87 15.86
CA HIS A 130 17.84 -9.21 16.12
C HIS A 130 17.51 -7.90 16.88
N HIS A 131 17.70 -7.89 18.22
CA HIS A 131 17.50 -6.69 19.05
C HIS A 131 18.66 -5.71 18.77
N HIS A 132 18.46 -4.89 17.74
CA HIS A 132 19.50 -4.06 17.11
C HIS A 132 19.33 -2.58 17.47
N HIS A 133 20.30 -2.02 18.21
CA HIS A 133 20.40 -0.57 18.46
C HIS A 133 20.91 0.14 17.18
N HIS A 134 20.83 1.49 17.14
CA HIS A 134 21.29 2.26 15.97
C HIS A 134 22.84 2.20 15.83
N MET A 1 5.68 -15.40 4.03
CA MET A 1 4.74 -14.43 3.41
C MET A 1 5.55 -13.25 2.81
N LYS A 2 4.80 -12.27 2.28
CA LYS A 2 5.35 -11.04 1.70
C LYS A 2 4.28 -9.96 1.94
N GLU A 3 4.63 -8.87 2.66
CA GLU A 3 3.68 -7.79 2.96
C GLU A 3 3.82 -6.67 1.93
N LEU A 4 2.68 -6.30 1.34
CA LEU A 4 2.60 -5.27 0.31
C LEU A 4 1.64 -4.19 0.80
N ILE A 5 2.16 -3.01 1.12
CA ILE A 5 1.33 -1.82 1.40
C ILE A 5 1.25 -0.98 0.13
N LEU A 6 0.03 -0.69 -0.31
CA LEU A 6 -0.21 0.11 -1.52
C LEU A 6 -0.71 1.49 -1.06
N ILE A 7 -0.02 2.56 -1.45
CA ILE A 7 -0.40 3.94 -1.11
C ILE A 7 -1.08 4.58 -2.33
N ASN A 8 -2.10 5.41 -2.07
CA ASN A 8 -2.75 6.23 -3.11
C ASN A 8 -2.57 7.70 -2.76
N THR A 9 -1.74 8.37 -3.55
CA THR A 9 -1.60 9.82 -3.52
C THR A 9 -1.31 10.31 -4.95
N ASN A 10 -2.16 11.21 -5.45
CA ASN A 10 -1.96 11.90 -6.74
C ASN A 10 -1.08 13.15 -6.53
N ASN A 11 -0.90 13.54 -5.25
CA ASN A 11 -0.07 14.70 -4.87
C ASN A 11 1.41 14.35 -4.99
N ASP A 12 2.03 14.85 -6.08
CA ASP A 12 3.48 14.71 -6.39
C ASP A 12 4.36 15.00 -5.16
N GLU A 13 4.03 16.08 -4.44
CA GLU A 13 4.79 16.56 -3.26
C GLU A 13 4.79 15.53 -2.13
N LEU A 14 3.61 14.90 -1.92
CA LEU A 14 3.46 13.87 -0.88
C LEU A 14 4.22 12.59 -1.25
N ILE A 15 4.25 12.24 -2.57
CA ILE A 15 5.02 11.07 -3.07
C ILE A 15 6.49 11.17 -2.59
N LYS A 16 7.05 12.40 -2.74
CA LYS A 16 8.46 12.70 -2.42
C LYS A 16 8.77 12.40 -0.95
N LYS A 17 7.86 12.85 -0.08
CA LYS A 17 8.01 12.78 1.38
C LYS A 17 7.83 11.34 1.87
N ILE A 18 6.91 10.58 1.21
CA ILE A 18 6.69 9.16 1.52
C ILE A 18 7.96 8.37 1.19
N LYS A 19 8.57 8.62 0.01
CA LYS A 19 9.83 7.97 -0.41
C LYS A 19 10.95 8.18 0.63
N LYS A 20 10.96 9.39 1.26
CA LYS A 20 11.88 9.72 2.37
C LYS A 20 11.63 8.81 3.57
N GLU A 21 10.34 8.67 3.96
CA GLU A 21 9.93 7.82 5.10
C GLU A 21 10.41 6.37 4.88
N VAL A 22 10.17 5.86 3.67
CA VAL A 22 10.46 4.46 3.29
C VAL A 22 11.98 4.18 3.35
N GLU A 23 12.80 5.21 3.04
CA GLU A 23 14.27 5.13 3.14
C GLU A 23 14.73 5.15 4.62
N ASN A 24 13.99 5.92 5.46
CA ASN A 24 14.27 6.01 6.93
C ASN A 24 13.94 4.67 7.61
N GLN A 25 12.89 4.01 7.08
CA GLN A 25 12.37 2.73 7.60
C GLN A 25 13.12 1.54 6.99
N GLY A 26 13.72 1.76 5.81
CA GLY A 26 14.50 0.73 5.11
C GLY A 26 13.62 -0.34 4.45
N TYR A 27 12.61 0.12 3.70
CA TYR A 27 11.75 -0.74 2.84
C TYR A 27 12.03 -0.42 1.36
N GLN A 28 11.50 -1.24 0.44
CA GLN A 28 11.72 -1.06 -1.01
C GLN A 28 10.67 -0.10 -1.60
N VAL A 29 11.12 1.04 -2.16
CA VAL A 29 10.24 2.02 -2.82
C VAL A 29 9.87 1.56 -4.24
N ARG A 30 8.58 1.35 -4.46
CA ARG A 30 8.00 1.18 -5.79
C ARG A 30 6.84 2.16 -5.95
N ASP A 31 6.79 2.88 -7.09
CA ASP A 31 5.64 3.72 -7.46
C ASP A 31 5.20 3.41 -8.91
N VAL A 32 3.97 2.91 -9.04
CA VAL A 32 3.35 2.61 -10.34
C VAL A 32 2.70 3.89 -10.91
N ASN A 33 3.13 4.26 -12.12
CA ASN A 33 2.62 5.45 -12.83
C ASN A 33 1.68 5.02 -13.97
N ASP A 34 1.88 3.78 -14.46
CA ASP A 34 1.23 3.27 -15.68
C ASP A 34 0.80 1.79 -15.48
N SER A 35 -0.29 1.38 -16.17
CA SER A 35 -0.93 0.05 -15.99
C SER A 35 -0.02 -1.12 -16.44
N ASP A 36 0.93 -0.86 -17.35
CA ASP A 36 1.86 -1.90 -17.85
C ASP A 36 2.95 -2.19 -16.80
N GLU A 37 3.30 -1.17 -15.98
CA GLU A 37 4.35 -1.30 -14.95
C GLU A 37 3.94 -2.28 -13.84
N LEU A 38 2.65 -2.23 -13.44
CA LEU A 38 2.15 -3.00 -12.29
C LEU A 38 2.18 -4.52 -12.55
N LYS A 39 1.81 -4.95 -13.79
CA LYS A 39 1.73 -6.40 -14.12
C LYS A 39 3.12 -7.05 -14.03
N LYS A 40 4.16 -6.26 -14.38
CA LYS A 40 5.55 -6.69 -14.41
C LYS A 40 6.11 -6.86 -12.98
N GLU A 41 5.83 -5.88 -12.11
CA GLU A 41 6.37 -5.87 -10.73
C GLU A 41 5.60 -6.83 -9.81
N MET A 42 4.29 -7.05 -10.08
CA MET A 42 3.48 -8.10 -9.39
C MET A 42 4.12 -9.48 -9.60
N LYS A 43 4.76 -9.68 -10.77
CA LYS A 43 5.52 -10.89 -11.08
C LYS A 43 6.80 -10.94 -10.23
N LYS A 44 7.56 -9.81 -10.19
CA LYS A 44 8.85 -9.70 -9.46
C LYS A 44 8.71 -10.16 -7.99
N LEU A 45 7.62 -9.71 -7.37
CA LEU A 45 7.32 -9.98 -5.94
C LEU A 45 7.02 -11.46 -5.68
N ALA A 46 6.48 -12.13 -6.71
CA ALA A 46 6.05 -13.53 -6.65
C ALA A 46 7.14 -14.51 -7.13
N GLU A 47 8.04 -14.03 -8.01
CA GLU A 47 9.11 -14.85 -8.61
C GLU A 47 10.32 -14.90 -7.66
N GLU A 48 10.67 -13.74 -7.07
CA GLU A 48 11.71 -13.67 -6.04
C GLU A 48 11.14 -14.31 -4.75
N LYS A 49 11.80 -15.39 -4.31
CA LYS A 49 11.26 -16.33 -3.33
C LYS A 49 11.15 -15.68 -1.94
N ASN A 50 12.30 -15.31 -1.36
CA ASN A 50 12.36 -14.70 -0.02
C ASN A 50 13.24 -13.45 -0.07
N PHE A 51 12.59 -12.30 0.10
CA PHE A 51 13.23 -10.99 0.31
C PHE A 51 12.28 -10.15 1.16
N GLU A 52 12.74 -8.96 1.60
CA GLU A 52 11.97 -8.13 2.54
C GLU A 52 10.71 -7.56 1.88
N LYS A 53 9.75 -7.17 2.74
CA LYS A 53 8.43 -6.68 2.33
C LYS A 53 8.54 -5.28 1.68
N ILE A 54 7.66 -5.04 0.70
CA ILE A 54 7.81 -3.92 -0.26
C ILE A 54 6.69 -2.90 -0.04
N LEU A 55 7.05 -1.63 -0.21
CA LEU A 55 6.10 -0.52 -0.18
C LEU A 55 5.79 -0.10 -1.63
N ILE A 56 4.56 -0.38 -2.06
CA ILE A 56 4.04 0.01 -3.37
C ILE A 56 3.26 1.32 -3.22
N ILE A 57 3.39 2.22 -4.21
CA ILE A 57 2.59 3.44 -4.34
C ILE A 57 1.96 3.41 -5.74
N SER A 58 0.86 4.13 -5.94
CA SER A 58 0.31 4.40 -7.28
C SER A 58 -0.21 5.83 -7.35
N ASN A 59 -0.06 6.42 -8.53
CA ASN A 59 -0.52 7.78 -8.84
C ASN A 59 -2.06 7.77 -9.10
N ASP A 60 -2.61 6.55 -9.30
CA ASP A 60 -4.00 6.33 -9.71
C ASP A 60 -4.62 5.17 -8.90
N LYS A 61 -5.97 5.18 -8.80
CA LYS A 61 -6.74 4.24 -7.95
C LYS A 61 -7.08 2.91 -8.68
N GLN A 62 -7.25 2.98 -10.01
CA GLN A 62 -7.61 1.80 -10.83
C GLN A 62 -6.42 0.82 -10.93
N LEU A 63 -5.20 1.36 -10.78
CA LEU A 63 -3.97 0.55 -10.71
C LEU A 63 -4.01 -0.36 -9.46
N LEU A 64 -4.46 0.25 -8.34
CA LEU A 64 -4.56 -0.41 -7.04
C LEU A 64 -5.60 -1.52 -7.09
N LYS A 65 -6.79 -1.24 -7.65
CA LYS A 65 -7.94 -2.18 -7.65
C LYS A 65 -7.53 -3.55 -8.21
N GLU A 66 -6.80 -3.51 -9.34
CA GLU A 66 -6.19 -4.70 -9.94
C GLU A 66 -5.18 -5.37 -8.98
N MET A 67 -4.17 -4.59 -8.52
CA MET A 67 -3.03 -5.14 -7.74
C MET A 67 -3.45 -5.76 -6.40
N LEU A 68 -4.44 -5.15 -5.69
CA LEU A 68 -4.98 -5.68 -4.41
C LEU A 68 -5.43 -7.14 -4.57
N GLU A 69 -6.11 -7.41 -5.70
CA GLU A 69 -6.70 -8.72 -6.01
C GLU A 69 -5.63 -9.69 -6.59
N LEU A 70 -4.58 -9.12 -7.23
CA LEU A 70 -3.44 -9.90 -7.76
C LEU A 70 -2.57 -10.44 -6.60
N ILE A 71 -2.18 -9.55 -5.70
CA ILE A 71 -1.40 -9.88 -4.48
C ILE A 71 -2.19 -10.87 -3.58
N SER A 72 -3.53 -10.74 -3.61
CA SER A 72 -4.45 -11.65 -2.90
C SER A 72 -4.39 -13.07 -3.49
N LYS A 73 -4.40 -13.19 -4.86
CA LYS A 73 -4.32 -14.52 -5.52
C LYS A 73 -2.87 -15.06 -5.52
N LEU A 74 -1.88 -14.18 -5.26
CA LEU A 74 -0.49 -14.59 -4.96
C LEU A 74 -0.46 -15.24 -3.57
N GLY A 75 -1.36 -14.75 -2.69
CA GLY A 75 -1.50 -15.29 -1.35
C GLY A 75 -0.62 -14.56 -0.36
N TYR A 76 -0.30 -13.31 -0.70
CA TYR A 76 0.47 -12.41 0.17
C TYR A 76 -0.47 -11.55 1.03
N LYS A 77 0.12 -10.87 2.03
CA LYS A 77 -0.58 -9.96 2.93
C LYS A 77 -0.74 -8.59 2.24
N VAL A 78 -2.01 -8.17 2.04
CA VAL A 78 -2.34 -6.89 1.39
C VAL A 78 -2.72 -5.84 2.45
N PHE A 79 -2.06 -4.68 2.36
CA PHE A 79 -2.37 -3.47 3.14
C PHE A 79 -2.61 -2.33 2.12
N LEU A 80 -3.44 -1.34 2.47
CA LEU A 80 -3.76 -0.20 1.60
C LEU A 80 -3.80 1.09 2.44
N LEU A 81 -3.43 2.19 1.80
CA LEU A 81 -3.50 3.54 2.35
C LEU A 81 -3.96 4.44 1.20
N LEU A 82 -4.92 5.34 1.48
CA LEU A 82 -5.45 6.26 0.45
C LEU A 82 -5.65 7.67 1.03
N GLN A 83 -5.35 8.68 0.19
CA GLN A 83 -5.51 10.10 0.55
C GLN A 83 -6.06 10.88 -0.66
N ASP A 84 -6.87 11.89 -0.36
CA ASP A 84 -7.40 12.85 -1.34
C ASP A 84 -7.53 14.22 -0.68
N GLN A 85 -7.90 15.23 -1.49
CA GLN A 85 -8.31 16.55 -1.01
C GLN A 85 -9.76 16.47 -0.49
N ASP A 86 -10.58 15.66 -1.19
CA ASP A 86 -12.00 15.41 -0.84
C ASP A 86 -12.13 14.09 -0.05
N GLU A 87 -12.96 14.10 1.01
CA GLU A 87 -13.10 12.96 1.93
C GLU A 87 -14.20 11.97 1.43
N ASN A 88 -15.21 12.49 0.68
CA ASN A 88 -16.33 11.64 0.18
C ASN A 88 -15.79 10.54 -0.78
N GLU A 89 -14.76 10.88 -1.57
CA GLU A 89 -14.06 9.92 -2.45
C GLU A 89 -13.36 8.84 -1.61
N LEU A 90 -12.74 9.29 -0.51
CA LEU A 90 -11.94 8.43 0.39
C LEU A 90 -12.78 7.34 1.04
N GLU A 91 -13.88 7.73 1.71
CA GLU A 91 -14.69 6.82 2.51
C GLU A 91 -15.44 5.80 1.63
N GLU A 92 -15.87 6.22 0.42
CA GLU A 92 -16.67 5.35 -0.48
C GLU A 92 -15.78 4.28 -1.12
N PHE A 93 -14.53 4.65 -1.48
CA PHE A 93 -13.54 3.71 -2.04
C PHE A 93 -13.03 2.76 -0.94
N LYS A 94 -12.80 3.31 0.26
CA LYS A 94 -12.24 2.56 1.41
C LYS A 94 -13.21 1.43 1.85
N ARG A 95 -14.53 1.77 1.89
CA ARG A 95 -15.58 0.83 2.34
C ARG A 95 -15.77 -0.34 1.33
N LYS A 96 -15.34 -0.13 0.06
CA LYS A 96 -15.28 -1.21 -0.93
C LYS A 96 -14.22 -2.23 -0.50
N ILE A 97 -13.05 -1.69 -0.11
CA ILE A 97 -11.86 -2.47 0.24
C ILE A 97 -12.07 -3.26 1.57
N GLU A 98 -12.88 -2.67 2.48
CA GLU A 98 -13.39 -3.36 3.70
C GLU A 98 -14.11 -4.67 3.31
N SER A 99 -15.01 -4.57 2.32
CA SER A 99 -15.80 -5.70 1.79
C SER A 99 -14.90 -6.72 1.07
N GLN A 100 -13.92 -6.21 0.30
CA GLN A 100 -12.98 -7.03 -0.51
C GLN A 100 -12.01 -7.84 0.36
N GLY A 101 -11.82 -7.39 1.62
CA GLY A 101 -11.04 -8.15 2.60
C GLY A 101 -9.59 -7.72 2.70
N TYR A 102 -9.32 -6.42 2.46
CA TYR A 102 -7.95 -5.84 2.55
C TYR A 102 -7.95 -4.70 3.59
N GLU A 103 -6.97 -4.74 4.51
CA GLU A 103 -6.86 -3.75 5.60
C GLU A 103 -6.36 -2.41 5.02
N VAL A 104 -7.14 -1.34 5.23
CA VAL A 104 -6.93 -0.04 4.59
C VAL A 104 -7.09 1.12 5.61
N ARG A 105 -6.18 2.10 5.51
CA ARG A 105 -6.21 3.35 6.28
C ARG A 105 -6.55 4.52 5.36
N LYS A 106 -7.10 5.58 5.97
CA LYS A 106 -7.65 6.73 5.25
C LYS A 106 -7.20 8.01 5.94
N VAL A 107 -6.64 8.93 5.16
CA VAL A 107 -6.13 10.23 5.64
C VAL A 107 -6.46 11.32 4.61
N THR A 108 -6.78 12.53 5.10
CA THR A 108 -6.89 13.74 4.25
C THR A 108 -5.62 14.62 4.43
N ASP A 109 -4.92 14.40 5.56
CA ASP A 109 -3.72 15.18 5.93
C ASP A 109 -2.42 14.53 5.39
N ASP A 110 -1.48 15.41 4.98
CA ASP A 110 -0.09 15.05 4.63
C ASP A 110 0.61 14.39 5.83
N GLU A 111 0.52 15.06 7.00
CA GLU A 111 1.17 14.62 8.25
C GLU A 111 0.73 13.20 8.63
N GLU A 112 -0.58 12.93 8.53
CA GLU A 112 -1.18 11.65 8.92
C GLU A 112 -0.81 10.54 7.93
N ALA A 113 -0.59 10.89 6.65
CA ALA A 113 -0.17 9.93 5.61
C ALA A 113 1.23 9.39 5.93
N LEU A 114 2.14 10.30 6.32
CA LEU A 114 3.52 9.96 6.70
C LEU A 114 3.55 9.12 7.98
N LYS A 115 2.57 9.39 8.88
CA LYS A 115 2.38 8.62 10.13
C LYS A 115 2.02 7.16 9.80
N ILE A 116 1.04 6.95 8.88
CA ILE A 116 0.54 5.58 8.53
C ILE A 116 1.66 4.74 7.88
N VAL A 117 2.55 5.39 7.11
CA VAL A 117 3.74 4.72 6.53
C VAL A 117 4.59 4.09 7.65
N ARG A 118 4.80 4.87 8.73
CA ARG A 118 5.58 4.44 9.91
C ARG A 118 4.79 3.37 10.73
N GLU A 119 3.46 3.57 10.84
CA GLU A 119 2.54 2.62 11.53
C GLU A 119 2.57 1.23 10.90
N PHE A 120 2.68 1.19 9.55
CA PHE A 120 2.80 -0.09 8.81
C PHE A 120 4.09 -0.83 9.19
N MET A 121 5.15 -0.08 9.49
CA MET A 121 6.49 -0.68 9.75
C MET A 121 6.50 -1.54 11.02
N GLN A 122 5.72 -1.14 12.03
CA GLN A 122 5.58 -1.88 13.29
C GLN A 122 4.44 -2.92 13.19
N LYS A 123 3.41 -2.61 12.36
CA LYS A 123 2.31 -3.53 12.02
C LYS A 123 2.85 -4.76 11.27
N ALA A 124 3.78 -4.50 10.33
CA ALA A 124 4.32 -5.49 9.40
C ALA A 124 5.36 -6.38 10.11
N GLY A 125 5.95 -5.84 11.19
CA GLY A 125 6.81 -6.62 12.07
C GLY A 125 6.08 -7.79 12.73
N SER A 126 4.73 -7.71 12.76
CA SER A 126 3.86 -8.77 13.31
C SER A 126 2.82 -9.27 12.26
N LEU A 127 2.97 -8.90 10.97
CA LEU A 127 2.11 -9.41 9.87
C LEU A 127 2.63 -10.76 9.33
N GLU A 128 3.27 -11.53 10.25
CA GLU A 128 3.62 -12.94 10.07
C GLU A 128 2.38 -13.82 9.79
N HIS A 129 1.18 -13.25 10.14
CA HIS A 129 -0.12 -13.88 9.92
C HIS A 129 -0.35 -14.11 8.41
N HIS A 130 0.15 -15.23 7.93
CA HIS A 130 -0.08 -15.72 6.59
C HIS A 130 -1.46 -16.41 6.55
N HIS A 131 -2.08 -16.46 5.38
CA HIS A 131 -3.37 -17.14 5.20
C HIS A 131 -3.17 -18.66 5.34
N HIS A 132 -4.14 -19.37 5.95
CA HIS A 132 -4.10 -20.85 6.04
C HIS A 132 -4.35 -21.46 4.65
N HIS A 133 -3.25 -21.88 4.00
CA HIS A 133 -3.26 -22.38 2.61
C HIS A 133 -3.80 -23.82 2.52
N HIS A 134 -4.36 -24.17 1.36
CA HIS A 134 -4.80 -25.53 1.04
C HIS A 134 -3.88 -26.07 -0.10
N MET A 1 3.89 -15.46 2.65
CA MET A 1 3.62 -14.47 3.73
C MET A 1 4.61 -13.29 3.63
N LYS A 2 4.21 -12.25 2.87
CA LYS A 2 4.93 -10.95 2.80
C LYS A 2 3.88 -9.84 2.86
N GLU A 3 4.28 -8.63 3.24
CA GLU A 3 3.33 -7.50 3.36
C GLU A 3 3.58 -6.48 2.24
N LEU A 4 2.49 -6.10 1.57
CA LEU A 4 2.50 -5.13 0.47
C LEU A 4 1.59 -3.96 0.88
N ILE A 5 2.19 -2.79 1.11
CA ILE A 5 1.45 -1.56 1.48
C ILE A 5 1.37 -0.63 0.25
N LEU A 6 0.14 -0.38 -0.23
CA LEU A 6 -0.12 0.48 -1.39
C LEU A 6 -0.62 1.84 -0.88
N ILE A 7 0.08 2.92 -1.24
CA ILE A 7 -0.31 4.30 -0.91
C ILE A 7 -0.97 4.93 -2.14
N ASN A 8 -2.03 5.72 -1.92
CA ASN A 8 -2.72 6.48 -2.96
C ASN A 8 -2.51 7.97 -2.72
N THR A 9 -1.65 8.59 -3.54
CA THR A 9 -1.40 10.04 -3.51
C THR A 9 -1.13 10.55 -4.94
N ASN A 10 -1.83 11.64 -5.30
CA ASN A 10 -1.65 12.34 -6.59
C ASN A 10 -0.67 13.52 -6.41
N ASN A 11 -0.27 13.75 -5.15
CA ASN A 11 0.60 14.86 -4.75
C ASN A 11 2.07 14.47 -4.99
N ASP A 12 2.72 15.17 -5.95
CA ASP A 12 4.12 14.89 -6.39
C ASP A 12 5.09 15.00 -5.20
N GLU A 13 4.92 16.10 -4.45
CA GLU A 13 5.76 16.48 -3.31
C GLU A 13 5.66 15.43 -2.20
N LEU A 14 4.43 14.94 -1.95
CA LEU A 14 4.15 13.96 -0.89
C LEU A 14 4.77 12.59 -1.23
N ILE A 15 4.72 12.17 -2.54
CA ILE A 15 5.31 10.89 -2.98
C ILE A 15 6.80 10.86 -2.57
N LYS A 16 7.49 12.00 -2.76
CA LYS A 16 8.91 12.19 -2.36
C LYS A 16 9.09 12.03 -0.85
N LYS A 17 8.20 12.68 -0.06
CA LYS A 17 8.25 12.69 1.41
C LYS A 17 8.12 11.25 1.97
N ILE A 18 7.16 10.50 1.38
CA ILE A 18 6.90 9.10 1.74
C ILE A 18 8.15 8.28 1.48
N LYS A 19 8.71 8.41 0.25
CA LYS A 19 9.92 7.69 -0.18
C LYS A 19 11.07 7.88 0.81
N LYS A 20 11.23 9.12 1.33
CA LYS A 20 12.30 9.46 2.27
C LYS A 20 12.10 8.77 3.62
N GLU A 21 10.84 8.74 4.10
CA GLU A 21 10.45 8.01 5.32
C GLU A 21 10.77 6.50 5.17
N VAL A 22 10.46 5.97 3.98
CA VAL A 22 10.59 4.54 3.64
C VAL A 22 12.07 4.14 3.44
N GLU A 23 12.89 5.11 2.99
CA GLU A 23 14.36 4.94 2.86
C GLU A 23 15.04 5.01 4.23
N ASN A 24 14.43 5.75 5.18
CA ASN A 24 14.90 5.82 6.60
C ASN A 24 14.68 4.46 7.29
N GLN A 25 13.72 3.67 6.76
CA GLN A 25 13.37 2.32 7.27
C GLN A 25 14.08 1.23 6.43
N GLY A 26 14.34 1.54 5.14
CA GLY A 26 15.08 0.67 4.23
C GLY A 26 14.21 -0.36 3.50
N TYR A 27 13.00 0.06 3.07
CA TYR A 27 12.08 -0.80 2.29
C TYR A 27 12.21 -0.48 0.78
N GLN A 28 11.58 -1.32 -0.05
CA GLN A 28 11.65 -1.24 -1.52
C GLN A 28 10.48 -0.38 -2.01
N VAL A 29 10.75 0.81 -2.58
CA VAL A 29 9.69 1.68 -3.14
C VAL A 29 9.51 1.43 -4.63
N ARG A 30 8.25 1.35 -5.09
CA ARG A 30 7.87 1.48 -6.51
C ARG A 30 6.67 2.44 -6.58
N ASP A 31 6.72 3.42 -7.50
CA ASP A 31 5.56 4.27 -7.81
C ASP A 31 5.01 3.84 -9.19
N VAL A 32 3.78 3.35 -9.19
CA VAL A 32 3.07 2.92 -10.39
C VAL A 32 2.24 4.09 -10.95
N ASN A 33 2.50 4.45 -12.20
CA ASN A 33 1.79 5.54 -12.92
C ASN A 33 0.88 4.94 -14.03
N ASP A 34 1.12 3.65 -14.38
CA ASP A 34 0.39 2.95 -15.47
C ASP A 34 0.30 1.44 -15.18
N SER A 35 -0.71 0.80 -15.79
CA SER A 35 -1.00 -0.65 -15.62
C SER A 35 0.15 -1.55 -16.11
N ASP A 36 0.99 -1.03 -17.04
CA ASP A 36 2.10 -1.83 -17.59
C ASP A 36 3.27 -1.91 -16.59
N GLU A 37 3.32 -0.93 -15.68
CA GLU A 37 4.33 -0.89 -14.60
C GLU A 37 4.00 -1.92 -13.51
N LEU A 38 2.72 -1.95 -13.07
CA LEU A 38 2.29 -2.80 -11.94
C LEU A 38 2.28 -4.28 -12.29
N LYS A 39 1.94 -4.62 -13.56
CA LYS A 39 1.85 -6.03 -14.00
C LYS A 39 3.24 -6.69 -13.95
N LYS A 40 4.29 -5.88 -14.21
CA LYS A 40 5.69 -6.29 -14.10
C LYS A 40 6.04 -6.52 -12.64
N GLU A 41 5.61 -5.61 -11.75
CA GLU A 41 5.94 -5.66 -10.31
C GLU A 41 5.23 -6.80 -9.59
N MET A 42 4.00 -7.12 -9.99
CA MET A 42 3.25 -8.27 -9.45
C MET A 42 3.97 -9.57 -9.85
N LYS A 43 4.55 -9.57 -11.07
CA LYS A 43 5.38 -10.68 -11.55
C LYS A 43 6.69 -10.75 -10.75
N LYS A 44 7.33 -9.58 -10.49
CA LYS A 44 8.61 -9.46 -9.73
C LYS A 44 8.49 -10.11 -8.34
N LEU A 45 7.30 -9.97 -7.72
CA LEU A 45 6.96 -10.60 -6.43
C LEU A 45 6.89 -12.13 -6.59
N ALA A 46 6.22 -12.56 -7.69
CA ALA A 46 6.00 -13.98 -8.02
C ALA A 46 7.31 -14.68 -8.45
N GLU A 47 8.31 -13.89 -8.92
CA GLU A 47 9.64 -14.41 -9.26
C GLU A 47 10.42 -14.62 -7.96
N GLU A 48 10.51 -13.54 -7.18
CA GLU A 48 11.37 -13.44 -6.01
C GLU A 48 10.53 -13.30 -4.73
N LYS A 49 10.47 -14.39 -3.96
CA LYS A 49 9.89 -14.39 -2.60
C LYS A 49 11.03 -14.37 -1.56
N ASN A 50 12.27 -14.43 -2.08
CA ASN A 50 13.52 -14.59 -1.30
C ASN A 50 14.09 -13.23 -0.82
N PHE A 51 13.21 -12.24 -0.61
CA PHE A 51 13.57 -10.95 0.00
C PHE A 51 12.40 -10.41 0.82
N GLU A 52 12.62 -9.27 1.49
CA GLU A 52 11.68 -8.66 2.45
C GLU A 52 10.50 -7.93 1.76
N LYS A 53 9.61 -7.36 2.60
CA LYS A 53 8.35 -6.71 2.19
C LYS A 53 8.58 -5.42 1.37
N ILE A 54 7.59 -5.08 0.52
CA ILE A 54 7.70 -4.02 -0.51
C ILE A 54 6.59 -2.97 -0.30
N LEU A 55 6.94 -1.69 -0.53
CA LEU A 55 6.01 -0.55 -0.47
C LEU A 55 5.75 -0.03 -1.90
N ILE A 56 4.46 -0.03 -2.29
CA ILE A 56 3.99 0.52 -3.58
C ILE A 56 3.26 1.87 -3.33
N ILE A 57 3.38 2.80 -4.27
CA ILE A 57 2.62 4.06 -4.32
C ILE A 57 1.95 4.14 -5.71
N SER A 58 0.78 4.78 -5.81
CA SER A 58 0.10 5.01 -7.10
C SER A 58 -0.83 6.23 -6.97
N ASN A 59 -1.06 6.93 -8.08
CA ASN A 59 -1.91 8.14 -8.13
C ASN A 59 -3.37 7.74 -8.39
N ASP A 60 -3.55 6.73 -9.25
CA ASP A 60 -4.87 6.24 -9.69
C ASP A 60 -5.32 5.03 -8.84
N LYS A 61 -6.63 4.97 -8.56
CA LYS A 61 -7.25 3.97 -7.66
C LYS A 61 -7.58 2.66 -8.39
N GLN A 62 -7.76 2.72 -9.72
CA GLN A 62 -8.05 1.52 -10.53
C GLN A 62 -6.77 0.69 -10.76
N LEU A 63 -5.60 1.36 -10.66
CA LEU A 63 -4.29 0.69 -10.64
C LEU A 63 -4.15 -0.12 -9.35
N LEU A 64 -4.56 0.52 -8.22
CA LEU A 64 -4.61 -0.11 -6.91
C LEU A 64 -5.46 -1.37 -6.97
N LYS A 65 -6.68 -1.25 -7.56
CA LYS A 65 -7.67 -2.34 -7.67
C LYS A 65 -7.01 -3.63 -8.20
N GLU A 66 -6.32 -3.48 -9.36
CA GLU A 66 -5.59 -4.58 -10.03
C GLU A 66 -4.60 -5.27 -9.06
N MET A 67 -3.73 -4.44 -8.44
CA MET A 67 -2.66 -4.94 -7.55
C MET A 67 -3.22 -5.64 -6.29
N LEU A 68 -4.21 -5.00 -5.62
CA LEU A 68 -4.85 -5.51 -4.35
C LEU A 68 -5.34 -6.95 -4.53
N GLU A 69 -5.91 -7.22 -5.71
CA GLU A 69 -6.46 -8.52 -6.07
C GLU A 69 -5.34 -9.54 -6.35
N LEU A 70 -4.34 -9.13 -7.16
CA LEU A 70 -3.23 -10.02 -7.60
C LEU A 70 -2.36 -10.49 -6.41
N ILE A 71 -1.95 -9.53 -5.57
CA ILE A 71 -1.14 -9.74 -4.34
C ILE A 71 -1.81 -10.79 -3.40
N SER A 72 -3.15 -10.75 -3.35
CA SER A 72 -3.98 -11.65 -2.52
C SER A 72 -3.72 -13.14 -2.88
N LYS A 73 -3.81 -13.49 -4.19
CA LYS A 73 -3.56 -14.89 -4.64
C LYS A 73 -2.07 -15.16 -4.88
N LEU A 74 -1.22 -14.11 -4.80
CA LEU A 74 0.25 -14.30 -4.72
C LEU A 74 0.61 -14.83 -3.32
N GLY A 75 -0.26 -14.55 -2.34
CA GLY A 75 -0.15 -15.14 -0.99
C GLY A 75 0.53 -14.19 -0.04
N TYR A 76 0.19 -12.92 -0.18
CA TYR A 76 0.75 -11.82 0.63
C TYR A 76 -0.37 -11.07 1.33
N LYS A 77 -0.04 -10.48 2.47
CA LYS A 77 -0.91 -9.56 3.20
C LYS A 77 -1.11 -8.26 2.38
N VAL A 78 -2.37 -7.98 2.03
CA VAL A 78 -2.75 -6.80 1.25
C VAL A 78 -3.12 -5.66 2.22
N PHE A 79 -2.27 -4.63 2.27
CA PHE A 79 -2.51 -3.39 3.01
C PHE A 79 -2.69 -2.25 1.99
N LEU A 80 -3.57 -1.31 2.31
CA LEU A 80 -3.87 -0.14 1.48
C LEU A 80 -3.97 1.10 2.39
N LEU A 81 -3.56 2.23 1.85
CA LEU A 81 -3.58 3.53 2.50
C LEU A 81 -3.90 4.55 1.43
N LEU A 82 -4.99 5.30 1.59
CA LEU A 82 -5.41 6.32 0.62
C LEU A 82 -5.54 7.68 1.31
N GLN A 83 -4.99 8.71 0.63
CA GLN A 83 -5.08 10.10 1.07
C GLN A 83 -5.54 10.95 -0.12
N ASP A 84 -6.36 11.97 0.18
CA ASP A 84 -6.81 12.96 -0.82
C ASP A 84 -7.40 14.16 -0.07
N GLN A 85 -7.56 15.30 -0.77
CA GLN A 85 -8.23 16.48 -0.20
C GLN A 85 -9.75 16.21 -0.08
N ASP A 86 -10.29 15.51 -1.09
CA ASP A 86 -11.69 15.05 -1.13
C ASP A 86 -11.80 13.70 -0.40
N GLU A 87 -12.71 13.61 0.58
CA GLU A 87 -12.87 12.41 1.42
C GLU A 87 -13.92 11.42 0.82
N ASN A 88 -14.66 11.82 -0.24
CA ASN A 88 -15.60 10.89 -0.93
C ASN A 88 -14.80 9.86 -1.74
N GLU A 89 -13.72 10.32 -2.36
CA GLU A 89 -12.74 9.48 -3.06
C GLU A 89 -12.16 8.42 -2.12
N LEU A 90 -11.93 8.82 -0.85
CA LEU A 90 -11.35 7.97 0.18
C LEU A 90 -12.39 6.98 0.73
N GLU A 91 -13.52 7.51 1.20
CA GLU A 91 -14.53 6.78 2.00
C GLU A 91 -15.23 5.72 1.14
N GLU A 92 -15.68 6.13 -0.07
CA GLU A 92 -16.44 5.24 -0.98
C GLU A 92 -15.57 4.06 -1.43
N PHE A 93 -14.33 4.36 -1.87
CA PHE A 93 -13.38 3.33 -2.33
C PHE A 93 -12.95 2.43 -1.15
N LYS A 94 -12.74 3.04 0.05
CA LYS A 94 -12.31 2.36 1.28
C LYS A 94 -13.29 1.26 1.68
N ARG A 95 -14.58 1.65 1.83
CA ARG A 95 -15.64 0.75 2.33
C ARG A 95 -15.90 -0.43 1.36
N LYS A 96 -15.52 -0.24 0.08
CA LYS A 96 -15.52 -1.34 -0.90
C LYS A 96 -14.40 -2.34 -0.56
N ILE A 97 -13.18 -1.81 -0.33
CA ILE A 97 -11.98 -2.61 -0.04
C ILE A 97 -12.12 -3.37 1.32
N GLU A 98 -12.81 -2.74 2.29
CA GLU A 98 -13.18 -3.37 3.58
C GLU A 98 -14.12 -4.57 3.36
N SER A 99 -15.06 -4.42 2.40
CA SER A 99 -15.99 -5.49 2.02
C SER A 99 -15.25 -6.64 1.31
N GLN A 100 -14.23 -6.28 0.50
CA GLN A 100 -13.34 -7.24 -0.20
C GLN A 100 -12.42 -7.98 0.79
N GLY A 101 -12.25 -7.40 1.99
CA GLY A 101 -11.53 -8.06 3.08
C GLY A 101 -10.08 -7.60 3.23
N TYR A 102 -9.66 -6.64 2.39
CA TYR A 102 -8.29 -6.08 2.43
C TYR A 102 -8.23 -4.94 3.45
N GLU A 103 -7.08 -4.82 4.13
CA GLU A 103 -6.84 -3.74 5.10
C GLU A 103 -6.65 -2.42 4.34
N VAL A 104 -7.47 -1.42 4.68
CA VAL A 104 -7.42 -0.09 4.07
C VAL A 104 -7.60 1.00 5.14
N ARG A 105 -6.67 1.97 5.14
CA ARG A 105 -6.71 3.10 6.08
C ARG A 105 -6.96 4.40 5.29
N LYS A 106 -7.75 5.32 5.88
CA LYS A 106 -8.08 6.61 5.25
C LYS A 106 -7.46 7.76 6.04
N VAL A 107 -7.02 8.79 5.32
CA VAL A 107 -6.43 10.03 5.87
C VAL A 107 -6.68 11.19 4.89
N THR A 108 -7.18 12.31 5.40
CA THR A 108 -7.32 13.56 4.64
C THR A 108 -5.95 14.28 4.58
N ASP A 109 -5.18 14.14 5.66
CA ASP A 109 -3.91 14.85 5.85
C ASP A 109 -2.74 14.05 5.25
N ASP A 110 -1.78 14.78 4.67
CA ASP A 110 -0.54 14.22 4.08
C ASP A 110 0.43 13.85 5.21
N GLU A 111 0.35 14.64 6.29
CA GLU A 111 0.96 14.39 7.59
C GLU A 111 0.57 13.00 8.12
N GLU A 112 -0.75 12.74 8.14
CA GLU A 112 -1.30 11.46 8.64
C GLU A 112 -1.02 10.30 7.67
N ALA A 113 -0.82 10.63 6.37
CA ALA A 113 -0.42 9.64 5.35
C ALA A 113 0.99 9.11 5.65
N LEU A 114 1.91 10.04 5.98
CA LEU A 114 3.30 9.71 6.39
C LEU A 114 3.28 8.87 7.67
N LYS A 115 2.33 9.20 8.57
CA LYS A 115 2.18 8.54 9.86
C LYS A 115 1.85 7.06 9.67
N ILE A 116 0.80 6.76 8.90
CA ILE A 116 0.29 5.37 8.73
C ILE A 116 1.26 4.47 7.93
N VAL A 117 2.10 5.08 7.06
CA VAL A 117 3.25 4.40 6.44
C VAL A 117 4.16 3.79 7.54
N ARG A 118 4.41 4.60 8.57
CA ARG A 118 5.27 4.24 9.72
C ARG A 118 4.53 3.26 10.68
N GLU A 119 3.24 3.55 10.99
CA GLU A 119 2.37 2.70 11.84
C GLU A 119 2.32 1.26 11.30
N PHE A 120 2.27 1.13 9.96
CA PHE A 120 2.28 -0.16 9.25
C PHE A 120 3.56 -0.96 9.61
N MET A 121 4.71 -0.29 9.49
CA MET A 121 6.03 -0.92 9.54
C MET A 121 6.33 -1.54 10.91
N GLN A 122 5.83 -0.89 11.97
CA GLN A 122 5.98 -1.39 13.34
C GLN A 122 4.92 -2.47 13.65
N LYS A 123 3.67 -2.25 13.20
CA LYS A 123 2.51 -3.08 13.58
C LYS A 123 2.51 -4.43 12.85
N ALA A 124 2.55 -4.38 11.50
CA ALA A 124 2.68 -5.57 10.64
C ALA A 124 4.05 -6.23 10.85
N GLY A 125 5.07 -5.39 11.08
CA GLY A 125 6.44 -5.84 11.37
C GLY A 125 6.55 -6.63 12.66
N SER A 126 5.66 -6.35 13.63
CA SER A 126 5.55 -7.12 14.87
C SER A 126 4.97 -8.51 14.59
N LEU A 127 3.70 -8.55 14.08
CA LEU A 127 2.94 -9.81 13.81
C LEU A 127 2.76 -10.66 15.11
N GLU A 128 2.89 -9.99 16.26
CA GLU A 128 2.82 -10.62 17.59
C GLU A 128 1.36 -10.87 18.01
N HIS A 129 0.47 -9.92 17.61
CA HIS A 129 -0.99 -9.94 17.89
C HIS A 129 -1.31 -9.56 19.36
N HIS A 130 -0.77 -10.35 20.33
CA HIS A 130 -1.21 -10.33 21.74
C HIS A 130 -0.97 -9.00 22.50
N HIS A 131 -0.25 -8.03 21.89
CA HIS A 131 -0.13 -6.67 22.46
C HIS A 131 -1.49 -5.92 22.36
N HIS A 132 -2.10 -5.98 21.17
CA HIS A 132 -3.37 -5.32 20.82
C HIS A 132 -3.66 -5.57 19.32
N HIS A 133 -4.92 -5.35 18.91
CA HIS A 133 -5.39 -5.56 17.52
C HIS A 133 -6.85 -5.07 17.39
N HIS A 134 -7.43 -5.29 16.20
CA HIS A 134 -8.86 -5.04 15.91
C HIS A 134 -9.67 -6.37 15.99
N MET A 1 5.56 -13.62 6.56
CA MET A 1 5.28 -13.33 5.13
C MET A 1 5.82 -11.93 4.77
N LYS A 2 5.54 -11.50 3.52
CA LYS A 2 5.77 -10.12 3.08
C LYS A 2 4.43 -9.38 3.02
N GLU A 3 4.36 -8.27 3.76
CA GLU A 3 3.19 -7.40 3.78
C GLU A 3 3.37 -6.31 2.70
N LEU A 4 2.43 -6.27 1.75
CA LEU A 4 2.46 -5.34 0.62
C LEU A 4 1.51 -4.18 0.93
N ILE A 5 2.07 -2.99 1.12
CA ILE A 5 1.32 -1.77 1.48
C ILE A 5 1.24 -0.84 0.26
N LEU A 6 0.01 -0.62 -0.23
CA LEU A 6 -0.28 0.21 -1.41
C LEU A 6 -0.80 1.56 -0.93
N ILE A 7 -0.11 2.64 -1.30
CA ILE A 7 -0.52 4.02 -0.96
C ILE A 7 -1.22 4.66 -2.17
N ASN A 8 -2.39 5.29 -1.94
CA ASN A 8 -3.05 6.15 -2.92
C ASN A 8 -2.72 7.60 -2.55
N THR A 9 -1.96 8.28 -3.40
CA THR A 9 -1.74 9.73 -3.28
C THR A 9 -1.53 10.32 -4.68
N ASN A 10 -2.45 11.22 -5.07
CA ASN A 10 -2.32 12.03 -6.29
C ASN A 10 -1.62 13.36 -5.97
N ASN A 11 -1.28 13.57 -4.68
CA ASN A 11 -0.49 14.72 -4.23
C ASN A 11 1.00 14.37 -4.42
N ASP A 12 1.56 14.86 -5.55
CA ASP A 12 2.95 14.60 -6.00
C ASP A 12 3.99 14.91 -4.91
N GLU A 13 3.71 16.00 -4.16
CA GLU A 13 4.56 16.54 -3.10
C GLU A 13 4.75 15.48 -2.01
N LEU A 14 3.61 14.88 -1.59
CA LEU A 14 3.56 13.85 -0.55
C LEU A 14 4.25 12.55 -1.03
N ILE A 15 4.07 12.18 -2.33
CA ILE A 15 4.70 10.97 -2.93
C ILE A 15 6.23 10.97 -2.66
N LYS A 16 6.85 12.15 -2.91
CA LYS A 16 8.30 12.37 -2.72
C LYS A 16 8.70 12.17 -1.25
N LYS A 17 7.86 12.70 -0.33
CA LYS A 17 8.09 12.64 1.11
C LYS A 17 8.02 11.19 1.61
N ILE A 18 6.98 10.43 1.17
CA ILE A 18 6.76 9.03 1.54
C ILE A 18 7.99 8.18 1.17
N LYS A 19 8.50 8.38 -0.07
CA LYS A 19 9.69 7.64 -0.56
C LYS A 19 10.86 7.72 0.42
N LYS A 20 11.19 8.96 0.85
CA LYS A 20 12.32 9.23 1.75
C LYS A 20 12.08 8.64 3.15
N GLU A 21 10.81 8.65 3.61
CA GLU A 21 10.40 8.00 4.88
C GLU A 21 10.76 6.50 4.85
N VAL A 22 10.34 5.86 3.75
CA VAL A 22 10.45 4.42 3.52
C VAL A 22 11.92 4.00 3.26
N GLU A 23 12.72 4.94 2.72
CA GLU A 23 14.17 4.74 2.51
C GLU A 23 14.93 4.76 3.86
N ASN A 24 14.44 5.56 4.83
CA ASN A 24 14.99 5.57 6.22
C ASN A 24 14.39 4.45 7.07
N GLN A 25 13.27 3.85 6.58
CA GLN A 25 12.72 2.59 7.14
C GLN A 25 13.46 1.38 6.53
N GLY A 26 14.06 1.58 5.34
CA GLY A 26 14.89 0.57 4.66
C GLY A 26 14.13 -0.31 3.67
N TYR A 27 12.84 -0.03 3.47
CA TYR A 27 11.96 -0.81 2.56
C TYR A 27 12.10 -0.32 1.11
N GLN A 28 11.57 -1.12 0.17
CA GLN A 28 11.61 -0.84 -1.28
C GLN A 28 10.37 -0.02 -1.69
N VAL A 29 10.53 0.94 -2.65
CA VAL A 29 9.41 1.82 -3.10
C VAL A 29 9.19 1.65 -4.62
N ARG A 30 7.95 1.27 -5.03
CA ARG A 30 7.51 1.30 -6.44
C ARG A 30 6.25 2.16 -6.54
N ASP A 31 6.39 3.35 -7.14
CA ASP A 31 5.25 4.24 -7.45
C ASP A 31 4.78 3.94 -8.88
N VAL A 32 3.49 3.59 -9.02
CA VAL A 32 2.89 3.22 -10.31
C VAL A 32 2.12 4.43 -10.88
N ASN A 33 2.56 4.88 -12.04
CA ASN A 33 1.97 6.01 -12.82
C ASN A 33 1.32 5.46 -14.11
N ASP A 34 1.76 4.25 -14.49
CA ASP A 34 1.37 3.58 -15.75
C ASP A 34 1.08 2.10 -15.46
N SER A 35 0.12 1.52 -16.22
CA SER A 35 -0.38 0.14 -16.00
C SER A 35 0.70 -0.95 -16.20
N ASP A 36 1.77 -0.61 -16.94
CA ASP A 36 2.86 -1.55 -17.25
C ASP A 36 3.78 -1.71 -16.02
N GLU A 37 3.88 -0.63 -15.23
CA GLU A 37 4.76 -0.58 -14.04
C GLU A 37 4.23 -1.49 -12.91
N LEU A 38 2.90 -1.69 -12.83
CA LEU A 38 2.30 -2.54 -11.77
C LEU A 38 2.47 -4.03 -12.12
N LYS A 39 2.24 -4.38 -13.40
CA LYS A 39 2.18 -5.79 -13.84
C LYS A 39 3.58 -6.42 -13.89
N LYS A 40 4.61 -5.58 -14.20
CA LYS A 40 6.02 -6.03 -14.19
C LYS A 40 6.46 -6.36 -12.77
N GLU A 41 5.94 -5.59 -11.79
CA GLU A 41 6.24 -5.79 -10.38
C GLU A 41 5.45 -6.96 -9.82
N MET A 42 4.22 -7.20 -10.31
CA MET A 42 3.44 -8.39 -9.90
C MET A 42 4.20 -9.68 -10.27
N LYS A 43 4.94 -9.64 -11.41
CA LYS A 43 5.85 -10.72 -11.84
C LYS A 43 7.02 -10.90 -10.86
N LYS A 44 7.69 -9.77 -10.55
CA LYS A 44 8.88 -9.75 -9.66
C LYS A 44 8.55 -10.27 -8.25
N LEU A 45 7.44 -9.76 -7.69
CA LEU A 45 7.03 -10.02 -6.31
C LEU A 45 6.47 -11.44 -6.16
N ALA A 46 5.85 -11.96 -7.23
CA ALA A 46 5.35 -13.35 -7.28
C ALA A 46 6.50 -14.35 -7.19
N GLU A 47 7.45 -14.19 -8.13
CA GLU A 47 8.53 -15.15 -8.36
C GLU A 47 9.59 -15.10 -7.25
N GLU A 48 9.96 -13.89 -6.83
CA GLU A 48 10.92 -13.67 -5.73
C GLU A 48 10.16 -13.76 -4.39
N LYS A 49 10.53 -14.74 -3.53
CA LYS A 49 9.82 -14.98 -2.26
C LYS A 49 10.64 -14.46 -1.04
N ASN A 50 11.79 -15.11 -0.77
CA ASN A 50 12.61 -14.82 0.43
C ASN A 50 13.43 -13.52 0.23
N PHE A 51 12.85 -12.39 0.71
CA PHE A 51 13.51 -11.06 0.79
C PHE A 51 12.60 -10.07 1.56
N GLU A 52 13.02 -8.80 1.69
CA GLU A 52 12.24 -7.76 2.41
C GLU A 52 10.90 -7.44 1.70
N LYS A 53 9.92 -6.98 2.48
CA LYS A 53 8.58 -6.60 1.98
C LYS A 53 8.60 -5.19 1.37
N ILE A 54 7.72 -4.99 0.37
CA ILE A 54 7.80 -3.87 -0.57
C ILE A 54 6.61 -2.92 -0.34
N LEU A 55 6.94 -1.63 -0.26
CA LEU A 55 5.96 -0.56 -0.20
C LEU A 55 5.65 -0.09 -1.65
N ILE A 56 4.42 -0.30 -2.07
CA ILE A 56 3.91 0.16 -3.38
C ILE A 56 3.13 1.48 -3.17
N ILE A 57 3.33 2.43 -4.07
CA ILE A 57 2.46 3.62 -4.22
C ILE A 57 1.80 3.54 -5.62
N SER A 58 0.65 4.18 -5.79
CA SER A 58 0.02 4.44 -7.09
C SER A 58 -0.90 5.65 -6.94
N ASN A 59 -0.99 6.43 -8.01
CA ASN A 59 -1.75 7.68 -8.05
C ASN A 59 -3.05 7.51 -8.85
N ASP A 60 -3.54 6.25 -8.94
CA ASP A 60 -4.82 5.94 -9.60
C ASP A 60 -5.52 4.77 -8.87
N LYS A 61 -6.85 4.94 -8.69
CA LYS A 61 -7.69 4.02 -7.89
C LYS A 61 -7.87 2.67 -8.57
N GLN A 62 -7.93 2.67 -9.93
CA GLN A 62 -8.15 1.44 -10.72
C GLN A 62 -6.86 0.59 -10.77
N LEU A 63 -5.68 1.26 -10.77
CA LEU A 63 -4.36 0.56 -10.77
C LEU A 63 -4.18 -0.21 -9.45
N LEU A 64 -4.55 0.48 -8.34
CA LEU A 64 -4.57 -0.10 -6.98
C LEU A 64 -5.51 -1.30 -6.91
N LYS A 65 -6.75 -1.09 -7.38
CA LYS A 65 -7.86 -2.07 -7.31
C LYS A 65 -7.46 -3.42 -7.96
N GLU A 66 -6.79 -3.34 -9.13
CA GLU A 66 -6.19 -4.51 -9.78
C GLU A 66 -5.12 -5.18 -8.89
N MET A 67 -4.14 -4.36 -8.42
CA MET A 67 -3.01 -4.87 -7.61
C MET A 67 -3.45 -5.50 -6.27
N LEU A 68 -4.56 -5.02 -5.68
CA LEU A 68 -5.11 -5.57 -4.42
C LEU A 68 -5.50 -7.04 -4.59
N GLU A 69 -6.14 -7.34 -5.73
CA GLU A 69 -6.62 -8.69 -6.08
C GLU A 69 -5.48 -9.56 -6.65
N LEU A 70 -4.50 -8.92 -7.32
CA LEU A 70 -3.31 -9.61 -7.86
C LEU A 70 -2.42 -10.11 -6.70
N ILE A 71 -2.04 -9.20 -5.80
CA ILE A 71 -1.25 -9.51 -4.57
C ILE A 71 -2.00 -10.52 -3.66
N SER A 72 -3.35 -10.47 -3.70
CA SER A 72 -4.21 -11.41 -2.96
C SER A 72 -4.07 -12.85 -3.51
N LYS A 73 -3.98 -12.99 -4.85
CA LYS A 73 -3.79 -14.32 -5.50
C LYS A 73 -2.31 -14.71 -5.56
N LEU A 74 -1.40 -13.72 -5.37
CA LEU A 74 0.05 -14.00 -5.21
C LEU A 74 0.29 -14.65 -3.84
N GLY A 75 -0.51 -14.21 -2.84
CA GLY A 75 -0.47 -14.74 -1.49
C GLY A 75 0.40 -13.89 -0.58
N TYR A 76 -0.06 -12.65 -0.32
CA TYR A 76 0.62 -11.69 0.57
C TYR A 76 -0.42 -10.93 1.40
N LYS A 77 -0.02 -10.46 2.60
CA LYS A 77 -0.87 -9.64 3.46
C LYS A 77 -1.02 -8.25 2.82
N VAL A 78 -2.23 -7.97 2.31
CA VAL A 78 -2.52 -6.78 1.52
C VAL A 78 -2.95 -5.64 2.46
N PHE A 79 -2.34 -4.48 2.27
CA PHE A 79 -2.64 -3.26 3.01
C PHE A 79 -2.86 -2.15 1.96
N LEU A 80 -3.77 -1.20 2.24
CA LEU A 80 -4.05 -0.07 1.33
C LEU A 80 -4.25 1.20 2.16
N LEU A 81 -3.23 2.06 2.22
CA LEU A 81 -3.34 3.39 2.83
C LEU A 81 -3.71 4.37 1.71
N LEU A 82 -4.93 4.93 1.74
CA LEU A 82 -5.40 5.83 0.67
C LEU A 82 -5.55 7.27 1.18
N GLN A 83 -5.24 8.24 0.29
CA GLN A 83 -5.24 9.68 0.61
C GLN A 83 -5.44 10.49 -0.69
N ASP A 84 -6.06 11.66 -0.52
CA ASP A 84 -6.21 12.67 -1.57
C ASP A 84 -6.61 14.00 -0.91
N GLN A 85 -6.64 15.09 -1.70
CA GLN A 85 -7.15 16.40 -1.26
C GLN A 85 -8.69 16.44 -1.28
N ASP A 86 -9.30 15.45 -1.97
CA ASP A 86 -10.76 15.22 -2.01
C ASP A 86 -11.12 14.06 -1.07
N GLU A 87 -12.27 14.18 -0.37
CA GLU A 87 -12.73 13.18 0.61
C GLU A 87 -13.63 12.10 -0.04
N ASN A 88 -14.47 12.51 -1.01
CA ASN A 88 -15.53 11.66 -1.60
C ASN A 88 -14.96 10.36 -2.18
N GLU A 89 -13.84 10.50 -2.92
CA GLU A 89 -13.15 9.39 -3.57
C GLU A 89 -12.59 8.40 -2.54
N LEU A 90 -12.11 8.94 -1.40
CA LEU A 90 -11.42 8.16 -0.35
C LEU A 90 -12.38 7.28 0.43
N GLU A 91 -13.44 7.89 0.96
CA GLU A 91 -14.41 7.23 1.85
C GLU A 91 -15.14 6.08 1.14
N GLU A 92 -15.54 6.33 -0.14
CA GLU A 92 -16.29 5.35 -0.92
C GLU A 92 -15.38 4.22 -1.39
N PHE A 93 -14.10 4.51 -1.66
CA PHE A 93 -13.10 3.50 -2.05
C PHE A 93 -12.80 2.58 -0.85
N LYS A 94 -12.52 3.20 0.32
CA LYS A 94 -12.15 2.49 1.57
C LYS A 94 -13.20 1.44 1.97
N ARG A 95 -14.49 1.88 2.05
CA ARG A 95 -15.61 1.03 2.52
C ARG A 95 -15.79 -0.24 1.65
N LYS A 96 -15.41 -0.14 0.36
CA LYS A 96 -15.43 -1.28 -0.58
C LYS A 96 -14.35 -2.29 -0.19
N ILE A 97 -13.13 -1.74 -0.03
CA ILE A 97 -11.90 -2.53 0.17
C ILE A 97 -11.90 -3.25 1.56
N GLU A 98 -12.60 -2.65 2.56
CA GLU A 98 -12.89 -3.29 3.87
C GLU A 98 -13.74 -4.56 3.67
N SER A 99 -14.79 -4.42 2.85
CA SER A 99 -15.75 -5.51 2.55
C SER A 99 -15.10 -6.57 1.62
N GLN A 100 -14.00 -6.19 0.96
CA GLN A 100 -13.18 -7.09 0.10
C GLN A 100 -12.05 -7.77 0.92
N GLY A 101 -12.01 -7.49 2.24
CA GLY A 101 -11.12 -8.19 3.17
C GLY A 101 -9.64 -7.79 3.05
N TYR A 102 -9.39 -6.53 2.67
CA TYR A 102 -8.02 -5.96 2.63
C TYR A 102 -7.89 -4.91 3.74
N GLU A 103 -6.73 -4.89 4.42
CA GLU A 103 -6.47 -3.96 5.54
C GLU A 103 -6.27 -2.53 5.01
N VAL A 104 -7.36 -1.79 4.88
CA VAL A 104 -7.38 -0.45 4.26
C VAL A 104 -7.61 0.64 5.32
N ARG A 105 -6.83 1.72 5.21
CA ARG A 105 -6.90 2.90 6.10
C ARG A 105 -7.14 4.14 5.25
N LYS A 106 -7.90 5.11 5.80
CA LYS A 106 -8.20 6.39 5.12
C LYS A 106 -7.57 7.56 5.85
N VAL A 107 -6.86 8.42 5.12
CA VAL A 107 -6.29 9.67 5.63
C VAL A 107 -6.56 10.79 4.62
N THR A 108 -7.03 11.92 5.12
CA THR A 108 -7.34 13.10 4.30
C THR A 108 -6.15 14.11 4.33
N ASP A 109 -5.09 13.75 5.09
CA ASP A 109 -3.96 14.65 5.38
C ASP A 109 -2.62 13.99 4.99
N ASP A 110 -1.67 14.87 4.63
CA ASP A 110 -0.27 14.54 4.33
C ASP A 110 0.42 13.83 5.52
N GLU A 111 0.38 14.49 6.71
CA GLU A 111 1.07 14.04 7.92
C GLU A 111 0.50 12.70 8.43
N GLU A 112 -0.84 12.54 8.34
CA GLU A 112 -1.55 11.32 8.77
C GLU A 112 -1.14 10.11 7.90
N ALA A 113 -0.81 10.39 6.62
CA ALA A 113 -0.30 9.37 5.68
C ALA A 113 1.11 8.91 6.09
N LEU A 114 1.99 9.89 6.41
CA LEU A 114 3.39 9.63 6.80
C LEU A 114 3.45 8.78 8.09
N LYS A 115 2.46 9.00 8.99
CA LYS A 115 2.34 8.25 10.25
C LYS A 115 2.12 6.75 9.99
N ILE A 116 1.05 6.41 9.24
CA ILE A 116 0.65 5.00 9.00
C ILE A 116 1.71 4.22 8.20
N VAL A 117 2.48 4.93 7.35
CA VAL A 117 3.65 4.38 6.64
C VAL A 117 4.71 3.84 7.64
N ARG A 118 5.04 4.67 8.66
CA ARG A 118 6.09 4.37 9.66
C ARG A 118 5.60 3.35 10.70
N GLU A 119 4.36 3.55 11.19
CA GLU A 119 3.70 2.63 12.12
C GLU A 119 3.41 1.26 11.49
N PHE A 120 3.27 1.21 10.14
CA PHE A 120 3.14 -0.06 9.39
C PHE A 120 4.36 -0.95 9.65
N MET A 121 5.54 -0.33 9.66
CA MET A 121 6.83 -1.05 9.74
C MET A 121 6.96 -1.91 11.02
N GLN A 122 6.19 -1.56 12.08
CA GLN A 122 6.10 -2.37 13.33
C GLN A 122 4.80 -3.22 13.34
N LYS A 123 3.70 -2.65 12.79
CA LYS A 123 2.31 -3.20 12.87
C LYS A 123 2.07 -4.38 11.92
N ALA A 124 2.86 -4.42 10.83
CA ALA A 124 2.67 -5.32 9.69
C ALA A 124 2.74 -6.80 10.10
N GLY A 125 3.86 -7.16 10.76
CA GLY A 125 4.04 -8.49 11.33
C GLY A 125 3.41 -8.58 12.72
N SER A 126 2.08 -8.56 12.73
CA SER A 126 1.27 -8.65 13.96
C SER A 126 1.21 -10.11 14.46
N LEU A 127 0.63 -10.31 15.66
CA LEU A 127 0.70 -11.61 16.38
C LEU A 127 -0.36 -12.62 15.86
N GLU A 128 -0.02 -13.24 14.70
CA GLU A 128 -0.75 -14.33 14.02
C GLU A 128 -2.29 -14.14 13.97
N HIS A 129 -2.99 -14.58 15.03
CA HIS A 129 -4.46 -14.51 15.12
C HIS A 129 -4.90 -13.12 15.63
N HIS A 130 -5.58 -12.35 14.77
CA HIS A 130 -6.13 -11.03 15.12
C HIS A 130 -7.31 -10.70 14.15
N HIS A 131 -8.48 -11.28 14.45
CA HIS A 131 -9.71 -11.09 13.66
C HIS A 131 -10.94 -11.08 14.59
N HIS A 132 -11.99 -10.37 14.14
CA HIS A 132 -13.31 -10.32 14.81
C HIS A 132 -14.24 -11.41 14.19
N HIS A 133 -13.63 -12.54 13.78
CA HIS A 133 -14.27 -13.60 12.98
C HIS A 133 -13.90 -14.97 13.58
N HIS A 134 -14.92 -15.76 13.93
CA HIS A 134 -14.74 -17.14 14.40
C HIS A 134 -14.26 -18.03 13.23
N MET A 1 7.33 -13.39 6.44
CA MET A 1 6.20 -13.19 5.51
C MET A 1 6.40 -11.86 4.75
N LYS A 2 5.98 -11.84 3.48
CA LYS A 2 6.03 -10.65 2.62
C LYS A 2 4.73 -9.86 2.71
N GLU A 3 4.92 -8.56 2.86
CA GLU A 3 3.85 -7.55 2.93
C GLU A 3 3.95 -6.65 1.69
N LEU A 4 2.81 -6.41 1.05
CA LEU A 4 2.69 -5.47 -0.06
C LEU A 4 1.74 -4.36 0.38
N ILE A 5 2.28 -3.16 0.54
CA ILE A 5 1.53 -1.96 0.94
C ILE A 5 1.41 -1.02 -0.26
N LEU A 6 0.18 -0.59 -0.57
CA LEU A 6 -0.11 0.30 -1.70
C LEU A 6 -0.57 1.65 -1.13
N ILE A 7 0.15 2.73 -1.45
CA ILE A 7 -0.20 4.10 -1.04
C ILE A 7 -0.90 4.79 -2.24
N ASN A 8 -1.93 5.60 -1.96
CA ASN A 8 -2.60 6.42 -2.97
C ASN A 8 -2.52 7.90 -2.58
N THR A 9 -1.78 8.66 -3.37
CA THR A 9 -1.80 10.12 -3.39
C THR A 9 -1.54 10.60 -4.83
N ASN A 10 -2.46 11.40 -5.37
CA ASN A 10 -2.30 12.02 -6.69
C ASN A 10 -1.39 13.27 -6.57
N ASN A 11 -1.22 13.78 -5.33
CA ASN A 11 -0.31 14.91 -5.04
C ASN A 11 1.14 14.42 -5.25
N ASP A 12 1.72 14.81 -6.40
CA ASP A 12 3.07 14.41 -6.85
C ASP A 12 4.16 14.81 -5.83
N GLU A 13 3.95 15.96 -5.21
CA GLU A 13 4.90 16.52 -4.24
C GLU A 13 4.86 15.72 -2.92
N LEU A 14 3.64 15.27 -2.53
CA LEU A 14 3.44 14.43 -1.33
C LEU A 14 3.99 13.01 -1.55
N ILE A 15 3.94 12.51 -2.81
CA ILE A 15 4.57 11.20 -3.19
C ILE A 15 6.04 11.18 -2.72
N LYS A 16 6.75 12.31 -2.99
CA LYS A 16 8.18 12.50 -2.63
C LYS A 16 8.40 12.42 -1.10
N LYS A 17 7.48 13.03 -0.34
CA LYS A 17 7.52 13.05 1.13
C LYS A 17 7.32 11.65 1.72
N ILE A 18 6.39 10.90 1.11
CA ILE A 18 6.13 9.51 1.47
C ILE A 18 7.37 8.66 1.14
N LYS A 19 8.01 8.93 -0.02
CA LYS A 19 9.22 8.21 -0.50
C LYS A 19 10.35 8.27 0.55
N LYS A 20 10.68 9.49 1.02
CA LYS A 20 11.77 9.70 1.99
C LYS A 20 11.43 9.07 3.36
N GLU A 21 10.13 9.05 3.72
CA GLU A 21 9.65 8.33 4.91
C GLU A 21 9.91 6.81 4.80
N VAL A 22 9.69 6.27 3.59
CA VAL A 22 9.94 4.84 3.28
C VAL A 22 11.45 4.52 3.34
N GLU A 23 12.28 5.53 3.00
CA GLU A 23 13.75 5.44 3.06
C GLU A 23 14.23 5.51 4.52
N ASN A 24 13.46 6.23 5.39
CA ASN A 24 13.70 6.25 6.86
C ASN A 24 13.41 4.86 7.46
N GLN A 25 12.46 4.13 6.84
CA GLN A 25 12.09 2.76 7.26
C GLN A 25 13.05 1.73 6.60
N GLY A 26 13.60 2.10 5.42
CA GLY A 26 14.59 1.29 4.69
C GLY A 26 13.97 0.23 3.77
N TYR A 27 12.80 0.53 3.18
CA TYR A 27 12.09 -0.37 2.23
C TYR A 27 12.36 0.08 0.78
N GLN A 28 12.03 -0.81 -0.19
CA GLN A 28 12.20 -0.52 -1.62
C GLN A 28 11.07 0.40 -2.06
N VAL A 29 11.42 1.64 -2.42
CA VAL A 29 10.46 2.66 -2.85
C VAL A 29 10.12 2.44 -4.33
N ARG A 30 8.96 1.83 -4.59
CA ARG A 30 8.46 1.59 -5.95
C ARG A 30 7.15 2.36 -6.15
N ASP A 31 7.17 3.43 -6.97
CA ASP A 31 5.95 4.16 -7.33
C ASP A 31 5.54 3.74 -8.76
N VAL A 32 4.36 3.11 -8.86
CA VAL A 32 3.75 2.71 -10.12
C VAL A 32 2.86 3.87 -10.63
N ASN A 33 3.20 4.37 -11.81
CA ASN A 33 2.43 5.42 -12.51
C ASN A 33 1.88 4.85 -13.84
N ASP A 34 2.32 3.62 -14.18
CA ASP A 34 2.06 2.97 -15.47
C ASP A 34 1.55 1.54 -15.24
N SER A 35 0.61 1.08 -16.08
CA SER A 35 -0.10 -0.21 -15.93
C SER A 35 0.82 -1.41 -16.22
N ASP A 36 1.88 -1.21 -17.01
CA ASP A 36 2.83 -2.29 -17.35
C ASP A 36 3.83 -2.49 -16.20
N GLU A 37 4.15 -1.39 -15.48
CA GLU A 37 5.03 -1.45 -14.30
C GLU A 37 4.54 -2.47 -13.26
N LEU A 38 3.24 -2.38 -12.91
CA LEU A 38 2.66 -3.20 -11.82
C LEU A 38 2.75 -4.70 -12.15
N LYS A 39 2.48 -5.09 -13.41
CA LYS A 39 2.44 -6.52 -13.81
C LYS A 39 3.85 -7.13 -13.70
N LYS A 40 4.89 -6.32 -13.99
CA LYS A 40 6.30 -6.72 -13.95
C LYS A 40 6.71 -7.14 -12.53
N GLU A 41 6.38 -6.28 -11.55
CA GLU A 41 6.80 -6.43 -10.15
C GLU A 41 5.89 -7.41 -9.38
N MET A 42 4.60 -7.55 -9.80
CA MET A 42 3.69 -8.60 -9.26
C MET A 42 4.24 -10.00 -9.59
N LYS A 43 4.79 -10.11 -10.82
CA LYS A 43 5.45 -11.34 -11.28
C LYS A 43 6.78 -11.57 -10.53
N LYS A 44 7.58 -10.47 -10.36
CA LYS A 44 8.89 -10.50 -9.62
C LYS A 44 8.73 -11.06 -8.19
N LEU A 45 7.57 -10.78 -7.56
CA LEU A 45 7.18 -11.33 -6.25
C LEU A 45 7.21 -12.88 -6.27
N ALA A 46 6.56 -13.44 -7.29
CA ALA A 46 6.39 -14.90 -7.46
C ALA A 46 7.58 -15.56 -8.20
N GLU A 47 8.41 -14.73 -8.89
CA GLU A 47 9.61 -15.21 -9.60
C GLU A 47 10.71 -15.54 -8.58
N GLU A 48 11.03 -14.56 -7.72
CA GLU A 48 12.04 -14.72 -6.67
C GLU A 48 11.41 -15.45 -5.47
N LYS A 49 12.18 -16.40 -4.91
CA LYS A 49 11.72 -17.30 -3.84
C LYS A 49 11.67 -16.59 -2.48
N ASN A 50 12.80 -15.93 -2.11
CA ASN A 50 12.95 -15.31 -0.78
C ASN A 50 13.70 -13.97 -0.89
N PHE A 51 13.03 -12.90 -0.43
CA PHE A 51 13.57 -11.54 -0.34
C PHE A 51 12.61 -10.68 0.50
N GLU A 52 13.10 -9.53 0.97
CA GLU A 52 12.36 -8.63 1.86
C GLU A 52 11.14 -7.99 1.15
N LYS A 53 10.21 -7.50 1.98
CA LYS A 53 8.95 -6.89 1.52
C LYS A 53 9.18 -5.51 0.87
N ILE A 54 8.30 -5.19 -0.10
CA ILE A 54 8.40 -4.01 -0.96
C ILE A 54 7.25 -3.05 -0.63
N LEU A 55 7.51 -1.74 -0.75
CA LEU A 55 6.49 -0.71 -0.55
C LEU A 55 6.14 -0.09 -1.91
N ILE A 56 4.86 -0.16 -2.27
CA ILE A 56 4.32 0.36 -3.52
C ILE A 56 3.55 1.67 -3.25
N ILE A 57 3.83 2.73 -4.01
CA ILE A 57 3.02 3.96 -4.07
C ILE A 57 2.37 4.01 -5.47
N SER A 58 1.22 4.67 -5.61
CA SER A 58 0.58 4.89 -6.90
C SER A 58 -0.21 6.20 -6.86
N ASN A 59 -0.23 6.89 -8.00
CA ASN A 59 -0.93 8.17 -8.19
C ASN A 59 -2.31 7.94 -8.84
N ASP A 60 -2.66 6.65 -9.09
CA ASP A 60 -3.90 6.26 -9.77
C ASP A 60 -4.56 5.06 -9.05
N LYS A 61 -5.91 5.07 -8.96
CA LYS A 61 -6.72 4.08 -8.21
C LYS A 61 -7.08 2.84 -9.05
N GLN A 62 -7.07 2.96 -10.40
CA GLN A 62 -7.31 1.82 -11.30
C GLN A 62 -6.16 0.79 -11.18
N LEU A 63 -4.92 1.33 -11.00
CA LEU A 63 -3.69 0.51 -10.81
C LEU A 63 -3.80 -0.30 -9.51
N LEU A 64 -4.26 0.39 -8.44
CA LEU A 64 -4.48 -0.21 -7.12
C LEU A 64 -5.47 -1.37 -7.22
N LYS A 65 -6.61 -1.11 -7.89
CA LYS A 65 -7.80 -1.98 -7.88
C LYS A 65 -7.47 -3.36 -8.49
N GLU A 66 -6.69 -3.33 -9.59
CA GLU A 66 -6.11 -4.54 -10.20
C GLU A 66 -5.17 -5.27 -9.19
N MET A 67 -4.18 -4.51 -8.64
CA MET A 67 -3.12 -5.08 -7.78
C MET A 67 -3.67 -5.68 -6.46
N LEU A 68 -4.77 -5.13 -5.93
CA LEU A 68 -5.45 -5.66 -4.71
C LEU A 68 -5.88 -7.13 -4.92
N GLU A 69 -6.30 -7.45 -6.16
CA GLU A 69 -6.74 -8.80 -6.57
C GLU A 69 -5.53 -9.69 -6.93
N LEU A 70 -4.49 -9.07 -7.56
CA LEU A 70 -3.26 -9.77 -8.01
C LEU A 70 -2.45 -10.30 -6.80
N ILE A 71 -2.17 -9.42 -5.85
CA ILE A 71 -1.44 -9.73 -4.60
C ILE A 71 -2.25 -10.72 -3.72
N SER A 72 -3.59 -10.64 -3.83
CA SER A 72 -4.53 -11.53 -3.12
C SER A 72 -4.46 -12.97 -3.68
N LYS A 73 -4.39 -13.12 -5.01
CA LYS A 73 -4.29 -14.44 -5.66
C LYS A 73 -2.84 -14.99 -5.56
N LEU A 74 -1.86 -14.09 -5.37
CA LEU A 74 -0.46 -14.47 -5.05
C LEU A 74 -0.39 -15.00 -3.61
N GLY A 75 -1.30 -14.49 -2.76
CA GLY A 75 -1.46 -14.97 -1.39
C GLY A 75 -0.71 -14.14 -0.37
N TYR A 76 -0.18 -12.96 -0.80
CA TYR A 76 0.56 -12.05 0.10
C TYR A 76 -0.41 -11.13 0.87
N LYS A 77 0.15 -10.50 1.90
CA LYS A 77 -0.60 -9.61 2.81
C LYS A 77 -0.82 -8.25 2.14
N VAL A 78 -2.09 -7.93 1.86
CA VAL A 78 -2.50 -6.69 1.19
C VAL A 78 -2.79 -5.60 2.24
N PHE A 79 -2.04 -4.50 2.15
CA PHE A 79 -2.28 -3.27 2.91
C PHE A 79 -2.56 -2.17 1.88
N LEU A 80 -3.55 -1.31 2.13
CA LEU A 80 -3.89 -0.19 1.24
C LEU A 80 -4.02 1.09 2.07
N LEU A 81 -3.00 1.94 2.01
CA LEU A 81 -3.08 3.33 2.49
C LEU A 81 -3.62 4.19 1.34
N LEU A 82 -4.65 5.00 1.61
CA LEU A 82 -5.22 5.93 0.63
C LEU A 82 -5.41 7.31 1.31
N GLN A 83 -5.16 8.37 0.55
CA GLN A 83 -5.33 9.74 1.02
C GLN A 83 -5.82 10.62 -0.14
N ASP A 84 -6.70 11.56 0.18
CA ASP A 84 -7.28 12.55 -0.75
C ASP A 84 -7.60 13.82 0.04
N GLN A 85 -7.84 14.90 -0.71
CA GLN A 85 -8.42 16.14 -0.17
C GLN A 85 -9.95 15.99 -0.05
N ASP A 86 -10.54 15.18 -0.96
CA ASP A 86 -11.98 14.90 -0.97
C ASP A 86 -12.29 13.77 0.04
N GLU A 87 -12.90 14.15 1.17
CA GLU A 87 -13.29 13.21 2.25
C GLU A 87 -14.37 12.23 1.77
N ASN A 88 -15.28 12.72 0.88
CA ASN A 88 -16.36 11.90 0.29
C ASN A 88 -15.80 10.77 -0.58
N GLU A 89 -14.66 11.04 -1.27
CA GLU A 89 -13.93 10.01 -2.04
C GLU A 89 -13.30 8.97 -1.12
N LEU A 90 -12.73 9.46 -0.01
CA LEU A 90 -12.00 8.64 0.98
C LEU A 90 -12.89 7.57 1.63
N GLU A 91 -14.01 8.02 2.21
CA GLU A 91 -14.95 7.15 2.94
C GLU A 91 -15.54 6.06 2.03
N GLU A 92 -15.97 6.47 0.81
CA GLU A 92 -16.61 5.56 -0.15
C GLU A 92 -15.61 4.53 -0.71
N PHE A 93 -14.42 4.98 -1.10
CA PHE A 93 -13.38 4.09 -1.67
C PHE A 93 -12.86 3.09 -0.60
N LYS A 94 -12.72 3.56 0.66
CA LYS A 94 -12.20 2.73 1.78
C LYS A 94 -13.19 1.59 2.13
N ARG A 95 -14.49 1.92 2.29
CA ARG A 95 -15.52 0.95 2.71
C ARG A 95 -15.76 -0.16 1.66
N LYS A 96 -15.34 0.09 0.40
CA LYS A 96 -15.27 -0.96 -0.65
C LYS A 96 -14.28 -2.04 -0.21
N ILE A 97 -13.08 -1.57 0.17
CA ILE A 97 -11.92 -2.41 0.54
C ILE A 97 -12.15 -3.11 1.89
N GLU A 98 -12.85 -2.42 2.82
CA GLU A 98 -13.30 -2.99 4.10
C GLU A 98 -14.34 -4.10 3.89
N SER A 99 -15.24 -3.91 2.91
CA SER A 99 -16.25 -4.92 2.54
C SER A 99 -15.59 -6.12 1.85
N GLN A 100 -14.45 -5.86 1.16
CA GLN A 100 -13.60 -6.91 0.56
C GLN A 100 -12.74 -7.59 1.64
N GLY A 101 -12.54 -6.90 2.77
CA GLY A 101 -11.83 -7.44 3.93
C GLY A 101 -10.31 -7.39 3.79
N TYR A 102 -9.78 -6.22 3.38
CA TYR A 102 -8.33 -5.97 3.35
C TYR A 102 -7.96 -4.92 4.39
N GLU A 103 -6.72 -5.01 4.90
CA GLU A 103 -6.14 -4.03 5.85
C GLU A 103 -5.96 -2.66 5.15
N VAL A 104 -6.96 -1.80 5.31
CA VAL A 104 -7.00 -0.46 4.67
C VAL A 104 -6.92 0.64 5.74
N ARG A 105 -6.35 1.77 5.33
CA ARG A 105 -6.12 2.95 6.17
C ARG A 105 -6.44 4.20 5.35
N LYS A 106 -6.90 5.26 6.01
CA LYS A 106 -7.32 6.51 5.36
C LYS A 106 -6.90 7.74 6.17
N VAL A 107 -6.54 8.80 5.43
CA VAL A 107 -6.23 10.14 5.98
C VAL A 107 -6.58 11.21 4.94
N THR A 108 -6.78 12.43 5.45
CA THR A 108 -7.00 13.63 4.62
C THR A 108 -5.74 14.50 4.61
N ASP A 109 -5.00 14.50 5.75
CA ASP A 109 -3.78 15.30 5.93
C ASP A 109 -2.54 14.58 5.37
N ASP A 110 -1.63 15.39 4.79
CA ASP A 110 -0.35 14.93 4.20
C ASP A 110 0.60 14.34 5.28
N GLU A 111 0.69 15.05 6.41
CA GLU A 111 1.55 14.68 7.56
C GLU A 111 1.10 13.36 8.21
N GLU A 112 -0.22 13.15 8.21
CA GLU A 112 -0.85 11.95 8.77
C GLU A 112 -0.71 10.75 7.81
N ALA A 113 -0.54 11.04 6.50
CA ALA A 113 -0.22 10.00 5.49
C ALA A 113 1.18 9.43 5.71
N LEU A 114 2.12 10.33 6.09
CA LEU A 114 3.52 9.96 6.43
C LEU A 114 3.54 9.11 7.72
N LYS A 115 2.54 9.35 8.60
CA LYS A 115 2.39 8.65 9.89
C LYS A 115 2.02 7.17 9.70
N ILE A 116 1.07 6.91 8.78
CA ILE A 116 0.53 5.54 8.54
C ILE A 116 1.59 4.63 7.85
N VAL A 117 2.53 5.23 7.11
CA VAL A 117 3.71 4.52 6.56
C VAL A 117 4.48 3.82 7.71
N ARG A 118 4.56 4.52 8.85
CA ARG A 118 5.21 4.02 10.09
C ARG A 118 4.31 2.98 10.79
N GLU A 119 2.99 3.25 10.85
CA GLU A 119 1.99 2.36 11.49
C GLU A 119 1.91 0.98 10.80
N PHE A 120 2.12 0.94 9.48
CA PHE A 120 2.23 -0.31 8.69
C PHE A 120 3.30 -1.25 9.28
N MET A 121 4.45 -0.66 9.61
CA MET A 121 5.63 -1.39 10.07
C MET A 121 5.35 -2.16 11.38
N GLN A 122 4.62 -1.50 12.31
CA GLN A 122 4.30 -2.06 13.64
C GLN A 122 3.11 -3.05 13.57
N LYS A 123 2.12 -2.77 12.68
CA LYS A 123 0.86 -3.55 12.59
C LYS A 123 1.05 -4.82 11.73
N ALA A 124 1.32 -4.60 10.42
CA ALA A 124 1.40 -5.69 9.43
C ALA A 124 2.68 -6.52 9.62
N GLY A 125 3.71 -5.93 10.26
CA GLY A 125 4.94 -6.65 10.58
C GLY A 125 4.70 -7.71 11.66
N SER A 126 3.96 -7.32 12.71
CA SER A 126 3.68 -8.20 13.88
C SER A 126 2.54 -9.19 13.58
N LEU A 127 1.65 -8.82 12.65
CA LEU A 127 0.38 -9.54 12.42
C LEU A 127 0.30 -10.12 11.01
N GLU A 128 0.35 -11.46 10.91
CA GLU A 128 0.07 -12.19 9.66
C GLU A 128 -1.43 -12.47 9.52
N HIS A 129 -2.03 -12.99 10.61
CA HIS A 129 -3.45 -13.40 10.64
C HIS A 129 -4.29 -12.26 11.25
N HIS A 130 -5.06 -11.57 10.39
CA HIS A 130 -5.85 -10.37 10.79
C HIS A 130 -7.07 -10.79 11.63
N HIS A 131 -7.72 -9.80 12.29
CA HIS A 131 -8.85 -10.05 13.22
C HIS A 131 -10.21 -10.16 12.46
N HIS A 132 -10.20 -10.79 11.27
CA HIS A 132 -11.39 -10.88 10.38
C HIS A 132 -12.37 -11.96 10.91
N HIS A 133 -13.08 -11.56 11.98
CA HIS A 133 -14.04 -12.38 12.75
C HIS A 133 -14.50 -11.53 13.94
N HIS A 134 -15.75 -11.75 14.39
CA HIS A 134 -16.34 -10.98 15.50
C HIS A 134 -16.59 -11.95 16.68
N MET A 1 5.52 -14.72 7.20
CA MET A 1 4.62 -14.20 6.14
C MET A 1 5.00 -12.75 5.81
N LYS A 2 4.84 -12.39 4.53
CA LYS A 2 5.10 -11.03 4.04
C LYS A 2 3.82 -10.20 3.99
N GLU A 3 4.00 -8.88 4.00
CA GLU A 3 2.93 -7.91 3.75
C GLU A 3 3.25 -7.15 2.46
N LEU A 4 2.22 -6.52 1.89
CA LEU A 4 2.33 -5.67 0.70
C LEU A 4 1.41 -4.46 0.92
N ILE A 5 2.01 -3.28 1.05
CA ILE A 5 1.30 -2.03 1.35
C ILE A 5 1.26 -1.14 0.11
N LEU A 6 0.06 -0.67 -0.21
CA LEU A 6 -0.19 0.27 -1.31
C LEU A 6 -0.48 1.64 -0.70
N ILE A 7 0.22 2.66 -1.18
CA ILE A 7 -0.12 4.07 -0.94
C ILE A 7 -0.74 4.60 -2.23
N ASN A 8 -1.74 5.45 -2.10
CA ASN A 8 -2.21 6.30 -3.18
C ASN A 8 -2.40 7.71 -2.63
N THR A 9 -1.72 8.67 -3.25
CA THR A 9 -1.98 10.07 -3.03
C THR A 9 -1.75 10.81 -4.35
N ASN A 10 -2.74 11.63 -4.74
CA ASN A 10 -2.64 12.51 -5.92
C ASN A 10 -2.07 13.88 -5.52
N ASN A 11 -1.53 13.95 -4.28
CA ASN A 11 -0.78 15.11 -3.78
C ASN A 11 0.72 14.86 -4.05
N ASP A 12 1.25 15.55 -5.09
CA ASP A 12 2.59 15.29 -5.67
C ASP A 12 3.71 15.40 -4.63
N GLU A 13 3.65 16.47 -3.82
CA GLU A 13 4.65 16.76 -2.79
C GLU A 13 4.72 15.63 -1.74
N LEU A 14 3.55 15.09 -1.37
CA LEU A 14 3.43 14.04 -0.36
C LEU A 14 4.03 12.71 -0.88
N ILE A 15 3.78 12.40 -2.18
CA ILE A 15 4.36 11.18 -2.84
C ILE A 15 5.88 11.13 -2.62
N LYS A 16 6.52 12.27 -2.90
CA LYS A 16 7.98 12.44 -2.81
C LYS A 16 8.49 12.20 -1.39
N LYS A 17 7.71 12.68 -0.41
CA LYS A 17 8.05 12.56 1.02
C LYS A 17 7.95 11.10 1.48
N ILE A 18 6.88 10.40 1.04
CA ILE A 18 6.62 8.99 1.41
C ILE A 18 7.77 8.11 0.92
N LYS A 19 8.23 8.35 -0.33
CA LYS A 19 9.41 7.65 -0.91
C LYS A 19 10.59 7.70 0.07
N LYS A 20 10.94 8.93 0.50
CA LYS A 20 12.13 9.18 1.34
C LYS A 20 12.01 8.56 2.73
N GLU A 21 10.77 8.53 3.29
CA GLU A 21 10.49 7.87 4.59
C GLU A 21 10.84 6.38 4.51
N VAL A 22 10.36 5.75 3.43
CA VAL A 22 10.41 4.29 3.22
C VAL A 22 11.83 3.83 2.79
N GLU A 23 12.54 4.70 2.05
CA GLU A 23 13.92 4.45 1.61
C GLU A 23 14.91 4.66 2.77
N ASN A 24 14.50 5.43 3.80
CA ASN A 24 15.24 5.55 5.08
C ASN A 24 15.13 4.23 5.89
N GLN A 25 14.00 3.51 5.70
CA GLN A 25 13.74 2.23 6.39
C GLN A 25 14.42 1.06 5.64
N GLY A 26 14.66 1.26 4.33
CA GLY A 26 15.32 0.26 3.48
C GLY A 26 14.34 -0.59 2.69
N TYR A 27 13.03 -0.23 2.73
CA TYR A 27 11.96 -0.96 2.01
C TYR A 27 11.98 -0.63 0.50
N GLN A 28 11.31 -1.48 -0.29
CA GLN A 28 11.28 -1.38 -1.76
C GLN A 28 10.16 -0.41 -2.17
N VAL A 29 10.51 0.77 -2.71
CA VAL A 29 9.53 1.74 -3.21
C VAL A 29 9.41 1.60 -4.73
N ARG A 30 8.17 1.39 -5.21
CA ARG A 30 7.84 1.46 -6.65
C ARG A 30 6.67 2.43 -6.83
N ASP A 31 6.90 3.54 -7.56
CA ASP A 31 5.80 4.44 -7.96
C ASP A 31 5.25 3.99 -9.32
N VAL A 32 4.01 3.52 -9.31
CA VAL A 32 3.28 3.09 -10.50
C VAL A 32 2.38 4.22 -10.99
N ASN A 33 2.62 4.63 -12.23
CA ASN A 33 1.89 5.71 -12.91
C ASN A 33 1.03 5.09 -14.03
N ASP A 34 1.52 3.94 -14.55
CA ASP A 34 0.94 3.23 -15.70
C ASP A 34 0.87 1.72 -15.39
N SER A 35 -0.07 1.02 -16.05
CA SER A 35 -0.40 -0.39 -15.77
C SER A 35 0.77 -1.36 -16.06
N ASP A 36 1.74 -0.93 -16.90
CA ASP A 36 2.87 -1.79 -17.33
C ASP A 36 4.01 -1.79 -16.29
N GLU A 37 4.04 -0.75 -15.43
CA GLU A 37 4.96 -0.69 -14.26
C GLU A 37 4.44 -1.62 -13.15
N LEU A 38 3.10 -1.72 -13.07
CA LEU A 38 2.39 -2.55 -12.09
C LEU A 38 2.67 -4.04 -12.35
N LYS A 39 2.27 -4.53 -13.54
CA LYS A 39 2.39 -5.96 -13.92
C LYS A 39 3.87 -6.45 -13.86
N LYS A 40 4.80 -5.50 -14.07
CA LYS A 40 6.25 -5.70 -14.07
C LYS A 40 6.74 -6.16 -12.70
N GLU A 41 6.42 -5.36 -11.66
CA GLU A 41 6.95 -5.56 -10.31
C GLU A 41 6.20 -6.71 -9.58
N MET A 42 4.92 -6.93 -9.97
CA MET A 42 4.09 -8.06 -9.49
C MET A 42 4.78 -9.41 -9.79
N LYS A 43 5.37 -9.51 -11.00
CA LYS A 43 6.15 -10.67 -11.42
C LYS A 43 7.39 -10.86 -10.53
N LYS A 44 8.08 -9.74 -10.24
CA LYS A 44 9.32 -9.75 -9.44
C LYS A 44 9.04 -10.20 -7.99
N LEU A 45 7.84 -9.88 -7.48
CA LEU A 45 7.37 -10.34 -6.16
C LEU A 45 7.18 -11.86 -6.15
N ALA A 46 6.60 -12.38 -7.24
CA ALA A 46 6.31 -13.82 -7.39
C ALA A 46 7.60 -14.64 -7.55
N GLU A 47 8.56 -14.11 -8.34
CA GLU A 47 9.83 -14.79 -8.65
C GLU A 47 10.75 -14.85 -7.41
N GLU A 48 11.02 -13.66 -6.84
CA GLU A 48 11.88 -13.51 -5.65
C GLU A 48 11.05 -13.90 -4.40
N LYS A 49 11.46 -14.97 -3.73
CA LYS A 49 10.68 -15.57 -2.63
C LYS A 49 10.87 -14.82 -1.29
N ASN A 50 12.10 -14.85 -0.75
CA ASN A 50 12.39 -14.40 0.63
C ASN A 50 13.23 -13.11 0.64
N PHE A 51 12.50 -12.00 0.77
CA PHE A 51 13.03 -10.66 1.06
C PHE A 51 11.91 -9.88 1.79
N GLU A 52 12.20 -8.70 2.36
CA GLU A 52 11.24 -8.00 3.25
C GLU A 52 10.11 -7.28 2.49
N LYS A 53 9.29 -6.49 3.22
CA LYS A 53 7.99 -5.97 2.74
C LYS A 53 8.21 -4.87 1.66
N ILE A 54 7.22 -4.74 0.75
CA ILE A 54 7.31 -3.84 -0.41
C ILE A 54 6.18 -2.80 -0.31
N LEU A 55 6.51 -1.57 -0.70
CA LEU A 55 5.62 -0.41 -0.63
C LEU A 55 5.45 0.19 -2.04
N ILE A 56 4.23 0.06 -2.58
CA ILE A 56 3.89 0.54 -3.92
C ILE A 56 3.05 1.83 -3.83
N ILE A 57 3.63 2.96 -4.23
CA ILE A 57 2.89 4.21 -4.37
C ILE A 57 2.27 4.23 -5.77
N SER A 58 0.95 4.33 -5.87
CA SER A 58 0.24 4.38 -7.14
C SER A 58 -0.40 5.76 -7.27
N ASN A 59 -0.33 6.33 -8.49
CA ASN A 59 -0.83 7.68 -8.76
C ASN A 59 -2.32 7.65 -9.17
N ASP A 60 -2.86 6.42 -9.31
CA ASP A 60 -4.23 6.18 -9.79
C ASP A 60 -4.92 5.10 -8.93
N LYS A 61 -6.21 5.30 -8.65
CA LYS A 61 -6.99 4.44 -7.72
C LYS A 61 -7.57 3.19 -8.41
N GLN A 62 -7.64 3.22 -9.75
CA GLN A 62 -8.11 2.06 -10.54
C GLN A 62 -7.00 0.99 -10.61
N LEU A 63 -5.73 1.47 -10.62
CA LEU A 63 -4.53 0.60 -10.56
C LEU A 63 -4.44 -0.12 -9.20
N LEU A 64 -4.91 0.58 -8.13
CA LEU A 64 -4.97 0.01 -6.77
C LEU A 64 -5.82 -1.27 -6.77
N LYS A 65 -7.07 -1.16 -7.27
CA LYS A 65 -8.07 -2.25 -7.23
C LYS A 65 -7.50 -3.56 -7.82
N GLU A 66 -6.90 -3.42 -9.01
CA GLU A 66 -6.25 -4.53 -9.74
C GLU A 66 -5.11 -5.14 -8.90
N MET A 67 -4.28 -4.25 -8.34
CA MET A 67 -3.08 -4.64 -7.57
C MET A 67 -3.45 -5.42 -6.29
N LEU A 68 -4.49 -4.92 -5.57
CA LEU A 68 -5.05 -5.54 -4.33
C LEU A 68 -5.44 -7.01 -4.59
N GLU A 69 -6.11 -7.23 -5.74
CA GLU A 69 -6.58 -8.55 -6.15
C GLU A 69 -5.39 -9.48 -6.48
N LEU A 70 -4.39 -8.95 -7.21
CA LEU A 70 -3.18 -9.72 -7.60
C LEU A 70 -2.40 -10.20 -6.36
N ILE A 71 -2.22 -9.29 -5.40
CA ILE A 71 -1.53 -9.56 -4.11
C ILE A 71 -2.28 -10.62 -3.27
N SER A 72 -3.62 -10.65 -3.43
CA SER A 72 -4.51 -11.58 -2.70
C SER A 72 -4.16 -13.05 -3.04
N LYS A 73 -4.02 -13.38 -4.35
CA LYS A 73 -3.64 -14.77 -4.77
C LYS A 73 -2.10 -14.97 -4.81
N LEU A 74 -1.32 -13.88 -4.60
CA LEU A 74 0.14 -14.00 -4.35
C LEU A 74 0.35 -14.51 -2.91
N GLY A 75 -0.54 -14.08 -1.99
CA GLY A 75 -0.60 -14.61 -0.62
C GLY A 75 -0.04 -13.68 0.44
N TYR A 76 0.23 -12.41 0.07
CA TYR A 76 0.73 -11.38 1.02
C TYR A 76 -0.46 -10.74 1.77
N LYS A 77 -0.18 -10.12 2.93
CA LYS A 77 -1.18 -9.29 3.63
C LYS A 77 -1.47 -8.06 2.77
N VAL A 78 -2.74 -7.92 2.35
CA VAL A 78 -3.13 -6.84 1.45
C VAL A 78 -3.50 -5.61 2.29
N PHE A 79 -2.61 -4.62 2.27
CA PHE A 79 -2.75 -3.38 3.04
C PHE A 79 -2.82 -2.20 2.04
N LEU A 80 -3.69 -1.24 2.33
CA LEU A 80 -3.91 -0.05 1.48
C LEU A 80 -3.99 1.17 2.41
N LEU A 81 -3.47 2.30 1.94
CA LEU A 81 -3.51 3.59 2.63
C LEU A 81 -3.74 4.65 1.56
N LEU A 82 -4.90 5.31 1.61
CA LEU A 82 -5.30 6.27 0.57
C LEU A 82 -5.48 7.68 1.16
N GLN A 83 -4.94 8.66 0.41
CA GLN A 83 -4.96 10.08 0.73
C GLN A 83 -5.27 10.84 -0.57
N ASP A 84 -6.10 11.88 -0.42
CA ASP A 84 -6.50 12.76 -1.54
C ASP A 84 -7.11 14.03 -0.93
N GLN A 85 -7.26 15.08 -1.73
CA GLN A 85 -7.91 16.34 -1.28
C GLN A 85 -9.44 16.15 -1.25
N ASP A 86 -9.93 15.22 -2.07
CA ASP A 86 -11.35 14.78 -2.09
C ASP A 86 -11.49 13.49 -1.27
N GLU A 87 -11.95 13.65 -0.01
CA GLU A 87 -12.12 12.53 0.93
C GLU A 87 -13.42 11.71 0.62
N ASN A 88 -14.40 12.34 -0.09
CA ASN A 88 -15.66 11.67 -0.47
C ASN A 88 -15.36 10.46 -1.38
N GLU A 89 -14.43 10.67 -2.33
CA GLU A 89 -13.97 9.62 -3.26
C GLU A 89 -13.09 8.57 -2.52
N LEU A 90 -12.37 9.02 -1.46
CA LEU A 90 -11.55 8.12 -0.63
C LEU A 90 -12.41 7.09 0.11
N GLU A 91 -13.48 7.56 0.79
CA GLU A 91 -14.27 6.73 1.71
C GLU A 91 -15.25 5.80 0.96
N GLU A 92 -15.75 6.24 -0.23
CA GLU A 92 -16.66 5.42 -1.05
C GLU A 92 -15.89 4.25 -1.67
N PHE A 93 -14.63 4.51 -2.03
CA PHE A 93 -13.69 3.48 -2.51
C PHE A 93 -13.30 2.57 -1.34
N LYS A 94 -12.95 3.18 -0.19
CA LYS A 94 -12.47 2.50 1.02
C LYS A 94 -13.46 1.42 1.51
N ARG A 95 -14.75 1.79 1.61
CA ARG A 95 -15.83 0.92 2.13
C ARG A 95 -15.98 -0.36 1.28
N LYS A 96 -15.75 -0.23 -0.04
CA LYS A 96 -15.81 -1.36 -0.98
C LYS A 96 -14.62 -2.31 -0.73
N ILE A 97 -13.45 -1.71 -0.51
CA ILE A 97 -12.19 -2.45 -0.28
C ILE A 97 -12.26 -3.23 1.07
N GLU A 98 -12.92 -2.62 2.10
CA GLU A 98 -13.22 -3.28 3.39
C GLU A 98 -14.22 -4.43 3.20
N SER A 99 -15.21 -4.22 2.31
CA SER A 99 -16.28 -5.20 2.00
C SER A 99 -15.72 -6.45 1.27
N GLN A 100 -14.51 -6.30 0.69
CA GLN A 100 -13.79 -7.39 0.01
C GLN A 100 -12.74 -8.05 0.94
N GLY A 101 -12.62 -7.51 2.17
CA GLY A 101 -11.76 -8.10 3.21
C GLY A 101 -10.31 -7.60 3.18
N TYR A 102 -10.03 -6.57 2.36
CA TYR A 102 -8.69 -5.95 2.28
C TYR A 102 -8.55 -4.89 3.38
N GLU A 103 -7.40 -4.87 4.06
CA GLU A 103 -7.10 -3.91 5.13
C GLU A 103 -6.74 -2.55 4.51
N VAL A 104 -7.69 -1.61 4.52
CA VAL A 104 -7.48 -0.24 4.01
C VAL A 104 -7.66 0.79 5.14
N ARG A 105 -6.76 1.79 5.16
CA ARG A 105 -6.81 2.93 6.07
C ARG A 105 -7.07 4.19 5.25
N LYS A 106 -7.82 5.13 5.82
CA LYS A 106 -8.07 6.43 5.19
C LYS A 106 -7.47 7.53 6.06
N VAL A 107 -6.79 8.49 5.42
CA VAL A 107 -6.21 9.67 6.07
C VAL A 107 -6.75 10.93 5.38
N THR A 108 -6.66 12.07 6.09
CA THR A 108 -7.19 13.37 5.61
C THR A 108 -6.05 14.39 5.42
N ASP A 109 -4.80 13.99 5.77
CA ASP A 109 -3.66 14.92 5.80
C ASP A 109 -2.33 14.20 5.48
N ASP A 110 -1.35 15.04 5.07
CA ASP A 110 0.05 14.67 4.79
C ASP A 110 0.68 13.84 5.93
N GLU A 111 0.73 14.42 7.15
CA GLU A 111 1.46 13.83 8.30
C GLU A 111 0.74 12.60 8.87
N GLU A 112 -0.58 12.46 8.60
CA GLU A 112 -1.33 11.24 8.91
C GLU A 112 -0.81 10.07 8.07
N ALA A 113 -0.64 10.34 6.74
CA ALA A 113 -0.17 9.35 5.76
C ALA A 113 1.24 8.87 6.11
N LEU A 114 2.14 9.83 6.39
CA LEU A 114 3.56 9.55 6.72
C LEU A 114 3.66 8.66 7.98
N LYS A 115 2.80 8.96 8.98
CA LYS A 115 2.77 8.26 10.27
C LYS A 115 2.42 6.78 10.09
N ILE A 116 1.28 6.50 9.39
CA ILE A 116 0.76 5.12 9.22
C ILE A 116 1.71 4.26 8.33
N VAL A 117 2.38 4.91 7.36
CA VAL A 117 3.44 4.27 6.54
C VAL A 117 4.56 3.67 7.43
N ARG A 118 5.03 4.47 8.40
CA ARG A 118 6.13 4.08 9.30
C ARG A 118 5.65 3.06 10.35
N GLU A 119 4.44 3.30 10.91
CA GLU A 119 3.78 2.40 11.87
C GLU A 119 3.61 0.99 11.30
N PHE A 120 3.17 0.90 10.03
CA PHE A 120 2.94 -0.38 9.30
C PHE A 120 4.12 -1.36 9.49
N MET A 121 5.32 -0.80 9.35
CA MET A 121 6.58 -1.56 9.28
C MET A 121 6.91 -2.28 10.61
N GLN A 122 6.41 -1.73 11.73
CA GLN A 122 6.51 -2.38 13.07
C GLN A 122 5.19 -3.12 13.42
N LYS A 123 4.06 -2.59 12.93
CA LYS A 123 2.71 -2.92 13.43
C LYS A 123 2.18 -4.19 12.75
N ALA A 124 2.19 -4.19 11.40
CA ALA A 124 1.67 -5.28 10.57
C ALA A 124 2.49 -6.58 10.73
N GLY A 125 3.70 -6.45 11.32
CA GLY A 125 4.55 -7.60 11.68
C GLY A 125 3.84 -8.55 12.66
N SER A 126 3.81 -8.17 13.95
CA SER A 126 3.14 -8.95 15.02
C SER A 126 2.73 -8.04 16.21
N LEU A 127 2.46 -6.75 15.93
CA LEU A 127 2.01 -5.78 16.95
C LEU A 127 0.54 -5.39 16.70
N GLU A 128 -0.34 -5.77 17.64
CA GLU A 128 -1.76 -5.42 17.60
C GLU A 128 -1.97 -3.91 17.84
N HIS A 129 -3.02 -3.35 17.23
CA HIS A 129 -3.31 -1.90 17.28
C HIS A 129 -4.66 -1.69 18.02
N HIS A 130 -4.58 -1.41 19.34
CA HIS A 130 -5.78 -1.14 20.17
C HIS A 130 -6.33 0.27 19.87
N HIS A 131 -7.09 0.36 18.77
CA HIS A 131 -7.69 1.62 18.32
C HIS A 131 -9.00 1.87 19.10
N HIS A 132 -8.90 2.63 20.20
CA HIS A 132 -10.07 3.05 20.98
C HIS A 132 -10.27 4.57 20.79
N HIS A 133 -10.92 4.93 19.67
CA HIS A 133 -11.36 6.31 19.38
C HIS A 133 -12.90 6.35 19.24
N HIS A 134 -13.53 5.17 19.29
CA HIS A 134 -15.00 5.01 19.21
C HIS A 134 -15.45 4.12 20.39
N MET A 1 6.94 -14.28 5.69
CA MET A 1 5.71 -13.66 5.12
C MET A 1 6.10 -12.44 4.28
N LYS A 2 5.22 -12.06 3.34
CA LYS A 2 5.34 -10.81 2.57
C LYS A 2 4.03 -10.02 2.68
N GLU A 3 4.20 -8.71 2.71
CA GLU A 3 3.10 -7.72 2.75
C GLU A 3 3.36 -6.71 1.63
N LEU A 4 2.30 -6.22 1.00
CA LEU A 4 2.40 -5.16 -0.01
C LEU A 4 1.48 -4.02 0.41
N ILE A 5 2.08 -2.88 0.76
CA ILE A 5 1.34 -1.66 1.11
C ILE A 5 1.30 -0.74 -0.12
N LEU A 6 0.09 -0.36 -0.55
CA LEU A 6 -0.12 0.51 -1.69
C LEU A 6 -0.46 1.91 -1.16
N ILE A 7 0.34 2.91 -1.53
CA ILE A 7 0.10 4.31 -1.16
C ILE A 7 -0.59 5.00 -2.35
N ASN A 8 -1.57 5.84 -2.04
CA ASN A 8 -2.28 6.64 -3.03
C ASN A 8 -2.16 8.11 -2.64
N THR A 9 -1.45 8.87 -3.46
CA THR A 9 -1.31 10.30 -3.30
C THR A 9 -1.25 10.95 -4.68
N ASN A 10 -2.05 12.01 -4.84
CA ASN A 10 -2.16 12.77 -6.09
C ASN A 10 -1.39 14.09 -6.00
N ASN A 11 -0.54 14.20 -4.96
CA ASN A 11 0.37 15.33 -4.77
C ASN A 11 1.81 14.83 -5.00
N ASP A 12 2.44 15.34 -6.08
CA ASP A 12 3.79 14.90 -6.55
C ASP A 12 4.85 15.07 -5.47
N GLU A 13 4.73 16.19 -4.74
CA GLU A 13 5.65 16.56 -3.66
C GLU A 13 5.48 15.62 -2.45
N LEU A 14 4.22 15.18 -2.18
CA LEU A 14 3.93 14.23 -1.09
C LEU A 14 4.49 12.83 -1.43
N ILE A 15 4.40 12.43 -2.74
CA ILE A 15 4.95 11.14 -3.22
C ILE A 15 6.44 11.00 -2.85
N LYS A 16 7.21 12.06 -3.17
CA LYS A 16 8.66 12.13 -2.92
C LYS A 16 8.99 12.10 -1.42
N LYS A 17 8.12 12.76 -0.60
CA LYS A 17 8.29 12.78 0.86
C LYS A 17 8.10 11.38 1.45
N ILE A 18 7.08 10.66 0.94
CA ILE A 18 6.77 9.28 1.33
C ILE A 18 7.97 8.38 1.02
N LYS A 19 8.56 8.56 -0.18
CA LYS A 19 9.79 7.84 -0.60
C LYS A 19 10.91 7.95 0.46
N LYS A 20 11.08 9.19 1.00
CA LYS A 20 12.08 9.49 2.03
C LYS A 20 11.77 8.76 3.35
N GLU A 21 10.48 8.79 3.76
CA GLU A 21 10.00 8.13 5.00
C GLU A 21 10.28 6.62 4.95
N VAL A 22 9.98 6.04 3.79
CA VAL A 22 10.07 4.60 3.53
C VAL A 22 11.54 4.12 3.54
N GLU A 23 12.45 4.99 3.07
CA GLU A 23 13.90 4.74 3.13
C GLU A 23 14.43 4.85 4.57
N ASN A 24 13.74 5.65 5.40
CA ASN A 24 14.03 5.79 6.84
C ASN A 24 13.43 4.59 7.62
N GLN A 25 12.43 3.92 7.02
CA GLN A 25 11.87 2.65 7.54
C GLN A 25 12.68 1.46 6.97
N GLY A 26 13.43 1.70 5.87
CA GLY A 26 14.36 0.72 5.29
C GLY A 26 13.67 -0.29 4.37
N TYR A 27 12.67 0.17 3.60
CA TYR A 27 11.88 -0.67 2.67
C TYR A 27 12.25 -0.37 1.21
N GLN A 28 11.88 -1.29 0.32
CA GLN A 28 12.07 -1.15 -1.11
C GLN A 28 10.98 -0.20 -1.64
N VAL A 29 11.39 1.01 -2.05
CA VAL A 29 10.47 2.04 -2.56
C VAL A 29 10.18 1.80 -4.04
N ARG A 30 8.92 1.52 -4.38
CA ARG A 30 8.45 1.42 -5.76
C ARG A 30 7.31 2.43 -5.96
N ASP A 31 7.27 3.09 -7.14
CA ASP A 31 6.14 3.96 -7.53
C ASP A 31 5.64 3.54 -8.93
N VAL A 32 4.32 3.53 -9.10
CA VAL A 32 3.62 3.07 -10.32
C VAL A 32 2.73 4.21 -10.83
N ASN A 33 2.91 4.59 -12.11
CA ASN A 33 2.16 5.70 -12.74
C ASN A 33 1.44 5.23 -14.02
N ASP A 34 1.42 3.90 -14.25
CA ASP A 34 0.85 3.29 -15.46
C ASP A 34 0.52 1.80 -15.19
N SER A 35 -0.44 1.26 -15.96
CA SER A 35 -0.96 -0.12 -15.80
C SER A 35 0.09 -1.19 -16.19
N ASP A 36 1.05 -0.84 -17.04
CA ASP A 36 2.10 -1.76 -17.48
C ASP A 36 3.25 -1.76 -16.45
N GLU A 37 3.39 -0.63 -15.74
CA GLU A 37 4.40 -0.46 -14.68
C GLU A 37 4.15 -1.41 -13.49
N LEU A 38 2.88 -1.64 -13.16
CA LEU A 38 2.52 -2.52 -12.03
C LEU A 38 2.72 -4.00 -12.39
N LYS A 39 2.23 -4.40 -13.59
CA LYS A 39 2.19 -5.83 -14.00
C LYS A 39 3.63 -6.39 -14.19
N LYS A 40 4.55 -5.53 -14.65
CA LYS A 40 5.94 -5.93 -14.98
C LYS A 40 6.74 -6.28 -13.70
N GLU A 41 6.50 -5.50 -12.63
CA GLU A 41 7.20 -5.65 -11.35
C GLU A 41 6.48 -6.67 -10.43
N MET A 42 5.15 -6.84 -10.65
CA MET A 42 4.33 -7.89 -9.97
C MET A 42 4.80 -9.31 -10.35
N LYS A 43 5.38 -9.43 -11.55
CA LYS A 43 6.06 -10.66 -12.02
C LYS A 43 7.20 -11.03 -11.05
N LYS A 44 8.03 -10.02 -10.75
CA LYS A 44 9.21 -10.19 -9.87
C LYS A 44 8.81 -10.38 -8.41
N LEU A 45 7.65 -9.83 -8.01
CA LEU A 45 7.08 -10.04 -6.67
C LEU A 45 6.59 -11.49 -6.52
N ALA A 46 6.00 -12.02 -7.61
CA ALA A 46 5.44 -13.40 -7.65
C ALA A 46 6.56 -14.46 -7.56
N GLU A 47 7.69 -14.19 -8.24
CA GLU A 47 8.86 -15.08 -8.27
C GLU A 47 9.64 -15.00 -6.94
N GLU A 48 10.03 -13.78 -6.57
CA GLU A 48 10.92 -13.53 -5.42
C GLU A 48 10.13 -13.41 -4.12
N LYS A 49 10.00 -14.54 -3.41
CA LYS A 49 9.35 -14.63 -2.09
C LYS A 49 10.41 -14.78 -0.97
N ASN A 50 11.70 -14.74 -1.36
CA ASN A 50 12.84 -15.05 -0.48
C ASN A 50 13.37 -13.81 0.26
N PHE A 51 12.79 -12.64 -0.01
CA PHE A 51 13.14 -11.39 0.69
C PHE A 51 11.89 -10.76 1.32
N GLU A 52 12.11 -9.72 2.13
CA GLU A 52 11.06 -9.07 2.93
C GLU A 52 10.07 -8.25 2.06
N LYS A 53 8.99 -7.84 2.74
CA LYS A 53 7.88 -7.03 2.21
C LYS A 53 8.36 -5.74 1.49
N ILE A 54 7.62 -5.37 0.43
CA ILE A 54 7.93 -4.26 -0.48
C ILE A 54 6.83 -3.18 -0.34
N LEU A 55 7.21 -1.91 -0.53
CA LEU A 55 6.26 -0.79 -0.50
C LEU A 55 6.02 -0.28 -1.92
N ILE A 56 4.75 -0.31 -2.34
CA ILE A 56 4.29 0.19 -3.64
C ILE A 56 3.60 1.56 -3.45
N ILE A 57 3.84 2.49 -4.37
CA ILE A 57 3.08 3.77 -4.47
C ILE A 57 2.36 3.77 -5.83
N SER A 58 1.19 4.42 -5.92
CA SER A 58 0.44 4.57 -7.17
C SER A 58 -0.45 5.82 -7.05
N ASN A 59 -0.30 6.72 -8.03
CA ASN A 59 -1.07 7.99 -8.10
C ASN A 59 -2.55 7.72 -8.41
N ASP A 60 -2.80 6.69 -9.23
CA ASP A 60 -4.14 6.36 -9.74
C ASP A 60 -4.81 5.27 -8.87
N LYS A 61 -6.14 5.41 -8.67
CA LYS A 61 -6.96 4.56 -7.77
C LYS A 61 -7.46 3.28 -8.46
N GLN A 62 -7.64 3.33 -9.79
CA GLN A 62 -8.07 2.16 -10.58
C GLN A 62 -6.92 1.16 -10.72
N LEU A 63 -5.65 1.68 -10.70
CA LEU A 63 -4.43 0.84 -10.69
C LEU A 63 -4.34 0.08 -9.37
N LEU A 64 -4.70 0.77 -8.25
CA LEU A 64 -4.75 0.18 -6.90
C LEU A 64 -5.65 -1.05 -6.89
N LYS A 65 -6.90 -0.86 -7.36
CA LYS A 65 -7.98 -1.87 -7.29
C LYS A 65 -7.56 -3.20 -7.97
N GLU A 66 -6.93 -3.07 -9.16
CA GLU A 66 -6.35 -4.21 -9.88
C GLU A 66 -5.26 -4.93 -9.04
N MET A 67 -4.29 -4.13 -8.51
CA MET A 67 -3.16 -4.67 -7.74
C MET A 67 -3.60 -5.35 -6.43
N LEU A 68 -4.63 -4.80 -5.75
CA LEU A 68 -5.18 -5.35 -4.49
C LEU A 68 -5.65 -6.81 -4.69
N GLU A 69 -6.21 -7.08 -5.89
CA GLU A 69 -6.67 -8.41 -6.30
C GLU A 69 -5.48 -9.33 -6.66
N LEU A 70 -4.47 -8.76 -7.36
CA LEU A 70 -3.26 -9.49 -7.78
C LEU A 70 -2.49 -10.04 -6.56
N ILE A 71 -2.21 -9.15 -5.61
CA ILE A 71 -1.44 -9.46 -4.39
C ILE A 71 -2.20 -10.46 -3.49
N SER A 72 -3.53 -10.36 -3.54
CA SER A 72 -4.45 -11.25 -2.80
C SER A 72 -4.36 -12.70 -3.33
N LYS A 73 -4.37 -12.86 -4.68
CA LYS A 73 -4.28 -14.21 -5.31
C LYS A 73 -2.84 -14.74 -5.25
N LEU A 74 -1.85 -13.82 -5.10
CA LEU A 74 -0.45 -14.19 -4.82
C LEU A 74 -0.31 -14.71 -3.38
N GLY A 75 -1.23 -14.27 -2.50
CA GLY A 75 -1.33 -14.80 -1.14
C GLY A 75 -0.57 -13.97 -0.12
N TYR A 76 -0.14 -12.76 -0.52
CA TYR A 76 0.53 -11.83 0.39
C TYR A 76 -0.52 -10.98 1.14
N LYS A 77 -0.11 -10.42 2.27
CA LYS A 77 -0.97 -9.57 3.10
C LYS A 77 -1.13 -8.21 2.42
N VAL A 78 -2.37 -7.89 2.05
CA VAL A 78 -2.70 -6.67 1.29
C VAL A 78 -3.00 -5.52 2.26
N PHE A 79 -2.27 -4.42 2.11
CA PHE A 79 -2.47 -3.18 2.87
C PHE A 79 -2.65 -2.02 1.88
N LEU A 80 -3.51 -1.06 2.22
CA LEU A 80 -3.79 0.10 1.38
C LEU A 80 -3.82 1.36 2.28
N LEU A 81 -3.30 2.46 1.75
CA LEU A 81 -3.22 3.76 2.41
C LEU A 81 -3.50 4.81 1.33
N LEU A 82 -4.61 5.54 1.46
CA LEU A 82 -5.12 6.43 0.38
C LEU A 82 -5.38 7.86 0.88
N GLN A 83 -5.11 8.85 0.00
CA GLN A 83 -5.41 10.28 0.24
C GLN A 83 -5.92 10.92 -1.05
N ASP A 84 -6.78 11.92 -0.89
CA ASP A 84 -7.36 12.69 -2.00
C ASP A 84 -7.99 13.97 -1.40
N GLN A 85 -8.21 14.99 -2.24
CA GLN A 85 -8.85 16.25 -1.80
C GLN A 85 -10.35 16.04 -1.54
N ASP A 86 -10.96 15.10 -2.28
CA ASP A 86 -12.34 14.63 -2.04
C ASP A 86 -12.29 13.36 -1.17
N GLU A 87 -12.48 13.55 0.15
CA GLU A 87 -12.43 12.48 1.15
C GLU A 87 -13.63 11.52 1.01
N ASN A 88 -14.71 12.03 0.40
CA ASN A 88 -15.95 11.26 0.16
C ASN A 88 -15.70 10.06 -0.79
N GLU A 89 -14.69 10.19 -1.66
CA GLU A 89 -14.31 9.10 -2.57
C GLU A 89 -13.50 8.03 -1.83
N LEU A 90 -12.71 8.51 -0.85
CA LEU A 90 -11.83 7.66 -0.03
C LEU A 90 -12.62 6.71 0.88
N GLU A 91 -13.73 7.21 1.47
CA GLU A 91 -14.58 6.42 2.39
C GLU A 91 -15.27 5.26 1.64
N GLU A 92 -15.71 5.53 0.40
CA GLU A 92 -16.46 4.56 -0.43
C GLU A 92 -15.55 3.45 -0.96
N PHE A 93 -14.32 3.83 -1.36
CA PHE A 93 -13.29 2.87 -1.81
C PHE A 93 -12.85 1.98 -0.62
N LYS A 94 -12.57 2.65 0.53
CA LYS A 94 -12.06 1.98 1.75
C LYS A 94 -13.01 0.88 2.27
N ARG A 95 -14.30 1.22 2.42
CA ARG A 95 -15.32 0.30 2.99
C ARG A 95 -15.53 -0.98 2.16
N LYS A 96 -15.15 -0.91 0.86
CA LYS A 96 -15.09 -2.10 -0.02
C LYS A 96 -13.96 -3.02 0.45
N ILE A 97 -12.77 -2.39 0.58
CA ILE A 97 -11.48 -3.08 0.80
C ILE A 97 -11.43 -3.74 2.22
N GLU A 98 -12.05 -3.07 3.23
CA GLU A 98 -12.28 -3.65 4.59
C GLU A 98 -13.04 -4.98 4.50
N SER A 99 -14.17 -4.94 3.77
CA SER A 99 -15.09 -6.09 3.60
C SER A 99 -14.40 -7.23 2.83
N GLN A 100 -13.48 -6.86 1.92
CA GLN A 100 -12.71 -7.81 1.10
C GLN A 100 -11.52 -8.43 1.88
N GLY A 101 -11.42 -8.10 3.19
CA GLY A 101 -10.48 -8.77 4.11
C GLY A 101 -9.11 -8.12 4.17
N TYR A 102 -8.92 -7.05 3.39
CA TYR A 102 -7.64 -6.34 3.32
C TYR A 102 -7.62 -5.21 4.37
N GLU A 103 -6.43 -4.88 4.91
CA GLU A 103 -6.28 -3.74 5.82
C GLU A 103 -6.11 -2.46 4.98
N VAL A 104 -6.95 -1.46 5.27
CA VAL A 104 -6.97 -0.20 4.52
C VAL A 104 -7.11 0.99 5.48
N ARG A 105 -6.42 2.09 5.16
CA ARG A 105 -6.33 3.27 6.01
C ARG A 105 -6.64 4.52 5.18
N LYS A 106 -7.59 5.34 5.67
CA LYS A 106 -7.93 6.64 5.05
C LYS A 106 -7.12 7.77 5.70
N VAL A 107 -6.57 8.66 4.87
CA VAL A 107 -5.99 9.94 5.30
C VAL A 107 -6.38 11.02 4.27
N THR A 108 -6.07 12.28 4.59
CA THR A 108 -6.35 13.43 3.70
C THR A 108 -5.15 14.39 3.71
N ASP A 109 -4.55 14.55 4.90
CA ASP A 109 -3.37 15.43 5.08
C ASP A 109 -2.07 14.71 4.69
N ASP A 110 -1.07 15.55 4.37
CA ASP A 110 0.34 15.15 4.14
C ASP A 110 0.87 14.37 5.35
N GLU A 111 0.76 15.03 6.53
CA GLU A 111 1.28 14.52 7.81
C GLU A 111 0.70 13.14 8.18
N GLU A 112 -0.62 12.97 7.93
CA GLU A 112 -1.36 11.76 8.27
C GLU A 112 -0.89 10.55 7.43
N ALA A 113 -0.52 10.83 6.17
CA ALA A 113 0.01 9.82 5.25
C ALA A 113 1.37 9.29 5.74
N LEU A 114 2.26 10.24 6.14
CA LEU A 114 3.64 9.91 6.58
C LEU A 114 3.63 9.14 7.93
N LYS A 115 2.57 9.37 8.73
CA LYS A 115 2.35 8.69 10.01
C LYS A 115 2.08 7.18 9.80
N ILE A 116 1.03 6.87 9.02
CA ILE A 116 0.53 5.49 8.87
C ILE A 116 1.54 4.55 8.13
N VAL A 117 2.44 5.15 7.32
CA VAL A 117 3.63 4.44 6.76
C VAL A 117 4.38 3.65 7.88
N ARG A 118 4.56 4.32 9.04
CA ARG A 118 5.25 3.73 10.21
C ARG A 118 4.37 2.64 10.85
N GLU A 119 3.06 2.94 11.03
CA GLU A 119 2.10 2.03 11.66
C GLU A 119 2.00 0.68 10.93
N PHE A 120 2.12 0.70 9.57
CA PHE A 120 2.24 -0.53 8.76
C PHE A 120 3.39 -1.42 9.24
N MET A 121 4.56 -0.79 9.47
CA MET A 121 5.83 -1.48 9.77
C MET A 121 5.73 -2.38 11.03
N GLN A 122 4.86 -1.99 11.99
CA GLN A 122 4.62 -2.77 13.23
C GLN A 122 3.33 -3.64 13.13
N LYS A 123 2.29 -3.15 12.39
CA LYS A 123 0.93 -3.76 12.37
C LYS A 123 0.94 -5.02 11.49
N ALA A 124 1.41 -4.87 10.24
CA ALA A 124 1.38 -5.93 9.23
C ALA A 124 2.36 -7.08 9.53
N GLY A 125 3.21 -6.92 10.57
CA GLY A 125 4.01 -8.03 11.08
C GLY A 125 3.19 -8.92 12.01
N SER A 126 2.18 -9.58 11.43
CA SER A 126 1.22 -10.42 12.16
C SER A 126 0.83 -11.62 11.28
N LEU A 127 1.46 -12.78 11.54
CA LEU A 127 1.19 -14.04 10.80
C LEU A 127 -0.13 -14.64 11.35
N GLU A 128 -1.25 -14.25 10.72
CA GLU A 128 -2.59 -14.67 11.15
C GLU A 128 -2.91 -16.09 10.69
N HIS A 129 -3.42 -16.90 11.63
CA HIS A 129 -3.99 -18.23 11.35
C HIS A 129 -5.52 -18.15 11.36
N HIS A 130 -6.06 -16.96 11.01
CA HIS A 130 -7.50 -16.72 10.85
C HIS A 130 -8.04 -17.66 9.76
N HIS A 131 -9.05 -18.46 10.13
CA HIS A 131 -9.66 -19.47 9.26
C HIS A 131 -10.40 -18.79 8.10
N HIS A 132 -10.28 -19.38 6.91
CA HIS A 132 -10.81 -18.82 5.64
C HIS A 132 -12.35 -18.92 5.56
N HIS A 133 -12.95 -19.62 6.53
CA HIS A 133 -14.40 -19.65 6.74
C HIS A 133 -14.72 -19.03 8.12
N HIS A 134 -15.46 -17.90 8.14
CA HIS A 134 -15.96 -17.29 9.39
C HIS A 134 -17.36 -17.84 9.72
N MET A 1 5.02 -15.23 5.13
CA MET A 1 4.34 -13.97 4.79
C MET A 1 5.36 -12.92 4.34
N LYS A 2 4.84 -11.91 3.64
CA LYS A 2 5.61 -10.77 3.14
C LYS A 2 4.61 -9.66 2.85
N GLU A 3 4.64 -8.61 3.66
CA GLU A 3 3.54 -7.64 3.77
C GLU A 3 3.61 -6.59 2.64
N LEU A 4 2.45 -6.20 2.10
CA LEU A 4 2.37 -5.26 0.96
C LEU A 4 1.44 -4.10 1.30
N ILE A 5 2.01 -2.89 1.39
CA ILE A 5 1.25 -1.64 1.65
C ILE A 5 1.22 -0.80 0.35
N LEU A 6 0.01 -0.44 -0.10
CA LEU A 6 -0.21 0.36 -1.29
C LEU A 6 -0.70 1.74 -0.88
N ILE A 7 0.06 2.78 -1.21
CA ILE A 7 -0.26 4.17 -0.87
C ILE A 7 -0.91 4.83 -2.09
N ASN A 8 -2.07 5.44 -1.88
CA ASN A 8 -2.78 6.24 -2.87
C ASN A 8 -2.53 7.70 -2.51
N THR A 9 -1.80 8.42 -3.34
CA THR A 9 -1.49 9.84 -3.11
C THR A 9 -1.46 10.59 -4.45
N ASN A 10 -2.35 11.58 -4.55
CA ASN A 10 -2.45 12.49 -5.71
C ASN A 10 -1.61 13.77 -5.47
N ASN A 11 -0.84 13.78 -4.36
CA ASN A 11 0.04 14.90 -4.00
C ASN A 11 1.51 14.53 -4.30
N ASP A 12 2.07 15.14 -5.36
CA ASP A 12 3.39 14.79 -5.91
C ASP A 12 4.53 14.98 -4.90
N GLU A 13 4.51 16.12 -4.17
CA GLU A 13 5.56 16.43 -3.18
C GLU A 13 5.54 15.42 -2.03
N LEU A 14 4.32 14.91 -1.69
CA LEU A 14 4.16 13.90 -0.64
C LEU A 14 4.79 12.58 -1.05
N ILE A 15 4.57 12.18 -2.34
CA ILE A 15 5.12 10.94 -2.91
C ILE A 15 6.64 10.88 -2.70
N LYS A 16 7.31 12.01 -3.00
CA LYS A 16 8.78 12.17 -2.88
C LYS A 16 9.22 11.93 -1.42
N LYS A 17 8.49 12.56 -0.49
CA LYS A 17 8.74 12.51 0.97
C LYS A 17 8.56 11.09 1.52
N ILE A 18 7.52 10.38 1.03
CA ILE A 18 7.22 8.99 1.42
C ILE A 18 8.41 8.10 1.06
N LYS A 19 8.90 8.24 -0.20
CA LYS A 19 10.04 7.46 -0.73
C LYS A 19 11.25 7.56 0.21
N LYS A 20 11.55 8.80 0.63
CA LYS A 20 12.70 9.10 1.46
C LYS A 20 12.58 8.43 2.85
N GLU A 21 11.37 8.47 3.44
CA GLU A 21 11.10 7.81 4.74
C GLU A 21 11.27 6.29 4.66
N VAL A 22 10.72 5.70 3.61
CA VAL A 22 10.65 4.25 3.41
C VAL A 22 12.04 3.66 3.08
N GLU A 23 12.85 4.43 2.33
CA GLU A 23 14.23 4.05 1.97
C GLU A 23 15.16 4.12 3.20
N ASN A 24 14.82 5.01 4.18
CA ASN A 24 15.52 5.09 5.48
C ASN A 24 15.21 3.83 6.32
N GLN A 25 13.97 3.32 6.19
CA GLN A 25 13.52 2.09 6.91
C GLN A 25 14.04 0.82 6.20
N GLY A 26 14.36 0.95 4.89
CA GLY A 26 14.96 -0.13 4.12
C GLY A 26 13.94 -1.03 3.43
N TYR A 27 12.84 -0.45 2.95
CA TYR A 27 11.81 -1.17 2.15
C TYR A 27 11.93 -0.72 0.69
N GLN A 28 11.47 -1.59 -0.24
CA GLN A 28 11.54 -1.32 -1.69
C GLN A 28 10.38 -0.39 -2.08
N VAL A 29 10.72 0.84 -2.50
CA VAL A 29 9.71 1.83 -2.96
C VAL A 29 9.46 1.65 -4.46
N ARG A 30 8.30 1.05 -4.80
CA ARG A 30 7.88 0.87 -6.19
C ARG A 30 6.60 1.71 -6.39
N ASP A 31 6.70 2.86 -7.08
CA ASP A 31 5.53 3.70 -7.39
C ASP A 31 5.07 3.46 -8.83
N VAL A 32 3.75 3.51 -9.02
CA VAL A 32 3.10 3.17 -10.29
C VAL A 32 2.42 4.42 -10.87
N ASN A 33 2.82 4.80 -12.09
CA ASN A 33 2.21 5.90 -12.86
C ASN A 33 1.53 5.34 -14.14
N ASP A 34 1.77 4.04 -14.43
CA ASP A 34 1.41 3.40 -15.71
C ASP A 34 0.82 2.00 -15.48
N SER A 35 -0.07 1.58 -16.40
CA SER A 35 -0.79 0.29 -16.36
C SER A 35 0.13 -0.93 -16.51
N ASP A 36 1.18 -0.78 -17.33
CA ASP A 36 2.10 -1.88 -17.67
C ASP A 36 3.22 -1.95 -16.64
N GLU A 37 3.42 -0.84 -15.93
CA GLU A 37 4.32 -0.72 -14.80
C GLU A 37 3.79 -1.56 -13.60
N LEU A 38 2.46 -1.51 -13.33
CA LEU A 38 1.88 -2.19 -12.14
C LEU A 38 2.05 -3.71 -12.26
N LYS A 39 1.79 -4.24 -13.47
CA LYS A 39 1.73 -5.70 -13.72
C LYS A 39 3.13 -6.34 -13.59
N LYS A 40 4.17 -5.59 -14.00
CA LYS A 40 5.55 -6.11 -14.00
C LYS A 40 6.14 -6.10 -12.58
N GLU A 41 5.67 -5.15 -11.74
CA GLU A 41 6.07 -5.07 -10.32
C GLU A 41 5.26 -6.03 -9.44
N MET A 42 4.03 -6.37 -9.88
CA MET A 42 3.22 -7.44 -9.24
C MET A 42 3.91 -8.80 -9.41
N LYS A 43 4.60 -8.97 -10.56
CA LYS A 43 5.42 -10.16 -10.82
C LYS A 43 6.64 -10.16 -9.87
N LYS A 44 7.28 -8.98 -9.69
CA LYS A 44 8.48 -8.83 -8.81
C LYS A 44 8.26 -9.38 -7.39
N LEU A 45 7.01 -9.25 -6.90
CA LEU A 45 6.61 -9.76 -5.57
C LEU A 45 6.62 -11.29 -5.53
N ALA A 46 6.22 -11.91 -6.64
CA ALA A 46 6.11 -13.37 -6.79
C ALA A 46 7.46 -14.02 -7.10
N GLU A 47 8.11 -13.52 -8.17
CA GLU A 47 9.39 -14.05 -8.69
C GLU A 47 10.48 -13.95 -7.62
N GLU A 48 10.55 -12.80 -6.96
CA GLU A 48 11.47 -12.56 -5.84
C GLU A 48 10.69 -12.82 -4.54
N LYS A 49 11.07 -13.86 -3.78
CA LYS A 49 10.33 -14.27 -2.56
C LYS A 49 11.05 -13.84 -1.28
N ASN A 50 12.36 -14.15 -1.20
CA ASN A 50 13.14 -14.10 0.06
C ASN A 50 13.46 -12.68 0.53
N PHE A 51 13.28 -11.66 -0.34
CA PHE A 51 13.53 -10.25 0.04
C PHE A 51 12.41 -9.76 0.97
N GLU A 52 12.73 -8.77 1.80
CA GLU A 52 11.81 -8.19 2.80
C GLU A 52 10.60 -7.51 2.15
N LYS A 53 9.62 -7.13 3.00
CA LYS A 53 8.32 -6.59 2.56
C LYS A 53 8.48 -5.26 1.79
N ILE A 54 7.56 -5.06 0.83
CA ILE A 54 7.67 -4.01 -0.20
C ILE A 54 6.59 -2.94 0.03
N LEU A 55 6.93 -1.69 -0.25
CA LEU A 55 6.00 -0.57 -0.22
C LEU A 55 5.68 -0.13 -1.65
N ILE A 56 4.43 -0.32 -2.07
CA ILE A 56 3.93 0.12 -3.38
C ILE A 56 3.24 1.48 -3.20
N ILE A 57 3.44 2.40 -4.15
CA ILE A 57 2.65 3.64 -4.27
C ILE A 57 1.97 3.61 -5.65
N SER A 58 0.83 4.29 -5.78
CA SER A 58 0.15 4.48 -7.08
C SER A 58 -0.64 5.78 -7.06
N ASN A 59 -0.78 6.36 -8.26
CA ASN A 59 -1.51 7.62 -8.48
C ASN A 59 -3.01 7.38 -8.35
N ASP A 60 -3.54 6.53 -9.24
CA ASP A 60 -4.99 6.35 -9.42
C ASP A 60 -5.46 5.05 -8.74
N LYS A 61 -6.74 5.04 -8.33
CA LYS A 61 -7.36 3.94 -7.57
C LYS A 61 -7.67 2.69 -8.42
N GLN A 62 -7.67 2.85 -9.76
CA GLN A 62 -7.92 1.74 -10.70
C GLN A 62 -6.72 0.77 -10.72
N LEU A 63 -5.49 1.36 -10.63
CA LEU A 63 -4.24 0.62 -10.64
C LEU A 63 -4.14 -0.20 -9.35
N LEU A 64 -4.56 0.44 -8.24
CA LEU A 64 -4.65 -0.18 -6.91
C LEU A 64 -5.54 -1.42 -6.94
N LYS A 65 -6.79 -1.25 -7.46
CA LYS A 65 -7.84 -2.29 -7.46
C LYS A 65 -7.32 -3.64 -8.02
N GLU A 66 -6.64 -3.57 -9.17
CA GLU A 66 -5.99 -4.73 -9.80
C GLU A 66 -4.89 -5.32 -8.88
N MET A 67 -3.98 -4.44 -8.40
CA MET A 67 -2.80 -4.86 -7.61
C MET A 67 -3.19 -5.54 -6.28
N LEU A 68 -4.23 -5.02 -5.61
CA LEU A 68 -4.75 -5.56 -4.33
C LEU A 68 -5.15 -7.04 -4.45
N GLU A 69 -5.77 -7.37 -5.60
CA GLU A 69 -6.30 -8.72 -5.89
C GLU A 69 -5.17 -9.67 -6.34
N LEU A 70 -4.16 -9.09 -7.02
CA LEU A 70 -2.96 -9.84 -7.44
C LEU A 70 -2.09 -10.23 -6.23
N ILE A 71 -1.94 -9.28 -5.30
CA ILE A 71 -1.22 -9.51 -4.02
C ILE A 71 -1.99 -10.53 -3.14
N SER A 72 -3.33 -10.51 -3.27
CA SER A 72 -4.22 -11.42 -2.55
C SER A 72 -4.04 -12.87 -3.03
N LYS A 73 -3.93 -13.07 -4.37
CA LYS A 73 -3.75 -14.41 -4.95
C LYS A 73 -2.31 -14.93 -4.76
N LEU A 74 -1.37 -13.99 -4.50
CA LEU A 74 0.01 -14.35 -4.10
C LEU A 74 0.02 -14.83 -2.65
N GLY A 75 -0.93 -14.30 -1.85
CA GLY A 75 -1.16 -14.72 -0.48
C GLY A 75 -0.49 -13.82 0.53
N TYR A 76 -0.12 -12.62 0.08
CA TYR A 76 0.54 -11.61 0.92
C TYR A 76 -0.49 -10.73 1.64
N LYS A 77 0.00 -9.97 2.64
CA LYS A 77 -0.81 -8.99 3.37
C LYS A 77 -1.20 -7.85 2.42
N VAL A 78 -2.50 -7.73 2.15
CA VAL A 78 -3.03 -6.62 1.36
C VAL A 78 -3.40 -5.48 2.30
N PHE A 79 -2.57 -4.43 2.29
CA PHE A 79 -2.75 -3.22 3.08
C PHE A 79 -2.87 -2.06 2.09
N LEU A 80 -3.85 -1.17 2.31
CA LEU A 80 -4.12 -0.06 1.40
C LEU A 80 -4.31 1.23 2.20
N LEU A 81 -3.28 2.08 2.21
CA LEU A 81 -3.34 3.41 2.81
C LEU A 81 -3.70 4.40 1.70
N LEU A 82 -4.90 5.00 1.75
CA LEU A 82 -5.35 5.97 0.74
C LEU A 82 -5.47 7.38 1.33
N GLN A 83 -4.99 8.38 0.57
CA GLN A 83 -5.01 9.80 0.96
C GLN A 83 -5.36 10.67 -0.26
N ASP A 84 -6.28 11.60 -0.04
CA ASP A 84 -6.70 12.61 -1.01
C ASP A 84 -7.25 13.82 -0.25
N GLN A 85 -7.36 14.94 -0.95
CA GLN A 85 -7.95 16.18 -0.41
C GLN A 85 -9.48 16.11 -0.47
N ASP A 86 -10.02 15.12 -1.23
CA ASP A 86 -11.44 14.77 -1.24
C ASP A 86 -11.63 13.42 -0.52
N GLU A 87 -12.36 13.45 0.60
CA GLU A 87 -12.62 12.28 1.44
C GLU A 87 -13.69 11.35 0.83
N ASN A 88 -14.57 11.90 -0.04
CA ASN A 88 -15.70 11.14 -0.63
C ASN A 88 -15.17 10.00 -1.52
N GLU A 89 -14.10 10.32 -2.28
CA GLU A 89 -13.39 9.36 -3.14
C GLU A 89 -12.65 8.31 -2.31
N LEU A 90 -12.10 8.75 -1.16
CA LEU A 90 -11.40 7.87 -0.21
C LEU A 90 -12.34 6.82 0.37
N GLU A 91 -13.53 7.26 0.80
CA GLU A 91 -14.47 6.42 1.56
C GLU A 91 -15.31 5.53 0.65
N GLU A 92 -15.58 5.96 -0.61
CA GLU A 92 -16.36 5.14 -1.57
C GLU A 92 -15.56 3.91 -2.00
N PHE A 93 -14.25 4.12 -2.27
CA PHE A 93 -13.33 3.05 -2.64
C PHE A 93 -13.01 2.19 -1.41
N LYS A 94 -12.76 2.84 -0.25
CA LYS A 94 -12.48 2.14 1.02
C LYS A 94 -13.60 1.17 1.40
N ARG A 95 -14.88 1.62 1.32
CA ARG A 95 -16.04 0.78 1.70
C ARG A 95 -16.25 -0.40 0.73
N LYS A 96 -15.79 -0.23 -0.53
CA LYS A 96 -15.72 -1.34 -1.49
C LYS A 96 -14.69 -2.37 -1.02
N ILE A 97 -13.50 -1.86 -0.64
CA ILE A 97 -12.36 -2.69 -0.19
C ILE A 97 -12.64 -3.39 1.16
N GLU A 98 -13.49 -2.75 2.01
CA GLU A 98 -14.06 -3.39 3.22
C GLU A 98 -14.86 -4.65 2.84
N SER A 99 -15.72 -4.49 1.81
CA SER A 99 -16.58 -5.57 1.28
C SER A 99 -15.73 -6.63 0.55
N GLN A 100 -14.61 -6.19 -0.06
CA GLN A 100 -13.64 -7.07 -0.75
C GLN A 100 -12.78 -7.84 0.28
N GLY A 101 -12.71 -7.29 1.52
CA GLY A 101 -12.07 -7.95 2.64
C GLY A 101 -10.57 -7.76 2.68
N TYR A 102 -10.10 -6.55 2.36
CA TYR A 102 -8.67 -6.18 2.45
C TYR A 102 -8.50 -5.11 3.52
N GLU A 103 -7.33 -5.11 4.18
CA GLU A 103 -6.96 -4.08 5.17
C GLU A 103 -6.76 -2.73 4.46
N VAL A 104 -7.60 -1.74 4.80
CA VAL A 104 -7.55 -0.39 4.19
C VAL A 104 -7.72 0.69 5.27
N ARG A 105 -6.78 1.64 5.32
CA ARG A 105 -6.79 2.79 6.24
C ARG A 105 -7.03 4.08 5.44
N LYS A 106 -7.79 5.02 6.03
CA LYS A 106 -8.07 6.33 5.40
C LYS A 106 -7.37 7.45 6.16
N VAL A 107 -6.85 8.44 5.40
CA VAL A 107 -6.37 9.72 5.95
C VAL A 107 -6.68 10.84 4.92
N THR A 108 -7.38 11.88 5.38
CA THR A 108 -7.61 13.10 4.58
C THR A 108 -6.34 13.97 4.58
N ASP A 109 -5.58 13.87 5.68
CA ASP A 109 -4.33 14.63 5.89
C ASP A 109 -3.15 13.92 5.21
N ASP A 110 -2.32 14.71 4.53
CA ASP A 110 -1.07 14.23 3.88
C ASP A 110 0.00 13.85 4.93
N GLU A 111 0.02 14.61 6.04
CA GLU A 111 0.99 14.39 7.14
C GLU A 111 0.67 13.08 7.91
N GLU A 112 -0.64 12.77 8.02
CA GLU A 112 -1.12 11.53 8.67
C GLU A 112 -0.88 10.30 7.77
N ALA A 113 -0.77 10.54 6.45
CA ALA A 113 -0.36 9.51 5.48
C ALA A 113 1.07 9.06 5.76
N LEU A 114 1.95 10.05 6.04
CA LEU A 114 3.35 9.78 6.42
C LEU A 114 3.39 8.98 7.73
N LYS A 115 2.52 9.36 8.69
CA LYS A 115 2.48 8.74 10.03
C LYS A 115 2.22 7.22 9.95
N ILE A 116 1.19 6.82 9.15
CA ILE A 116 0.79 5.40 9.00
C ILE A 116 1.83 4.60 8.16
N VAL A 117 2.59 5.30 7.30
CA VAL A 117 3.75 4.70 6.58
C VAL A 117 4.80 4.18 7.62
N ARG A 118 5.14 5.04 8.60
CA ARG A 118 6.10 4.66 9.68
C ARG A 118 5.47 3.61 10.61
N GLU A 119 4.16 3.74 10.88
CA GLU A 119 3.41 2.75 11.69
C GLU A 119 3.43 1.37 11.05
N PHE A 120 3.34 1.29 9.70
CA PHE A 120 3.36 0.01 8.97
C PHE A 120 4.64 -0.79 9.29
N MET A 121 5.74 -0.07 9.55
CA MET A 121 7.04 -0.69 9.84
C MET A 121 6.99 -1.56 11.14
N GLN A 122 6.06 -1.23 12.09
CA GLN A 122 5.81 -2.06 13.30
C GLN A 122 4.53 -2.93 13.14
N LYS A 123 3.54 -2.46 12.34
CA LYS A 123 2.24 -3.15 12.12
C LYS A 123 2.44 -4.38 11.23
N ALA A 124 3.47 -4.33 10.37
CA ALA A 124 3.85 -5.44 9.47
C ALA A 124 4.53 -6.57 10.26
N GLY A 125 4.85 -6.30 11.55
CA GLY A 125 5.24 -7.35 12.49
C GLY A 125 4.11 -8.35 12.65
N SER A 126 4.17 -9.43 11.86
CA SER A 126 3.06 -10.37 11.65
C SER A 126 2.72 -11.14 12.94
N LEU A 127 1.91 -10.49 13.80
CA LEU A 127 1.40 -11.07 15.06
C LEU A 127 0.30 -12.10 14.76
N GLU A 128 -0.23 -12.76 15.81
CA GLU A 128 -1.36 -13.69 15.67
C GLU A 128 -2.61 -12.92 15.16
N HIS A 129 -2.85 -13.02 13.85
CA HIS A 129 -3.95 -12.32 13.18
C HIS A 129 -5.27 -13.05 13.45
N HIS A 130 -6.16 -12.40 14.23
CA HIS A 130 -7.53 -12.90 14.44
C HIS A 130 -8.34 -12.72 13.15
N HIS A 131 -8.39 -13.79 12.34
CA HIS A 131 -9.08 -13.78 11.04
C HIS A 131 -9.60 -15.20 10.73
N HIS A 132 -10.68 -15.57 11.43
CA HIS A 132 -11.34 -16.89 11.29
C HIS A 132 -12.59 -16.76 10.39
N HIS A 133 -13.52 -17.72 10.52
CA HIS A 133 -14.78 -17.73 9.78
C HIS A 133 -15.68 -16.55 10.22
N HIS A 134 -15.98 -15.65 9.27
CA HIS A 134 -16.89 -14.50 9.49
C HIS A 134 -18.34 -14.91 9.12
N MET A 1 6.32 -14.71 5.30
CA MET A 1 5.15 -13.87 5.00
C MET A 1 5.61 -12.51 4.42
N LYS A 2 5.09 -12.15 3.22
CA LYS A 2 5.32 -10.82 2.61
C LYS A 2 4.05 -9.98 2.74
N GLU A 3 4.23 -8.66 2.81
CA GLU A 3 3.13 -7.67 2.81
C GLU A 3 3.35 -6.68 1.68
N LEU A 4 2.24 -6.17 1.14
CA LEU A 4 2.27 -5.13 0.11
C LEU A 4 1.35 -3.99 0.55
N ILE A 5 1.96 -2.83 0.85
CA ILE A 5 1.24 -1.59 1.17
C ILE A 5 1.17 -0.72 -0.09
N LEU A 6 -0.05 -0.39 -0.51
CA LEU A 6 -0.29 0.44 -1.71
C LEU A 6 -0.71 1.84 -1.23
N ILE A 7 0.05 2.87 -1.63
CA ILE A 7 -0.23 4.27 -1.28
C ILE A 7 -0.95 4.94 -2.47
N ASN A 8 -1.97 5.75 -2.16
CA ASN A 8 -2.65 6.62 -3.12
C ASN A 8 -2.61 8.04 -2.55
N THR A 9 -2.16 8.99 -3.37
CA THR A 9 -2.00 10.38 -2.94
C THR A 9 -2.30 11.35 -4.09
N ASN A 10 -2.89 12.51 -3.72
CA ASN A 10 -3.20 13.62 -4.65
C ASN A 10 -1.96 14.50 -4.90
N ASN A 11 -1.06 14.52 -3.91
CA ASN A 11 0.08 15.44 -3.86
C ASN A 11 1.38 14.74 -4.30
N ASP A 12 1.99 15.24 -5.39
CA ASP A 12 3.28 14.74 -5.94
C ASP A 12 4.44 15.05 -4.99
N GLU A 13 4.36 16.20 -4.31
CA GLU A 13 5.34 16.62 -3.30
C GLU A 13 5.34 15.62 -2.13
N LEU A 14 4.14 15.10 -1.80
CA LEU A 14 3.98 14.10 -0.74
C LEU A 14 4.58 12.75 -1.18
N ILE A 15 4.36 12.36 -2.48
CA ILE A 15 4.93 11.10 -3.06
C ILE A 15 6.45 11.03 -2.79
N LYS A 16 7.13 12.17 -3.02
CA LYS A 16 8.59 12.32 -2.81
C LYS A 16 8.95 12.07 -1.32
N LYS A 17 8.18 12.74 -0.41
CA LYS A 17 8.35 12.63 1.05
C LYS A 17 8.12 11.19 1.56
N ILE A 18 7.14 10.50 0.94
CA ILE A 18 6.77 9.11 1.29
C ILE A 18 7.96 8.20 0.99
N LYS A 19 8.55 8.36 -0.23
CA LYS A 19 9.74 7.59 -0.67
C LYS A 19 10.85 7.66 0.38
N LYS A 20 11.06 8.88 0.91
CA LYS A 20 12.11 9.18 1.89
C LYS A 20 11.80 8.56 3.28
N GLU A 21 10.50 8.46 3.64
CA GLU A 21 10.06 7.75 4.86
C GLU A 21 10.36 6.24 4.73
N VAL A 22 10.19 5.70 3.52
CA VAL A 22 10.45 4.29 3.20
C VAL A 22 11.97 4.01 3.22
N GLU A 23 12.76 5.05 2.88
CA GLU A 23 14.24 5.01 2.98
C GLU A 23 14.66 4.92 4.46
N ASN A 24 13.90 5.61 5.34
CA ASN A 24 14.12 5.58 6.79
C ASN A 24 13.85 4.18 7.35
N GLN A 25 12.94 3.43 6.69
CA GLN A 25 12.52 2.07 7.12
C GLN A 25 13.36 0.98 6.41
N GLY A 26 13.98 1.34 5.28
CA GLY A 26 14.84 0.42 4.51
C GLY A 26 14.06 -0.58 3.64
N TYR A 27 12.87 -0.18 3.17
CA TYR A 27 12.02 -1.01 2.28
C TYR A 27 12.18 -0.57 0.81
N GLN A 28 11.67 -1.38 -0.12
CA GLN A 28 11.77 -1.11 -1.57
C GLN A 28 10.65 -0.14 -2.00
N VAL A 29 11.01 1.08 -2.44
CA VAL A 29 10.07 2.04 -3.03
C VAL A 29 9.80 1.67 -4.49
N ARG A 30 8.58 1.19 -4.78
CA ARG A 30 8.12 0.93 -6.16
C ARG A 30 6.89 1.79 -6.43
N ASP A 31 7.06 2.84 -7.25
CA ASP A 31 5.97 3.77 -7.62
C ASP A 31 5.49 3.44 -9.05
N VAL A 32 4.17 3.51 -9.26
CA VAL A 32 3.50 3.11 -10.50
C VAL A 32 2.47 4.18 -10.89
N ASN A 33 2.63 4.73 -12.10
CA ASN A 33 1.72 5.75 -12.66
C ASN A 33 1.14 5.25 -13.99
N ASP A 34 1.36 3.96 -14.30
CA ASP A 34 1.05 3.37 -15.61
C ASP A 34 0.58 1.90 -15.45
N SER A 35 -0.37 1.49 -16.30
CA SER A 35 -1.03 0.17 -16.22
C SER A 35 -0.07 -1.00 -16.53
N ASP A 36 0.93 -0.75 -17.38
CA ASP A 36 1.90 -1.78 -17.81
C ASP A 36 2.95 -2.00 -16.71
N GLU A 37 3.28 -0.94 -15.97
CA GLU A 37 4.29 -1.00 -14.91
C GLU A 37 3.87 -1.90 -13.73
N LEU A 38 2.56 -1.86 -13.35
CA LEU A 38 2.06 -2.61 -12.17
C LEU A 38 2.17 -4.13 -12.37
N LYS A 39 1.87 -4.60 -13.59
CA LYS A 39 1.86 -6.03 -13.91
C LYS A 39 3.31 -6.59 -13.92
N LYS A 40 4.28 -5.69 -14.21
CA LYS A 40 5.73 -5.98 -14.12
C LYS A 40 6.18 -6.12 -12.65
N GLU A 41 5.64 -5.25 -11.77
CA GLU A 41 5.98 -5.26 -10.33
C GLU A 41 5.46 -6.52 -9.65
N MET A 42 4.22 -6.92 -10.02
CA MET A 42 3.58 -8.15 -9.48
C MET A 42 4.43 -9.39 -9.79
N LYS A 43 5.03 -9.41 -11.01
CA LYS A 43 5.92 -10.48 -11.45
C LYS A 43 7.13 -10.60 -10.51
N LYS A 44 7.72 -9.43 -10.19
CA LYS A 44 8.95 -9.34 -9.37
C LYS A 44 8.72 -9.74 -7.89
N LEU A 45 7.47 -9.65 -7.42
CA LEU A 45 7.09 -10.09 -6.06
C LEU A 45 7.13 -11.63 -5.93
N ALA A 46 6.79 -12.33 -7.03
CA ALA A 46 6.77 -13.79 -7.08
C ALA A 46 8.18 -14.34 -7.42
N GLU A 47 8.85 -13.68 -8.40
CA GLU A 47 10.24 -14.00 -8.81
C GLU A 47 11.20 -13.85 -7.63
N GLU A 48 11.08 -12.70 -6.93
CA GLU A 48 11.85 -12.39 -5.73
C GLU A 48 10.93 -12.46 -4.50
N LYS A 49 11.00 -13.59 -3.78
CA LYS A 49 10.21 -13.81 -2.55
C LYS A 49 11.09 -13.71 -1.29
N ASN A 50 12.38 -14.06 -1.41
CA ASN A 50 13.28 -14.30 -0.27
C ASN A 50 13.93 -12.98 0.23
N PHE A 51 13.10 -12.14 0.88
CA PHE A 51 13.51 -10.86 1.53
C PHE A 51 12.32 -10.24 2.26
N GLU A 52 12.54 -9.05 2.86
CA GLU A 52 11.47 -8.27 3.52
C GLU A 52 10.42 -7.75 2.50
N LYS A 53 9.48 -6.96 3.00
CA LYS A 53 8.27 -6.56 2.27
C LYS A 53 8.46 -5.23 1.53
N ILE A 54 7.68 -5.06 0.45
CA ILE A 54 7.84 -3.99 -0.54
C ILE A 54 6.70 -2.97 -0.39
N LEU A 55 7.04 -1.69 -0.56
CA LEU A 55 6.08 -0.60 -0.50
C LEU A 55 5.76 -0.12 -1.93
N ILE A 56 4.49 -0.27 -2.33
CA ILE A 56 3.99 0.17 -3.63
C ILE A 56 3.29 1.55 -3.48
N ILE A 57 3.50 2.45 -4.45
CA ILE A 57 2.73 3.71 -4.59
C ILE A 57 2.05 3.68 -5.98
N SER A 58 0.81 4.18 -6.07
CA SER A 58 0.09 4.36 -7.34
C SER A 58 -1.00 5.44 -7.18
N ASN A 59 -1.13 6.32 -8.20
CA ASN A 59 -2.00 7.52 -8.13
C ASN A 59 -3.38 7.28 -8.77
N ASP A 60 -3.74 6.01 -9.01
CA ASP A 60 -5.04 5.63 -9.61
C ASP A 60 -5.60 4.39 -8.93
N LYS A 61 -6.90 4.44 -8.59
CA LYS A 61 -7.60 3.42 -7.79
C LYS A 61 -7.82 2.12 -8.55
N GLN A 62 -7.91 2.21 -9.89
CA GLN A 62 -8.11 1.03 -10.74
C GLN A 62 -6.79 0.25 -10.88
N LEU A 63 -5.65 0.98 -10.85
CA LEU A 63 -4.32 0.35 -10.84
C LEU A 63 -4.12 -0.39 -9.51
N LEU A 64 -4.47 0.33 -8.41
CA LEU A 64 -4.47 -0.19 -7.04
C LEU A 64 -5.29 -1.48 -6.97
N LYS A 65 -6.55 -1.42 -7.47
CA LYS A 65 -7.54 -2.51 -7.39
C LYS A 65 -7.00 -3.80 -8.04
N GLU A 66 -6.47 -3.68 -9.27
CA GLU A 66 -5.86 -4.82 -10.00
C GLU A 66 -4.76 -5.49 -9.15
N MET A 67 -3.86 -4.65 -8.59
CA MET A 67 -2.76 -5.12 -7.73
C MET A 67 -3.28 -5.79 -6.43
N LEU A 68 -4.28 -5.15 -5.76
CA LEU A 68 -4.89 -5.64 -4.49
C LEU A 68 -5.39 -7.09 -4.63
N GLU A 69 -5.99 -7.40 -5.80
CA GLU A 69 -6.53 -8.73 -6.11
C GLU A 69 -5.38 -9.73 -6.38
N LEU A 70 -4.37 -9.28 -7.15
CA LEU A 70 -3.21 -10.12 -7.52
C LEU A 70 -2.38 -10.53 -6.28
N ILE A 71 -2.16 -9.58 -5.38
CA ILE A 71 -1.43 -9.80 -4.10
C ILE A 71 -2.25 -10.74 -3.17
N SER A 72 -3.59 -10.63 -3.27
CA SER A 72 -4.55 -11.46 -2.52
C SER A 72 -4.43 -12.95 -2.94
N LYS A 73 -4.32 -13.20 -4.26
CA LYS A 73 -4.19 -14.58 -4.82
C LYS A 73 -2.72 -15.06 -4.79
N LEU A 74 -1.77 -14.12 -4.62
CA LEU A 74 -0.34 -14.45 -4.34
C LEU A 74 -0.22 -14.97 -2.91
N GLY A 75 -1.15 -14.53 -2.04
CA GLY A 75 -1.24 -15.02 -0.66
C GLY A 75 -0.49 -14.15 0.33
N TYR A 76 -0.10 -12.95 -0.13
CA TYR A 76 0.58 -11.96 0.71
C TYR A 76 -0.46 -11.15 1.51
N LYS A 77 -0.04 -10.57 2.64
CA LYS A 77 -0.94 -9.78 3.50
C LYS A 77 -1.03 -8.35 2.94
N VAL A 78 -2.24 -7.95 2.56
CA VAL A 78 -2.48 -6.73 1.80
C VAL A 78 -2.80 -5.55 2.74
N PHE A 79 -2.21 -4.39 2.43
CA PHE A 79 -2.45 -3.13 3.12
C PHE A 79 -2.70 -2.06 2.04
N LEU A 80 -3.63 -1.14 2.30
CA LEU A 80 -3.91 0.01 1.42
C LEU A 80 -3.95 1.27 2.30
N LEU A 81 -3.42 2.37 1.77
CA LEU A 81 -3.38 3.67 2.43
C LEU A 81 -3.63 4.72 1.36
N LEU A 82 -4.76 5.44 1.44
CA LEU A 82 -5.13 6.43 0.43
C LEU A 82 -5.43 7.79 1.07
N GLN A 83 -5.06 8.85 0.34
CA GLN A 83 -5.22 10.25 0.74
C GLN A 83 -5.48 11.10 -0.50
N ASP A 84 -6.23 12.17 -0.33
CA ASP A 84 -6.60 13.12 -1.39
C ASP A 84 -7.11 14.40 -0.72
N GLN A 85 -7.33 15.45 -1.50
CA GLN A 85 -7.91 16.70 -1.00
C GLN A 85 -9.44 16.55 -0.83
N ASP A 86 -10.02 15.53 -1.47
CA ASP A 86 -11.44 15.18 -1.32
C ASP A 86 -11.58 13.83 -0.61
N GLU A 87 -12.32 13.81 0.51
CA GLU A 87 -12.50 12.63 1.37
C GLU A 87 -13.52 11.64 0.79
N ASN A 88 -14.48 12.13 -0.05
CA ASN A 88 -15.53 11.26 -0.65
C ASN A 88 -14.91 10.26 -1.64
N GLU A 89 -13.93 10.74 -2.41
CA GLU A 89 -13.15 9.90 -3.34
C GLU A 89 -12.43 8.74 -2.62
N LEU A 90 -12.03 9.02 -1.38
CA LEU A 90 -11.26 8.11 -0.55
C LEU A 90 -12.16 7.08 0.13
N GLU A 91 -13.22 7.58 0.79
CA GLU A 91 -14.07 6.77 1.66
C GLU A 91 -14.86 5.72 0.85
N GLU A 92 -15.16 6.03 -0.43
CA GLU A 92 -15.93 5.14 -1.31
C GLU A 92 -15.09 3.94 -1.76
N PHE A 93 -13.80 4.19 -2.05
CA PHE A 93 -12.85 3.13 -2.41
C PHE A 93 -12.53 2.30 -1.16
N LYS A 94 -12.21 3.01 -0.06
CA LYS A 94 -11.85 2.41 1.25
C LYS A 94 -12.94 1.45 1.77
N ARG A 95 -14.21 1.92 1.75
CA ARG A 95 -15.35 1.15 2.31
C ARG A 95 -15.60 -0.15 1.52
N LYS A 96 -15.21 -0.16 0.25
CA LYS A 96 -15.23 -1.37 -0.58
C LYS A 96 -14.11 -2.34 -0.13
N ILE A 97 -12.90 -1.79 0.03
CA ILE A 97 -11.68 -2.56 0.33
C ILE A 97 -11.78 -3.25 1.71
N GLU A 98 -12.37 -2.55 2.71
CA GLU A 98 -12.62 -3.12 4.05
C GLU A 98 -13.74 -4.17 4.00
N SER A 99 -14.72 -4.01 3.08
CA SER A 99 -15.77 -5.02 2.85
C SER A 99 -15.19 -6.28 2.18
N GLN A 100 -14.07 -6.11 1.46
CA GLN A 100 -13.40 -7.20 0.70
C GLN A 100 -12.28 -7.88 1.53
N GLY A 101 -12.22 -7.55 2.84
CA GLY A 101 -11.36 -8.27 3.79
C GLY A 101 -9.88 -7.88 3.72
N TYR A 102 -9.61 -6.67 3.20
CA TYR A 102 -8.25 -6.10 3.18
C TYR A 102 -8.10 -5.06 4.29
N GLU A 103 -6.87 -4.90 4.81
CA GLU A 103 -6.54 -3.79 5.72
C GLU A 103 -6.37 -2.52 4.89
N VAL A 104 -7.18 -1.50 5.20
CA VAL A 104 -7.19 -0.23 4.48
C VAL A 104 -7.29 0.95 5.46
N ARG A 105 -6.53 2.01 5.18
CA ARG A 105 -6.48 3.22 6.02
C ARG A 105 -6.71 4.46 5.13
N LYS A 106 -7.73 5.25 5.46
CA LYS A 106 -8.05 6.50 4.77
C LYS A 106 -7.60 7.68 5.62
N VAL A 107 -6.81 8.57 5.02
CA VAL A 107 -6.40 9.84 5.62
C VAL A 107 -6.68 10.97 4.61
N THR A 108 -6.38 12.20 5.01
CA THR A 108 -6.55 13.39 4.17
C THR A 108 -5.32 14.30 4.32
N ASP A 109 -4.82 14.38 5.58
CA ASP A 109 -3.60 15.13 5.90
C ASP A 109 -2.37 14.38 5.37
N ASP A 110 -1.45 15.16 4.78
CA ASP A 110 -0.14 14.67 4.28
C ASP A 110 0.70 14.06 5.43
N GLU A 111 0.58 14.67 6.62
CA GLU A 111 1.26 14.23 7.85
C GLU A 111 0.73 12.84 8.29
N GLU A 112 -0.61 12.66 8.27
CA GLU A 112 -1.25 11.40 8.71
C GLU A 112 -0.96 10.26 7.72
N ALA A 113 -0.67 10.62 6.46
CA ALA A 113 -0.24 9.65 5.42
C ALA A 113 1.15 9.09 5.76
N LEU A 114 2.10 9.99 6.10
CA LEU A 114 3.48 9.63 6.50
C LEU A 114 3.50 8.86 7.84
N LYS A 115 2.51 9.18 8.69
CA LYS A 115 2.38 8.62 10.04
C LYS A 115 1.96 7.14 9.99
N ILE A 116 1.08 6.81 9.04
CA ILE A 116 0.58 5.44 8.83
C ILE A 116 1.62 4.57 8.05
N VAL A 117 2.54 5.21 7.28
CA VAL A 117 3.74 4.52 6.75
C VAL A 117 4.47 3.76 7.89
N ARG A 118 4.56 4.40 9.09
CA ARG A 118 5.15 3.79 10.31
C ARG A 118 4.25 2.67 10.87
N GLU A 119 2.93 2.93 10.90
CA GLU A 119 1.90 1.97 11.38
C GLU A 119 2.01 0.62 10.64
N PHE A 120 2.23 0.68 9.31
CA PHE A 120 2.50 -0.51 8.48
C PHE A 120 3.72 -1.29 8.99
N MET A 121 4.80 -0.57 9.31
CA MET A 121 6.11 -1.18 9.66
C MET A 121 6.04 -2.07 10.93
N GLN A 122 5.02 -1.84 11.80
CA GLN A 122 4.75 -2.74 12.95
C GLN A 122 3.66 -3.78 12.60
N LYS A 123 2.63 -3.34 11.84
CA LYS A 123 1.45 -4.18 11.50
C LYS A 123 1.80 -5.31 10.52
N ALA A 124 2.85 -5.08 9.75
CA ALA A 124 3.26 -5.96 8.66
C ALA A 124 3.92 -7.23 9.22
N GLY A 125 5.03 -7.05 9.94
CA GLY A 125 5.80 -8.16 10.50
C GLY A 125 5.02 -8.93 11.55
N SER A 126 4.81 -8.29 12.71
CA SER A 126 4.15 -8.91 13.86
C SER A 126 3.35 -7.85 14.65
N LEU A 127 2.02 -7.92 14.52
CA LEU A 127 1.08 -7.11 15.30
C LEU A 127 -0.25 -7.87 15.33
N GLU A 128 -0.53 -8.51 16.47
CA GLU A 128 -1.72 -9.33 16.65
C GLU A 128 -2.95 -8.41 16.79
N HIS A 129 -3.56 -8.11 15.63
CA HIS A 129 -4.66 -7.12 15.51
C HIS A 129 -5.83 -7.48 16.45
N HIS A 130 -5.96 -6.71 17.55
CA HIS A 130 -7.05 -6.84 18.53
C HIS A 130 -8.38 -6.27 17.97
N HIS A 131 -8.29 -5.70 16.75
CA HIS A 131 -9.42 -5.45 15.86
C HIS A 131 -10.06 -6.81 15.53
N HIS A 132 -11.15 -7.11 16.24
CA HIS A 132 -11.71 -8.48 16.36
C HIS A 132 -12.20 -9.07 15.04
N HIS A 133 -12.54 -8.20 14.06
CA HIS A 133 -12.97 -8.65 12.74
C HIS A 133 -11.74 -8.90 11.85
N HIS A 134 -11.04 -7.80 11.50
CA HIS A 134 -9.86 -7.84 10.62
C HIS A 134 -9.03 -6.54 10.84
N MET A 1 2.95 -14.55 3.27
CA MET A 1 4.40 -14.87 3.30
C MET A 1 5.22 -13.61 3.62
N LYS A 2 4.79 -12.48 3.04
CA LYS A 2 5.34 -11.13 3.31
C LYS A 2 4.20 -10.13 3.08
N GLU A 3 4.06 -9.10 3.95
CA GLU A 3 2.98 -8.09 3.80
C GLU A 3 3.22 -7.18 2.59
N LEU A 4 2.15 -6.63 2.03
CA LEU A 4 2.19 -5.77 0.84
C LEU A 4 1.28 -4.56 1.08
N ILE A 5 1.88 -3.36 1.22
CA ILE A 5 1.16 -2.10 1.43
C ILE A 5 1.14 -1.28 0.14
N LEU A 6 -0.03 -0.72 -0.20
CA LEU A 6 -0.19 0.19 -1.34
C LEU A 6 -0.59 1.55 -0.80
N ILE A 7 0.13 2.60 -1.22
CA ILE A 7 -0.19 3.99 -0.88
C ILE A 7 -0.79 4.66 -2.13
N ASN A 8 -1.78 5.52 -1.92
CA ASN A 8 -2.31 6.43 -2.93
C ASN A 8 -2.29 7.83 -2.36
N THR A 9 -1.73 8.77 -3.11
CA THR A 9 -1.73 10.17 -2.76
C THR A 9 -1.83 11.00 -4.04
N ASN A 10 -2.81 11.91 -4.04
CA ASN A 10 -3.03 12.88 -5.12
C ASN A 10 -1.91 13.96 -5.07
N ASN A 11 -1.41 14.21 -3.85
CA ASN A 11 -0.35 15.20 -3.56
C ASN A 11 1.03 14.66 -4.01
N ASP A 12 1.60 15.29 -5.07
CA ASP A 12 2.94 14.92 -5.64
C ASP A 12 4.05 15.06 -4.60
N GLU A 13 3.97 16.15 -3.81
CA GLU A 13 4.91 16.45 -2.72
C GLU A 13 4.95 15.29 -1.71
N LEU A 14 3.75 14.79 -1.35
CA LEU A 14 3.62 13.68 -0.39
C LEU A 14 4.24 12.38 -0.96
N ILE A 15 4.06 12.12 -2.29
CA ILE A 15 4.68 10.94 -2.95
C ILE A 15 6.21 10.94 -2.68
N LYS A 16 6.84 12.09 -2.96
CA LYS A 16 8.30 12.30 -2.81
C LYS A 16 8.75 12.00 -1.37
N LYS A 17 7.98 12.54 -0.41
CA LYS A 17 8.28 12.47 1.03
C LYS A 17 8.23 11.02 1.53
N ILE A 18 7.15 10.30 1.14
CA ILE A 18 6.94 8.88 1.50
C ILE A 18 8.10 8.03 0.98
N LYS A 19 8.44 8.22 -0.33
CA LYS A 19 9.49 7.44 -1.00
C LYS A 19 10.82 7.51 -0.23
N LYS A 20 11.24 8.74 0.12
CA LYS A 20 12.53 8.99 0.81
C LYS A 20 12.53 8.41 2.24
N GLU A 21 11.36 8.47 2.93
CA GLU A 21 11.16 7.84 4.26
C GLU A 21 11.43 6.32 4.18
N VAL A 22 10.72 5.69 3.24
CA VAL A 22 10.61 4.23 3.11
C VAL A 22 11.93 3.58 2.62
N GLU A 23 12.71 4.35 1.83
CA GLU A 23 14.08 3.97 1.44
C GLU A 23 14.94 3.76 2.71
N ASN A 24 14.87 4.75 3.61
CA ASN A 24 15.64 4.79 4.87
C ASN A 24 15.15 3.72 5.86
N GLN A 25 13.88 3.30 5.72
CA GLN A 25 13.27 2.25 6.57
C GLN A 25 13.75 0.84 6.16
N GLY A 26 14.34 0.73 4.96
CA GLY A 26 14.89 -0.54 4.45
C GLY A 26 13.89 -1.33 3.62
N TYR A 27 12.82 -0.66 3.15
CA TYR A 27 11.79 -1.26 2.29
C TYR A 27 12.09 -0.94 0.82
N GLN A 28 11.53 -1.75 -0.09
CA GLN A 28 11.64 -1.54 -1.54
C GLN A 28 10.52 -0.58 -1.95
N VAL A 29 10.89 0.63 -2.39
CA VAL A 29 9.92 1.64 -2.84
C VAL A 29 9.68 1.47 -4.35
N ARG A 30 8.46 1.03 -4.70
CA ARG A 30 8.04 0.89 -6.11
C ARG A 30 6.77 1.73 -6.31
N ASP A 31 6.91 2.88 -6.99
CA ASP A 31 5.77 3.76 -7.31
C ASP A 31 5.18 3.33 -8.66
N VAL A 32 3.88 3.55 -8.85
CA VAL A 32 3.16 3.19 -10.07
C VAL A 32 2.35 4.40 -10.56
N ASN A 33 2.62 4.85 -11.78
CA ASN A 33 1.92 5.98 -12.42
C ASN A 33 1.43 5.58 -13.83
N ASP A 34 1.40 4.26 -14.07
CA ASP A 34 1.07 3.67 -15.38
C ASP A 34 0.67 2.19 -15.21
N SER A 35 -0.19 1.69 -16.11
CA SER A 35 -0.70 0.30 -16.09
C SER A 35 0.41 -0.73 -16.36
N ASP A 36 1.35 -0.38 -17.26
CA ASP A 36 2.43 -1.30 -17.66
C ASP A 36 3.52 -1.33 -16.57
N GLU A 37 3.54 -0.29 -15.71
CA GLU A 37 4.38 -0.26 -14.51
C GLU A 37 3.89 -1.28 -13.47
N LEU A 38 2.55 -1.33 -13.21
CA LEU A 38 1.99 -2.20 -12.15
C LEU A 38 2.27 -3.68 -12.48
N LYS A 39 2.11 -4.07 -13.76
CA LYS A 39 2.28 -5.47 -14.19
C LYS A 39 3.75 -5.96 -13.99
N LYS A 40 4.71 -5.02 -14.04
CA LYS A 40 6.13 -5.29 -13.74
C LYS A 40 6.32 -5.57 -12.23
N GLU A 41 5.87 -4.59 -11.40
CA GLU A 41 6.11 -4.57 -9.94
C GLU A 41 5.44 -5.78 -9.24
N MET A 42 4.23 -6.13 -9.72
CA MET A 42 3.45 -7.25 -9.19
C MET A 42 4.10 -8.60 -9.50
N LYS A 43 4.79 -8.67 -10.66
CA LYS A 43 5.58 -9.85 -11.04
C LYS A 43 6.79 -10.00 -10.10
N LYS A 44 7.49 -8.87 -9.81
CA LYS A 44 8.71 -8.86 -8.95
C LYS A 44 8.48 -9.53 -7.58
N LEU A 45 7.24 -9.39 -7.08
CA LEU A 45 6.79 -9.98 -5.80
C LEU A 45 6.75 -11.52 -5.91
N ALA A 46 6.34 -12.01 -7.09
CA ALA A 46 6.19 -13.45 -7.38
C ALA A 46 7.50 -14.08 -7.88
N GLU A 47 8.34 -13.31 -8.60
CA GLU A 47 9.60 -13.82 -9.18
C GLU A 47 10.62 -14.02 -8.06
N GLU A 48 10.85 -12.93 -7.31
CA GLU A 48 11.68 -12.94 -6.11
C GLU A 48 10.83 -13.43 -4.93
N LYS A 49 11.36 -14.40 -4.19
CA LYS A 49 10.67 -15.03 -3.05
C LYS A 49 11.26 -14.51 -1.73
N ASN A 50 12.59 -14.69 -1.58
CA ASN A 50 13.32 -14.36 -0.34
C ASN A 50 13.72 -12.87 -0.31
N PHE A 51 12.80 -12.04 0.18
CA PHE A 51 13.01 -10.62 0.54
C PHE A 51 11.79 -10.13 1.34
N GLU A 52 12.00 -9.10 2.18
CA GLU A 52 10.98 -8.62 3.14
C GLU A 52 9.79 -7.92 2.43
N LYS A 53 8.78 -7.59 3.24
CA LYS A 53 7.58 -6.81 2.83
C LYS A 53 7.95 -5.53 2.02
N ILE A 54 7.23 -5.35 0.88
CA ILE A 54 7.50 -4.26 -0.09
C ILE A 54 6.43 -3.17 0.08
N LEU A 55 6.84 -1.92 -0.15
CA LEU A 55 5.95 -0.77 -0.14
C LEU A 55 5.74 -0.27 -1.59
N ILE A 56 4.51 -0.44 -2.07
CA ILE A 56 4.07 0.04 -3.39
C ILE A 56 3.35 1.38 -3.18
N ILE A 57 3.60 2.35 -4.07
CA ILE A 57 2.83 3.61 -4.17
C ILE A 57 2.15 3.62 -5.55
N SER A 58 1.02 4.32 -5.65
CA SER A 58 0.29 4.51 -6.90
C SER A 58 -0.35 5.90 -6.88
N ASN A 59 -0.50 6.49 -8.08
CA ASN A 59 -1.07 7.83 -8.27
C ASN A 59 -2.58 7.75 -8.57
N ASP A 60 -3.09 6.51 -8.73
CA ASP A 60 -4.47 6.25 -9.17
C ASP A 60 -5.08 5.04 -8.44
N LYS A 61 -6.42 5.06 -8.27
CA LYS A 61 -7.18 4.09 -7.47
C LYS A 61 -7.55 2.83 -8.27
N GLN A 62 -7.72 2.97 -9.62
CA GLN A 62 -8.00 1.80 -10.49
C GLN A 62 -6.78 0.85 -10.49
N LEU A 63 -5.56 1.44 -10.43
CA LEU A 63 -4.29 0.68 -10.38
C LEU A 63 -4.21 -0.11 -9.04
N LEU A 64 -4.55 0.59 -7.92
CA LEU A 64 -4.57 0.01 -6.55
C LEU A 64 -5.36 -1.29 -6.54
N LYS A 65 -6.65 -1.16 -6.91
CA LYS A 65 -7.68 -2.20 -6.73
C LYS A 65 -7.29 -3.49 -7.47
N GLU A 66 -6.76 -3.33 -8.72
CA GLU A 66 -6.20 -4.46 -9.52
C GLU A 66 -5.12 -5.20 -8.72
N MET A 67 -4.12 -4.43 -8.23
CA MET A 67 -2.97 -4.98 -7.50
C MET A 67 -3.40 -5.67 -6.18
N LEU A 68 -4.33 -5.03 -5.43
CA LEU A 68 -4.87 -5.57 -4.14
C LEU A 68 -5.44 -6.98 -4.33
N GLU A 69 -6.17 -7.16 -5.44
CA GLU A 69 -6.78 -8.44 -5.83
C GLU A 69 -5.71 -9.49 -6.15
N LEU A 70 -4.68 -9.07 -6.94
CA LEU A 70 -3.56 -9.94 -7.35
C LEU A 70 -2.81 -10.51 -6.11
N ILE A 71 -2.55 -9.62 -5.14
CA ILE A 71 -1.81 -9.93 -3.88
C ILE A 71 -2.52 -11.03 -3.06
N SER A 72 -3.86 -11.03 -3.14
CA SER A 72 -4.72 -11.98 -2.41
C SER A 72 -4.42 -13.45 -2.85
N LYS A 73 -4.35 -13.69 -4.19
CA LYS A 73 -4.05 -15.04 -4.72
C LYS A 73 -2.53 -15.29 -4.83
N LEU A 74 -1.70 -14.25 -4.60
CA LEU A 74 -0.24 -14.41 -4.44
C LEU A 74 0.08 -14.98 -3.03
N GLY A 75 -0.76 -14.63 -2.05
CA GLY A 75 -0.65 -15.16 -0.67
C GLY A 75 0.14 -14.24 0.25
N TYR A 76 -0.26 -12.95 0.25
CA TYR A 76 0.36 -11.91 1.11
C TYR A 76 -0.74 -11.16 1.89
N LYS A 77 -0.44 -10.77 3.15
CA LYS A 77 -1.35 -9.95 3.97
C LYS A 77 -1.39 -8.51 3.41
N VAL A 78 -2.59 -8.10 2.95
CA VAL A 78 -2.77 -6.88 2.16
C VAL A 78 -3.06 -5.67 3.07
N PHE A 79 -2.31 -4.59 2.86
CA PHE A 79 -2.53 -3.30 3.52
C PHE A 79 -2.72 -2.23 2.41
N LEU A 80 -3.52 -1.22 2.73
CA LEU A 80 -3.79 -0.09 1.83
C LEU A 80 -3.86 1.18 2.68
N LEU A 81 -3.36 2.27 2.12
CA LEU A 81 -3.33 3.60 2.74
C LEU A 81 -3.55 4.59 1.60
N LEU A 82 -4.50 5.50 1.76
CA LEU A 82 -4.88 6.43 0.67
C LEU A 82 -5.28 7.80 1.21
N GLN A 83 -5.00 8.83 0.40
CA GLN A 83 -5.38 10.21 0.63
C GLN A 83 -5.57 10.92 -0.71
N ASP A 84 -6.37 11.97 -0.67
CA ASP A 84 -6.71 12.79 -1.85
C ASP A 84 -7.15 14.17 -1.36
N GLN A 85 -7.36 15.09 -2.29
CA GLN A 85 -8.04 16.38 -2.00
C GLN A 85 -9.46 16.09 -1.49
N ASP A 86 -10.21 15.29 -2.26
CA ASP A 86 -11.61 14.92 -1.93
C ASP A 86 -11.61 13.59 -1.14
N GLU A 87 -12.12 13.66 0.10
CA GLU A 87 -12.15 12.54 1.05
C GLU A 87 -13.24 11.50 0.66
N ASN A 88 -14.29 11.97 -0.02
CA ASN A 88 -15.44 11.10 -0.38
C ASN A 88 -15.04 10.11 -1.49
N GLU A 89 -14.15 10.53 -2.41
CA GLU A 89 -13.56 9.63 -3.43
C GLU A 89 -12.81 8.45 -2.77
N LEU A 90 -12.20 8.74 -1.62
CA LEU A 90 -11.41 7.78 -0.85
C LEU A 90 -12.28 6.73 -0.14
N GLU A 91 -13.35 7.20 0.53
CA GLU A 91 -14.20 6.32 1.37
C GLU A 91 -15.24 5.55 0.54
N GLU A 92 -15.62 6.09 -0.64
CA GLU A 92 -16.47 5.33 -1.60
C GLU A 92 -15.64 4.24 -2.30
N PHE A 93 -14.34 4.50 -2.49
CA PHE A 93 -13.38 3.47 -2.92
C PHE A 93 -13.12 2.47 -1.77
N LYS A 94 -13.02 2.99 -0.53
CA LYS A 94 -12.63 2.19 0.66
C LYS A 94 -13.67 1.11 1.00
N ARG A 95 -14.98 1.48 0.93
CA ARG A 95 -16.10 0.55 1.22
C ARG A 95 -16.05 -0.72 0.31
N LYS A 96 -15.47 -0.55 -0.89
CA LYS A 96 -15.30 -1.63 -1.89
C LYS A 96 -14.14 -2.57 -1.48
N ILE A 97 -13.11 -1.98 -0.86
CA ILE A 97 -11.88 -2.68 -0.43
C ILE A 97 -12.13 -3.48 0.89
N GLU A 98 -12.88 -2.85 1.81
CA GLU A 98 -13.35 -3.47 3.08
C GLU A 98 -14.30 -4.64 2.82
N SER A 99 -15.06 -4.53 1.72
CA SER A 99 -15.96 -5.59 1.25
C SER A 99 -15.16 -6.86 0.86
N GLN A 100 -13.96 -6.64 0.27
CA GLN A 100 -13.02 -7.72 -0.09
C GLN A 100 -12.19 -8.16 1.15
N GLY A 101 -12.11 -7.26 2.16
CA GLY A 101 -11.51 -7.60 3.46
C GLY A 101 -10.03 -7.28 3.54
N TYR A 102 -9.60 -6.21 2.85
CA TYR A 102 -8.19 -5.74 2.90
C TYR A 102 -8.04 -4.64 3.96
N GLU A 103 -6.89 -4.64 4.66
CA GLU A 103 -6.62 -3.71 5.78
C GLU A 103 -6.31 -2.31 5.23
N VAL A 104 -7.35 -1.47 5.12
CA VAL A 104 -7.27 -0.15 4.47
C VAL A 104 -7.40 0.99 5.51
N ARG A 105 -6.58 2.03 5.34
CA ARG A 105 -6.58 3.24 6.17
C ARG A 105 -6.80 4.47 5.28
N LYS A 106 -7.89 5.19 5.53
CA LYS A 106 -8.28 6.40 4.79
C LYS A 106 -7.96 7.64 5.62
N VAL A 107 -7.16 8.55 5.04
CA VAL A 107 -6.77 9.81 5.67
C VAL A 107 -7.07 10.95 4.70
N THR A 108 -7.22 12.15 5.25
CA THR A 108 -7.45 13.36 4.44
C THR A 108 -6.09 13.95 4.03
N ASP A 109 -5.31 14.35 5.05
CA ASP A 109 -4.11 15.19 4.86
C ASP A 109 -2.80 14.39 4.78
N ASP A 110 -1.76 15.14 4.38
CA ASP A 110 -0.38 14.69 4.11
C ASP A 110 0.27 14.03 5.34
N GLU A 111 0.28 14.76 6.47
CA GLU A 111 0.94 14.32 7.73
C GLU A 111 0.35 13.00 8.26
N GLU A 112 -0.96 12.80 8.01
CA GLU A 112 -1.70 11.64 8.50
C GLU A 112 -1.29 10.37 7.75
N ALA A 113 -0.94 10.52 6.47
CA ALA A 113 -0.40 9.43 5.65
C ALA A 113 1.01 9.06 6.13
N LEU A 114 1.82 10.07 6.49
CA LEU A 114 3.22 9.87 6.96
C LEU A 114 3.25 9.08 8.27
N LYS A 115 2.23 9.29 9.12
CA LYS A 115 2.05 8.53 10.38
C LYS A 115 1.96 7.03 10.07
N ILE A 116 0.95 6.66 9.26
CA ILE A 116 0.58 5.27 9.01
C ILE A 116 1.64 4.52 8.15
N VAL A 117 2.41 5.28 7.34
CA VAL A 117 3.61 4.76 6.64
C VAL A 117 4.63 4.22 7.67
N ARG A 118 4.94 5.08 8.66
CA ARG A 118 5.92 4.75 9.73
C ARG A 118 5.37 3.67 10.69
N GLU A 119 4.06 3.75 11.00
CA GLU A 119 3.37 2.76 11.84
C GLU A 119 3.32 1.37 11.17
N PHE A 120 3.25 1.34 9.82
CA PHE A 120 3.27 0.08 9.05
C PHE A 120 4.63 -0.63 9.22
N MET A 121 5.69 0.18 9.41
CA MET A 121 7.06 -0.34 9.56
C MET A 121 7.17 -1.33 10.74
N GLN A 122 6.35 -1.10 11.79
CA GLN A 122 6.26 -2.01 12.96
C GLN A 122 5.02 -2.95 12.88
N LYS A 123 3.98 -2.56 12.07
CA LYS A 123 2.78 -3.44 11.84
C LYS A 123 3.19 -4.74 11.13
N ALA A 124 3.87 -4.56 9.98
CA ALA A 124 4.36 -5.66 9.13
C ALA A 124 5.48 -6.43 9.82
N GLY A 125 6.34 -5.66 10.53
CA GLY A 125 7.44 -6.21 11.30
C GLY A 125 6.98 -7.09 12.46
N SER A 126 5.73 -6.88 12.91
CA SER A 126 5.11 -7.64 14.00
C SER A 126 4.27 -8.81 13.44
N LEU A 127 3.53 -8.53 12.32
CA LEU A 127 2.47 -9.40 11.78
C LEU A 127 1.39 -9.63 12.88
N GLU A 128 1.01 -8.51 13.52
CA GLU A 128 0.26 -8.49 14.80
C GLU A 128 -1.24 -8.82 14.70
N HIS A 129 -1.71 -9.35 13.54
CA HIS A 129 -3.04 -9.97 13.46
C HIS A 129 -3.04 -11.20 14.39
N HIS A 130 -1.97 -11.99 14.25
CA HIS A 130 -1.50 -12.99 15.23
C HIS A 130 -0.10 -13.41 14.79
N HIS A 131 0.90 -13.15 15.68
CA HIS A 131 2.31 -13.52 15.44
C HIS A 131 2.45 -15.04 15.26
N HIS A 132 1.64 -15.78 16.05
CA HIS A 132 1.40 -17.21 15.83
C HIS A 132 0.51 -17.37 14.59
N HIS A 133 1.15 -17.21 13.42
CA HIS A 133 0.46 -17.21 12.12
C HIS A 133 0.44 -18.65 11.57
N HIS A 134 -0.58 -19.39 12.02
CA HIS A 134 -0.77 -20.80 11.69
C HIS A 134 -1.38 -20.95 10.27
N MET A 1 7.58 -13.35 5.68
CA MET A 1 6.89 -13.68 4.43
C MET A 1 6.89 -12.46 3.45
N LYS A 2 5.81 -11.63 3.46
CA LYS A 2 5.65 -10.53 2.48
C LYS A 2 4.33 -9.78 2.79
N GLU A 3 4.46 -8.57 3.35
CA GLU A 3 3.31 -7.66 3.57
C GLU A 3 3.45 -6.46 2.62
N LEU A 4 2.43 -6.19 1.80
CA LEU A 4 2.50 -5.13 0.76
C LEU A 4 1.68 -3.92 1.20
N ILE A 5 2.30 -2.73 1.11
CA ILE A 5 1.65 -1.45 1.46
C ILE A 5 1.58 -0.57 0.19
N LEU A 6 0.36 -0.29 -0.28
CA LEU A 6 0.12 0.53 -1.47
C LEU A 6 -0.37 1.91 -1.03
N ILE A 7 0.36 2.97 -1.40
CA ILE A 7 0.00 4.36 -1.05
C ILE A 7 -0.69 5.00 -2.26
N ASN A 8 -1.85 5.63 -2.04
CA ASN A 8 -2.56 6.39 -3.06
C ASN A 8 -2.49 7.88 -2.68
N THR A 9 -1.80 8.66 -3.49
CA THR A 9 -1.61 10.10 -3.28
C THR A 9 -1.58 10.84 -4.62
N ASN A 10 -2.35 11.94 -4.73
CA ASN A 10 -2.35 12.82 -5.91
C ASN A 10 -1.54 14.09 -5.66
N ASN A 11 -0.72 14.11 -4.60
CA ASN A 11 0.20 15.22 -4.32
C ASN A 11 1.66 14.74 -4.48
N ASP A 12 2.33 15.20 -5.55
CA ASP A 12 3.75 14.90 -5.85
C ASP A 12 4.66 15.19 -4.66
N GLU A 13 4.39 16.33 -3.99
CA GLU A 13 5.19 16.81 -2.87
C GLU A 13 5.14 15.84 -1.69
N LEU A 14 3.94 15.27 -1.43
CA LEU A 14 3.74 14.27 -0.37
C LEU A 14 4.44 12.94 -0.73
N ILE A 15 4.41 12.56 -2.03
CA ILE A 15 5.08 11.31 -2.53
C ILE A 15 6.58 11.35 -2.18
N LYS A 16 7.18 12.54 -2.33
CA LYS A 16 8.60 12.79 -2.01
C LYS A 16 8.88 12.55 -0.51
N LYS A 17 8.01 13.12 0.35
CA LYS A 17 8.15 13.04 1.83
C LYS A 17 7.95 11.58 2.32
N ILE A 18 7.03 10.86 1.65
CA ILE A 18 6.76 9.44 1.91
C ILE A 18 8.03 8.63 1.58
N LYS A 19 8.60 8.85 0.38
CA LYS A 19 9.82 8.14 -0.09
C LYS A 19 11.01 8.36 0.87
N LYS A 20 11.08 9.57 1.48
CA LYS A 20 12.08 9.87 2.52
C LYS A 20 11.91 8.94 3.71
N GLU A 21 10.65 8.81 4.19
CA GLU A 21 10.30 7.88 5.27
C GLU A 21 10.61 6.42 4.89
N VAL A 22 10.21 5.99 3.69
CA VAL A 22 10.38 4.60 3.20
C VAL A 22 11.87 4.21 3.20
N GLU A 23 12.73 5.18 2.86
CA GLU A 23 14.19 5.04 2.91
C GLU A 23 14.69 4.90 4.37
N ASN A 24 14.14 5.76 5.27
CA ASN A 24 14.46 5.72 6.74
C ASN A 24 14.06 4.38 7.37
N GLN A 25 12.99 3.78 6.80
CA GLN A 25 12.43 2.50 7.25
C GLN A 25 13.20 1.32 6.62
N GLY A 26 13.83 1.56 5.44
CA GLY A 26 14.68 0.55 4.76
C GLY A 26 13.92 -0.31 3.74
N TYR A 27 12.82 0.23 3.20
CA TYR A 27 11.97 -0.45 2.21
C TYR A 27 12.20 0.14 0.81
N GLN A 28 11.85 -0.64 -0.22
CA GLN A 28 12.03 -0.26 -1.63
C GLN A 28 10.73 0.36 -2.17
N VAL A 29 10.82 1.55 -2.78
CA VAL A 29 9.69 2.23 -3.44
C VAL A 29 9.56 1.73 -4.90
N ARG A 30 8.37 1.22 -5.25
CA ARG A 30 8.01 0.88 -6.64
C ARG A 30 6.72 1.63 -7.00
N ASP A 31 6.85 2.61 -7.92
CA ASP A 31 5.75 3.49 -8.34
C ASP A 31 4.94 2.86 -9.49
N VAL A 32 3.62 3.16 -9.50
CA VAL A 32 2.67 2.70 -10.53
C VAL A 32 1.83 3.91 -11.00
N ASN A 33 1.88 4.21 -12.31
CA ASN A 33 1.03 5.24 -12.93
C ASN A 33 0.39 4.69 -14.23
N ASP A 34 0.56 3.39 -14.47
CA ASP A 34 0.07 2.73 -15.70
C ASP A 34 -0.38 1.29 -15.37
N SER A 35 -1.40 0.82 -16.10
CA SER A 35 -2.03 -0.49 -15.86
C SER A 35 -1.15 -1.67 -16.32
N ASP A 36 -0.14 -1.40 -17.17
CA ASP A 36 0.88 -2.38 -17.58
C ASP A 36 1.91 -2.57 -16.46
N GLU A 37 2.30 -1.45 -15.84
CA GLU A 37 3.35 -1.41 -14.81
C GLU A 37 3.01 -2.30 -13.59
N LEU A 38 1.74 -2.22 -13.15
CA LEU A 38 1.30 -2.80 -11.88
C LEU A 38 1.48 -4.34 -11.85
N LYS A 39 1.14 -5.01 -12.98
CA LYS A 39 1.18 -6.49 -13.06
C LYS A 39 2.63 -7.00 -12.93
N LYS A 40 3.57 -6.21 -13.49
CA LYS A 40 5.00 -6.51 -13.53
C LYS A 40 5.62 -6.38 -12.12
N GLU A 41 5.13 -5.39 -11.34
CA GLU A 41 5.57 -5.17 -9.95
C GLU A 41 5.05 -6.33 -9.07
N MET A 42 3.79 -6.75 -9.31
CA MET A 42 3.16 -7.87 -8.59
C MET A 42 3.93 -9.18 -8.85
N LYS A 43 4.39 -9.37 -10.09
CA LYS A 43 5.17 -10.56 -10.46
C LYS A 43 6.52 -10.59 -9.72
N LYS A 44 7.16 -9.41 -9.56
CA LYS A 44 8.49 -9.27 -8.88
C LYS A 44 8.44 -9.77 -7.41
N LEU A 45 7.27 -9.56 -6.78
CA LEU A 45 7.00 -10.04 -5.40
C LEU A 45 7.08 -11.59 -5.35
N ALA A 46 6.67 -12.21 -6.46
CA ALA A 46 6.59 -13.66 -6.63
C ALA A 46 7.87 -14.27 -7.25
N GLU A 47 8.66 -13.44 -8.01
CA GLU A 47 9.84 -13.95 -8.76
C GLU A 47 10.91 -14.51 -7.81
N GLU A 48 11.35 -13.69 -6.85
CA GLU A 48 12.35 -14.08 -5.85
C GLU A 48 11.67 -14.82 -4.66
N LYS A 49 12.45 -15.64 -3.94
CA LYS A 49 11.95 -16.50 -2.84
C LYS A 49 12.30 -15.93 -1.44
N ASN A 50 13.52 -15.41 -1.27
CA ASN A 50 14.06 -15.04 0.06
C ASN A 50 14.54 -13.58 0.07
N PHE A 51 13.60 -12.68 0.34
CA PHE A 51 13.83 -11.22 0.36
C PHE A 51 12.69 -10.53 1.13
N GLU A 52 12.92 -9.27 1.52
CA GLU A 52 11.95 -8.47 2.28
C GLU A 52 10.81 -7.95 1.36
N LYS A 53 9.87 -7.24 1.99
CA LYS A 53 8.66 -6.71 1.32
C LYS A 53 8.89 -5.32 0.73
N ILE A 54 8.15 -5.04 -0.36
CA ILE A 54 8.29 -3.83 -1.17
C ILE A 54 7.12 -2.87 -0.86
N LEU A 55 7.41 -1.57 -0.75
CA LEU A 55 6.40 -0.53 -0.63
C LEU A 55 6.02 -0.02 -2.03
N ILE A 56 4.74 -0.14 -2.39
CA ILE A 56 4.21 0.34 -3.67
C ILE A 56 3.55 1.72 -3.45
N ILE A 57 3.76 2.66 -4.38
CA ILE A 57 2.98 3.92 -4.46
C ILE A 57 2.30 3.95 -5.84
N SER A 58 1.01 4.29 -5.88
CA SER A 58 0.25 4.40 -7.13
C SER A 58 -0.56 5.70 -7.14
N ASN A 59 -0.66 6.30 -8.33
CA ASN A 59 -1.34 7.58 -8.55
C ASN A 59 -2.87 7.42 -8.57
N ASP A 60 -3.34 6.27 -9.07
CA ASP A 60 -4.77 6.03 -9.39
C ASP A 60 -5.35 4.83 -8.60
N LYS A 61 -6.67 4.90 -8.35
CA LYS A 61 -7.41 3.93 -7.51
C LYS A 61 -7.76 2.63 -8.27
N GLN A 62 -8.03 2.73 -9.59
CA GLN A 62 -8.34 1.53 -10.39
C GLN A 62 -7.12 0.60 -10.47
N LEU A 63 -5.91 1.22 -10.46
CA LEU A 63 -4.62 0.49 -10.49
C LEU A 63 -4.40 -0.28 -9.17
N LEU A 64 -4.80 0.37 -8.04
CA LEU A 64 -4.70 -0.22 -6.69
C LEU A 64 -5.42 -1.56 -6.64
N LYS A 65 -6.72 -1.55 -7.00
CA LYS A 65 -7.63 -2.71 -6.87
C LYS A 65 -7.11 -3.92 -7.65
N GLU A 66 -6.57 -3.66 -8.85
CA GLU A 66 -5.89 -4.68 -9.68
C GLU A 66 -4.74 -5.35 -8.89
N MET A 67 -3.88 -4.51 -8.30
CA MET A 67 -2.74 -4.99 -7.48
C MET A 67 -3.23 -5.75 -6.23
N LEU A 68 -4.30 -5.26 -5.57
CA LEU A 68 -4.85 -5.87 -4.32
C LEU A 68 -5.23 -7.34 -4.52
N GLU A 69 -5.93 -7.62 -5.65
CA GLU A 69 -6.42 -8.98 -5.99
C GLU A 69 -5.27 -9.86 -6.51
N LEU A 70 -4.25 -9.25 -7.15
CA LEU A 70 -3.04 -9.97 -7.59
C LEU A 70 -2.17 -10.40 -6.38
N ILE A 71 -1.99 -9.50 -5.39
CA ILE A 71 -1.25 -9.80 -4.13
C ILE A 71 -1.99 -10.90 -3.32
N SER A 72 -3.33 -10.86 -3.42
CA SER A 72 -4.21 -11.81 -2.73
C SER A 72 -4.03 -13.24 -3.29
N LYS A 73 -3.93 -13.37 -4.63
CA LYS A 73 -3.70 -14.68 -5.29
C LYS A 73 -2.23 -15.12 -5.15
N LEU A 74 -1.30 -14.15 -4.96
CA LEU A 74 0.11 -14.45 -4.61
C LEU A 74 0.18 -15.04 -3.18
N GLY A 75 -0.81 -14.66 -2.35
CA GLY A 75 -0.99 -15.24 -1.01
C GLY A 75 -0.33 -14.43 0.09
N TYR A 76 -0.10 -13.14 -0.18
CA TYR A 76 0.55 -12.21 0.77
C TYR A 76 -0.49 -11.34 1.51
N LYS A 77 -0.03 -10.58 2.54
CA LYS A 77 -0.87 -9.56 3.20
C LYS A 77 -1.08 -8.38 2.24
N VAL A 78 -2.34 -8.01 2.07
CA VAL A 78 -2.75 -6.85 1.29
C VAL A 78 -3.07 -5.69 2.26
N PHE A 79 -2.18 -4.68 2.28
CA PHE A 79 -2.38 -3.43 3.01
C PHE A 79 -2.47 -2.29 1.97
N LEU A 80 -3.41 -1.38 2.18
CA LEU A 80 -3.68 -0.25 1.30
C LEU A 80 -3.76 1.04 2.15
N LEU A 81 -3.36 2.15 1.54
CA LEU A 81 -3.42 3.50 2.11
C LEU A 81 -3.90 4.41 0.99
N LEU A 82 -4.84 5.31 1.29
CA LEU A 82 -5.32 6.32 0.32
C LEU A 82 -5.46 7.69 1.00
N GLN A 83 -5.11 8.74 0.24
CA GLN A 83 -5.18 10.14 0.68
C GLN A 83 -5.61 11.01 -0.51
N ASP A 84 -6.36 12.05 -0.18
CA ASP A 84 -6.68 13.17 -1.07
C ASP A 84 -7.05 14.37 -0.19
N GLN A 85 -7.08 15.55 -0.81
CA GLN A 85 -7.66 16.75 -0.18
C GLN A 85 -9.20 16.66 -0.20
N ASP A 86 -9.73 15.76 -1.06
CA ASP A 86 -11.15 15.38 -1.10
C ASP A 86 -11.32 14.00 -0.44
N GLU A 87 -11.92 13.99 0.76
CA GLU A 87 -12.07 12.77 1.58
C GLU A 87 -13.17 11.82 1.03
N ASN A 88 -14.10 12.38 0.22
CA ASN A 88 -15.24 11.60 -0.32
C ASN A 88 -14.80 10.67 -1.47
N GLU A 89 -13.72 11.06 -2.18
CA GLU A 89 -13.03 10.19 -3.17
C GLU A 89 -12.51 8.90 -2.50
N LEU A 90 -12.07 9.07 -1.26
CA LEU A 90 -11.39 8.04 -0.49
C LEU A 90 -12.37 6.99 0.03
N GLU A 91 -13.45 7.45 0.66
CA GLU A 91 -14.41 6.58 1.38
C GLU A 91 -15.32 5.76 0.45
N GLU A 92 -15.58 6.26 -0.77
CA GLU A 92 -16.38 5.51 -1.77
C GLU A 92 -15.60 4.30 -2.31
N PHE A 93 -14.28 4.49 -2.54
CA PHE A 93 -13.39 3.39 -2.94
C PHE A 93 -13.10 2.47 -1.75
N LYS A 94 -12.87 3.08 -0.57
CA LYS A 94 -12.49 2.35 0.66
C LYS A 94 -13.56 1.33 1.08
N ARG A 95 -14.86 1.75 1.04
CA ARG A 95 -16.00 0.89 1.44
C ARG A 95 -16.11 -0.37 0.55
N LYS A 96 -15.64 -0.24 -0.71
CA LYS A 96 -15.56 -1.36 -1.65
C LYS A 96 -14.43 -2.32 -1.23
N ILE A 97 -13.29 -1.74 -0.83
CA ILE A 97 -12.08 -2.48 -0.41
C ILE A 97 -12.33 -3.20 0.93
N GLU A 98 -13.20 -2.61 1.79
CA GLU A 98 -13.73 -3.27 3.01
C GLU A 98 -14.47 -4.58 2.61
N SER A 99 -15.34 -4.46 1.60
CA SER A 99 -16.19 -5.56 1.11
C SER A 99 -15.36 -6.66 0.42
N GLN A 100 -14.24 -6.25 -0.22
CA GLN A 100 -13.25 -7.19 -0.81
C GLN A 100 -12.43 -7.86 0.31
N GLY A 101 -12.37 -7.20 1.48
CA GLY A 101 -11.72 -7.74 2.67
C GLY A 101 -10.22 -7.47 2.71
N TYR A 102 -9.83 -6.24 2.36
CA TYR A 102 -8.42 -5.79 2.37
C TYR A 102 -8.24 -4.65 3.39
N GLU A 103 -7.08 -4.67 4.07
CA GLU A 103 -6.76 -3.74 5.16
C GLU A 103 -6.33 -2.36 4.61
N VAL A 104 -7.31 -1.48 4.39
CA VAL A 104 -7.08 -0.11 3.87
C VAL A 104 -7.24 0.95 4.98
N ARG A 105 -6.36 1.96 4.96
CA ARG A 105 -6.42 3.11 5.88
C ARG A 105 -6.79 4.37 5.09
N LYS A 106 -7.70 5.20 5.64
CA LYS A 106 -8.08 6.49 5.06
C LYS A 106 -7.40 7.61 5.83
N VAL A 107 -6.72 8.53 5.11
CA VAL A 107 -6.10 9.72 5.71
C VAL A 107 -6.40 10.95 4.83
N THR A 108 -6.59 12.10 5.48
CA THR A 108 -6.95 13.36 4.80
C THR A 108 -5.70 14.28 4.68
N ASP A 109 -4.88 14.24 5.74
CA ASP A 109 -3.74 15.16 5.91
C ASP A 109 -2.41 14.49 5.50
N ASP A 110 -1.44 15.36 5.14
CA ASP A 110 -0.02 15.02 4.89
C ASP A 110 0.57 14.17 6.04
N GLU A 111 0.44 14.71 7.28
CA GLU A 111 1.04 14.13 8.49
C GLU A 111 0.59 12.68 8.70
N GLU A 112 -0.72 12.44 8.48
CA GLU A 112 -1.36 11.15 8.74
C GLU A 112 -0.81 10.08 7.78
N ALA A 113 -0.60 10.47 6.51
CA ALA A 113 -0.05 9.57 5.47
C ALA A 113 1.38 9.12 5.82
N LEU A 114 2.19 10.08 6.30
CA LEU A 114 3.59 9.83 6.75
C LEU A 114 3.61 8.89 7.97
N LYS A 115 2.59 9.05 8.84
CA LYS A 115 2.41 8.22 10.04
C LYS A 115 2.08 6.77 9.65
N ILE A 116 1.16 6.57 8.67
CA ILE A 116 0.70 5.21 8.27
C ILE A 116 1.83 4.37 7.64
N VAL A 117 2.75 5.07 6.91
CA VAL A 117 3.99 4.47 6.41
C VAL A 117 4.76 3.80 7.57
N ARG A 118 4.95 4.58 8.66
CA ARG A 118 5.69 4.14 9.87
C ARG A 118 4.88 3.07 10.67
N GLU A 119 3.55 3.28 10.76
CA GLU A 119 2.61 2.38 11.46
C GLU A 119 2.69 0.96 10.90
N PHE A 120 2.76 0.86 9.57
CA PHE A 120 2.91 -0.41 8.85
C PHE A 120 4.24 -1.09 9.21
N MET A 121 5.33 -0.32 9.31
CA MET A 121 6.70 -0.86 9.46
C MET A 121 6.88 -1.60 10.80
N GLN A 122 6.06 -1.27 11.80
CA GLN A 122 5.96 -2.07 13.02
C GLN A 122 4.83 -3.13 12.87
N LYS A 123 3.61 -2.69 12.52
CA LYS A 123 2.37 -3.51 12.61
C LYS A 123 2.43 -4.78 11.73
N ALA A 124 3.17 -4.71 10.61
CA ALA A 124 3.33 -5.82 9.66
C ALA A 124 4.04 -7.03 10.30
N GLY A 125 5.07 -6.72 11.12
CA GLY A 125 5.82 -7.74 11.86
C GLY A 125 5.42 -7.84 13.33
N SER A 126 4.56 -6.91 13.78
CA SER A 126 4.09 -6.84 15.18
C SER A 126 2.66 -7.37 15.33
N LEU A 127 2.18 -8.12 14.32
CA LEU A 127 0.96 -8.92 14.47
C LEU A 127 1.23 -10.06 15.49
N GLU A 128 0.41 -10.11 16.55
CA GLU A 128 0.57 -11.08 17.66
C GLU A 128 0.61 -12.53 17.13
N HIS A 129 1.47 -13.36 17.73
CA HIS A 129 1.54 -14.81 17.44
C HIS A 129 0.21 -15.47 17.89
N HIS A 130 -0.79 -15.36 17.00
CA HIS A 130 -2.22 -15.53 17.32
C HIS A 130 -3.06 -15.44 16.04
N HIS A 131 -2.55 -14.69 15.04
CA HIS A 131 -3.16 -14.63 13.68
C HIS A 131 -3.11 -16.02 13.00
N HIS A 132 -4.18 -16.37 12.27
CA HIS A 132 -4.36 -17.73 11.69
C HIS A 132 -3.58 -17.90 10.37
N HIS A 133 -3.02 -19.10 10.17
CA HIS A 133 -2.49 -19.56 8.87
C HIS A 133 -2.87 -21.04 8.65
N HIS A 134 -3.64 -21.62 9.60
CA HIS A 134 -4.13 -23.00 9.51
C HIS A 134 -5.39 -23.04 8.62
N MET A 1 4.59 -14.10 6.34
CA MET A 1 4.02 -12.75 6.26
C MET A 1 4.95 -11.86 5.43
N LYS A 2 4.49 -11.50 4.24
CA LYS A 2 5.14 -10.55 3.34
C LYS A 2 4.07 -9.55 2.92
N GLU A 3 4.12 -8.37 3.54
CA GLU A 3 3.09 -7.33 3.40
C GLU A 3 3.42 -6.41 2.21
N LEU A 4 2.38 -6.10 1.43
CA LEU A 4 2.43 -5.16 0.32
C LEU A 4 1.45 -4.03 0.66
N ILE A 5 2.00 -2.84 0.92
CA ILE A 5 1.22 -1.63 1.29
C ILE A 5 1.21 -0.69 0.08
N LEU A 6 0.00 -0.39 -0.42
CA LEU A 6 -0.22 0.48 -1.58
C LEU A 6 -0.64 1.87 -1.09
N ILE A 7 0.11 2.91 -1.48
CA ILE A 7 -0.19 4.30 -1.11
C ILE A 7 -0.88 4.97 -2.33
N ASN A 8 -2.11 5.44 -2.14
CA ASN A 8 -2.81 6.30 -3.09
C ASN A 8 -2.61 7.74 -2.63
N THR A 9 -1.96 8.54 -3.46
CA THR A 9 -1.70 9.95 -3.19
C THR A 9 -1.80 10.75 -4.49
N ASN A 10 -2.46 11.90 -4.40
CA ASN A 10 -2.62 12.86 -5.51
C ASN A 10 -1.56 13.97 -5.41
N ASN A 11 -0.87 14.03 -4.27
CA ASN A 11 0.08 15.11 -3.93
C ASN A 11 1.52 14.67 -4.25
N ASP A 12 2.15 15.36 -5.23
CA ASP A 12 3.47 14.99 -5.83
C ASP A 12 4.61 15.06 -4.81
N GLU A 13 4.62 16.14 -4.02
CA GLU A 13 5.63 16.35 -2.96
C GLU A 13 5.52 15.24 -1.89
N LEU A 14 4.28 14.84 -1.58
CA LEU A 14 3.98 13.78 -0.59
C LEU A 14 4.56 12.44 -1.06
N ILE A 15 4.41 12.12 -2.38
CA ILE A 15 4.94 10.88 -2.99
C ILE A 15 6.46 10.75 -2.70
N LYS A 16 7.18 11.85 -2.97
CA LYS A 16 8.65 11.95 -2.79
C LYS A 16 9.06 11.70 -1.34
N LYS A 17 8.33 12.35 -0.43
CA LYS A 17 8.60 12.31 1.03
C LYS A 17 8.42 10.89 1.58
N ILE A 18 7.36 10.20 1.10
CA ILE A 18 7.06 8.81 1.46
C ILE A 18 8.24 7.92 1.01
N LYS A 19 8.68 8.08 -0.27
CA LYS A 19 9.80 7.32 -0.85
C LYS A 19 11.04 7.38 0.06
N LYS A 20 11.37 8.61 0.52
CA LYS A 20 12.54 8.88 1.39
C LYS A 20 12.44 8.13 2.73
N GLU A 21 11.23 8.21 3.35
CA GLU A 21 10.95 7.54 4.65
C GLU A 21 11.10 6.01 4.54
N VAL A 22 10.55 5.46 3.46
CA VAL A 22 10.52 4.00 3.20
C VAL A 22 11.94 3.46 2.91
N GLU A 23 12.79 4.30 2.28
CA GLU A 23 14.21 3.99 2.04
C GLU A 23 15.00 4.00 3.36
N ASN A 24 14.64 4.93 4.27
CA ASN A 24 15.24 5.02 5.63
C ASN A 24 14.92 3.74 6.43
N GLN A 25 13.70 3.23 6.24
CA GLN A 25 13.19 2.02 6.93
C GLN A 25 13.70 0.72 6.25
N GLY A 26 14.24 0.86 5.01
CA GLY A 26 14.91 -0.25 4.31
C GLY A 26 13.96 -1.17 3.54
N TYR A 27 12.82 -0.63 3.09
CA TYR A 27 11.85 -1.37 2.25
C TYR A 27 12.11 -1.04 0.77
N GLN A 28 11.62 -1.93 -0.12
CA GLN A 28 11.73 -1.75 -1.58
C GLN A 28 10.64 -0.77 -2.04
N VAL A 29 11.04 0.41 -2.53
CA VAL A 29 10.10 1.44 -3.01
C VAL A 29 9.81 1.20 -4.49
N ARG A 30 8.62 0.67 -4.80
CA ARG A 30 8.10 0.58 -6.16
C ARG A 30 7.07 1.71 -6.34
N ASP A 31 7.21 2.51 -7.42
CA ASP A 31 6.25 3.58 -7.73
C ASP A 31 5.66 3.35 -9.14
N VAL A 32 4.35 3.12 -9.16
CA VAL A 32 3.55 2.89 -10.35
C VAL A 32 2.64 4.13 -10.57
N ASN A 33 2.79 4.76 -11.73
CA ASN A 33 1.94 5.90 -12.13
C ASN A 33 0.90 5.44 -13.17
N ASP A 34 1.19 4.29 -13.82
CA ASP A 34 0.37 3.73 -14.91
C ASP A 34 0.48 2.18 -14.93
N SER A 35 -0.55 1.50 -15.47
CA SER A 35 -0.67 0.02 -15.43
C SER A 35 0.42 -0.73 -16.24
N ASP A 36 1.10 0.01 -17.13
CA ASP A 36 2.20 -0.55 -17.95
C ASP A 36 3.45 -0.83 -17.06
N GLU A 37 3.51 -0.13 -15.91
CA GLU A 37 4.57 -0.28 -14.90
C GLU A 37 4.29 -1.46 -13.96
N LEU A 38 3.03 -1.56 -13.45
CA LEU A 38 2.68 -2.56 -12.41
C LEU A 38 2.80 -3.99 -12.94
N LYS A 39 2.47 -4.19 -14.23
CA LYS A 39 2.51 -5.52 -14.87
C LYS A 39 3.94 -6.12 -14.84
N LYS A 40 4.95 -5.23 -14.82
CA LYS A 40 6.37 -5.61 -14.85
C LYS A 40 6.89 -5.97 -13.44
N GLU A 41 6.58 -5.09 -12.47
CA GLU A 41 7.12 -5.21 -11.09
C GLU A 41 6.33 -6.23 -10.25
N MET A 42 5.05 -6.48 -10.63
CA MET A 42 4.21 -7.57 -10.04
C MET A 42 4.81 -8.96 -10.32
N LYS A 43 5.44 -9.11 -11.51
CA LYS A 43 6.21 -10.31 -11.86
C LYS A 43 7.32 -10.51 -10.82
N LYS A 44 8.08 -9.42 -10.58
CA LYS A 44 9.24 -9.39 -9.66
C LYS A 44 8.83 -9.67 -8.20
N LEU A 45 7.63 -9.21 -7.82
CA LEU A 45 7.08 -9.44 -6.47
C LEU A 45 6.81 -10.94 -6.24
N ALA A 46 6.36 -11.62 -7.29
CA ALA A 46 6.03 -13.06 -7.26
C ALA A 46 7.31 -13.93 -7.39
N GLU A 47 8.24 -13.50 -8.26
CA GLU A 47 9.52 -14.22 -8.53
C GLU A 47 10.40 -14.21 -7.28
N GLU A 48 10.67 -13.00 -6.78
CA GLU A 48 11.40 -12.79 -5.54
C GLU A 48 10.46 -13.15 -4.39
N LYS A 49 10.44 -14.44 -4.04
CA LYS A 49 9.52 -14.99 -3.06
C LYS A 49 10.09 -14.75 -1.65
N ASN A 50 11.28 -15.35 -1.42
CA ASN A 50 11.99 -15.27 -0.12
C ASN A 50 12.87 -14.00 -0.07
N PHE A 51 12.30 -12.94 0.53
CA PHE A 51 13.03 -11.72 0.96
C PHE A 51 12.06 -10.83 1.75
N GLU A 52 12.56 -9.67 2.22
CA GLU A 52 11.76 -8.69 2.99
C GLU A 52 10.63 -8.08 2.13
N LYS A 53 9.69 -7.44 2.83
CA LYS A 53 8.44 -6.94 2.25
C LYS A 53 8.63 -5.57 1.56
N ILE A 54 7.67 -5.25 0.66
CA ILE A 54 7.79 -4.15 -0.32
C ILE A 54 6.65 -3.15 -0.10
N LEU A 55 6.93 -1.88 -0.40
CA LEU A 55 5.96 -0.80 -0.36
C LEU A 55 5.72 -0.31 -1.79
N ILE A 56 4.45 -0.34 -2.21
CA ILE A 56 3.99 0.16 -3.51
C ILE A 56 3.39 1.57 -3.29
N ILE A 57 3.70 2.51 -4.18
CA ILE A 57 3.00 3.80 -4.29
C ILE A 57 2.35 3.82 -5.67
N SER A 58 1.03 3.98 -5.72
CA SER A 58 0.28 4.00 -6.97
C SER A 58 -0.59 5.26 -7.01
N ASN A 59 -0.29 6.11 -7.99
CA ASN A 59 -0.99 7.39 -8.19
C ASN A 59 -2.46 7.16 -8.60
N ASP A 60 -2.66 6.38 -9.67
CA ASP A 60 -4.00 6.14 -10.24
C ASP A 60 -4.71 5.01 -9.48
N LYS A 61 -6.05 5.13 -9.35
CA LYS A 61 -6.86 4.31 -8.42
C LYS A 61 -7.35 2.98 -9.05
N GLN A 62 -7.44 2.92 -10.39
CA GLN A 62 -7.81 1.67 -11.11
C GLN A 62 -6.68 0.63 -10.94
N LEU A 63 -5.44 1.16 -10.76
CA LEU A 63 -4.22 0.35 -10.59
C LEU A 63 -4.27 -0.38 -9.25
N LEU A 64 -4.70 0.38 -8.21
CA LEU A 64 -4.87 -0.13 -6.84
C LEU A 64 -5.77 -1.36 -6.84
N LYS A 65 -7.02 -1.18 -7.33
CA LYS A 65 -8.09 -2.21 -7.34
C LYS A 65 -7.57 -3.56 -7.90
N GLU A 66 -6.88 -3.48 -9.04
CA GLU A 66 -6.26 -4.65 -9.68
C GLU A 66 -5.17 -5.29 -8.79
N MET A 67 -4.19 -4.46 -8.35
CA MET A 67 -2.99 -4.94 -7.64
C MET A 67 -3.32 -5.54 -6.26
N LEU A 68 -4.26 -4.90 -5.52
CA LEU A 68 -4.76 -5.39 -4.21
C LEU A 68 -5.18 -6.89 -4.29
N GLU A 69 -5.88 -7.23 -5.39
CA GLU A 69 -6.43 -8.58 -5.61
C GLU A 69 -5.39 -9.54 -6.21
N LEU A 70 -4.39 -8.99 -6.94
CA LEU A 70 -3.24 -9.75 -7.45
C LEU A 70 -2.39 -10.29 -6.27
N ILE A 71 -2.05 -9.38 -5.35
CA ILE A 71 -1.23 -9.65 -4.15
C ILE A 71 -1.92 -10.69 -3.24
N SER A 72 -3.26 -10.61 -3.16
CA SER A 72 -4.08 -11.54 -2.38
C SER A 72 -3.94 -12.98 -2.91
N LYS A 73 -4.01 -13.15 -4.26
CA LYS A 73 -3.92 -14.48 -4.91
C LYS A 73 -2.45 -14.92 -5.09
N LEU A 74 -1.49 -13.99 -4.90
CA LEU A 74 -0.06 -14.33 -4.75
C LEU A 74 0.14 -15.00 -3.38
N GLY A 75 -0.69 -14.57 -2.41
CA GLY A 75 -0.70 -15.14 -1.06
C GLY A 75 -0.02 -14.23 -0.05
N TYR A 76 0.27 -12.99 -0.48
CA TYR A 76 0.87 -11.95 0.38
C TYR A 76 -0.24 -11.16 1.07
N LYS A 77 0.05 -10.62 2.26
CA LYS A 77 -0.90 -9.76 2.97
C LYS A 77 -0.99 -8.40 2.26
N VAL A 78 -2.21 -7.89 2.13
CA VAL A 78 -2.52 -6.63 1.46
C VAL A 78 -2.90 -5.56 2.50
N PHE A 79 -2.34 -4.36 2.34
CA PHE A 79 -2.71 -3.16 3.10
C PHE A 79 -2.84 -2.01 2.09
N LEU A 80 -3.76 -1.09 2.35
CA LEU A 80 -3.97 0.10 1.50
C LEU A 80 -3.98 1.35 2.41
N LEU A 81 -3.38 2.44 1.94
CA LEU A 81 -3.38 3.74 2.61
C LEU A 81 -3.63 4.79 1.52
N LEU A 82 -4.79 5.45 1.57
CA LEU A 82 -5.24 6.37 0.51
C LEU A 82 -5.44 7.80 1.06
N GLN A 83 -5.25 8.78 0.16
CA GLN A 83 -5.54 10.18 0.42
C GLN A 83 -6.04 10.81 -0.90
N ASP A 84 -7.33 11.14 -0.91
CA ASP A 84 -7.94 11.93 -1.98
C ASP A 84 -8.19 13.33 -1.45
N GLN A 85 -8.23 14.31 -2.36
CA GLN A 85 -8.67 15.68 -2.04
C GLN A 85 -10.18 15.67 -1.76
N ASP A 86 -10.91 14.76 -2.43
CA ASP A 86 -12.34 14.52 -2.20
C ASP A 86 -12.51 13.47 -1.09
N GLU A 87 -12.89 13.92 0.12
CA GLU A 87 -13.06 13.05 1.30
C GLU A 87 -14.17 11.98 1.09
N ASN A 88 -15.16 12.35 0.26
CA ASN A 88 -16.27 11.48 -0.12
C ASN A 88 -15.80 10.20 -0.85
N GLU A 89 -14.61 10.24 -1.48
CA GLU A 89 -14.05 9.08 -2.20
C GLU A 89 -13.43 8.04 -1.26
N LEU A 90 -12.74 8.50 -0.21
CA LEU A 90 -11.97 7.59 0.69
C LEU A 90 -12.91 6.61 1.40
N GLU A 91 -14.01 7.13 1.94
CA GLU A 91 -15.03 6.35 2.66
C GLU A 91 -15.68 5.27 1.78
N GLU A 92 -15.99 5.64 0.51
CA GLU A 92 -16.72 4.76 -0.42
C GLU A 92 -15.79 3.69 -1.01
N PHE A 93 -14.53 4.06 -1.26
CA PHE A 93 -13.50 3.12 -1.74
C PHE A 93 -13.15 2.15 -0.58
N LYS A 94 -13.06 2.68 0.66
CA LYS A 94 -12.77 1.88 1.87
C LYS A 94 -13.80 0.78 2.11
N ARG A 95 -15.10 1.14 2.13
CA ARG A 95 -16.18 0.20 2.49
C ARG A 95 -16.18 -1.05 1.57
N LYS A 96 -15.66 -0.87 0.35
CA LYS A 96 -15.51 -1.95 -0.63
C LYS A 96 -14.26 -2.80 -0.32
N ILE A 97 -13.11 -2.14 -0.11
CA ILE A 97 -11.80 -2.81 0.11
C ILE A 97 -11.80 -3.62 1.45
N GLU A 98 -12.43 -3.04 2.48
CA GLU A 98 -12.75 -3.70 3.76
C GLU A 98 -13.55 -5.01 3.53
N SER A 99 -14.59 -4.92 2.68
CA SER A 99 -15.48 -6.06 2.36
C SER A 99 -14.75 -7.12 1.50
N GLN A 100 -13.68 -6.69 0.78
CA GLN A 100 -12.81 -7.60 -0.01
C GLN A 100 -11.85 -8.41 0.91
N GLY A 101 -11.82 -8.03 2.19
CA GLY A 101 -10.99 -8.71 3.19
C GLY A 101 -9.60 -8.10 3.33
N TYR A 102 -9.50 -6.80 2.99
CA TYR A 102 -8.26 -6.02 3.15
C TYR A 102 -8.49 -4.95 4.21
N GLU A 103 -7.41 -4.47 4.81
CA GLU A 103 -7.46 -3.37 5.77
C GLU A 103 -6.84 -2.11 5.13
N VAL A 104 -7.56 -1.00 5.24
CA VAL A 104 -7.21 0.25 4.60
C VAL A 104 -7.35 1.43 5.58
N ARG A 105 -6.31 2.28 5.61
CA ARG A 105 -6.32 3.55 6.35
C ARG A 105 -6.67 4.70 5.39
N LYS A 106 -7.41 5.68 5.93
CA LYS A 106 -7.79 6.90 5.20
C LYS A 106 -7.17 8.12 5.92
N VAL A 107 -6.71 9.09 5.12
CA VAL A 107 -6.09 10.36 5.60
C VAL A 107 -6.43 11.50 4.62
N THR A 108 -6.20 12.74 5.05
CA THR A 108 -6.47 13.94 4.23
C THR A 108 -5.15 14.69 3.99
N ASP A 109 -4.43 14.92 5.08
CA ASP A 109 -3.25 15.78 5.12
C ASP A 109 -1.96 14.96 4.92
N ASP A 110 -0.90 15.67 4.52
CA ASP A 110 0.46 15.15 4.36
C ASP A 110 0.96 14.42 5.63
N GLU A 111 0.89 15.13 6.78
CA GLU A 111 1.44 14.65 8.05
C GLU A 111 0.81 13.33 8.52
N GLU A 112 -0.50 13.18 8.26
CA GLU A 112 -1.26 11.97 8.60
C GLU A 112 -0.77 10.77 7.77
N ALA A 113 -0.58 11.03 6.45
CA ALA A 113 -0.16 10.01 5.47
C ALA A 113 1.25 9.46 5.79
N LEU A 114 2.21 10.38 6.04
CA LEU A 114 3.62 10.05 6.33
C LEU A 114 3.74 9.17 7.58
N LYS A 115 2.97 9.56 8.62
CA LYS A 115 3.01 8.91 9.92
C LYS A 115 2.54 7.46 9.80
N ILE A 116 1.42 7.25 9.06
CA ILE A 116 0.77 5.92 8.93
C ILE A 116 1.57 4.94 8.04
N VAL A 117 2.36 5.48 7.09
CA VAL A 117 3.36 4.66 6.36
C VAL A 117 4.31 3.93 7.36
N ARG A 118 4.71 4.69 8.40
CA ARG A 118 5.63 4.23 9.46
C ARG A 118 4.89 3.42 10.56
N GLU A 119 3.63 3.84 10.90
CA GLU A 119 2.77 3.14 11.89
C GLU A 119 2.55 1.69 11.42
N PHE A 120 2.23 1.55 10.12
CA PHE A 120 1.98 0.24 9.43
C PHE A 120 3.04 -0.82 9.80
N MET A 121 4.28 -0.36 9.85
CA MET A 121 5.46 -1.23 10.03
C MET A 121 5.46 -1.99 11.39
N GLN A 122 4.68 -1.52 12.38
CA GLN A 122 4.32 -2.34 13.58
C GLN A 122 2.90 -2.95 13.43
N LYS A 123 1.96 -2.12 12.90
CA LYS A 123 0.50 -2.39 12.89
C LYS A 123 0.12 -3.61 12.03
N ALA A 124 0.97 -3.96 11.06
CA ALA A 124 0.68 -4.96 10.00
C ALA A 124 0.71 -6.42 10.47
N GLY A 125 0.81 -6.63 11.80
CA GLY A 125 1.02 -7.97 12.37
C GLY A 125 2.50 -8.29 12.50
N SER A 126 3.36 -7.41 11.94
CA SER A 126 4.82 -7.48 12.09
C SER A 126 5.20 -7.44 13.57
N LEU A 127 4.59 -6.49 14.31
CA LEU A 127 4.68 -6.44 15.78
C LEU A 127 3.31 -6.86 16.33
N GLU A 128 3.11 -8.18 16.44
CA GLU A 128 1.86 -8.79 16.92
C GLU A 128 2.03 -9.22 18.40
N HIS A 129 1.16 -8.67 19.27
CA HIS A 129 1.19 -8.95 20.72
C HIS A 129 0.57 -10.33 21.03
N HIS A 130 -0.35 -10.77 20.13
CA HIS A 130 -0.90 -12.15 20.12
C HIS A 130 0.03 -13.06 19.32
N HIS A 131 1.34 -12.95 19.61
CA HIS A 131 2.43 -13.62 18.88
C HIS A 131 2.23 -15.14 18.84
N HIS A 132 2.00 -15.67 17.63
CA HIS A 132 1.81 -17.10 17.40
C HIS A 132 3.15 -17.82 17.66
N HIS A 133 3.32 -18.28 18.92
CA HIS A 133 4.54 -18.94 19.38
C HIS A 133 4.25 -19.67 20.69
N HIS A 134 4.70 -20.92 20.77
CA HIS A 134 4.55 -21.75 21.97
C HIS A 134 5.65 -21.39 22.99
N MET A 1 6.03 -15.35 5.20
CA MET A 1 4.87 -14.66 4.59
C MET A 1 5.21 -13.19 4.38
N LYS A 2 5.05 -12.71 3.13
CA LYS A 2 5.37 -11.34 2.75
C LYS A 2 4.19 -10.39 3.03
N GLU A 3 4.55 -9.11 3.22
CA GLU A 3 3.60 -8.02 3.51
C GLU A 3 3.60 -7.06 2.31
N LEU A 4 2.46 -6.40 2.05
CA LEU A 4 2.32 -5.51 0.90
C LEU A 4 1.44 -4.30 1.27
N ILE A 5 1.99 -3.08 1.13
CA ILE A 5 1.24 -1.83 1.37
C ILE A 5 1.19 -1.00 0.07
N LEU A 6 0.01 -0.43 -0.23
CA LEU A 6 -0.20 0.47 -1.35
C LEU A 6 -0.59 1.84 -0.79
N ILE A 7 0.06 2.89 -1.28
CA ILE A 7 -0.27 4.28 -0.95
C ILE A 7 -0.87 4.95 -2.19
N ASN A 8 -1.96 5.69 -2.00
CA ASN A 8 -2.52 6.57 -3.02
C ASN A 8 -2.42 7.99 -2.49
N THR A 9 -1.52 8.77 -3.08
CA THR A 9 -1.30 10.17 -2.71
C THR A 9 -1.43 11.02 -3.98
N ASN A 10 -2.41 11.94 -3.94
CA ASN A 10 -2.71 12.86 -5.04
C ASN A 10 -1.99 14.21 -4.83
N ASN A 11 -1.07 14.23 -3.84
CA ASN A 11 -0.24 15.40 -3.49
C ASN A 11 1.22 15.13 -3.94
N ASP A 12 1.74 16.00 -4.84
CA ASP A 12 3.09 15.87 -5.45
C ASP A 12 4.19 15.78 -4.40
N GLU A 13 4.25 16.81 -3.51
CA GLU A 13 5.29 16.92 -2.50
C GLU A 13 5.22 15.76 -1.51
N LEU A 14 3.99 15.25 -1.23
CA LEU A 14 3.80 14.14 -0.28
C LEU A 14 4.35 12.84 -0.86
N ILE A 15 4.16 12.59 -2.18
CA ILE A 15 4.72 11.38 -2.85
C ILE A 15 6.22 11.28 -2.53
N LYS A 16 6.90 12.44 -2.71
CA LYS A 16 8.35 12.58 -2.47
C LYS A 16 8.69 12.25 -1.00
N LYS A 17 7.94 12.88 -0.07
CA LYS A 17 8.16 12.77 1.39
C LYS A 17 8.05 11.30 1.87
N ILE A 18 7.01 10.61 1.36
CA ILE A 18 6.76 9.19 1.67
C ILE A 18 7.96 8.36 1.24
N LYS A 19 8.36 8.51 -0.03
CA LYS A 19 9.48 7.74 -0.63
C LYS A 19 10.78 7.91 0.16
N LYS A 20 11.03 9.13 0.67
CA LYS A 20 12.22 9.45 1.46
C LYS A 20 12.21 8.69 2.81
N GLU A 21 11.01 8.59 3.43
CA GLU A 21 10.81 7.77 4.65
C GLU A 21 11.09 6.28 4.35
N VAL A 22 10.52 5.80 3.23
CA VAL A 22 10.57 4.38 2.81
C VAL A 22 12.02 3.92 2.53
N GLU A 23 12.82 4.84 1.96
CA GLU A 23 14.26 4.63 1.72
C GLU A 23 15.03 4.51 3.05
N ASN A 24 14.63 5.35 4.04
CA ASN A 24 15.21 5.34 5.41
C ASN A 24 14.83 4.04 6.17
N GLN A 25 13.70 3.43 5.79
CA GLN A 25 13.20 2.19 6.43
C GLN A 25 13.71 0.94 5.70
N GLY A 26 14.31 1.14 4.50
CA GLY A 26 14.97 0.06 3.76
C GLY A 26 14.04 -0.77 2.88
N TYR A 27 12.85 -0.24 2.59
CA TYR A 27 11.84 -0.91 1.71
C TYR A 27 12.08 -0.55 0.24
N GLN A 28 11.62 -1.42 -0.67
CA GLN A 28 11.69 -1.17 -2.11
C GLN A 28 10.58 -0.18 -2.53
N VAL A 29 10.97 1.01 -3.00
CA VAL A 29 10.02 2.05 -3.39
C VAL A 29 9.57 1.86 -4.85
N ARG A 30 8.27 1.63 -5.06
CA ARG A 30 7.64 1.64 -6.39
C ARG A 30 6.94 2.99 -6.60
N ASP A 31 7.33 3.71 -7.68
CA ASP A 31 6.45 4.69 -8.32
C ASP A 31 5.72 3.97 -9.45
N VAL A 32 4.40 3.85 -9.30
CA VAL A 32 3.53 3.31 -10.34
C VAL A 32 2.57 4.43 -10.77
N ASN A 33 2.68 4.81 -12.03
CA ASN A 33 1.82 5.83 -12.67
C ASN A 33 1.02 5.15 -13.80
N ASP A 34 1.50 3.97 -14.23
CA ASP A 34 0.98 3.24 -15.39
C ASP A 34 0.75 1.75 -15.03
N SER A 35 -0.20 1.11 -15.72
CA SER A 35 -0.64 -0.29 -15.47
C SER A 35 0.46 -1.32 -15.77
N ASP A 36 1.43 -0.93 -16.62
CA ASP A 36 2.55 -1.80 -17.03
C ASP A 36 3.52 -1.97 -15.85
N GLU A 37 3.70 -0.86 -15.10
CA GLU A 37 4.69 -0.78 -14.01
C GLU A 37 4.33 -1.69 -12.84
N LEU A 38 3.01 -1.81 -12.52
CA LEU A 38 2.56 -2.64 -11.40
C LEU A 38 2.71 -4.14 -11.74
N LYS A 39 2.30 -4.55 -12.96
CA LYS A 39 2.25 -5.98 -13.34
C LYS A 39 3.66 -6.56 -13.51
N LYS A 40 4.64 -5.70 -13.88
CA LYS A 40 6.03 -6.13 -14.12
C LYS A 40 6.81 -6.29 -12.79
N GLU A 41 6.46 -5.48 -11.75
CA GLU A 41 7.10 -5.60 -10.40
C GLU A 41 6.39 -6.67 -9.54
N MET A 42 5.11 -6.94 -9.85
CA MET A 42 4.35 -8.07 -9.24
C MET A 42 4.95 -9.43 -9.66
N LYS A 43 5.70 -9.44 -10.78
CA LYS A 43 6.48 -10.60 -11.22
C LYS A 43 7.67 -10.86 -10.28
N LYS A 44 8.34 -9.77 -9.83
CA LYS A 44 9.44 -9.82 -8.82
C LYS A 44 8.95 -10.53 -7.54
N LEU A 45 7.70 -10.20 -7.16
CA LEU A 45 7.01 -10.77 -6.01
C LEU A 45 6.68 -12.25 -6.26
N ALA A 46 6.17 -12.54 -7.48
CA ALA A 46 5.76 -13.89 -7.90
C ALA A 46 6.95 -14.87 -7.99
N GLU A 47 8.14 -14.35 -8.26
CA GLU A 47 9.36 -15.18 -8.40
C GLU A 47 9.96 -15.53 -7.03
N GLU A 48 10.21 -14.50 -6.21
CA GLU A 48 10.90 -14.66 -4.91
C GLU A 48 9.89 -14.95 -3.78
N LYS A 49 10.26 -15.91 -2.91
CA LYS A 49 9.35 -16.51 -1.92
C LYS A 49 9.06 -15.56 -0.75
N ASN A 50 10.10 -15.25 0.03
CA ASN A 50 9.98 -14.42 1.24
C ASN A 50 11.27 -13.61 1.43
N PHE A 51 11.23 -12.38 0.93
CA PHE A 51 12.27 -11.36 1.14
C PHE A 51 11.63 -10.13 1.80
N GLU A 52 12.42 -9.05 2.01
CA GLU A 52 11.95 -7.80 2.64
C GLU A 52 10.67 -7.26 1.96
N LYS A 53 9.72 -6.74 2.76
CA LYS A 53 8.41 -6.24 2.28
C LYS A 53 8.57 -4.94 1.48
N ILE A 54 7.67 -4.78 0.49
CA ILE A 54 7.75 -3.73 -0.54
C ILE A 54 6.63 -2.70 -0.29
N LEU A 55 6.92 -1.44 -0.60
CA LEU A 55 5.95 -0.35 -0.53
C LEU A 55 5.67 0.15 -1.94
N ILE A 56 4.42 0.03 -2.36
CA ILE A 56 3.94 0.51 -3.66
C ILE A 56 3.28 1.89 -3.46
N ILE A 57 3.57 2.83 -4.35
CA ILE A 57 2.81 4.09 -4.48
C ILE A 57 2.16 4.09 -5.87
N SER A 58 0.87 4.43 -5.92
CA SER A 58 0.10 4.50 -7.14
C SER A 58 -0.76 5.76 -7.09
N ASN A 59 -0.60 6.60 -8.11
CA ASN A 59 -1.31 7.88 -8.24
C ASN A 59 -2.80 7.63 -8.54
N ASP A 60 -3.06 6.57 -9.33
CA ASP A 60 -4.40 6.23 -9.85
C ASP A 60 -5.10 5.12 -9.02
N LYS A 61 -6.45 5.19 -8.99
CA LYS A 61 -7.32 4.29 -8.19
C LYS A 61 -7.49 2.92 -8.87
N GLN A 62 -7.60 2.92 -10.22
CA GLN A 62 -7.85 1.70 -11.01
C GLN A 62 -6.64 0.76 -10.92
N LEU A 63 -5.43 1.37 -10.82
CA LEU A 63 -4.17 0.63 -10.66
C LEU A 63 -4.14 -0.12 -9.31
N LEU A 64 -4.61 0.58 -8.24
CA LEU A 64 -4.72 0.02 -6.88
C LEU A 64 -5.54 -1.28 -6.91
N LYS A 65 -6.74 -1.19 -7.53
CA LYS A 65 -7.72 -2.29 -7.60
C LYS A 65 -7.10 -3.54 -8.25
N GLU A 66 -6.36 -3.34 -9.38
CA GLU A 66 -5.64 -4.43 -10.09
C GLU A 66 -4.66 -5.15 -9.14
N MET A 67 -3.84 -4.34 -8.43
CA MET A 67 -2.81 -4.87 -7.51
C MET A 67 -3.45 -5.68 -6.36
N LEU A 68 -4.48 -5.09 -5.69
CA LEU A 68 -5.16 -5.71 -4.52
C LEU A 68 -5.64 -7.15 -4.84
N GLU A 69 -6.12 -7.33 -6.07
CA GLU A 69 -6.64 -8.61 -6.58
C GLU A 69 -5.51 -9.59 -6.94
N LEU A 70 -4.37 -9.06 -7.43
CA LEU A 70 -3.16 -9.89 -7.71
C LEU A 70 -2.56 -10.42 -6.38
N ILE A 71 -2.31 -9.47 -5.45
CA ILE A 71 -1.76 -9.72 -4.09
C ILE A 71 -2.63 -10.72 -3.31
N SER A 72 -3.94 -10.69 -3.61
CA SER A 72 -4.94 -11.60 -3.03
C SER A 72 -4.54 -13.08 -3.25
N LYS A 73 -4.24 -13.46 -4.53
CA LYS A 73 -3.77 -14.83 -4.85
C LYS A 73 -2.23 -14.96 -4.73
N LEU A 74 -1.50 -13.84 -4.49
CA LEU A 74 -0.05 -13.89 -4.15
C LEU A 74 0.11 -14.32 -2.68
N GLY A 75 -0.97 -14.15 -1.89
CA GLY A 75 -1.05 -14.63 -0.52
C GLY A 75 -0.53 -13.66 0.52
N TYR A 76 -0.14 -12.45 0.08
CA TYR A 76 0.46 -11.44 0.97
C TYR A 76 -0.62 -10.70 1.75
N LYS A 77 -0.22 -10.07 2.87
CA LYS A 77 -1.10 -9.22 3.65
C LYS A 77 -1.37 -7.94 2.86
N VAL A 78 -2.65 -7.75 2.49
CA VAL A 78 -3.05 -6.64 1.63
C VAL A 78 -3.39 -5.44 2.52
N PHE A 79 -2.48 -4.45 2.50
CA PHE A 79 -2.64 -3.19 3.21
C PHE A 79 -2.75 -2.08 2.15
N LEU A 80 -3.67 -1.14 2.38
CA LEU A 80 -3.94 -0.03 1.47
C LEU A 80 -4.04 1.25 2.29
N LEU A 81 -3.63 2.36 1.67
CA LEU A 81 -3.67 3.70 2.25
C LEU A 81 -4.03 4.65 1.11
N LEU A 82 -4.86 5.66 1.40
CA LEU A 82 -5.24 6.69 0.44
C LEU A 82 -5.46 8.05 1.14
N GLN A 83 -5.12 9.12 0.41
CA GLN A 83 -5.30 10.51 0.85
C GLN A 83 -5.56 11.37 -0.40
N ASP A 84 -6.48 12.34 -0.28
CA ASP A 84 -6.86 13.24 -1.40
C ASP A 84 -7.64 14.45 -0.86
N GLN A 85 -7.77 15.45 -1.71
CA GLN A 85 -8.62 16.63 -1.53
C GLN A 85 -10.09 16.22 -1.33
N ASP A 86 -10.64 15.44 -2.28
CA ASP A 86 -12.02 14.92 -2.21
C ASP A 86 -12.00 13.54 -1.53
N GLU A 87 -12.19 13.54 -0.20
CA GLU A 87 -12.19 12.30 0.59
C GLU A 87 -13.58 11.59 0.50
N ASN A 88 -14.57 12.23 -0.15
CA ASN A 88 -15.90 11.60 -0.36
C ASN A 88 -15.81 10.50 -1.44
N GLU A 89 -14.84 10.65 -2.36
CA GLU A 89 -14.49 9.59 -3.32
C GLU A 89 -13.67 8.48 -2.62
N LEU A 90 -12.80 8.89 -1.66
CA LEU A 90 -11.93 7.97 -0.91
C LEU A 90 -12.74 7.01 -0.01
N GLU A 91 -13.77 7.54 0.67
CA GLU A 91 -14.62 6.75 1.60
C GLU A 91 -15.49 5.76 0.82
N GLU A 92 -15.90 6.16 -0.40
CA GLU A 92 -16.65 5.32 -1.34
C GLU A 92 -15.80 4.11 -1.79
N PHE A 93 -14.54 4.38 -2.18
CA PHE A 93 -13.58 3.35 -2.62
C PHE A 93 -13.22 2.42 -1.44
N LYS A 94 -12.91 3.04 -0.29
CA LYS A 94 -12.42 2.36 0.93
C LYS A 94 -13.39 1.28 1.42
N ARG A 95 -14.67 1.67 1.62
CA ARG A 95 -15.70 0.80 2.23
C ARG A 95 -15.97 -0.48 1.40
N LYS A 96 -15.75 -0.37 0.08
CA LYS A 96 -15.88 -1.50 -0.85
C LYS A 96 -14.71 -2.47 -0.66
N ILE A 97 -13.51 -1.91 -0.39
CA ILE A 97 -12.26 -2.68 -0.15
C ILE A 97 -12.28 -3.37 1.25
N GLU A 98 -12.87 -2.70 2.27
CA GLU A 98 -13.03 -3.26 3.64
C GLU A 98 -13.76 -4.62 3.62
N SER A 99 -14.90 -4.64 2.90
CA SER A 99 -15.78 -5.82 2.80
C SER A 99 -15.09 -7.01 2.08
N GLN A 100 -14.03 -6.72 1.31
CA GLN A 100 -13.24 -7.74 0.58
C GLN A 100 -12.30 -8.50 1.55
N GLY A 101 -12.06 -7.92 2.73
CA GLY A 101 -11.17 -8.49 3.75
C GLY A 101 -9.78 -7.86 3.76
N TYR A 102 -9.62 -6.75 3.01
CA TYR A 102 -8.35 -6.01 2.91
C TYR A 102 -8.34 -4.85 3.92
N GLU A 103 -7.18 -4.59 4.57
CA GLU A 103 -7.01 -3.42 5.44
C GLU A 103 -6.78 -2.18 4.56
N VAL A 104 -7.58 -1.14 4.77
CA VAL A 104 -7.48 0.12 4.02
C VAL A 104 -7.68 1.32 4.95
N ARG A 105 -6.65 2.18 5.02
CA ARG A 105 -6.66 3.37 5.88
C ARG A 105 -7.00 4.61 5.05
N LYS A 106 -8.05 5.31 5.45
CA LYS A 106 -8.48 6.55 4.83
C LYS A 106 -8.03 7.72 5.70
N VAL A 107 -7.23 8.62 5.13
CA VAL A 107 -6.73 9.83 5.82
C VAL A 107 -6.90 11.05 4.88
N THR A 108 -6.83 12.24 5.47
CA THR A 108 -6.87 13.52 4.74
C THR A 108 -5.48 14.17 4.78
N ASP A 109 -4.93 14.30 6.01
CA ASP A 109 -3.67 15.01 6.26
C ASP A 109 -2.48 14.19 5.79
N ASP A 110 -1.49 14.92 5.26
CA ASP A 110 -0.22 14.37 4.77
C ASP A 110 0.59 13.70 5.90
N GLU A 111 0.51 14.29 7.11
CA GLU A 111 1.20 13.77 8.33
C GLU A 111 0.57 12.44 8.79
N GLU A 112 -0.76 12.30 8.61
CA GLU A 112 -1.50 11.08 8.95
C GLU A 112 -1.10 9.94 7.99
N ALA A 113 -0.92 10.30 6.70
CA ALA A 113 -0.48 9.34 5.67
C ALA A 113 0.94 8.83 5.95
N LEU A 114 1.86 9.75 6.31
CA LEU A 114 3.25 9.41 6.71
C LEU A 114 3.27 8.51 7.95
N LYS A 115 2.35 8.79 8.88
CA LYS A 115 2.20 8.04 10.14
C LYS A 115 1.76 6.59 9.86
N ILE A 116 0.84 6.42 8.87
CA ILE A 116 0.36 5.07 8.46
C ILE A 116 1.51 4.27 7.79
N VAL A 117 2.34 4.97 7.00
CA VAL A 117 3.55 4.41 6.36
C VAL A 117 4.54 3.91 7.45
N ARG A 118 4.76 4.73 8.49
CA ARG A 118 5.69 4.44 9.58
C ARG A 118 5.21 3.27 10.45
N GLU A 119 3.93 3.31 10.86
CA GLU A 119 3.33 2.25 11.70
C GLU A 119 3.24 0.92 10.94
N PHE A 120 3.15 0.96 9.58
CA PHE A 120 3.19 -0.27 8.75
C PHE A 120 4.50 -1.04 9.00
N MET A 121 5.60 -0.31 9.22
CA MET A 121 6.92 -0.90 9.43
C MET A 121 6.94 -1.83 10.69
N GLN A 122 6.08 -1.51 11.70
CA GLN A 122 5.93 -2.33 12.92
C GLN A 122 4.70 -3.28 12.86
N LYS A 123 3.71 -2.96 11.98
CA LYS A 123 2.55 -3.85 11.71
C LYS A 123 3.05 -5.12 11.01
N ALA A 124 3.81 -4.87 9.94
CA ALA A 124 4.34 -5.87 9.01
C ALA A 124 5.41 -6.75 9.66
N GLY A 125 6.18 -6.15 10.58
CA GLY A 125 7.22 -6.87 11.32
C GLY A 125 7.49 -6.19 12.65
N SER A 126 8.58 -5.40 12.71
CA SER A 126 8.93 -4.64 13.90
C SER A 126 9.96 -3.55 13.53
N LEU A 127 9.68 -2.32 13.96
CA LEU A 127 10.57 -1.16 13.77
C LEU A 127 10.17 -0.13 14.83
N GLU A 128 10.98 -0.06 15.90
CA GLU A 128 10.69 0.72 17.12
C GLU A 128 10.68 2.23 16.84
N HIS A 129 9.51 2.84 17.00
CA HIS A 129 9.33 4.30 16.98
C HIS A 129 8.18 4.67 17.93
N HIS A 130 8.32 5.79 18.64
CA HIS A 130 7.22 6.38 19.43
C HIS A 130 6.31 7.20 18.48
N HIS A 131 5.03 7.39 18.87
CA HIS A 131 4.07 8.18 18.10
C HIS A 131 4.53 9.65 18.05
N HIS A 132 4.94 10.11 16.86
CA HIS A 132 5.65 11.40 16.70
C HIS A 132 4.71 12.63 16.83
N HIS A 133 3.39 12.37 16.92
CA HIS A 133 2.42 13.39 17.33
C HIS A 133 2.40 13.42 18.88
N HIS A 134 1.77 12.39 19.49
CA HIS A 134 1.88 12.06 20.93
C HIS A 134 1.05 10.79 21.22
N MET A 1 8.14 -12.46 7.55
CA MET A 1 6.74 -12.10 7.23
C MET A 1 6.75 -11.04 6.11
N LYS A 2 5.90 -11.22 5.10
CA LYS A 2 5.91 -10.40 3.88
C LYS A 2 4.49 -9.87 3.58
N GLU A 3 4.34 -8.55 3.73
CA GLU A 3 3.09 -7.82 3.47
C GLU A 3 3.35 -6.79 2.36
N LEU A 4 2.29 -6.41 1.64
CA LEU A 4 2.39 -5.42 0.56
C LEU A 4 1.50 -4.22 0.91
N ILE A 5 2.13 -3.06 1.16
CA ILE A 5 1.42 -1.80 1.47
C ILE A 5 1.38 -0.93 0.21
N LEU A 6 0.18 -0.53 -0.20
CA LEU A 6 -0.04 0.36 -1.34
C LEU A 6 -0.45 1.74 -0.82
N ILE A 7 0.31 2.78 -1.18
CA ILE A 7 -0.01 4.16 -0.85
C ILE A 7 -0.61 4.82 -2.10
N ASN A 8 -1.76 5.47 -1.94
CA ASN A 8 -2.36 6.30 -2.96
C ASN A 8 -2.19 7.76 -2.54
N THR A 9 -1.43 8.51 -3.32
CA THR A 9 -1.16 9.92 -3.06
C THR A 9 -1.21 10.70 -4.38
N ASN A 10 -2.23 11.56 -4.50
CA ASN A 10 -2.38 12.49 -5.63
C ASN A 10 -1.58 13.77 -5.36
N ASN A 11 -1.24 14.00 -4.08
CA ASN A 11 -0.45 15.15 -3.64
C ASN A 11 1.01 14.94 -4.08
N ASP A 12 1.42 15.67 -5.14
CA ASP A 12 2.71 15.50 -5.84
C ASP A 12 3.90 15.60 -4.86
N GLU A 13 3.84 16.63 -4.00
CA GLU A 13 4.91 16.92 -3.04
C GLU A 13 5.03 15.79 -2.00
N LEU A 14 3.86 15.29 -1.55
CA LEU A 14 3.78 14.20 -0.56
C LEU A 14 4.38 12.89 -1.12
N ILE A 15 4.17 12.62 -2.44
CA ILE A 15 4.69 11.38 -3.08
C ILE A 15 6.21 11.28 -2.87
N LYS A 16 6.90 12.41 -3.13
CA LYS A 16 8.36 12.56 -2.98
C LYS A 16 8.80 12.28 -1.53
N LYS A 17 8.07 12.89 -0.57
CA LYS A 17 8.38 12.82 0.87
C LYS A 17 8.26 11.38 1.41
N ILE A 18 7.21 10.67 0.97
CA ILE A 18 6.98 9.26 1.34
C ILE A 18 8.18 8.42 0.89
N LYS A 19 8.58 8.57 -0.40
CA LYS A 19 9.71 7.83 -1.00
C LYS A 19 11.00 7.96 -0.16
N LYS A 20 11.24 9.17 0.38
CA LYS A 20 12.41 9.42 1.25
C LYS A 20 12.30 8.61 2.55
N GLU A 21 11.10 8.64 3.17
CA GLU A 21 10.81 7.92 4.44
C GLU A 21 10.96 6.39 4.27
N VAL A 22 10.54 5.87 3.11
CA VAL A 22 10.61 4.44 2.76
C VAL A 22 12.09 3.98 2.66
N GLU A 23 12.95 4.89 2.13
CA GLU A 23 14.41 4.67 2.08
C GLU A 23 14.98 4.60 3.51
N ASN A 24 14.50 5.50 4.39
CA ASN A 24 14.93 5.56 5.81
C ASN A 24 14.45 4.32 6.59
N GLN A 25 13.30 3.75 6.16
CA GLN A 25 12.72 2.53 6.76
C GLN A 25 13.44 1.26 6.23
N GLY A 26 14.11 1.39 5.07
CA GLY A 26 14.84 0.28 4.45
C GLY A 26 13.95 -0.63 3.61
N TYR A 27 12.81 -0.09 3.15
CA TYR A 27 11.87 -0.79 2.26
C TYR A 27 12.14 -0.37 0.81
N GLN A 28 11.70 -1.22 -0.13
CA GLN A 28 11.91 -1.02 -1.56
C GLN A 28 10.84 -0.05 -2.10
N VAL A 29 11.25 1.17 -2.51
CA VAL A 29 10.35 2.14 -3.16
C VAL A 29 10.00 1.63 -4.57
N ARG A 30 8.82 1.04 -4.69
CA ARG A 30 8.31 0.53 -5.96
C ARG A 30 7.00 1.27 -6.27
N ASP A 31 7.01 2.19 -7.26
CA ASP A 31 5.86 3.08 -7.50
C ASP A 31 5.33 2.98 -8.94
N VAL A 32 4.08 2.53 -9.03
CA VAL A 32 3.31 2.43 -10.27
C VAL A 32 2.74 3.80 -10.67
N ASN A 33 2.95 4.20 -11.93
CA ASN A 33 2.35 5.42 -12.50
C ASN A 33 1.76 5.12 -13.90
N ASP A 34 1.59 3.82 -14.21
CA ASP A 34 1.09 3.34 -15.53
C ASP A 34 0.56 1.89 -15.41
N SER A 35 -0.39 1.54 -16.29
CA SER A 35 -1.12 0.25 -16.28
C SER A 35 -0.20 -0.97 -16.57
N ASP A 36 0.79 -0.78 -17.47
CA ASP A 36 1.74 -1.86 -17.83
C ASP A 36 2.88 -1.97 -16.82
N GLU A 37 3.09 -0.91 -16.03
CA GLU A 37 4.05 -0.92 -14.93
C GLU A 37 3.56 -1.77 -13.75
N LEU A 38 2.23 -1.75 -13.47
CA LEU A 38 1.68 -2.44 -12.27
C LEU A 38 1.88 -3.96 -12.37
N LYS A 39 1.64 -4.50 -13.59
CA LYS A 39 1.65 -5.95 -13.84
C LYS A 39 3.07 -6.53 -13.74
N LYS A 40 4.09 -5.75 -14.20
CA LYS A 40 5.51 -6.18 -14.20
C LYS A 40 6.10 -6.10 -12.76
N GLU A 41 5.52 -5.21 -11.91
CA GLU A 41 5.87 -5.09 -10.47
C GLU A 41 5.21 -6.22 -9.64
N MET A 42 4.01 -6.67 -10.07
CA MET A 42 3.32 -7.81 -9.44
C MET A 42 4.00 -9.15 -9.78
N LYS A 43 4.66 -9.21 -10.96
CA LYS A 43 5.46 -10.38 -11.36
C LYS A 43 6.64 -10.59 -10.41
N LYS A 44 7.24 -9.46 -9.93
CA LYS A 44 8.40 -9.47 -9.02
C LYS A 44 8.10 -10.14 -7.66
N LEU A 45 6.84 -10.11 -7.26
CA LEU A 45 6.38 -10.78 -6.04
C LEU A 45 6.34 -12.32 -6.24
N ALA A 46 6.00 -12.73 -7.46
CA ALA A 46 5.92 -14.14 -7.87
C ALA A 46 7.34 -14.73 -8.13
N GLU A 47 8.24 -13.87 -8.64
CA GLU A 47 9.62 -14.25 -8.96
C GLU A 47 10.49 -14.31 -7.70
N GLU A 48 10.38 -13.26 -6.88
CA GLU A 48 11.16 -13.10 -5.65
C GLU A 48 10.24 -13.39 -4.45
N LYS A 49 10.55 -14.45 -3.67
CA LYS A 49 9.70 -14.92 -2.55
C LYS A 49 10.28 -14.44 -1.20
N ASN A 50 11.47 -14.96 -0.84
CA ASN A 50 12.05 -14.83 0.50
C ASN A 50 12.97 -13.59 0.59
N PHE A 51 12.42 -12.48 1.12
CA PHE A 51 13.18 -11.24 1.42
C PHE A 51 12.28 -10.27 2.22
N GLU A 52 12.82 -9.09 2.57
CA GLU A 52 12.06 -8.03 3.25
C GLU A 52 10.96 -7.49 2.33
N LYS A 53 9.82 -7.17 2.95
CA LYS A 53 8.60 -6.74 2.25
C LYS A 53 8.76 -5.38 1.54
N ILE A 54 7.90 -5.17 0.52
CA ILE A 54 8.02 -4.08 -0.44
C ILE A 54 6.91 -3.06 -0.18
N LEU A 55 7.23 -1.78 -0.35
CA LEU A 55 6.26 -0.71 -0.25
C LEU A 55 5.95 -0.21 -1.67
N ILE A 56 4.68 -0.37 -2.08
CA ILE A 56 4.18 0.08 -3.38
C ILE A 56 3.50 1.46 -3.20
N ILE A 57 3.75 2.38 -4.14
CA ILE A 57 2.99 3.64 -4.27
C ILE A 57 2.29 3.62 -5.64
N SER A 58 1.12 4.23 -5.72
CA SER A 58 0.38 4.40 -6.97
C SER A 58 -0.35 5.74 -6.94
N ASN A 59 -0.47 6.36 -8.11
CA ASN A 59 -1.06 7.70 -8.25
C ASN A 59 -2.56 7.64 -8.61
N ASP A 60 -3.10 6.43 -8.84
CA ASP A 60 -4.52 6.28 -9.27
C ASP A 60 -5.18 5.02 -8.68
N LYS A 61 -6.52 5.08 -8.54
CA LYS A 61 -7.36 4.02 -7.94
C LYS A 61 -7.42 2.76 -8.83
N GLN A 62 -7.36 2.95 -10.17
CA GLN A 62 -7.48 1.85 -11.14
C GLN A 62 -6.26 0.91 -11.05
N LEU A 63 -5.09 1.51 -10.77
CA LEU A 63 -3.82 0.78 -10.65
C LEU A 63 -3.81 0.00 -9.33
N LEU A 64 -4.29 0.67 -8.25
CA LEU A 64 -4.49 0.05 -6.93
C LEU A 64 -5.33 -1.22 -7.06
N LYS A 65 -6.55 -1.05 -7.64
CA LYS A 65 -7.59 -2.09 -7.71
C LYS A 65 -7.04 -3.42 -8.25
N GLU A 66 -6.32 -3.31 -9.37
CA GLU A 66 -5.64 -4.45 -10.01
C GLU A 66 -4.61 -5.11 -9.08
N MET A 67 -3.67 -4.31 -8.54
CA MET A 67 -2.58 -4.84 -7.68
C MET A 67 -3.13 -5.50 -6.39
N LEU A 68 -4.07 -4.82 -5.71
CA LEU A 68 -4.74 -5.30 -4.47
C LEU A 68 -5.29 -6.73 -4.65
N GLU A 69 -5.90 -6.97 -5.83
CA GLU A 69 -6.46 -8.27 -6.20
C GLU A 69 -5.35 -9.29 -6.52
N LEU A 70 -4.32 -8.87 -7.29
CA LEU A 70 -3.22 -9.76 -7.72
C LEU A 70 -2.43 -10.30 -6.51
N ILE A 71 -2.05 -9.40 -5.60
CA ILE A 71 -1.34 -9.70 -4.33
C ILE A 71 -2.17 -10.68 -3.44
N SER A 72 -3.51 -10.56 -3.52
CA SER A 72 -4.45 -11.39 -2.76
C SER A 72 -4.28 -12.89 -3.11
N LYS A 73 -4.28 -13.23 -4.43
CA LYS A 73 -4.08 -14.65 -4.87
C LYS A 73 -2.59 -15.02 -5.02
N LEU A 74 -1.68 -14.02 -4.88
CA LEU A 74 -0.23 -14.30 -4.71
C LEU A 74 0.02 -14.81 -3.28
N GLY A 75 -0.87 -14.43 -2.35
CA GLY A 75 -0.85 -14.95 -0.98
C GLY A 75 0.04 -14.12 -0.07
N TYR A 76 -0.31 -12.83 0.05
CA TYR A 76 0.33 -11.87 0.99
C TYR A 76 -0.75 -11.13 1.77
N LYS A 77 -0.36 -10.53 2.89
CA LYS A 77 -1.25 -9.69 3.70
C LYS A 77 -1.30 -8.29 3.04
N VAL A 78 -2.48 -7.95 2.51
CA VAL A 78 -2.66 -6.75 1.69
C VAL A 78 -3.03 -5.54 2.58
N PHE A 79 -2.17 -4.52 2.56
CA PHE A 79 -2.38 -3.25 3.27
C PHE A 79 -2.56 -2.14 2.21
N LEU A 80 -3.44 -1.19 2.49
CA LEU A 80 -3.70 -0.01 1.63
C LEU A 80 -3.77 1.25 2.52
N LEU A 81 -3.34 2.38 1.97
CA LEU A 81 -3.35 3.68 2.62
C LEU A 81 -3.60 4.73 1.54
N LEU A 82 -4.74 5.41 1.59
CA LEU A 82 -5.14 6.41 0.56
C LEU A 82 -5.31 7.80 1.18
N GLN A 83 -4.97 8.85 0.41
CA GLN A 83 -5.11 10.25 0.84
C GLN A 83 -5.66 11.10 -0.30
N ASP A 84 -6.50 12.07 0.05
CA ASP A 84 -6.95 13.14 -0.86
C ASP A 84 -7.67 14.23 -0.04
N GLN A 85 -7.81 15.43 -0.61
CA GLN A 85 -8.54 16.55 0.02
C GLN A 85 -10.05 16.25 0.11
N ASP A 86 -10.58 15.47 -0.86
CA ASP A 86 -11.94 14.95 -0.81
C ASP A 86 -11.89 13.59 -0.07
N GLU A 87 -12.61 13.52 1.04
CA GLU A 87 -12.62 12.37 1.97
C GLU A 87 -13.69 11.33 1.56
N ASN A 88 -14.73 11.80 0.84
CA ASN A 88 -15.91 10.96 0.50
C ASN A 88 -15.67 10.05 -0.70
N GLU A 89 -14.82 10.46 -1.65
CA GLU A 89 -14.40 9.59 -2.76
C GLU A 89 -13.50 8.45 -2.23
N LEU A 90 -12.73 8.79 -1.19
CA LEU A 90 -11.84 7.84 -0.50
C LEU A 90 -12.64 6.73 0.20
N GLU A 91 -13.82 7.08 0.79
CA GLU A 91 -14.65 6.09 1.51
C GLU A 91 -15.40 5.16 0.55
N GLU A 92 -15.73 5.67 -0.66
CA GLU A 92 -16.42 4.89 -1.70
C GLU A 92 -15.50 3.78 -2.24
N PHE A 93 -14.22 4.11 -2.43
CA PHE A 93 -13.19 3.13 -2.80
C PHE A 93 -12.93 2.19 -1.60
N LYS A 94 -12.82 2.77 -0.38
CA LYS A 94 -12.42 2.06 0.84
C LYS A 94 -13.41 0.95 1.23
N ARG A 95 -14.72 1.23 1.14
CA ARG A 95 -15.78 0.25 1.50
C ARG A 95 -15.71 -1.02 0.62
N LYS A 96 -15.27 -0.83 -0.64
CA LYS A 96 -14.99 -1.94 -1.58
C LYS A 96 -13.82 -2.81 -1.07
N ILE A 97 -12.79 -2.14 -0.55
CA ILE A 97 -11.52 -2.79 -0.10
C ILE A 97 -11.74 -3.55 1.24
N GLU A 98 -12.51 -2.92 2.16
CA GLU A 98 -12.98 -3.54 3.42
C GLU A 98 -13.88 -4.75 3.16
N SER A 99 -14.61 -4.71 2.02
CA SER A 99 -15.44 -5.85 1.55
C SER A 99 -14.54 -7.02 1.11
N GLN A 100 -13.36 -6.68 0.56
CA GLN A 100 -12.33 -7.66 0.17
C GLN A 100 -11.55 -8.16 1.41
N GLY A 101 -11.57 -7.35 2.48
CA GLY A 101 -10.96 -7.72 3.75
C GLY A 101 -9.54 -7.19 3.92
N TYR A 102 -9.08 -6.36 2.97
CA TYR A 102 -7.70 -5.81 2.99
C TYR A 102 -7.61 -4.70 4.05
N GLU A 103 -6.47 -4.64 4.76
CA GLU A 103 -6.23 -3.66 5.84
C GLU A 103 -5.99 -2.26 5.23
N VAL A 104 -7.09 -1.53 5.01
CA VAL A 104 -7.06 -0.20 4.38
C VAL A 104 -7.20 0.90 5.44
N ARG A 105 -6.41 1.97 5.25
CA ARG A 105 -6.42 3.19 6.07
C ARG A 105 -6.81 4.37 5.19
N LYS A 106 -7.57 5.32 5.77
CA LYS A 106 -7.93 6.57 5.10
C LYS A 106 -7.32 7.75 5.86
N VAL A 107 -6.78 8.72 5.10
CA VAL A 107 -6.30 10.01 5.63
C VAL A 107 -6.62 11.13 4.61
N THR A 108 -6.20 12.35 4.93
CA THR A 108 -6.41 13.52 4.06
C THR A 108 -5.11 14.33 3.95
N ASP A 109 -4.50 14.59 5.11
CA ASP A 109 -3.35 15.49 5.22
C ASP A 109 -2.03 14.75 4.93
N ASP A 110 -1.02 15.53 4.52
CA ASP A 110 0.36 15.09 4.25
C ASP A 110 0.93 14.28 5.44
N GLU A 111 0.89 14.89 6.65
CA GLU A 111 1.51 14.33 7.86
C GLU A 111 0.88 12.98 8.24
N GLU A 112 -0.47 12.88 8.07
CA GLU A 112 -1.26 11.70 8.47
C GLU A 112 -0.85 10.46 7.65
N ALA A 113 -0.55 10.68 6.35
CA ALA A 113 -0.09 9.63 5.44
C ALA A 113 1.28 9.07 5.87
N LEU A 114 2.21 9.99 6.20
CA LEU A 114 3.59 9.63 6.61
C LEU A 114 3.58 8.83 7.93
N LYS A 115 2.61 9.14 8.82
CA LYS A 115 2.43 8.44 10.11
C LYS A 115 2.15 6.95 9.88
N ILE A 116 1.15 6.67 9.01
CA ILE A 116 0.63 5.31 8.78
C ILE A 116 1.59 4.46 7.92
N VAL A 117 2.44 5.12 7.10
CA VAL A 117 3.61 4.47 6.45
C VAL A 117 4.47 3.76 7.52
N ARG A 118 4.70 4.45 8.66
CA ARG A 118 5.47 3.91 9.79
C ARG A 118 4.63 2.90 10.61
N GLU A 119 3.34 3.20 10.79
CA GLU A 119 2.41 2.32 11.55
C GLU A 119 2.24 0.95 10.88
N PHE A 120 2.43 0.87 9.55
CA PHE A 120 2.52 -0.40 8.81
C PHE A 120 3.63 -1.29 9.40
N MET A 121 4.81 -0.66 9.60
CA MET A 121 6.07 -1.35 9.94
C MET A 121 5.94 -2.20 11.22
N GLN A 122 5.04 -1.77 12.14
CA GLN A 122 4.71 -2.53 13.35
C GLN A 122 3.39 -3.33 13.17
N LYS A 123 2.28 -2.62 12.85
CA LYS A 123 0.88 -3.06 13.11
C LYS A 123 0.37 -4.09 12.08
N ALA A 124 0.96 -4.12 10.88
CA ALA A 124 0.46 -4.98 9.77
C ALA A 124 0.56 -6.48 10.11
N GLY A 125 1.78 -6.93 10.44
CA GLY A 125 2.04 -8.30 10.91
C GLY A 125 2.83 -8.28 12.20
N SER A 126 2.19 -7.74 13.26
CA SER A 126 2.83 -7.47 14.57
C SER A 126 3.08 -8.77 15.36
N LEU A 127 4.19 -9.46 15.00
CA LEU A 127 4.67 -10.72 15.62
C LEU A 127 3.59 -11.82 15.55
N GLU A 128 2.66 -11.83 16.53
CA GLU A 128 1.60 -12.82 16.65
C GLU A 128 0.44 -12.46 15.72
N HIS A 129 0.71 -12.56 14.41
CA HIS A 129 -0.25 -12.19 13.36
C HIS A 129 -1.17 -13.38 13.03
N HIS A 130 -2.47 -13.10 12.92
CA HIS A 130 -3.45 -14.06 12.41
C HIS A 130 -3.92 -13.61 11.04
N HIS A 131 -3.95 -14.53 10.08
CA HIS A 131 -4.58 -14.31 8.77
C HIS A 131 -5.70 -15.34 8.61
N HIS A 132 -6.62 -15.08 7.69
CA HIS A 132 -7.72 -16.00 7.36
C HIS A 132 -7.19 -17.18 6.52
N HIS A 133 -7.77 -18.39 6.71
CA HIS A 133 -7.44 -19.58 5.89
C HIS A 133 -7.84 -19.35 4.42
N HIS A 134 -6.92 -18.70 3.67
CA HIS A 134 -7.05 -18.39 2.23
C HIS A 134 -8.35 -17.55 1.95
N MET A 1 4.47 -11.75 8.14
CA MET A 1 4.44 -12.43 6.82
C MET A 1 5.09 -11.51 5.77
N LYS A 2 4.79 -11.73 4.49
CA LYS A 2 5.12 -10.78 3.41
C LYS A 2 3.89 -9.90 3.16
N GLU A 3 3.95 -8.68 3.68
CA GLU A 3 2.91 -7.66 3.56
C GLU A 3 3.14 -6.84 2.29
N LEU A 4 2.04 -6.52 1.60
CA LEU A 4 2.04 -5.66 0.43
C LEU A 4 1.14 -4.46 0.74
N ILE A 5 1.76 -3.29 0.90
CA ILE A 5 1.05 -2.03 1.20
C ILE A 5 1.02 -1.16 -0.06
N LEU A 6 -0.16 -0.65 -0.39
CA LEU A 6 -0.37 0.23 -1.56
C LEU A 6 -0.70 1.63 -1.04
N ILE A 7 0.13 2.62 -1.40
CA ILE A 7 -0.09 4.03 -1.04
C ILE A 7 -0.71 4.74 -2.24
N ASN A 8 -1.85 5.41 -2.05
CA ASN A 8 -2.47 6.25 -3.08
C ASN A 8 -2.22 7.70 -2.72
N THR A 9 -1.49 8.42 -3.57
CA THR A 9 -1.25 9.85 -3.41
C THR A 9 -1.17 10.53 -4.78
N ASN A 10 -2.06 11.52 -4.99
CA ASN A 10 -2.04 12.41 -6.18
C ASN A 10 -1.39 13.76 -5.83
N ASN A 11 -1.02 13.94 -4.55
CA ASN A 11 -0.27 15.10 -4.07
C ASN A 11 1.22 14.90 -4.45
N ASP A 12 1.62 15.54 -5.58
CA ASP A 12 2.97 15.41 -6.22
C ASP A 12 4.13 15.53 -5.21
N GLU A 13 4.01 16.50 -4.30
CA GLU A 13 4.97 16.73 -3.21
C GLU A 13 5.04 15.52 -2.27
N LEU A 14 3.86 15.13 -1.74
CA LEU A 14 3.72 14.04 -0.75
C LEU A 14 4.25 12.70 -1.30
N ILE A 15 4.05 12.43 -2.62
CA ILE A 15 4.54 11.18 -3.26
C ILE A 15 6.05 11.02 -3.03
N LYS A 16 6.79 12.11 -3.34
CA LYS A 16 8.26 12.17 -3.22
C LYS A 16 8.71 12.03 -1.75
N LYS A 17 7.94 12.65 -0.84
CA LYS A 17 8.23 12.65 0.61
C LYS A 17 8.08 11.24 1.21
N ILE A 18 7.04 10.51 0.74
CA ILE A 18 6.78 9.12 1.14
C ILE A 18 7.94 8.24 0.71
N LYS A 19 8.41 8.43 -0.55
CA LYS A 19 9.57 7.68 -1.11
C LYS A 19 10.81 7.78 -0.18
N LYS A 20 11.14 9.01 0.24
CA LYS A 20 12.30 9.29 1.12
C LYS A 20 12.11 8.66 2.52
N GLU A 21 10.86 8.69 2.99
CA GLU A 21 10.47 8.11 4.30
C GLU A 21 10.57 6.58 4.31
N VAL A 22 10.20 5.95 3.20
CA VAL A 22 10.25 4.48 3.03
C VAL A 22 11.70 3.98 2.91
N GLU A 23 12.55 4.85 2.33
CA GLU A 23 14.01 4.64 2.28
C GLU A 23 14.60 4.69 3.71
N ASN A 24 14.05 5.60 4.55
CA ASN A 24 14.44 5.73 5.96
C ASN A 24 13.97 4.51 6.77
N GLN A 25 12.79 3.95 6.39
CA GLN A 25 12.22 2.75 7.04
C GLN A 25 12.95 1.47 6.56
N GLY A 26 13.68 1.58 5.43
CA GLY A 26 14.47 0.47 4.88
C GLY A 26 13.67 -0.44 3.94
N TYR A 27 12.42 -0.05 3.66
CA TYR A 27 11.52 -0.79 2.77
C TYR A 27 11.74 -0.34 1.32
N GLN A 28 11.41 -1.22 0.37
CA GLN A 28 11.68 -1.01 -1.06
C GLN A 28 10.57 -0.13 -1.66
N VAL A 29 10.95 1.06 -2.17
CA VAL A 29 10.02 1.96 -2.87
C VAL A 29 9.79 1.46 -4.31
N ARG A 30 8.57 1.05 -4.64
CA ARG A 30 8.16 0.78 -6.03
C ARG A 30 6.91 1.62 -6.32
N ASP A 31 7.07 2.70 -7.10
CA ASP A 31 5.96 3.62 -7.43
C ASP A 31 5.40 3.31 -8.81
N VAL A 32 4.07 3.27 -8.89
CA VAL A 32 3.32 2.90 -10.08
C VAL A 32 2.64 4.16 -10.65
N ASN A 33 2.97 4.48 -11.91
CA ASN A 33 2.46 5.67 -12.61
C ASN A 33 1.44 5.26 -13.70
N ASP A 34 1.44 3.96 -14.05
CA ASP A 34 0.64 3.42 -15.16
C ASP A 34 0.33 1.92 -14.89
N SER A 35 -0.64 1.38 -15.64
CA SER A 35 -1.00 -0.06 -15.58
C SER A 35 0.19 -0.95 -15.94
N ASP A 36 1.08 -0.44 -16.81
CA ASP A 36 2.26 -1.16 -17.30
C ASP A 36 3.36 -1.15 -16.21
N GLU A 37 3.26 -0.19 -15.28
CA GLU A 37 4.17 -0.09 -14.13
C GLU A 37 3.84 -1.12 -13.03
N LEU A 38 2.54 -1.39 -12.77
CA LEU A 38 2.19 -2.31 -11.67
C LEU A 38 2.54 -3.77 -12.06
N LYS A 39 2.31 -4.14 -13.34
CA LYS A 39 2.52 -5.53 -13.82
C LYS A 39 4.01 -5.96 -13.66
N LYS A 40 4.94 -5.01 -13.91
CA LYS A 40 6.40 -5.28 -13.90
C LYS A 40 6.92 -5.42 -12.45
N GLU A 41 6.24 -4.75 -11.51
CA GLU A 41 6.58 -4.80 -10.07
C GLU A 41 5.91 -6.00 -9.38
N MET A 42 4.75 -6.46 -9.92
CA MET A 42 4.06 -7.68 -9.45
C MET A 42 4.89 -8.93 -9.83
N LYS A 43 5.61 -8.82 -10.98
CA LYS A 43 6.59 -9.83 -11.43
C LYS A 43 7.67 -10.05 -10.38
N LYS A 44 8.24 -8.93 -9.89
CA LYS A 44 9.34 -8.91 -8.89
C LYS A 44 8.97 -9.67 -7.61
N LEU A 45 7.70 -9.49 -7.20
CA LEU A 45 7.13 -10.16 -6.02
C LEU A 45 6.99 -11.67 -6.24
N ALA A 46 6.68 -12.05 -7.49
CA ALA A 46 6.46 -13.45 -7.90
C ALA A 46 7.80 -14.21 -8.08
N GLU A 47 8.81 -13.54 -8.69
CA GLU A 47 10.08 -14.18 -9.10
C GLU A 47 11.01 -14.38 -7.89
N GLU A 48 11.29 -13.29 -7.19
CA GLU A 48 12.21 -13.28 -6.03
C GLU A 48 11.56 -14.01 -4.84
N LYS A 49 12.31 -14.91 -4.18
CA LYS A 49 11.79 -15.75 -3.07
C LYS A 49 12.31 -15.22 -1.72
N ASN A 50 13.64 -15.26 -1.53
CA ASN A 50 14.26 -14.85 -0.25
C ASN A 50 14.50 -13.33 -0.23
N PHE A 51 13.51 -12.60 0.30
CA PHE A 51 13.57 -11.15 0.51
C PHE A 51 12.50 -10.71 1.52
N GLU A 52 12.58 -9.45 1.99
CA GLU A 52 11.62 -8.87 2.94
C GLU A 52 10.35 -8.38 2.20
N LYS A 53 9.49 -7.64 2.90
CA LYS A 53 8.24 -7.09 2.32
C LYS A 53 8.53 -5.75 1.64
N ILE A 54 7.79 -5.49 0.54
CA ILE A 54 7.99 -4.33 -0.33
C ILE A 54 6.82 -3.34 -0.16
N LEU A 55 7.14 -2.04 -0.19
CA LEU A 55 6.14 -0.98 -0.14
C LEU A 55 5.85 -0.48 -1.57
N ILE A 56 4.60 -0.67 -2.00
CA ILE A 56 4.13 -0.23 -3.32
C ILE A 56 3.39 1.12 -3.17
N ILE A 57 3.70 2.07 -4.06
CA ILE A 57 2.94 3.32 -4.23
C ILE A 57 2.24 3.23 -5.60
N SER A 58 1.08 3.86 -5.74
CA SER A 58 0.34 3.98 -6.99
C SER A 58 -0.32 5.36 -7.04
N ASN A 59 -0.15 6.05 -8.17
CA ASN A 59 -0.60 7.44 -8.36
C ASN A 59 -1.99 7.49 -9.01
N ASP A 60 -2.72 6.35 -8.96
CA ASP A 60 -4.08 6.22 -9.50
C ASP A 60 -4.85 5.11 -8.77
N LYS A 61 -6.17 5.30 -8.59
CA LYS A 61 -7.05 4.43 -7.79
C LYS A 61 -7.53 3.19 -8.56
N GLN A 62 -7.62 3.29 -9.90
CA GLN A 62 -8.05 2.15 -10.75
C GLN A 62 -6.92 1.10 -10.79
N LEU A 63 -5.66 1.61 -10.71
CA LEU A 63 -4.45 0.77 -10.62
C LEU A 63 -4.44 -0.04 -9.31
N LEU A 64 -4.92 0.62 -8.21
CA LEU A 64 -5.08 -0.01 -6.89
C LEU A 64 -6.00 -1.24 -7.01
N LYS A 65 -7.22 -1.00 -7.53
CA LYS A 65 -8.32 -1.99 -7.62
C LYS A 65 -7.84 -3.35 -8.19
N GLU A 66 -7.19 -3.26 -9.36
CA GLU A 66 -6.62 -4.41 -10.08
C GLU A 66 -5.50 -5.09 -9.25
N MET A 67 -4.55 -4.27 -8.77
CA MET A 67 -3.33 -4.73 -8.08
C MET A 67 -3.66 -5.49 -6.78
N LEU A 68 -4.67 -4.97 -6.04
CA LEU A 68 -5.18 -5.57 -4.77
C LEU A 68 -5.62 -7.04 -5.00
N GLU A 69 -6.30 -7.28 -6.13
CA GLU A 69 -6.82 -8.60 -6.53
C GLU A 69 -5.69 -9.52 -7.02
N LEU A 70 -4.64 -8.92 -7.62
CA LEU A 70 -3.43 -9.65 -8.06
C LEU A 70 -2.64 -10.17 -6.84
N ILE A 71 -2.60 -9.36 -5.76
CA ILE A 71 -1.94 -9.73 -4.48
C ILE A 71 -2.79 -10.78 -3.74
N SER A 72 -4.12 -10.73 -3.97
CA SER A 72 -5.09 -11.66 -3.37
C SER A 72 -4.89 -13.07 -3.94
N LYS A 73 -4.74 -13.18 -5.28
CA LYS A 73 -4.53 -14.48 -5.96
C LYS A 73 -3.13 -15.06 -5.65
N LEU A 74 -2.16 -14.18 -5.32
CA LEU A 74 -0.85 -14.59 -4.83
C LEU A 74 -0.99 -15.21 -3.41
N GLY A 75 -1.74 -14.50 -2.55
CA GLY A 75 -1.97 -14.92 -1.17
C GLY A 75 -1.04 -14.20 -0.20
N TYR A 76 -1.27 -12.90 0.00
CA TYR A 76 -0.51 -12.04 0.95
C TYR A 76 -1.49 -11.18 1.75
N LYS A 77 -1.02 -10.67 2.91
CA LYS A 77 -1.77 -9.67 3.70
C LYS A 77 -1.70 -8.32 2.98
N VAL A 78 -2.87 -7.85 2.52
CA VAL A 78 -2.98 -6.65 1.69
C VAL A 78 -3.32 -5.44 2.57
N PHE A 79 -2.40 -4.48 2.63
CA PHE A 79 -2.59 -3.18 3.27
C PHE A 79 -2.80 -2.12 2.17
N LEU A 80 -3.68 -1.14 2.40
CA LEU A 80 -3.98 -0.07 1.43
C LEU A 80 -4.13 1.27 2.16
N LEU A 81 -3.06 2.07 2.18
CA LEU A 81 -3.08 3.43 2.72
C LEU A 81 -3.41 4.39 1.57
N LEU A 82 -4.56 5.06 1.61
CA LEU A 82 -5.03 5.92 0.50
C LEU A 82 -5.23 7.38 0.97
N GLN A 83 -4.97 8.33 0.04
CA GLN A 83 -5.21 9.77 0.24
C GLN A 83 -5.59 10.41 -1.09
N ASP A 84 -6.26 11.56 -0.99
CA ASP A 84 -6.67 12.40 -2.11
C ASP A 84 -6.98 13.80 -1.57
N GLN A 85 -7.26 14.73 -2.48
CA GLN A 85 -7.71 16.10 -2.19
C GLN A 85 -9.07 16.11 -1.45
N ASP A 86 -9.88 15.07 -1.70
CA ASP A 86 -11.24 14.93 -1.13
C ASP A 86 -11.43 13.55 -0.48
N GLU A 87 -12.03 13.55 0.72
CA GLU A 87 -12.20 12.38 1.58
C GLU A 87 -13.42 11.52 1.17
N ASN A 88 -14.35 12.11 0.37
CA ASN A 88 -15.59 11.43 -0.06
C ASN A 88 -15.26 10.17 -0.90
N GLU A 89 -14.36 10.35 -1.88
CA GLU A 89 -13.94 9.28 -2.80
C GLU A 89 -13.06 8.24 -2.06
N LEU A 90 -12.47 8.67 -0.93
CA LEU A 90 -11.59 7.83 -0.10
C LEU A 90 -12.38 6.91 0.84
N GLU A 91 -13.48 7.45 1.42
CA GLU A 91 -14.29 6.72 2.40
C GLU A 91 -15.12 5.63 1.70
N GLU A 92 -15.57 5.94 0.47
CA GLU A 92 -16.33 4.99 -0.34
C GLU A 92 -15.40 3.91 -0.92
N PHE A 93 -14.16 4.31 -1.31
CA PHE A 93 -13.14 3.36 -1.80
C PHE A 93 -12.80 2.37 -0.67
N LYS A 94 -12.47 2.94 0.51
CA LYS A 94 -12.11 2.18 1.72
C LYS A 94 -13.19 1.15 2.09
N ARG A 95 -14.47 1.58 2.10
CA ARG A 95 -15.60 0.74 2.57
C ARG A 95 -15.89 -0.45 1.60
N LYS A 96 -15.42 -0.35 0.33
CA LYS A 96 -15.43 -1.48 -0.63
C LYS A 96 -14.36 -2.51 -0.20
N ILE A 97 -13.16 -1.97 0.07
CA ILE A 97 -11.94 -2.75 0.37
C ILE A 97 -12.05 -3.47 1.74
N GLU A 98 -12.85 -2.89 2.66
CA GLU A 98 -13.29 -3.54 3.92
C GLU A 98 -13.96 -4.90 3.63
N SER A 99 -14.84 -4.93 2.60
CA SER A 99 -15.61 -6.12 2.21
C SER A 99 -14.72 -7.16 1.50
N GLN A 100 -13.56 -6.70 0.99
CA GLN A 100 -12.53 -7.59 0.42
C GLN A 100 -11.69 -8.25 1.53
N GLY A 101 -11.71 -7.64 2.73
CA GLY A 101 -10.98 -8.16 3.91
C GLY A 101 -9.54 -7.69 3.96
N TYR A 102 -9.25 -6.54 3.32
CA TYR A 102 -7.91 -5.95 3.30
C TYR A 102 -7.80 -4.86 4.37
N GLU A 103 -6.60 -4.69 4.94
CA GLU A 103 -6.32 -3.64 5.94
C GLU A 103 -6.14 -2.29 5.23
N VAL A 104 -7.25 -1.58 5.04
CA VAL A 104 -7.29 -0.30 4.31
C VAL A 104 -7.46 0.87 5.30
N ARG A 105 -6.48 1.78 5.27
CA ARG A 105 -6.42 2.97 6.12
C ARG A 105 -6.67 4.23 5.27
N LYS A 106 -7.47 5.16 5.80
CA LYS A 106 -7.88 6.38 5.08
C LYS A 106 -7.24 7.61 5.72
N VAL A 107 -6.61 8.46 4.89
CA VAL A 107 -6.06 9.76 5.29
C VAL A 107 -6.40 10.77 4.17
N THR A 108 -6.06 12.04 4.40
CA THR A 108 -6.32 13.13 3.44
C THR A 108 -5.14 14.12 3.42
N ASP A 109 -4.61 14.38 4.63
CA ASP A 109 -3.51 15.33 4.83
C ASP A 109 -2.14 14.63 4.63
N ASP A 110 -1.13 15.46 4.30
CA ASP A 110 0.28 15.05 4.10
C ASP A 110 0.83 14.29 5.32
N GLU A 111 0.71 14.91 6.51
CA GLU A 111 1.29 14.38 7.76
C GLU A 111 0.65 13.03 8.12
N GLU A 112 -0.68 12.92 7.90
CA GLU A 112 -1.47 11.72 8.25
C GLU A 112 -1.00 10.48 7.49
N ALA A 113 -0.59 10.70 6.22
CA ALA A 113 -0.03 9.65 5.36
C ALA A 113 1.27 9.09 5.98
N LEU A 114 2.17 10.02 6.39
CA LEU A 114 3.50 9.67 6.94
C LEU A 114 3.38 9.00 8.32
N LYS A 115 2.27 9.29 9.04
CA LYS A 115 1.94 8.63 10.33
C LYS A 115 1.78 7.11 10.12
N ILE A 116 0.89 6.75 9.16
CA ILE A 116 0.50 5.34 8.91
C ILE A 116 1.58 4.58 8.10
N VAL A 117 2.44 5.30 7.34
CA VAL A 117 3.66 4.70 6.74
C VAL A 117 4.52 4.06 7.85
N ARG A 118 4.74 4.82 8.95
CA ARG A 118 5.51 4.34 10.12
C ARG A 118 4.72 3.26 10.90
N GLU A 119 3.40 3.49 11.09
CA GLU A 119 2.49 2.54 11.77
C GLU A 119 2.49 1.17 11.08
N PHE A 120 2.57 1.17 9.73
CA PHE A 120 2.65 -0.08 8.95
C PHE A 120 3.85 -0.92 9.38
N MET A 121 4.98 -0.24 9.63
CA MET A 121 6.25 -0.90 9.95
C MET A 121 6.16 -1.74 11.26
N GLN A 122 5.21 -1.39 12.16
CA GLN A 122 4.92 -2.19 13.39
C GLN A 122 3.69 -3.12 13.19
N LYS A 123 2.67 -2.68 12.41
CA LYS A 123 1.44 -3.48 12.14
C LYS A 123 1.77 -4.69 11.23
N ALA A 124 2.88 -4.59 10.48
CA ALA A 124 3.35 -5.64 9.57
C ALA A 124 4.11 -6.74 10.34
N GLY A 125 4.38 -6.50 11.64
CA GLY A 125 4.81 -7.56 12.56
C GLY A 125 3.65 -8.50 12.83
N SER A 126 3.32 -9.31 11.81
CA SER A 126 2.07 -10.02 11.69
C SER A 126 1.84 -10.98 12.85
N LEU A 127 0.69 -10.79 13.53
CA LEU A 127 0.14 -11.81 14.42
C LEU A 127 -0.43 -12.89 13.48
N GLU A 128 0.47 -13.82 13.11
CA GLU A 128 0.31 -14.75 11.98
C GLU A 128 -1.03 -15.54 12.05
N HIS A 129 -1.98 -15.09 11.22
CA HIS A 129 -3.34 -15.64 11.15
C HIS A 129 -3.31 -16.95 10.34
N HIS A 130 -4.40 -17.74 10.44
CA HIS A 130 -4.62 -19.03 9.71
C HIS A 130 -3.54 -20.10 10.01
N HIS A 131 -2.89 -19.99 11.18
CA HIS A 131 -1.98 -21.04 11.71
C HIS A 131 -2.72 -21.98 12.68
N HIS A 132 -4.06 -22.08 12.51
CA HIS A 132 -4.89 -23.16 13.09
C HIS A 132 -4.87 -24.36 12.11
N HIS A 133 -3.63 -24.74 11.75
CA HIS A 133 -3.31 -25.64 10.63
C HIS A 133 -1.80 -25.95 10.77
N HIS A 134 -1.45 -27.20 11.10
CA HIS A 134 -0.08 -27.57 11.49
C HIS A 134 0.90 -27.48 10.28
N MET A 1 5.42 -14.40 5.43
CA MET A 1 4.72 -13.11 5.30
C MET A 1 5.57 -12.13 4.47
N LYS A 2 5.03 -11.74 3.31
CA LYS A 2 5.47 -10.55 2.57
C LYS A 2 4.27 -9.60 2.50
N GLU A 3 4.44 -8.40 3.03
CA GLU A 3 3.39 -7.38 3.06
C GLU A 3 3.56 -6.38 1.91
N LEU A 4 2.47 -6.01 1.25
CA LEU A 4 2.47 -4.97 0.22
C LEU A 4 1.55 -3.85 0.70
N ILE A 5 2.14 -2.69 1.00
CA ILE A 5 1.42 -1.48 1.42
C ILE A 5 1.33 -0.50 0.23
N LEU A 6 0.11 -0.20 -0.21
CA LEU A 6 -0.13 0.64 -1.38
C LEU A 6 -0.53 2.04 -0.90
N ILE A 7 0.27 3.05 -1.27
CA ILE A 7 -0.01 4.46 -0.95
C ILE A 7 -0.61 5.10 -2.20
N ASN A 8 -1.82 5.65 -2.07
CA ASN A 8 -2.45 6.43 -3.15
C ASN A 8 -2.52 7.88 -2.72
N THR A 9 -1.76 8.73 -3.40
CA THR A 9 -1.93 10.18 -3.32
C THR A 9 -1.56 10.79 -4.69
N ASN A 10 -2.41 11.73 -5.15
CA ASN A 10 -2.15 12.52 -6.36
C ASN A 10 -1.11 13.62 -6.06
N ASN A 11 -1.00 13.98 -4.76
CA ASN A 11 -0.10 15.03 -4.28
C ASN A 11 1.36 14.53 -4.44
N ASP A 12 1.98 14.88 -5.58
CA ASP A 12 3.36 14.46 -5.93
C ASP A 12 4.41 14.98 -4.94
N GLU A 13 4.11 16.15 -4.35
CA GLU A 13 4.94 16.78 -3.31
C GLU A 13 5.01 15.87 -2.08
N LEU A 14 3.82 15.30 -1.73
CA LEU A 14 3.68 14.35 -0.62
C LEU A 14 4.35 13.01 -0.98
N ILE A 15 4.18 12.53 -2.25
CA ILE A 15 4.77 11.25 -2.73
C ILE A 15 6.29 11.26 -2.48
N LYS A 16 6.92 12.41 -2.75
CA LYS A 16 8.37 12.63 -2.52
C LYS A 16 8.75 12.49 -1.04
N LYS A 17 7.91 13.05 -0.14
CA LYS A 17 8.12 12.99 1.32
C LYS A 17 8.03 11.53 1.81
N ILE A 18 7.01 10.82 1.28
CA ILE A 18 6.74 9.40 1.57
C ILE A 18 7.93 8.55 1.12
N LYS A 19 8.50 8.90 -0.06
CA LYS A 19 9.71 8.24 -0.59
C LYS A 19 10.82 8.31 0.45
N LYS A 20 11.15 9.53 0.91
CA LYS A 20 12.32 9.77 1.80
C LYS A 20 12.11 9.21 3.21
N GLU A 21 10.85 9.01 3.61
CA GLU A 21 10.51 8.25 4.83
C GLU A 21 10.98 6.79 4.66
N VAL A 22 10.43 6.17 3.61
CA VAL A 22 10.55 4.73 3.33
C VAL A 22 11.99 4.34 2.94
N GLU A 23 12.70 5.26 2.25
CA GLU A 23 14.11 5.09 1.84
C GLU A 23 15.01 5.02 3.09
N ASN A 24 14.71 5.88 4.08
CA ASN A 24 15.48 5.97 5.34
C ASN A 24 15.08 4.83 6.30
N GLN A 25 13.88 4.25 6.11
CA GLN A 25 13.38 3.11 6.92
C GLN A 25 13.83 1.75 6.31
N GLY A 26 14.46 1.80 5.13
CA GLY A 26 15.12 0.62 4.53
C GLY A 26 14.23 -0.21 3.62
N TYR A 27 13.01 0.30 3.36
CA TYR A 27 12.03 -0.34 2.46
C TYR A 27 12.19 0.24 1.05
N GLN A 28 12.00 -0.60 0.01
CA GLN A 28 12.08 -0.15 -1.39
C GLN A 28 10.79 0.60 -1.76
N VAL A 29 10.94 1.77 -2.40
CA VAL A 29 9.83 2.59 -2.85
C VAL A 29 9.54 2.29 -4.31
N ARG A 30 8.43 1.61 -4.55
CA ARG A 30 7.90 1.38 -5.89
C ARG A 30 6.95 2.54 -6.22
N ASP A 31 6.95 2.99 -7.49
CA ASP A 31 5.94 3.95 -7.98
C ASP A 31 5.27 3.36 -9.23
N VAL A 32 3.94 3.52 -9.30
CA VAL A 32 3.12 3.05 -10.40
C VAL A 32 2.28 4.24 -10.90
N ASN A 33 2.47 4.60 -12.17
CA ASN A 33 1.75 5.72 -12.83
C ASN A 33 0.77 5.15 -13.89
N ASP A 34 0.98 3.87 -14.25
CA ASP A 34 0.21 3.17 -15.29
C ASP A 34 0.10 1.67 -14.93
N SER A 35 -0.89 0.99 -15.53
CA SER A 35 -1.18 -0.44 -15.29
C SER A 35 0.01 -1.37 -15.65
N ASP A 36 0.90 -0.86 -16.52
CA ASP A 36 2.08 -1.61 -17.01
C ASP A 36 3.10 -1.81 -15.88
N GLU A 37 3.20 -0.78 -15.02
CA GLU A 37 4.25 -0.66 -14.00
C GLU A 37 3.95 -1.49 -12.73
N LEU A 38 2.66 -1.80 -12.50
CA LEU A 38 2.27 -2.63 -11.35
C LEU A 38 2.47 -4.12 -11.66
N LYS A 39 2.00 -4.55 -12.85
CA LYS A 39 1.95 -5.99 -13.22
C LYS A 39 3.34 -6.58 -13.46
N LYS A 40 4.32 -5.72 -13.82
CA LYS A 40 5.70 -6.16 -14.11
C LYS A 40 6.44 -6.56 -12.81
N GLU A 41 6.21 -5.77 -11.74
CA GLU A 41 6.88 -5.99 -10.45
C GLU A 41 6.08 -7.01 -9.60
N MET A 42 4.75 -7.08 -9.84
CA MET A 42 3.85 -8.09 -9.23
C MET A 42 4.23 -9.52 -9.66
N LYS A 43 4.74 -9.64 -10.91
CA LYS A 43 5.35 -10.88 -11.40
C LYS A 43 6.61 -11.20 -10.58
N LYS A 44 7.49 -10.18 -10.44
CA LYS A 44 8.77 -10.30 -9.68
C LYS A 44 8.55 -10.68 -8.20
N LEU A 45 7.39 -10.28 -7.64
CA LEU A 45 7.01 -10.68 -6.27
C LEU A 45 6.87 -12.21 -6.16
N ALA A 46 6.23 -12.80 -7.19
CA ALA A 46 6.02 -14.26 -7.28
C ALA A 46 7.31 -15.00 -7.69
N GLU A 47 8.04 -14.43 -8.67
CA GLU A 47 9.18 -15.10 -9.35
C GLU A 47 10.41 -15.23 -8.45
N GLU A 48 10.75 -14.12 -7.75
CA GLU A 48 11.91 -14.11 -6.84
C GLU A 48 11.59 -15.00 -5.62
N LYS A 49 12.52 -15.92 -5.33
CA LYS A 49 12.32 -17.04 -4.38
C LYS A 49 12.12 -16.55 -2.93
N ASN A 50 13.07 -15.75 -2.44
CA ASN A 50 13.08 -15.28 -1.03
C ASN A 50 13.60 -13.84 -0.97
N PHE A 51 12.74 -12.94 -0.46
CA PHE A 51 13.07 -11.52 -0.20
C PHE A 51 11.99 -10.87 0.68
N GLU A 52 12.27 -9.65 1.13
CA GLU A 52 11.43 -8.92 2.11
C GLU A 52 10.23 -8.20 1.43
N LYS A 53 9.57 -7.32 2.20
CA LYS A 53 8.30 -6.68 1.85
C LYS A 53 8.53 -5.28 1.24
N ILE A 54 7.85 -4.99 0.12
CA ILE A 54 8.07 -3.77 -0.67
C ILE A 54 6.89 -2.79 -0.45
N LEU A 55 7.20 -1.49 -0.38
CA LEU A 55 6.19 -0.43 -0.30
C LEU A 55 5.84 0.03 -1.71
N ILE A 56 4.57 -0.13 -2.10
CA ILE A 56 4.08 0.28 -3.42
C ILE A 56 3.40 1.66 -3.30
N ILE A 57 3.66 2.55 -4.27
CA ILE A 57 2.89 3.80 -4.43
C ILE A 57 2.20 3.76 -5.81
N SER A 58 0.97 4.26 -5.86
CA SER A 58 0.18 4.41 -7.09
C SER A 58 -0.53 5.77 -7.07
N ASN A 59 -0.78 6.32 -8.26
CA ASN A 59 -1.43 7.64 -8.44
C ASN A 59 -2.94 7.47 -8.65
N ASP A 60 -3.37 6.24 -8.96
CA ASP A 60 -4.75 5.95 -9.39
C ASP A 60 -5.35 4.79 -8.58
N LYS A 61 -6.67 4.89 -8.29
CA LYS A 61 -7.41 3.95 -7.42
C LYS A 61 -7.76 2.64 -8.14
N GLN A 62 -7.99 2.69 -9.46
CA GLN A 62 -8.29 1.49 -10.26
C GLN A 62 -7.01 0.64 -10.45
N LEU A 63 -5.82 1.28 -10.31
CA LEU A 63 -4.53 0.57 -10.26
C LEU A 63 -4.41 -0.21 -8.95
N LEU A 64 -4.81 0.45 -7.82
CA LEU A 64 -4.83 -0.15 -6.47
C LEU A 64 -5.67 -1.42 -6.50
N LYS A 65 -6.89 -1.27 -7.05
CA LYS A 65 -7.94 -2.30 -7.06
C LYS A 65 -7.41 -3.63 -7.63
N GLU A 66 -6.76 -3.56 -8.80
CA GLU A 66 -6.17 -4.74 -9.47
C GLU A 66 -5.02 -5.33 -8.64
N MET A 67 -4.15 -4.46 -8.07
CA MET A 67 -2.99 -4.89 -7.28
C MET A 67 -3.41 -5.65 -6.02
N LEU A 68 -4.41 -5.13 -5.27
CA LEU A 68 -4.92 -5.75 -4.01
C LEU A 68 -5.31 -7.23 -4.25
N GLU A 69 -5.86 -7.48 -5.44
CA GLU A 69 -6.32 -8.81 -5.87
C GLU A 69 -5.13 -9.72 -6.26
N LEU A 70 -4.11 -9.11 -6.92
CA LEU A 70 -2.85 -9.81 -7.30
C LEU A 70 -2.10 -10.30 -6.05
N ILE A 71 -1.89 -9.39 -5.10
CA ILE A 71 -1.23 -9.66 -3.80
C ILE A 71 -1.95 -10.79 -3.05
N SER A 72 -3.29 -10.75 -3.10
CA SER A 72 -4.18 -11.71 -2.43
C SER A 72 -4.00 -13.12 -3.03
N LYS A 73 -3.95 -13.22 -4.38
CA LYS A 73 -3.80 -14.51 -5.08
C LYS A 73 -2.34 -15.01 -5.05
N LEU A 74 -1.39 -14.12 -4.75
CA LEU A 74 0.01 -14.49 -4.47
C LEU A 74 0.10 -15.13 -3.06
N GLY A 75 -0.78 -14.67 -2.17
CA GLY A 75 -0.84 -15.16 -0.78
C GLY A 75 -0.08 -14.27 0.17
N TYR A 76 0.05 -13.00 -0.22
CA TYR A 76 0.74 -11.94 0.56
C TYR A 76 -0.27 -11.08 1.31
N LYS A 77 0.20 -10.41 2.37
CA LYS A 77 -0.64 -9.53 3.21
C LYS A 77 -0.96 -8.23 2.45
N VAL A 78 -2.26 -7.96 2.30
CA VAL A 78 -2.77 -6.76 1.63
C VAL A 78 -2.97 -5.64 2.67
N PHE A 79 -2.26 -4.51 2.48
CA PHE A 79 -2.47 -3.28 3.25
C PHE A 79 -2.61 -2.13 2.26
N LEU A 80 -3.64 -1.30 2.44
CA LEU A 80 -3.90 -0.12 1.60
C LEU A 80 -3.93 1.12 2.51
N LEU A 81 -3.40 2.23 2.00
CA LEU A 81 -3.35 3.51 2.69
C LEU A 81 -3.52 4.60 1.64
N LEU A 82 -4.63 5.34 1.68
CA LEU A 82 -4.96 6.36 0.68
C LEU A 82 -5.22 7.73 1.33
N GLN A 83 -4.67 8.75 0.68
CA GLN A 83 -4.74 10.14 1.07
C GLN A 83 -4.88 10.96 -0.21
N ASP A 84 -5.86 11.84 -0.21
CA ASP A 84 -6.15 12.77 -1.31
C ASP A 84 -6.90 13.95 -0.75
N GLN A 85 -6.87 15.06 -1.49
CA GLN A 85 -7.57 16.29 -1.09
C GLN A 85 -9.08 16.14 -1.38
N ASP A 86 -9.42 15.22 -2.31
CA ASP A 86 -10.81 14.78 -2.55
C ASP A 86 -11.11 13.56 -1.66
N GLU A 87 -11.65 13.82 -0.46
CA GLU A 87 -11.94 12.77 0.53
C GLU A 87 -13.20 11.97 0.16
N ASN A 88 -14.10 12.57 -0.64
CA ASN A 88 -15.33 11.90 -1.10
C ASN A 88 -14.99 10.66 -1.97
N GLU A 89 -13.94 10.78 -2.79
CA GLU A 89 -13.46 9.66 -3.63
C GLU A 89 -12.68 8.62 -2.79
N LEU A 90 -12.06 9.08 -1.66
CA LEU A 90 -11.35 8.18 -0.73
C LEU A 90 -12.33 7.24 -0.01
N GLU A 91 -13.38 7.84 0.57
CA GLU A 91 -14.32 7.14 1.47
C GLU A 91 -15.20 6.11 0.71
N GLU A 92 -15.63 6.49 -0.53
CA GLU A 92 -16.52 5.64 -1.34
C GLU A 92 -15.77 4.42 -1.90
N PHE A 93 -14.48 4.62 -2.25
CA PHE A 93 -13.59 3.54 -2.72
C PHE A 93 -13.16 2.64 -1.54
N LYS A 94 -12.85 3.28 -0.38
CA LYS A 94 -12.39 2.60 0.84
C LYS A 94 -13.38 1.52 1.29
N ARG A 95 -14.68 1.92 1.41
CA ARG A 95 -15.75 1.02 1.91
C ARG A 95 -15.93 -0.22 1.02
N LYS A 96 -15.57 -0.09 -0.28
CA LYS A 96 -15.60 -1.21 -1.23
C LYS A 96 -14.48 -2.21 -0.91
N ILE A 97 -13.30 -1.67 -0.55
CA ILE A 97 -12.12 -2.46 -0.18
C ILE A 97 -12.36 -3.17 1.18
N GLU A 98 -13.06 -2.47 2.10
CA GLU A 98 -13.54 -3.04 3.36
C GLU A 98 -14.51 -4.20 3.11
N SER A 99 -15.37 -4.05 2.07
CA SER A 99 -16.33 -5.07 1.66
C SER A 99 -15.60 -6.31 1.07
N GLN A 100 -14.47 -6.05 0.36
CA GLN A 100 -13.59 -7.11 -0.18
C GLN A 100 -12.82 -7.82 0.95
N GLY A 101 -12.81 -7.20 2.15
CA GLY A 101 -12.19 -7.79 3.35
C GLY A 101 -10.72 -7.45 3.49
N TYR A 102 -10.23 -6.55 2.62
CA TYR A 102 -8.82 -6.11 2.62
C TYR A 102 -8.64 -4.95 3.60
N GLU A 103 -7.44 -4.86 4.19
CA GLU A 103 -7.07 -3.77 5.12
C GLU A 103 -6.83 -2.49 4.34
N VAL A 104 -7.59 -1.43 4.68
CA VAL A 104 -7.49 -0.11 4.05
C VAL A 104 -7.60 1.00 5.13
N ARG A 105 -6.70 1.99 5.06
CA ARG A 105 -6.64 3.12 5.99
C ARG A 105 -6.83 4.42 5.23
N LYS A 106 -7.89 5.17 5.61
CA LYS A 106 -8.21 6.48 5.01
C LYS A 106 -7.84 7.58 6.00
N VAL A 107 -7.18 8.63 5.49
CA VAL A 107 -6.77 9.80 6.26
C VAL A 107 -7.17 11.09 5.51
N THR A 108 -7.49 12.15 6.27
CA THR A 108 -7.86 13.46 5.70
C THR A 108 -6.60 14.24 5.32
N ASP A 109 -5.61 14.18 6.20
CA ASP A 109 -4.37 14.96 6.08
C ASP A 109 -3.22 14.10 5.53
N ASP A 110 -2.32 14.79 4.85
CA ASP A 110 -1.12 14.24 4.24
C ASP A 110 -0.13 13.70 5.31
N GLU A 111 -0.11 14.35 6.50
CA GLU A 111 0.78 13.99 7.62
C GLU A 111 0.36 12.66 8.28
N GLU A 112 -0.96 12.39 8.29
CA GLU A 112 -1.54 11.18 8.90
C GLU A 112 -1.16 9.93 8.06
N ALA A 113 -1.02 10.13 6.74
CA ALA A 113 -0.51 9.11 5.82
C ALA A 113 0.93 8.72 6.20
N LEU A 114 1.77 9.74 6.49
CA LEU A 114 3.20 9.57 6.84
C LEU A 114 3.35 8.81 8.18
N LYS A 115 2.36 9.04 9.06
CA LYS A 115 2.29 8.42 10.39
C LYS A 115 2.08 6.89 10.28
N ILE A 116 1.10 6.52 9.43
CA ILE A 116 0.67 5.12 9.23
C ILE A 116 1.74 4.30 8.46
N VAL A 117 2.54 4.97 7.61
CA VAL A 117 3.69 4.35 6.91
C VAL A 117 4.67 3.72 7.94
N ARG A 118 4.95 4.48 9.02
CA ARG A 118 5.86 4.04 10.10
C ARG A 118 5.22 2.92 10.94
N GLU A 119 3.92 3.10 11.29
CA GLU A 119 3.13 2.14 12.07
C GLU A 119 3.03 0.76 11.38
N PHE A 120 2.90 0.77 10.04
CA PHE A 120 2.87 -0.45 9.21
C PHE A 120 4.04 -1.39 9.53
N MET A 121 5.24 -0.80 9.57
CA MET A 121 6.53 -1.53 9.66
C MET A 121 6.68 -2.31 10.99
N GLN A 122 5.97 -1.87 12.05
CA GLN A 122 5.97 -2.54 13.37
C GLN A 122 4.73 -3.44 13.56
N LYS A 123 3.60 -3.04 12.95
CA LYS A 123 2.30 -3.73 13.10
C LYS A 123 2.18 -4.93 12.15
N ALA A 124 2.26 -4.65 10.84
CA ALA A 124 2.17 -5.67 9.77
C ALA A 124 3.34 -6.66 9.83
N GLY A 125 4.49 -6.18 10.36
CA GLY A 125 5.67 -7.01 10.61
C GLY A 125 5.48 -8.02 11.74
N SER A 126 4.28 -8.00 12.38
CA SER A 126 3.81 -9.02 13.35
C SER A 126 4.64 -9.03 14.64
N LEU A 127 5.44 -7.98 14.85
CA LEU A 127 6.38 -7.86 15.97
C LEU A 127 6.18 -6.48 16.60
N GLU A 128 5.09 -6.39 17.38
CA GLU A 128 4.69 -5.16 18.07
C GLU A 128 5.46 -5.04 19.40
N HIS A 129 5.71 -3.77 19.81
CA HIS A 129 6.46 -3.43 21.04
C HIS A 129 7.85 -4.13 21.04
N HIS A 130 8.84 -3.49 20.40
CA HIS A 130 10.15 -4.10 20.13
C HIS A 130 10.96 -4.27 21.43
N HIS A 131 11.08 -5.52 21.87
CA HIS A 131 11.61 -5.92 23.19
C HIS A 131 12.97 -6.62 23.03
N HIS A 132 13.93 -6.29 23.94
CA HIS A 132 15.38 -6.58 23.79
C HIS A 132 15.96 -5.86 22.55
N HIS A 133 15.24 -4.78 22.11
CA HIS A 133 15.52 -4.02 20.87
C HIS A 133 15.24 -4.91 19.62
N HIS A 134 14.48 -6.00 19.84
CA HIS A 134 14.03 -6.94 18.81
C HIS A 134 12.52 -6.73 18.59
#